data_4ASI
#
_entry.id   4ASI
#
_cell.length_a   109.966
_cell.length_b   143.712
_cell.length_c   540.072
_cell.angle_alpha   90.00
_cell.angle_beta   90.00
_cell.angle_gamma   90.00
#
_symmetry.space_group_name_H-M   'P 21 21 21'
#
loop_
_entity.id
_entity.type
_entity.pdbx_description
1 polymer 'ACETYL-COA CARBOXYLASE 1'
2 water water
#
_entity_poly.entity_id   1
_entity_poly.type   'polypeptide(L)'
_entity_poly.pdbx_seq_one_letter_code
;SMLINTPYVTKDLLQSKRFQAQSLGTTYIYDIPEMFRQSLIKLWESMSTQAFLPSPPLPSDMLTYTELVLDDQGQLVHMN
RLPGGNEIGMVAWKMTFKSPEYPEGRDIIVIGNDITYRIGSFGPQEDLLFLRASELARAEGIPRIYVSANSGARIGLAEE
IRHMFHVAWVDPEDPYKGYRYLYLTPQDYKRVSALNSVHCEHVEDEGESRYKITDIIGKEEGIGPENLRGSGMIAGESSL
AYNEIITISLVTCRAIGIGAYLVRLGQRTIQVENSHLILTGAGALNKVLGREVYTSNNQLGGIQIMHNNGVTHCTVCDDF
EGVFTVLHWLSYMPKSVHSSVPLLNSKDPIDRIIEFVPTKTPYDPRWMLAGRPHPTQKGQWLSGFFDYGSFSEIMQPWAQ
TVVVGRARLGGIPVGVVAVETRTVELSIPADPANLDSEAKIIQQAGQVWFPDSAFKTYQAIKDFNREGLPLMVFANWRGF
SGGMKDMYDQVLKFGAYIVDGLRECCQPVLVYIPPQAELRGGSWVVIDSSINPRHMEMYADRESRGSVLEPEGTVEIKFR
RKDLVKTMRRVDPVYIHLAERLGTPELSTAERKELENKLKEREEFLIPIYHQVAVQFADLHDTPGRMQEKGVISDILDWK
TSRTFFYWRLRRLLLEDLVKKKIHNANPELTDGQIQAMLRRWFVEVEGTVKAYVWDNNKDLAEWLEKQLTEEDGVHSVIE
ENIKCISRDYVLKQIRSLVQANPEVAMDSIIHMTQHISPTQRAEVIRIL
;
_entity_poly.pdbx_strand_id   A,B,C,D,E,F
#
# COMPACT_ATOMS: atom_id res chain seq x y z
N ASP A 12 -50.43 27.00 -7.89
CA ASP A 12 -48.97 27.08 -7.51
C ASP A 12 -48.71 28.23 -6.55
N LEU A 13 -47.74 28.07 -5.67
CA LEU A 13 -47.61 28.89 -4.46
C LEU A 13 -47.13 30.31 -4.71
N LEU A 14 -46.05 30.45 -5.46
CA LEU A 14 -45.59 31.76 -5.83
C LEU A 14 -46.68 32.60 -6.47
N GLN A 15 -47.29 32.13 -7.56
CA GLN A 15 -48.43 32.87 -8.17
C GLN A 15 -49.40 33.25 -7.07
N SER A 16 -49.70 32.30 -6.18
CA SER A 16 -50.68 32.53 -5.13
C SER A 16 -50.26 33.66 -4.18
N LYS A 17 -49.00 33.66 -3.80
CA LYS A 17 -48.50 34.64 -2.86
C LYS A 17 -48.38 36.05 -3.47
N ARG A 18 -48.05 36.13 -4.75
CA ARG A 18 -47.92 37.42 -5.37
C ARG A 18 -49.27 38.09 -5.49
N PHE A 19 -50.29 37.30 -5.71
CA PHE A 19 -51.65 37.81 -5.83
C PHE A 19 -52.09 38.31 -4.47
N GLN A 20 -51.72 37.56 -3.44
CA GLN A 20 -51.99 37.90 -2.05
C GLN A 20 -51.35 39.24 -1.67
N ALA A 21 -50.14 39.48 -2.17
CA ALA A 21 -49.46 40.75 -1.90
C ALA A 21 -50.14 41.86 -2.65
N GLN A 22 -50.31 41.67 -3.93
CA GLN A 22 -50.95 42.70 -4.75
C GLN A 22 -52.30 43.04 -4.17
N SER A 23 -53.02 42.04 -3.67
CA SER A 23 -54.34 42.29 -3.12
C SER A 23 -54.25 43.14 -1.86
N LEU A 24 -53.08 43.13 -1.23
CA LEU A 24 -52.81 44.05 -0.13
C LEU A 24 -52.13 45.34 -0.54
N GLY A 25 -52.07 45.61 -1.82
CA GLY A 25 -51.40 46.81 -2.34
C GLY A 25 -49.91 46.89 -2.09
N THR A 26 -49.23 45.76 -2.07
CA THR A 26 -47.78 45.73 -1.86
C THR A 26 -47.16 44.70 -2.80
N THR A 27 -45.87 44.52 -2.63
CA THR A 27 -45.08 43.65 -3.45
C THR A 27 -44.69 42.44 -2.63
N TYR A 28 -44.75 41.27 -3.26
CA TYR A 28 -44.21 40.05 -2.65
C TYR A 28 -42.75 40.24 -2.34
N ILE A 29 -42.33 39.81 -1.16
CA ILE A 29 -40.94 40.08 -0.74
C ILE A 29 -39.85 39.70 -1.78
N TYR A 30 -39.91 38.49 -2.32
CA TYR A 30 -38.88 38.06 -3.24
C TYR A 30 -38.90 38.75 -4.59
N ASP A 31 -39.87 39.63 -4.82
CA ASP A 31 -39.84 40.42 -6.03
C ASP A 31 -39.05 41.71 -5.83
N ILE A 32 -38.71 42.01 -4.58
CA ILE A 32 -38.02 43.26 -4.31
C ILE A 32 -36.68 43.41 -5.02
N PRO A 33 -35.86 42.35 -5.00
CA PRO A 33 -34.56 42.45 -5.65
C PRO A 33 -34.62 42.87 -7.11
N GLU A 34 -35.55 42.30 -7.85
CA GLU A 34 -35.69 42.70 -9.26
C GLU A 34 -36.26 44.11 -9.38
N MET A 35 -37.01 44.55 -8.38
CA MET A 35 -37.52 45.90 -8.37
C MET A 35 -36.35 46.85 -8.19
N PHE A 36 -35.32 46.40 -7.50
CA PHE A 36 -34.08 47.18 -7.44
C PHE A 36 -33.43 47.26 -8.80
N ARG A 37 -33.33 46.13 -9.49
CA ARG A 37 -32.68 46.15 -10.78
C ARG A 37 -33.39 47.10 -11.74
N GLN A 38 -34.71 47.06 -11.76
CA GLN A 38 -35.46 47.91 -12.70
C GLN A 38 -35.29 49.38 -12.32
N SER A 39 -35.35 49.68 -11.02
CA SER A 39 -35.18 51.03 -10.52
C SER A 39 -33.81 51.56 -10.84
N LEU A 40 -32.81 50.72 -10.65
CA LEU A 40 -31.42 51.08 -10.93
C LEU A 40 -31.26 51.48 -12.41
N ILE A 41 -31.96 50.79 -13.30
CA ILE A 41 -31.92 51.18 -14.70
C ILE A 41 -32.49 52.58 -14.85
N LYS A 42 -33.63 52.84 -14.23
CA LYS A 42 -34.26 54.16 -14.32
C LYS A 42 -33.29 55.23 -13.81
N LEU A 43 -32.49 54.88 -12.80
CA LEU A 43 -31.58 55.85 -12.18
C LEU A 43 -30.49 56.22 -13.17
N TRP A 44 -29.89 55.23 -13.78
CA TRP A 44 -28.90 55.47 -14.80
C TRP A 44 -29.40 56.40 -15.87
N GLU A 45 -30.71 56.35 -16.11
CA GLU A 45 -31.30 57.11 -17.19
C GLU A 45 -31.49 58.52 -16.71
N SER A 46 -32.11 58.69 -15.54
CA SER A 46 -32.39 60.02 -15.04
C SER A 46 -31.11 60.82 -14.74
N MET A 47 -30.09 60.17 -14.20
CA MET A 47 -28.86 60.87 -13.85
C MET A 47 -28.01 61.25 -15.06
N SER A 48 -28.22 60.65 -16.21
CA SER A 48 -27.42 61.01 -17.39
C SER A 48 -27.75 62.41 -17.86
N THR A 49 -28.97 62.86 -17.55
CA THR A 49 -29.34 64.27 -17.67
C THR A 49 -28.36 65.18 -16.97
N GLN A 50 -28.16 64.88 -15.70
CA GLN A 50 -27.46 65.77 -14.81
C GLN A 50 -25.94 65.71 -14.99
N ALA A 51 -25.42 64.53 -15.26
CA ALA A 51 -24.00 64.28 -15.19
C ALA A 51 -23.48 63.44 -16.35
N PHE A 52 -22.19 63.59 -16.61
CA PHE A 52 -21.51 62.81 -17.62
C PHE A 52 -21.23 61.47 -16.99
N LEU A 53 -21.76 60.41 -17.62
CA LEU A 53 -21.63 59.04 -17.11
C LEU A 53 -21.02 58.14 -18.16
N PRO A 54 -20.35 57.07 -17.71
CA PRO A 54 -19.97 56.04 -18.69
C PRO A 54 -21.22 55.40 -19.24
N SER A 55 -21.05 54.55 -20.24
CA SER A 55 -22.22 53.84 -20.76
C SER A 55 -22.65 52.92 -19.64
N PRO A 56 -23.96 52.79 -19.46
CA PRO A 56 -24.42 51.87 -18.39
C PRO A 56 -23.98 50.43 -18.62
N PRO A 57 -23.86 49.66 -17.54
CA PRO A 57 -23.54 48.26 -17.73
C PRO A 57 -24.78 47.56 -18.16
N LEU A 58 -24.63 46.34 -18.68
CA LEU A 58 -25.81 45.57 -19.04
C LEU A 58 -26.56 45.23 -17.77
N PRO A 59 -27.87 45.13 -17.85
CA PRO A 59 -28.67 44.93 -16.65
C PRO A 59 -28.28 43.72 -15.83
N SER A 60 -27.87 42.64 -16.46
CA SER A 60 -27.47 41.44 -15.73
C SER A 60 -26.21 41.69 -14.91
N ASP A 61 -25.35 42.58 -15.39
CA ASP A 61 -24.12 42.91 -14.66
C ASP A 61 -24.27 44.12 -13.74
N MET A 62 -25.45 44.70 -13.73
CA MET A 62 -25.71 45.89 -12.91
C MET A 62 -25.85 45.56 -11.42
N LEU A 63 -26.35 44.37 -11.08
CA LEU A 63 -26.82 44.07 -9.73
C LEU A 63 -26.64 42.61 -9.40
N THR A 64 -26.14 42.33 -8.20
CA THR A 64 -26.11 40.96 -7.66
C THR A 64 -26.63 40.91 -6.22
N TYR A 65 -27.47 39.93 -5.94
CA TYR A 65 -27.98 39.76 -4.61
C TYR A 65 -27.76 38.31 -4.13
N THR A 66 -27.67 38.17 -2.80
CA THR A 66 -27.55 36.89 -2.15
C THR A 66 -28.33 36.86 -0.87
N GLU A 67 -29.17 35.87 -0.71
CA GLU A 67 -30.11 35.83 0.43
C GLU A 67 -29.32 35.51 1.69
N LEU A 68 -29.63 36.23 2.75
CA LEU A 68 -29.06 36.01 4.07
C LEU A 68 -30.11 35.23 4.89
N VAL A 69 -29.65 34.19 5.56
CA VAL A 69 -30.51 33.25 6.21
C VAL A 69 -29.93 32.80 7.53
N LEU A 70 -30.81 32.59 8.52
CA LEU A 70 -30.37 32.12 9.85
C LEU A 70 -30.03 30.65 9.90
N ASP A 71 -28.83 30.30 10.36
CA ASP A 71 -28.48 28.86 10.53
C ASP A 71 -29.05 28.27 11.83
N ASP A 72 -28.63 27.06 12.14
CA ASP A 72 -29.02 26.35 13.37
C ASP A 72 -28.61 27.12 14.63
N GLN A 73 -27.45 27.75 14.58
CA GLN A 73 -26.85 28.45 15.72
C GLN A 73 -27.36 29.88 15.82
N GLY A 74 -28.39 30.22 15.07
CA GLY A 74 -28.83 31.60 15.00
C GLY A 74 -27.83 32.56 14.38
N GLN A 75 -27.00 32.08 13.48
CA GLN A 75 -26.00 32.95 12.84
C GLN A 75 -26.30 33.13 11.38
N LEU A 76 -25.94 34.30 10.86
CA LEU A 76 -26.28 34.68 9.48
C LEU A 76 -25.37 33.98 8.49
N VAL A 77 -25.97 33.54 7.40
CA VAL A 77 -25.28 32.73 6.42
C VAL A 77 -25.78 33.14 5.07
N HIS A 78 -24.85 33.33 4.13
CA HIS A 78 -25.22 33.53 2.72
C HIS A 78 -25.77 32.23 2.29
N MET A 79 -26.93 32.24 1.62
CA MET A 79 -27.53 30.99 1.12
C MET A 79 -28.05 31.10 -0.29
N ASN A 80 -27.68 30.12 -1.09
CA ASN A 80 -28.14 30.01 -2.43
C ASN A 80 -29.35 29.18 -2.49
N ARG A 81 -30.52 29.82 -2.43
CA ARG A 81 -31.73 29.07 -2.68
C ARG A 81 -32.78 29.79 -3.49
N LEU A 82 -33.76 29.01 -3.97
CA LEU A 82 -34.80 29.53 -4.84
C LEU A 82 -35.77 30.40 -4.07
N PRO A 83 -36.31 31.45 -4.71
CA PRO A 83 -37.20 32.39 -4.04
C PRO A 83 -38.48 31.73 -3.69
N GLY A 84 -39.05 32.19 -2.60
CA GLY A 84 -40.24 31.57 -2.02
C GLY A 84 -39.95 30.62 -0.88
N GLY A 85 -38.68 30.53 -0.46
CA GLY A 85 -38.26 29.54 0.51
C GLY A 85 -38.30 29.90 1.97
N ASN A 86 -38.72 31.11 2.31
CA ASN A 86 -38.62 31.54 3.68
C ASN A 86 -39.43 30.64 4.62
N GLU A 87 -38.88 30.34 5.79
CA GLU A 87 -39.59 29.59 6.83
C GLU A 87 -39.90 30.49 8.05
N ILE A 88 -39.64 31.78 7.90
CA ILE A 88 -39.98 32.79 8.89
C ILE A 88 -40.44 34.05 8.13
N GLY A 89 -41.07 34.98 8.84
CA GLY A 89 -41.67 36.17 8.19
C GLY A 89 -40.73 37.33 7.89
N MET A 90 -39.44 37.04 7.73
CA MET A 90 -38.46 38.05 7.45
C MET A 90 -37.46 37.51 6.43
N VAL A 91 -37.05 38.38 5.52
CA VAL A 91 -36.12 38.06 4.44
C VAL A 91 -35.10 39.17 4.32
N ALA A 92 -33.88 38.80 3.98
CA ALA A 92 -32.79 39.71 4.00
C ALA A 92 -31.78 39.33 2.94
N TRP A 93 -31.15 40.31 2.31
CA TRP A 93 -30.10 40.04 1.31
C TRP A 93 -29.01 41.01 1.39
N LYS A 94 -27.83 40.57 0.98
CA LYS A 94 -26.76 41.52 0.69
C LYS A 94 -26.88 41.78 -0.79
N MET A 95 -26.78 43.05 -1.17
CA MET A 95 -26.86 43.47 -2.57
C MET A 95 -25.64 44.31 -2.99
N THR A 96 -25.12 43.99 -4.15
CA THR A 96 -24.06 44.79 -4.72
C THR A 96 -24.54 45.23 -6.06
N PHE A 97 -24.39 46.53 -6.36
CA PHE A 97 -24.76 47.03 -7.69
C PHE A 97 -23.90 48.17 -8.18
N LYS A 98 -23.88 48.33 -9.50
CA LYS A 98 -23.09 49.38 -10.17
C LYS A 98 -24.04 50.53 -10.38
N SER A 99 -23.68 51.71 -9.89
CA SER A 99 -24.53 52.89 -10.05
C SER A 99 -23.78 54.07 -10.67
N PRO A 100 -24.53 55.03 -11.23
CA PRO A 100 -23.90 56.20 -11.80
C PRO A 100 -22.82 56.84 -10.93
N GLU A 101 -23.09 56.92 -9.63
CA GLU A 101 -22.18 57.56 -8.67
C GLU A 101 -21.02 56.61 -8.27
N TYR A 102 -21.28 55.29 -8.34
CA TYR A 102 -20.32 54.24 -7.94
C TYR A 102 -20.31 53.13 -9.01
N PRO A 103 -19.69 53.41 -10.15
CA PRO A 103 -19.83 52.52 -11.30
C PRO A 103 -19.06 51.25 -11.14
N GLU A 104 -18.04 51.29 -10.29
CA GLU A 104 -17.33 50.06 -9.97
C GLU A 104 -18.11 49.23 -8.92
N GLY A 105 -19.13 49.81 -8.30
CA GLY A 105 -20.05 49.08 -7.46
C GLY A 105 -20.14 49.58 -6.04
N ARG A 106 -21.27 49.32 -5.42
CA ARG A 106 -21.46 49.62 -4.03
C ARG A 106 -22.37 48.56 -3.39
N ASP A 107 -22.25 48.36 -2.08
CA ASP A 107 -22.98 47.31 -1.35
C ASP A 107 -24.02 47.88 -0.41
N ILE A 108 -25.14 47.20 -0.29
CA ILE A 108 -26.15 47.50 0.76
C ILE A 108 -26.71 46.21 1.36
N ILE A 109 -27.30 46.31 2.55
CA ILE A 109 -28.10 45.21 3.13
C ILE A 109 -29.57 45.58 3.09
N VAL A 110 -30.37 44.66 2.56
CA VAL A 110 -31.80 44.90 2.49
C VAL A 110 -32.59 43.85 3.31
N ILE A 111 -33.43 44.34 4.20
CA ILE A 111 -34.26 43.49 5.03
C ILE A 111 -35.72 43.80 4.80
N GLY A 112 -36.55 42.78 4.84
CA GLY A 112 -37.96 42.98 4.55
C GLY A 112 -38.84 41.98 5.23
N ASN A 113 -39.98 42.48 5.71
CA ASN A 113 -41.04 41.59 6.19
C ASN A 113 -41.68 40.85 5.03
N ASP A 114 -42.15 39.64 5.29
CA ASP A 114 -42.99 38.98 4.32
C ASP A 114 -44.43 39.10 4.80
N ILE A 115 -45.18 40.05 4.25
CA ILE A 115 -46.52 40.26 4.75
C ILE A 115 -47.38 39.04 4.53
N THR A 116 -47.00 38.17 3.60
CA THR A 116 -47.76 36.94 3.41
C THR A 116 -47.51 35.87 4.48
N TYR A 117 -46.40 35.96 5.22
CA TYR A 117 -46.14 34.97 6.29
C TYR A 117 -46.62 35.44 7.67
N ARG A 118 -47.71 34.85 8.10
CA ARG A 118 -48.32 35.17 9.39
C ARG A 118 -48.55 36.66 9.45
N ILE A 119 -49.37 37.14 8.54
CA ILE A 119 -49.65 38.57 8.35
C ILE A 119 -48.50 39.51 8.59
N GLY A 120 -47.29 39.08 8.23
CA GLY A 120 -46.10 39.88 8.49
C GLY A 120 -45.82 40.21 9.94
N SER A 121 -46.28 39.39 10.87
CA SER A 121 -45.97 39.58 12.28
C SER A 121 -44.48 39.39 12.57
N PHE A 122 -44.10 39.81 13.77
CA PHE A 122 -42.75 39.80 14.27
C PHE A 122 -42.65 38.78 15.40
N GLY A 123 -42.24 37.58 15.05
CA GLY A 123 -41.85 36.60 16.05
C GLY A 123 -40.37 36.72 16.42
N PRO A 124 -39.90 35.87 17.33
CA PRO A 124 -38.53 35.94 17.78
C PRO A 124 -37.53 35.61 16.69
N GLN A 125 -37.86 34.67 15.80
CA GLN A 125 -36.93 34.34 14.71
C GLN A 125 -36.88 35.47 13.68
N GLU A 126 -38.03 36.07 13.46
CA GLU A 126 -38.10 37.16 12.55
C GLU A 126 -37.25 38.28 13.15
N ASP A 127 -37.40 38.49 14.45
CA ASP A 127 -36.69 39.54 15.15
C ASP A 127 -35.16 39.27 15.01
N LEU A 128 -34.76 38.01 15.03
CA LEU A 128 -33.35 37.68 15.10
C LEU A 128 -32.68 37.90 13.73
N LEU A 129 -33.35 37.52 12.67
CA LEU A 129 -32.83 37.76 11.37
C LEU A 129 -32.60 39.24 11.18
N PHE A 130 -33.60 40.03 11.55
CA PHE A 130 -33.47 41.47 11.43
C PHE A 130 -32.24 41.95 12.20
N LEU A 131 -32.11 41.48 13.43
CA LEU A 131 -30.98 41.84 14.22
C LEU A 131 -29.65 41.55 13.47
N ARG A 132 -29.50 40.34 13.00
CA ARG A 132 -28.25 39.88 12.46
C ARG A 132 -27.91 40.52 11.16
N ALA A 133 -28.93 40.81 10.37
CA ALA A 133 -28.69 41.48 9.11
C ALA A 133 -28.23 42.89 9.42
N SER A 134 -28.85 43.51 10.42
CA SER A 134 -28.48 44.86 10.81
C SER A 134 -27.02 44.90 11.31
N GLU A 135 -26.69 43.90 12.12
CA GLU A 135 -25.38 43.74 12.67
C GLU A 135 -24.36 43.65 11.58
N LEU A 136 -24.72 42.97 10.51
CA LEU A 136 -23.77 42.77 9.40
C LEU A 136 -23.57 44.10 8.70
N ALA A 137 -24.66 44.82 8.49
CA ALA A 137 -24.58 46.12 7.86
C ALA A 137 -23.59 46.94 8.61
N ARG A 138 -23.74 46.96 9.93
CA ARG A 138 -22.87 47.80 10.73
C ARG A 138 -21.43 47.31 10.60
N ALA A 139 -21.26 46.00 10.57
CA ALA A 139 -19.99 45.38 10.54
C ALA A 139 -19.20 45.83 9.34
N GLU A 140 -19.87 45.99 8.22
CA GLU A 140 -19.19 46.35 6.99
C GLU A 140 -19.26 47.83 6.70
N GLY A 141 -20.04 48.55 7.49
CA GLY A 141 -20.17 50.00 7.34
C GLY A 141 -21.08 50.42 6.21
N ILE A 142 -21.83 49.47 5.66
CA ILE A 142 -22.69 49.74 4.54
C ILE A 142 -24.14 50.01 4.98
N PRO A 143 -24.92 50.71 4.14
CA PRO A 143 -26.26 51.09 4.53
C PRO A 143 -27.22 49.95 4.76
N ARG A 144 -28.21 50.20 5.61
CA ARG A 144 -29.27 49.21 5.87
C ARG A 144 -30.65 49.70 5.39
N ILE A 145 -31.19 49.02 4.39
CA ILE A 145 -32.50 49.35 3.84
C ILE A 145 -33.54 48.38 4.38
N TYR A 146 -34.59 48.90 5.00
CA TYR A 146 -35.63 48.08 5.53
C TYR A 146 -36.89 48.35 4.78
N VAL A 147 -37.42 47.32 4.17
CA VAL A 147 -38.76 47.40 3.56
C VAL A 147 -39.80 46.88 4.58
N SER A 148 -40.61 47.79 5.11
CA SER A 148 -41.56 47.48 6.20
C SER A 148 -42.96 47.26 5.67
N ALA A 149 -43.46 46.05 5.87
CA ALA A 149 -44.87 45.74 5.60
C ALA A 149 -45.26 44.65 6.54
N ASN A 150 -45.93 44.99 7.62
CA ASN A 150 -46.02 44.10 8.77
C ASN A 150 -47.23 44.37 9.67
N SER A 151 -47.35 43.59 10.75
CA SER A 151 -48.48 43.72 11.67
C SER A 151 -47.98 43.78 13.09
N GLY A 152 -46.74 44.20 13.24
CA GLY A 152 -46.16 44.25 14.57
C GLY A 152 -46.00 42.90 15.23
N ALA A 153 -45.89 42.92 16.56
CA ALA A 153 -45.45 41.76 17.33
C ALA A 153 -46.44 40.67 17.14
N ARG A 154 -45.96 39.44 17.13
CA ARG A 154 -46.82 38.30 17.00
C ARG A 154 -47.70 38.10 18.28
N ILE A 155 -48.91 37.62 18.04
CA ILE A 155 -49.90 37.35 19.10
C ILE A 155 -50.42 35.92 19.02
N GLY A 156 -50.81 35.37 20.15
CA GLY A 156 -51.41 34.05 20.18
C GLY A 156 -51.85 33.61 21.55
N LEU A 157 -52.63 32.54 21.53
CA LEU A 157 -53.07 31.86 22.72
C LEU A 157 -52.65 30.37 22.65
N ALA A 158 -52.34 29.77 23.79
CA ALA A 158 -51.93 28.36 23.82
C ALA A 158 -53.08 27.49 23.33
N GLU A 159 -52.97 27.03 22.08
CA GLU A 159 -53.98 26.16 21.50
C GLU A 159 -54.22 24.90 22.30
N GLU A 160 -53.12 24.29 22.75
CA GLU A 160 -53.18 23.02 23.47
C GLU A 160 -54.05 23.08 24.70
N ILE A 161 -54.10 24.25 25.33
CA ILE A 161 -54.97 24.45 26.51
C ILE A 161 -56.39 24.92 26.16
N ARG A 162 -56.50 25.78 25.15
CA ARG A 162 -57.77 26.36 24.78
C ARG A 162 -58.81 25.28 24.54
N HIS A 163 -58.40 24.15 23.96
CA HIS A 163 -59.37 23.16 23.54
C HIS A 163 -59.66 22.17 24.60
N MET A 164 -59.10 22.35 25.80
CA MET A 164 -59.36 21.39 26.86
C MET A 164 -59.65 21.94 28.26
N PHE A 165 -59.65 23.26 28.43
CA PHE A 165 -59.95 23.82 29.77
C PHE A 165 -61.41 23.76 30.11
N HIS A 166 -61.71 23.74 31.40
CA HIS A 166 -63.10 23.73 31.90
C HIS A 166 -63.32 24.87 32.85
N VAL A 167 -64.58 25.24 33.01
CA VAL A 167 -64.94 26.34 33.87
C VAL A 167 -65.55 25.85 35.17
N ALA A 168 -65.10 26.42 36.28
CA ALA A 168 -65.65 26.10 37.59
C ALA A 168 -66.75 27.12 37.92
N TRP A 169 -67.98 26.80 37.55
CA TRP A 169 -69.08 27.75 37.73
C TRP A 169 -69.45 27.91 39.17
N VAL A 170 -69.88 29.12 39.52
CA VAL A 170 -70.49 29.35 40.81
C VAL A 170 -71.70 28.45 40.90
N ASP A 171 -72.46 28.37 39.83
CA ASP A 171 -73.59 27.48 39.75
C ASP A 171 -73.80 26.97 38.34
N PRO A 172 -73.74 25.64 38.13
CA PRO A 172 -74.01 25.12 36.78
C PRO A 172 -75.45 25.37 36.28
N GLU A 173 -76.46 25.21 37.14
CA GLU A 173 -77.85 25.52 36.75
C GLU A 173 -78.04 27.01 36.39
N ASP A 174 -77.02 27.86 36.63
CA ASP A 174 -76.98 29.25 36.11
C ASP A 174 -75.55 29.82 35.98
N PRO A 175 -75.06 29.93 34.74
CA PRO A 175 -73.70 30.42 34.55
C PRO A 175 -73.58 31.91 34.82
N TYR A 176 -74.64 32.66 34.55
CA TYR A 176 -74.57 34.10 34.72
C TYR A 176 -74.46 34.51 36.20
N LYS A 177 -74.69 33.55 37.10
CA LYS A 177 -74.29 33.66 38.50
C LYS A 177 -72.74 33.56 38.70
N GLY A 178 -71.95 33.80 37.63
CA GLY A 178 -70.49 33.89 37.73
C GLY A 178 -69.71 32.57 37.72
N TYR A 179 -68.39 32.65 37.45
CA TYR A 179 -67.45 31.51 37.53
C TYR A 179 -66.29 31.77 38.50
N ARG A 180 -65.75 30.71 39.08
CA ARG A 180 -64.71 30.83 40.11
C ARG A 180 -63.34 30.75 39.55
N TYR A 181 -63.09 29.77 38.68
CA TYR A 181 -61.75 29.60 38.08
C TYR A 181 -61.79 28.65 36.90
N LEU A 182 -60.71 28.64 36.11
CA LEU A 182 -60.56 27.70 35.01
C LEU A 182 -59.66 26.56 35.44
N TYR A 183 -59.84 25.37 34.88
CA TYR A 183 -59.04 24.22 35.26
C TYR A 183 -59.00 23.12 34.23
N LEU A 184 -58.11 22.16 34.45
CA LEU A 184 -57.93 21.01 33.57
C LEU A 184 -58.31 19.77 34.36
N THR A 185 -58.97 18.81 33.72
CA THR A 185 -59.18 17.52 34.35
C THR A 185 -57.84 16.82 34.54
N PRO A 186 -57.75 15.91 35.50
CA PRO A 186 -56.46 15.26 35.72
C PRO A 186 -56.01 14.47 34.49
N GLN A 187 -56.99 13.90 33.78
CA GLN A 187 -56.77 13.21 32.53
C GLN A 187 -56.04 14.17 31.55
N ASP A 188 -56.61 15.37 31.36
CA ASP A 188 -56.07 16.40 30.47
C ASP A 188 -54.77 16.99 30.98
N TYR A 189 -54.60 17.08 32.29
CA TYR A 189 -53.39 17.65 32.84
C TYR A 189 -52.22 16.72 32.57
N LYS A 190 -52.49 15.42 32.69
CA LYS A 190 -51.45 14.37 32.66
C LYS A 190 -50.63 14.32 31.39
N ARG A 191 -50.86 15.24 30.46
CA ARG A 191 -50.29 15.16 29.11
C ARG A 191 -49.59 16.43 28.72
N VAL A 192 -50.30 17.54 28.84
CA VAL A 192 -49.69 18.86 28.77
C VAL A 192 -48.62 19.11 29.86
N SER A 193 -48.76 18.46 31.02
CA SER A 193 -47.88 18.68 32.18
C SER A 193 -46.41 18.49 31.86
N ALA A 194 -46.13 17.43 31.12
CA ALA A 194 -44.77 17.11 30.73
C ALA A 194 -44.13 18.19 29.80
N LEU A 195 -44.92 19.13 29.28
CA LEU A 195 -44.52 19.87 28.10
C LEU A 195 -44.37 21.36 28.27
N ASN A 196 -44.29 21.84 29.52
CA ASN A 196 -44.11 23.30 29.76
C ASN A 196 -45.26 24.14 29.19
N SER A 197 -46.48 23.64 29.33
CA SER A 197 -47.63 24.34 28.78
C SER A 197 -48.32 25.19 29.86
N VAL A 198 -48.50 24.64 31.05
CA VAL A 198 -49.20 25.35 32.09
C VAL A 198 -48.59 25.16 33.43
N HIS A 199 -49.03 26.01 34.35
CA HIS A 199 -48.85 25.78 35.77
C HIS A 199 -50.20 25.60 36.40
N CYS A 200 -50.35 24.53 37.16
CA CYS A 200 -51.60 24.36 37.92
C CYS A 200 -51.28 24.13 39.35
N GLU A 201 -52.33 24.21 40.16
CA GLU A 201 -52.28 23.69 41.51
C GLU A 201 -53.47 22.74 41.60
N HIS A 202 -53.23 21.57 42.19
CA HIS A 202 -54.28 20.57 42.39
C HIS A 202 -55.25 21.07 43.43
N VAL A 203 -56.53 20.77 43.26
CA VAL A 203 -57.58 21.10 44.25
C VAL A 203 -58.64 20.01 44.31
N GLU A 204 -59.19 19.74 45.49
CA GLU A 204 -60.38 18.89 45.59
C GLU A 204 -61.53 19.88 45.69
N ASP A 205 -62.52 19.75 44.81
CA ASP A 205 -63.66 20.67 44.79
C ASP A 205 -64.93 19.98 44.27
N GLU A 206 -66.07 20.32 44.85
CA GLU A 206 -67.34 19.75 44.46
C GLU A 206 -67.24 18.25 44.20
N GLY A 207 -66.42 17.55 44.98
CA GLY A 207 -66.25 16.11 44.82
C GLY A 207 -65.14 15.72 43.84
N GLU A 208 -65.11 16.36 42.68
CA GLU A 208 -64.14 15.98 41.65
C GLU A 208 -62.70 16.60 41.91
N SER A 209 -61.69 16.00 41.31
CA SER A 209 -60.32 16.43 41.47
C SER A 209 -59.94 17.27 40.26
N ARG A 210 -59.52 18.50 40.50
CA ARG A 210 -59.24 19.44 39.42
C ARG A 210 -57.83 20.11 39.49
N TYR A 211 -57.35 20.61 38.36
CA TYR A 211 -56.05 21.32 38.26
C TYR A 211 -56.25 22.78 37.92
N LYS A 212 -56.35 23.62 38.96
CA LYS A 212 -56.65 25.03 38.81
C LYS A 212 -55.55 25.68 37.99
N ILE A 213 -55.93 26.34 36.91
CA ILE A 213 -54.91 26.95 36.02
C ILE A 213 -54.49 28.27 36.60
N THR A 214 -53.19 28.40 36.91
CA THR A 214 -52.65 29.59 37.59
C THR A 214 -51.85 30.44 36.63
N ASP A 215 -51.10 29.78 35.75
CA ASP A 215 -50.38 30.45 34.65
C ASP A 215 -50.42 29.58 33.39
N ILE A 216 -50.62 30.19 32.22
CA ILE A 216 -50.55 29.48 30.96
C ILE A 216 -49.27 29.91 30.25
N ILE A 217 -48.37 28.98 30.03
CA ILE A 217 -47.07 29.30 29.47
C ILE A 217 -47.05 29.12 27.95
N GLY A 218 -47.61 28.02 27.51
CA GLY A 218 -47.87 27.79 26.11
C GLY A 218 -46.70 27.15 25.43
N LYS A 219 -46.87 25.90 25.04
CA LYS A 219 -45.79 25.13 24.45
C LYS A 219 -45.33 25.69 23.10
N GLU A 220 -46.19 26.42 22.38
CA GLU A 220 -45.82 27.03 21.11
C GLU A 220 -44.87 28.21 21.31
N GLU A 221 -43.65 28.08 20.79
CA GLU A 221 -42.71 29.17 20.90
C GLU A 221 -43.08 30.27 19.90
N GLY A 222 -42.98 31.51 20.35
CA GLY A 222 -43.19 32.67 19.48
C GLY A 222 -44.50 33.42 19.64
N ILE A 223 -45.38 32.97 20.52
CA ILE A 223 -46.63 33.67 20.74
C ILE A 223 -46.72 34.31 22.13
N GLY A 224 -45.56 34.44 22.78
CA GLY A 224 -45.50 34.88 24.17
C GLY A 224 -44.67 36.14 24.40
N PRO A 225 -44.37 36.43 25.68
CA PRO A 225 -43.66 37.63 26.00
C PRO A 225 -42.23 37.65 25.49
N GLU A 226 -41.74 36.52 25.00
CA GLU A 226 -40.46 36.53 24.31
C GLU A 226 -40.49 37.52 23.15
N ASN A 227 -41.68 37.73 22.58
CA ASN A 227 -41.82 38.68 21.48
C ASN A 227 -41.54 40.09 21.93
N LEU A 228 -41.77 40.37 23.21
CA LEU A 228 -41.54 41.72 23.74
C LEU A 228 -40.04 42.00 23.83
N ARG A 229 -39.30 40.99 24.30
CA ARG A 229 -37.85 41.10 24.36
C ARG A 229 -37.26 41.23 22.95
N GLY A 230 -37.70 40.37 22.04
CA GLY A 230 -37.24 40.41 20.67
C GLY A 230 -37.45 41.74 19.98
N SER A 231 -38.59 42.37 20.28
CA SER A 231 -38.92 43.66 19.68
C SER A 231 -37.97 44.70 20.24
N GLY A 232 -37.93 44.80 21.55
CA GLY A 232 -36.97 45.71 22.19
C GLY A 232 -35.56 45.55 21.61
N MET A 233 -35.15 44.30 21.48
CA MET A 233 -33.86 43.93 20.98
C MET A 233 -33.52 44.59 19.65
N ILE A 234 -34.46 44.56 18.71
CA ILE A 234 -34.25 45.17 17.41
C ILE A 234 -34.56 46.68 17.40
N ALA A 235 -35.32 47.16 18.39
CA ALA A 235 -35.47 48.62 18.57
C ALA A 235 -34.12 49.18 18.92
N GLY A 236 -33.48 48.56 19.91
CA GLY A 236 -32.16 48.96 20.35
C GLY A 236 -31.22 48.96 19.17
N GLU A 237 -31.21 47.86 18.43
CA GLU A 237 -30.29 47.70 17.34
C GLU A 237 -30.46 48.83 16.37
N SER A 238 -31.71 49.19 16.13
CA SER A 238 -31.99 50.23 15.12
C SER A 238 -31.52 51.59 15.62
N SER A 239 -31.72 51.85 16.90
CA SER A 239 -31.23 53.08 17.48
C SER A 239 -29.74 53.20 17.26
N LEU A 240 -29.00 52.10 17.45
CA LEU A 240 -27.55 52.10 17.33
C LEU A 240 -27.17 52.24 15.85
N ALA A 241 -27.87 51.49 15.01
CA ALA A 241 -27.60 51.50 13.59
C ALA A 241 -27.69 52.92 13.01
N TYR A 242 -28.69 53.69 13.44
CA TYR A 242 -28.83 55.04 12.93
C TYR A 242 -27.59 55.89 13.19
N ASN A 243 -27.02 55.68 14.36
CA ASN A 243 -25.81 56.36 14.79
C ASN A 243 -24.53 55.80 14.22
N GLU A 244 -24.58 54.66 13.54
CA GLU A 244 -23.40 54.01 13.00
C GLU A 244 -23.30 53.92 11.43
N ILE A 245 -24.42 53.76 10.76
CA ILE A 245 -24.44 53.54 9.32
C ILE A 245 -25.63 54.31 8.76
N ILE A 246 -25.77 54.28 7.44
CA ILE A 246 -26.92 54.91 6.85
C ILE A 246 -28.12 54.00 6.97
N THR A 247 -29.21 54.52 7.46
CA THR A 247 -30.42 53.71 7.55
C THR A 247 -31.48 54.36 6.68
N ILE A 248 -32.19 53.56 5.90
CA ILE A 248 -33.36 54.04 5.17
C ILE A 248 -34.48 52.99 5.30
N SER A 249 -35.73 53.43 5.27
CA SER A 249 -36.87 52.53 5.41
C SER A 249 -37.94 52.90 4.40
N LEU A 250 -38.62 51.89 3.87
CA LEU A 250 -39.74 52.09 2.94
C LEU A 250 -40.98 51.41 3.51
N VAL A 251 -42.04 52.18 3.70
CA VAL A 251 -43.29 51.67 4.25
C VAL A 251 -44.27 51.41 3.15
N THR A 252 -44.64 50.14 2.98
CA THR A 252 -45.29 49.68 1.74
C THR A 252 -46.76 49.49 1.88
N CYS A 253 -47.15 48.80 2.95
CA CYS A 253 -48.57 48.49 3.10
C CYS A 253 -49.06 49.04 4.41
N ARG A 254 -48.37 48.63 5.46
CA ARG A 254 -48.56 49.19 6.77
C ARG A 254 -47.41 48.76 7.64
N ALA A 255 -46.96 49.64 8.52
CA ALA A 255 -46.04 49.29 9.56
C ALA A 255 -46.76 49.53 10.87
N ILE A 256 -46.90 48.50 11.70
CA ILE A 256 -47.56 48.59 13.02
C ILE A 256 -46.64 48.32 14.20
N GLY A 257 -46.78 49.11 15.26
CA GLY A 257 -46.00 48.92 16.49
C GLY A 257 -44.49 48.85 16.28
N ILE A 258 -43.89 47.70 16.59
CA ILE A 258 -42.47 47.63 16.48
C ILE A 258 -42.07 48.01 15.06
N GLY A 259 -42.94 47.71 14.10
CA GLY A 259 -42.70 48.06 12.73
C GLY A 259 -42.56 49.56 12.60
N ALA A 260 -43.51 50.26 13.24
CA ALA A 260 -43.48 51.70 13.25
C ALA A 260 -42.18 52.24 13.85
N TYR A 261 -41.80 51.69 14.97
CA TYR A 261 -40.68 52.21 15.71
C TYR A 261 -39.38 51.99 14.96
N LEU A 262 -39.25 50.84 14.31
CA LEU A 262 -38.05 50.54 13.60
C LEU A 262 -37.89 51.49 12.40
N VAL A 263 -39.04 51.93 11.86
CA VAL A 263 -39.06 52.78 10.67
C VAL A 263 -38.57 54.15 11.06
N ARG A 264 -38.99 54.54 12.25
CA ARG A 264 -38.67 55.82 12.81
C ARG A 264 -37.24 55.85 13.32
N LEU A 265 -36.81 54.83 14.03
CA LEU A 265 -35.46 54.85 14.55
C LEU A 265 -34.53 54.96 13.38
N GLY A 266 -34.92 54.38 12.26
CA GLY A 266 -34.13 54.50 11.04
C GLY A 266 -34.14 55.90 10.48
N GLN A 267 -35.16 56.66 10.85
CA GLN A 267 -35.24 58.09 10.57
C GLN A 267 -35.66 58.46 9.13
N ARG A 268 -34.89 58.00 8.16
CA ARG A 268 -35.03 58.38 6.76
C ARG A 268 -36.07 57.43 6.19
N THR A 269 -37.19 57.98 5.80
CA THR A 269 -38.45 57.22 5.66
C THR A 269 -39.21 57.63 4.41
N ILE A 270 -39.45 56.64 3.57
CA ILE A 270 -40.23 56.81 2.37
C ILE A 270 -41.54 56.07 2.60
N GLN A 271 -42.66 56.68 2.21
CA GLN A 271 -44.01 56.14 2.52
C GLN A 271 -44.88 56.11 1.29
N VAL A 272 -45.32 54.94 0.90
CA VAL A 272 -46.19 54.85 -0.25
C VAL A 272 -47.57 55.38 0.11
N GLU A 273 -48.22 56.08 -0.83
CA GLU A 273 -49.57 56.59 -0.60
C GLU A 273 -50.49 55.46 -0.22
N ASN A 274 -51.43 55.76 0.66
CA ASN A 274 -52.39 54.77 1.19
C ASN A 274 -51.82 53.72 2.13
N SER A 275 -50.51 53.75 2.34
CA SER A 275 -49.90 52.98 3.40
C SER A 275 -50.15 53.77 4.66
N HIS A 276 -49.98 53.10 5.80
CA HIS A 276 -50.05 53.79 7.07
C HIS A 276 -49.19 53.16 8.11
N LEU A 277 -48.85 53.98 9.08
CA LEU A 277 -47.71 53.79 9.95
C LEU A 277 -48.26 54.08 11.32
N ILE A 278 -48.51 53.06 12.12
CA ILE A 278 -49.37 53.26 13.31
C ILE A 278 -48.97 52.46 14.51
N LEU A 279 -49.55 52.83 15.64
CA LEU A 279 -49.28 52.16 16.87
C LEU A 279 -50.44 51.29 17.24
N THR A 280 -51.62 51.87 17.14
CA THR A 280 -52.84 51.11 17.37
C THR A 280 -53.73 51.37 16.20
N GLY A 281 -54.50 50.35 15.84
CA GLY A 281 -55.49 50.43 14.80
C GLY A 281 -56.75 51.17 15.21
N ALA A 282 -57.36 51.77 14.20
CA ALA A 282 -58.58 52.56 14.37
C ALA A 282 -59.63 51.72 15.13
N GLY A 283 -59.68 50.44 14.83
CA GLY A 283 -60.62 49.57 15.53
C GLY A 283 -60.39 49.55 17.03
N ALA A 284 -59.16 49.22 17.42
CA ALA A 284 -58.78 49.12 18.83
C ALA A 284 -59.15 50.35 19.58
N LEU A 285 -58.84 51.49 19.00
CA LEU A 285 -59.06 52.77 19.65
C LEU A 285 -60.52 53.06 19.75
N ASN A 286 -61.26 52.74 18.71
CA ASN A 286 -62.69 53.01 18.75
C ASN A 286 -63.30 52.21 19.89
N LYS A 287 -62.86 50.96 20.08
CA LYS A 287 -63.40 50.11 21.16
C LYS A 287 -63.13 50.78 22.51
N VAL A 288 -61.88 51.20 22.72
CA VAL A 288 -61.47 51.92 23.93
C VAL A 288 -62.29 53.18 24.18
N LEU A 289 -62.68 53.89 23.12
CA LEU A 289 -63.35 55.19 23.25
C LEU A 289 -64.88 55.08 23.22
N GLY A 290 -65.39 53.86 23.11
CA GLY A 290 -66.82 53.61 23.18
C GLY A 290 -67.68 54.11 22.01
N ARG A 291 -67.05 54.62 20.94
CA ARG A 291 -67.74 55.16 19.76
C ARG A 291 -66.90 54.99 18.54
N GLU A 292 -67.50 55.01 17.34
CA GLU A 292 -66.70 55.00 16.10
C GLU A 292 -66.05 56.38 15.81
N VAL A 293 -65.10 56.76 16.62
CA VAL A 293 -64.35 58.01 16.38
C VAL A 293 -63.57 58.04 15.04
N TYR A 294 -62.79 56.99 14.77
CA TYR A 294 -61.95 56.92 13.57
C TYR A 294 -62.51 55.90 12.60
N THR A 295 -62.39 56.20 11.30
CA THR A 295 -62.96 55.35 10.26
C THR A 295 -61.92 54.60 9.44
N SER A 296 -60.67 55.04 9.52
CA SER A 296 -59.59 54.52 8.68
C SER A 296 -58.21 54.73 9.30
N ASN A 297 -57.38 53.70 9.32
CA ASN A 297 -56.03 53.85 9.81
C ASN A 297 -55.25 55.00 9.16
N ASN A 298 -55.55 55.37 7.93
CA ASN A 298 -54.87 56.51 7.34
C ASN A 298 -55.13 57.80 8.14
N GLN A 299 -56.25 57.89 8.86
CA GLN A 299 -56.49 59.06 9.74
C GLN A 299 -55.40 59.15 10.77
N LEU A 300 -54.93 57.98 11.26
CA LEU A 300 -53.98 57.93 12.34
C LEU A 300 -52.54 57.98 11.80
N GLY A 301 -52.27 57.22 10.74
CA GLY A 301 -50.91 57.01 10.28
C GLY A 301 -50.65 57.18 8.79
N GLY A 302 -51.63 57.73 8.09
CA GLY A 302 -51.49 57.91 6.65
C GLY A 302 -50.51 59.02 6.33
N ILE A 303 -50.19 59.20 5.06
CA ILE A 303 -49.23 60.21 4.72
C ILE A 303 -49.74 61.57 5.15
N GLN A 304 -51.06 61.74 5.21
CA GLN A 304 -51.58 63.06 5.59
C GLN A 304 -51.25 63.41 7.06
N ILE A 305 -50.82 62.43 7.85
CA ILE A 305 -50.29 62.73 9.18
C ILE A 305 -48.76 62.78 9.13
N MET A 306 -48.15 61.71 8.64
CA MET A 306 -46.73 61.53 8.78
C MET A 306 -45.87 62.32 7.84
N HIS A 307 -46.40 62.70 6.68
CA HIS A 307 -45.62 63.54 5.77
C HIS A 307 -45.66 64.95 6.24
N ASN A 308 -46.82 65.30 6.82
CA ASN A 308 -47.03 66.62 7.40
C ASN A 308 -46.37 66.91 8.76
N ASN A 309 -45.91 65.88 9.49
CA ASN A 309 -45.23 66.11 10.75
C ASN A 309 -43.76 65.69 10.78
N GLY A 310 -43.23 65.28 9.63
CA GLY A 310 -41.80 65.04 9.45
C GLY A 310 -41.30 63.67 9.84
N VAL A 311 -42.22 62.76 10.18
CA VAL A 311 -41.87 61.35 10.42
C VAL A 311 -41.45 60.69 9.13
N THR A 312 -42.24 60.98 8.10
CA THR A 312 -41.96 60.60 6.71
C THR A 312 -41.24 61.71 5.93
N HIS A 313 -40.18 61.34 5.24
CA HIS A 313 -39.40 62.30 4.46
C HIS A 313 -39.97 62.51 3.08
N CYS A 314 -40.35 61.41 2.43
CA CYS A 314 -40.92 61.49 1.10
C CYS A 314 -42.07 60.57 0.97
N THR A 315 -42.97 60.91 0.05
CA THR A 315 -44.00 59.98 -0.33
C THR A 315 -43.84 59.60 -1.79
N VAL A 316 -44.27 58.39 -2.12
CA VAL A 316 -44.21 57.85 -3.45
C VAL A 316 -45.57 57.23 -3.81
N CYS A 317 -45.86 57.11 -5.09
CA CYS A 317 -47.16 56.64 -5.54
CA CYS A 317 -47.20 56.65 -5.55
C CYS A 317 -47.26 55.12 -5.53
N ASP A 318 -46.11 54.44 -5.57
CA ASP A 318 -46.09 52.95 -5.51
C ASP A 318 -44.73 52.43 -5.02
N ASP A 319 -44.65 51.11 -4.84
CA ASP A 319 -43.43 50.47 -4.32
C ASP A 319 -42.25 50.70 -5.27
N PHE A 320 -42.45 50.57 -6.57
CA PHE A 320 -41.36 50.81 -7.49
C PHE A 320 -40.71 52.17 -7.28
N GLU A 321 -41.53 53.21 -7.16
CA GLU A 321 -41.04 54.56 -6.98
C GLU A 321 -40.36 54.68 -5.61
N GLY A 322 -40.81 53.85 -4.68
CA GLY A 322 -40.13 53.75 -3.39
C GLY A 322 -38.70 53.29 -3.56
N VAL A 323 -38.52 52.15 -4.21
CA VAL A 323 -37.18 51.60 -4.36
C VAL A 323 -36.30 52.58 -5.13
N PHE A 324 -36.88 53.21 -6.13
CA PHE A 324 -36.12 54.23 -6.83
C PHE A 324 -35.67 55.32 -5.90
N THR A 325 -36.56 55.81 -5.06
CA THR A 325 -36.18 56.86 -4.12
C THR A 325 -35.00 56.42 -3.24
N VAL A 326 -35.05 55.19 -2.76
CA VAL A 326 -33.99 54.67 -1.93
C VAL A 326 -32.67 54.82 -2.70
N LEU A 327 -32.63 54.28 -3.90
CA LEU A 327 -31.43 54.39 -4.75
C LEU A 327 -31.06 55.84 -5.13
N HIS A 328 -32.06 56.67 -5.30
CA HIS A 328 -31.85 58.08 -5.56
C HIS A 328 -31.18 58.77 -4.40
N TRP A 329 -31.69 58.54 -3.19
CA TRP A 329 -31.05 59.07 -1.99
C TRP A 329 -29.65 58.59 -1.83
N LEU A 330 -29.46 57.29 -1.92
CA LEU A 330 -28.12 56.72 -1.79
C LEU A 330 -27.13 57.39 -2.78
N SER A 331 -27.61 57.96 -3.89
CA SER A 331 -26.69 58.45 -4.91
C SER A 331 -25.95 59.68 -4.45
N TYR A 332 -26.44 60.29 -3.37
CA TYR A 332 -25.73 61.41 -2.74
C TYR A 332 -24.82 60.93 -1.62
N MET A 333 -24.82 59.63 -1.32
CA MET A 333 -24.25 59.18 -0.07
C MET A 333 -23.07 58.28 -0.29
N PRO A 334 -22.09 58.35 0.60
CA PRO A 334 -20.94 57.50 0.44
C PRO A 334 -21.25 56.03 0.58
N LYS A 335 -20.61 55.27 -0.29
CA LYS A 335 -20.67 53.82 -0.41
C LYS A 335 -20.72 53.04 0.91
N SER A 336 -19.89 53.49 1.84
CA SER A 336 -19.76 52.97 3.21
C SER A 336 -19.35 54.10 4.15
N VAL A 337 -19.25 53.82 5.44
CA VAL A 337 -18.81 54.85 6.38
C VAL A 337 -17.31 55.06 6.29
N HIS A 338 -16.62 54.12 5.69
CA HIS A 338 -15.19 54.24 5.53
C HIS A 338 -14.93 55.11 4.34
N SER A 339 -15.98 55.60 3.69
CA SER A 339 -15.82 56.20 2.39
C SER A 339 -16.18 57.67 2.31
N SER A 340 -15.55 58.33 1.36
CA SER A 340 -15.79 59.73 1.12
C SER A 340 -17.05 59.87 0.26
N VAL A 341 -17.68 61.05 0.30
CA VAL A 341 -18.84 61.35 -0.59
C VAL A 341 -18.51 61.10 -2.06
N PRO A 342 -19.44 60.48 -2.80
CA PRO A 342 -19.23 60.18 -4.22
C PRO A 342 -19.42 61.37 -5.13
N LEU A 343 -18.39 61.67 -5.89
CA LEU A 343 -18.40 62.83 -6.74
C LEU A 343 -18.83 62.46 -8.16
N LEU A 344 -19.62 63.32 -8.78
CA LEU A 344 -19.91 63.19 -10.20
C LEU A 344 -19.13 64.23 -11.04
N ASN A 345 -19.00 63.99 -12.35
CA ASN A 345 -18.62 65.05 -13.31
C ASN A 345 -19.96 65.56 -13.86
N SER A 346 -20.43 66.69 -13.33
CA SER A 346 -21.74 67.17 -13.73
C SER A 346 -21.65 67.96 -15.02
N LYS A 347 -22.78 68.01 -15.70
CA LYS A 347 -22.90 68.77 -16.93
C LYS A 347 -23.09 70.28 -16.66
N ASP A 348 -23.35 70.64 -15.40
CA ASP A 348 -23.49 72.04 -15.01
C ASP A 348 -22.13 72.55 -14.64
N PRO A 349 -21.60 73.49 -15.41
CA PRO A 349 -20.22 73.87 -15.14
C PRO A 349 -20.07 74.62 -13.85
N ILE A 350 -18.82 74.76 -13.47
CA ILE A 350 -18.42 75.16 -12.13
C ILE A 350 -18.13 76.65 -12.20
N ASP A 351 -17.55 77.07 -13.33
CA ASP A 351 -17.18 78.47 -13.55
CA ASP A 351 -17.17 78.47 -13.56
C ASP A 351 -18.29 79.26 -14.24
N ARG A 352 -19.54 79.00 -13.90
CA ARG A 352 -20.64 79.84 -14.35
C ARG A 352 -21.08 80.81 -13.25
N ILE A 353 -21.82 81.85 -13.65
CA ILE A 353 -22.48 82.71 -12.67
C ILE A 353 -23.88 82.21 -12.36
N ILE A 354 -24.41 82.62 -11.22
CA ILE A 354 -25.77 82.29 -10.86
C ILE A 354 -26.65 83.39 -11.44
N GLU A 355 -27.67 82.99 -12.19
CA GLU A 355 -28.54 83.95 -12.85
C GLU A 355 -29.65 84.40 -11.94
N PHE A 356 -30.22 83.47 -11.17
CA PHE A 356 -31.28 83.85 -10.22
C PHE A 356 -30.72 84.62 -9.04
N VAL A 357 -31.38 85.72 -8.69
CA VAL A 357 -30.88 86.63 -7.66
C VAL A 357 -31.93 86.83 -6.59
N PRO A 358 -31.59 86.50 -5.35
CA PRO A 358 -32.54 86.70 -4.25
C PRO A 358 -32.88 88.18 -4.08
N THR A 359 -34.09 88.44 -3.62
CA THR A 359 -34.65 89.78 -3.65
C THR A 359 -35.20 90.20 -2.28
N LYS A 360 -35.29 91.50 -2.05
CA LYS A 360 -35.94 92.00 -0.85
C LYS A 360 -37.39 91.50 -0.88
N THR A 361 -37.98 91.48 -2.08
CA THR A 361 -39.32 90.91 -2.26
C THR A 361 -39.27 89.46 -1.90
N PRO A 362 -40.34 88.94 -1.30
CA PRO A 362 -40.22 87.55 -0.93
C PRO A 362 -40.20 86.67 -2.14
N TYR A 363 -39.67 85.45 -1.98
CA TYR A 363 -39.49 84.51 -3.06
C TYR A 363 -39.33 83.08 -2.55
N ASP A 364 -39.63 82.12 -3.41
CA ASP A 364 -39.44 80.70 -3.10
C ASP A 364 -37.94 80.41 -3.09
N PRO A 365 -37.40 80.00 -1.95
CA PRO A 365 -35.95 79.79 -1.90
C PRO A 365 -35.50 78.60 -2.72
N ARG A 366 -36.43 77.78 -3.19
CA ARG A 366 -36.06 76.68 -4.01
C ARG A 366 -35.47 77.22 -5.30
N TRP A 367 -35.95 78.37 -5.73
CA TRP A 367 -35.40 79.05 -6.93
C TRP A 367 -33.97 79.35 -6.74
N MET A 368 -33.61 79.76 -5.53
CA MET A 368 -32.23 80.10 -5.18
C MET A 368 -31.31 78.90 -5.30
N LEU A 369 -31.83 77.74 -4.99
CA LEU A 369 -31.06 76.51 -4.97
C LEU A 369 -31.06 75.84 -6.34
N ALA A 370 -32.26 75.55 -6.83
CA ALA A 370 -32.44 74.75 -8.01
C ALA A 370 -32.54 75.55 -9.30
N GLY A 371 -32.84 76.84 -9.16
CA GLY A 371 -33.13 77.70 -10.30
C GLY A 371 -34.61 77.67 -10.59
N ARG A 372 -35.01 78.45 -11.59
CA ARG A 372 -36.41 78.49 -12.00
C ARG A 372 -36.51 78.76 -13.49
N PRO A 373 -37.71 78.56 -14.07
CA PRO A 373 -37.91 78.87 -15.49
C PRO A 373 -37.88 80.37 -15.72
N HIS A 374 -37.42 80.78 -16.89
CA HIS A 374 -37.34 82.20 -17.22
C HIS A 374 -38.72 82.75 -17.45
N PRO A 375 -39.07 83.86 -16.75
CA PRO A 375 -40.33 84.60 -16.98
C PRO A 375 -40.61 85.08 -18.43
N THR A 376 -39.61 85.55 -19.16
CA THR A 376 -39.83 86.01 -20.56
C THR A 376 -39.53 84.86 -21.54
N GLN A 377 -38.35 84.87 -22.18
CA GLN A 377 -38.01 83.89 -23.22
C GLN A 377 -37.86 82.45 -22.68
N LYS A 378 -39.00 81.77 -22.52
CA LYS A 378 -39.03 80.32 -22.23
C LYS A 378 -38.78 79.60 -23.57
N GLY A 379 -38.28 78.36 -23.58
CA GLY A 379 -37.87 77.62 -22.40
C GLY A 379 -36.38 77.72 -22.08
N GLN A 380 -35.92 78.90 -21.69
CA GLN A 380 -34.61 79.10 -21.06
C GLN A 380 -34.78 78.93 -19.51
N TRP A 381 -33.66 79.01 -18.79
CA TRP A 381 -33.62 78.68 -17.36
C TRP A 381 -32.74 79.60 -16.56
N LEU A 382 -33.30 80.24 -15.54
CA LEU A 382 -32.53 81.07 -14.66
C LEU A 382 -31.86 80.12 -13.70
N SER A 383 -30.54 80.03 -13.82
CA SER A 383 -29.80 79.10 -13.04
C SER A 383 -29.80 79.44 -11.55
N GLY A 384 -29.84 78.39 -10.73
CA GLY A 384 -29.67 78.50 -9.29
C GLY A 384 -28.24 78.26 -8.85
N PHE A 385 -28.04 78.21 -7.54
CA PHE A 385 -26.72 78.02 -6.95
C PHE A 385 -26.18 76.61 -7.24
N PHE A 386 -27.01 75.59 -7.03
CA PHE A 386 -26.55 74.19 -7.18
C PHE A 386 -26.73 73.68 -8.59
N ASP A 387 -26.11 72.53 -8.84
CA ASP A 387 -26.09 71.86 -10.13
C ASP A 387 -27.48 71.62 -10.61
N TYR A 388 -27.73 71.99 -11.85
CA TYR A 388 -29.05 71.78 -12.45
C TYR A 388 -29.56 70.39 -12.23
N GLY A 389 -30.76 70.30 -11.66
CA GLY A 389 -31.41 69.01 -11.45
C GLY A 389 -30.91 68.22 -10.24
N SER A 390 -30.10 68.82 -9.38
CA SER A 390 -29.52 68.07 -8.28
C SER A 390 -30.27 68.19 -6.94
N PHE A 391 -31.11 69.19 -6.79
CA PHE A 391 -31.66 69.47 -5.46
C PHE A 391 -32.85 68.55 -5.23
N SER A 392 -32.80 67.75 -4.18
CA SER A 392 -33.88 66.82 -3.88
C SER A 392 -34.33 67.07 -2.44
N GLU A 393 -35.52 67.65 -2.32
CA GLU A 393 -36.05 68.08 -1.03
C GLU A 393 -36.55 66.92 -0.20
N ILE A 394 -36.59 67.11 1.11
CA ILE A 394 -37.26 66.19 2.03
C ILE A 394 -38.05 66.95 3.08
N MET A 395 -39.05 66.27 3.63
CA MET A 395 -39.97 66.83 4.63
C MET A 395 -40.65 68.14 4.16
N GLN A 396 -40.99 68.21 2.87
CA GLN A 396 -41.38 69.51 2.28
C GLN A 396 -42.59 70.12 2.97
N PRO A 397 -43.61 69.32 3.30
CA PRO A 397 -44.80 69.96 3.80
C PRO A 397 -44.80 70.22 5.29
N TRP A 398 -43.73 69.88 5.99
CA TRP A 398 -43.65 70.08 7.44
C TRP A 398 -42.74 71.22 7.76
N ALA A 399 -43.23 72.15 8.59
CA ALA A 399 -42.43 73.24 9.05
C ALA A 399 -41.81 73.88 7.82
N GLN A 400 -42.66 74.54 7.06
CA GLN A 400 -42.30 74.97 5.70
C GLN A 400 -41.60 76.33 5.69
N THR A 401 -41.39 76.86 6.88
CA THR A 401 -40.60 78.00 7.09
C THR A 401 -39.11 77.73 6.83
N VAL A 402 -38.73 76.45 6.85
CA VAL A 402 -37.39 76.05 6.46
C VAL A 402 -37.50 74.99 5.38
N VAL A 403 -36.48 74.96 4.52
CA VAL A 403 -36.43 74.05 3.40
C VAL A 403 -35.16 73.25 3.48
N VAL A 404 -35.27 71.92 3.42
CA VAL A 404 -34.08 71.09 3.55
C VAL A 404 -34.05 70.02 2.49
N GLY A 405 -32.85 69.56 2.17
CA GLY A 405 -32.69 68.57 1.13
C GLY A 405 -31.21 68.31 0.86
N ARG A 406 -30.95 67.64 -0.24
CA ARG A 406 -29.63 67.31 -0.66
C ARG A 406 -29.48 67.87 -2.05
N ALA A 407 -28.25 68.23 -2.42
CA ALA A 407 -27.98 68.75 -3.81
C ALA A 407 -26.54 68.42 -4.15
N ARG A 408 -26.10 68.89 -5.30
CA ARG A 408 -24.72 68.70 -5.71
C ARG A 408 -24.13 70.01 -6.20
N LEU A 409 -22.90 70.30 -5.74
CA LEU A 409 -22.15 71.51 -6.10
C LEU A 409 -20.92 71.03 -6.83
N GLY A 410 -20.89 71.26 -8.13
CA GLY A 410 -19.86 70.67 -8.98
C GLY A 410 -19.82 69.18 -8.88
N GLY A 411 -20.92 68.56 -8.52
CA GLY A 411 -20.95 67.11 -8.41
C GLY A 411 -20.57 66.64 -7.03
N ILE A 412 -20.33 67.58 -6.12
CA ILE A 412 -20.09 67.19 -4.73
C ILE A 412 -21.43 67.19 -4.06
N PRO A 413 -21.86 66.06 -3.54
CA PRO A 413 -23.12 66.06 -2.81
C PRO A 413 -22.97 66.80 -1.53
N VAL A 414 -23.95 67.65 -1.23
CA VAL A 414 -24.06 68.31 0.06
C VAL A 414 -25.51 68.27 0.58
N GLY A 415 -25.64 68.43 1.88
CA GLY A 415 -26.94 68.63 2.51
C GLY A 415 -27.16 70.11 2.60
N VAL A 416 -28.42 70.50 2.57
CA VAL A 416 -28.78 71.90 2.30
C VAL A 416 -29.91 72.36 3.20
N VAL A 417 -29.72 73.52 3.83
CA VAL A 417 -30.76 74.16 4.62
C VAL A 417 -30.93 75.57 4.11
N ALA A 418 -32.19 75.95 3.83
CA ALA A 418 -32.52 77.28 3.34
C ALA A 418 -33.78 77.79 3.99
N VAL A 419 -34.03 79.08 3.86
CA VAL A 419 -35.12 79.70 4.58
C VAL A 419 -36.23 80.29 3.70
N GLU A 420 -37.47 79.93 4.01
CA GLU A 420 -38.61 80.48 3.29
C GLU A 420 -38.77 81.94 3.62
N THR A 421 -39.07 82.76 2.64
CA THR A 421 -39.21 84.20 2.88
C THR A 421 -40.66 84.62 2.79
N ARG A 422 -41.46 83.83 2.11
CA ARG A 422 -42.90 84.13 2.00
C ARG A 422 -43.64 83.58 3.19
N THR A 423 -44.73 84.21 3.59
CA THR A 423 -45.52 83.69 4.69
C THR A 423 -46.08 82.33 4.38
N VAL A 424 -45.90 81.41 5.31
CA VAL A 424 -46.50 80.10 5.18
C VAL A 424 -47.91 80.06 5.76
N GLU A 425 -48.80 79.33 5.12
CA GLU A 425 -50.14 79.09 5.67
C GLU A 425 -50.25 77.64 6.09
N LEU A 426 -50.26 77.42 7.39
CA LEU A 426 -50.33 76.07 7.93
C LEU A 426 -51.77 75.66 8.23
N SER A 427 -52.18 74.53 7.70
CA SER A 427 -53.49 73.98 7.98
C SER A 427 -53.39 72.90 9.07
N ILE A 428 -54.12 73.09 10.17
CA ILE A 428 -54.15 72.12 11.26
C ILE A 428 -55.48 71.39 11.22
N PRO A 429 -55.46 70.07 11.04
CA PRO A 429 -56.72 69.31 10.96
C PRO A 429 -57.47 69.23 12.29
N ALA A 430 -58.76 68.91 12.22
CA ALA A 430 -59.59 68.75 13.42
C ALA A 430 -59.34 67.38 14.07
N ASP A 431 -59.31 67.36 15.41
CA ASP A 431 -59.21 66.12 16.19
C ASP A 431 -60.59 65.48 16.28
N PRO A 432 -60.77 64.31 15.63
CA PRO A 432 -62.09 63.69 15.61
C PRO A 432 -62.50 63.19 16.97
N ALA A 433 -61.52 62.87 17.80
CA ALA A 433 -61.74 62.49 19.19
C ALA A 433 -62.54 63.54 19.91
N ASN A 434 -62.21 64.78 19.62
CA ASN A 434 -62.83 65.92 20.28
C ASN A 434 -63.86 66.61 19.38
N LEU A 435 -65.10 66.64 19.80
CA LEU A 435 -66.18 67.22 18.99
C LEU A 435 -66.13 68.75 18.90
N ASP A 436 -65.37 69.41 19.77
CA ASP A 436 -65.18 70.88 19.69
C ASP A 436 -64.30 71.26 18.50
N SER A 437 -63.18 70.56 18.37
CA SER A 437 -62.16 70.84 17.38
C SER A 437 -62.68 71.10 15.95
N GLU A 438 -62.48 72.33 15.48
CA GLU A 438 -62.62 72.65 14.05
C GLU A 438 -61.19 72.89 13.50
N ALA A 439 -60.97 72.64 12.21
CA ALA A 439 -59.64 72.76 11.62
C ALA A 439 -59.11 74.22 11.58
N LYS A 440 -58.14 74.54 12.44
CA LYS A 440 -57.50 75.88 12.44
C LYS A 440 -56.56 76.14 11.24
N ILE A 441 -56.25 77.40 10.97
CA ILE A 441 -55.40 77.82 9.85
C ILE A 441 -54.43 78.90 10.37
N ILE A 442 -53.14 78.64 10.31
CA ILE A 442 -52.16 79.46 11.01
C ILE A 442 -51.18 80.15 10.04
N GLN A 443 -50.89 81.41 10.32
CA GLN A 443 -49.87 82.16 9.59
C GLN A 443 -48.53 81.84 10.22
N GLN A 444 -47.56 81.45 9.42
CA GLN A 444 -46.19 81.32 9.92
C GLN A 444 -45.30 82.29 9.13
N ALA A 445 -44.86 83.36 9.78
CA ALA A 445 -44.00 84.36 9.14
C ALA A 445 -42.75 83.75 8.54
N GLY A 446 -42.30 84.31 7.44
CA GLY A 446 -41.04 83.91 6.84
C GLY A 446 -39.86 84.41 7.64
N GLN A 447 -38.69 83.84 7.37
CA GLN A 447 -37.43 84.22 8.03
C GLN A 447 -37.51 84.14 9.54
N VAL A 448 -38.33 83.21 10.06
CA VAL A 448 -38.39 82.95 11.52
C VAL A 448 -38.24 81.46 11.81
N TRP A 449 -37.61 81.13 12.93
CA TRP A 449 -37.62 79.77 13.40
C TRP A 449 -38.78 79.62 14.32
N PHE A 450 -39.60 78.62 14.05
CA PHE A 450 -40.65 78.24 14.97
C PHE A 450 -40.22 76.95 15.58
N PRO A 451 -41.01 76.42 16.51
CA PRO A 451 -40.61 75.15 17.04
C PRO A 451 -40.47 74.14 15.92
N ASP A 452 -41.48 74.02 15.07
CA ASP A 452 -41.39 73.05 14.00
C ASP A 452 -40.17 73.30 13.14
N SER A 453 -39.97 74.53 12.68
CA SER A 453 -38.83 74.84 11.75
C SER A 453 -37.51 74.52 12.41
N ALA A 454 -37.38 74.85 13.68
CA ALA A 454 -36.16 74.57 14.44
C ALA A 454 -35.90 73.08 14.53
N PHE A 455 -36.94 72.32 14.78
CA PHE A 455 -36.83 70.89 14.92
C PHE A 455 -36.48 70.26 13.60
N LYS A 456 -37.22 70.61 12.55
CA LYS A 456 -36.85 70.20 11.19
C LYS A 456 -35.38 70.56 10.87
N THR A 457 -34.92 71.73 11.30
CA THR A 457 -33.53 72.11 10.98
C THR A 457 -32.55 71.23 11.70
N TYR A 458 -32.84 70.98 12.97
CA TYR A 458 -32.03 70.07 13.76
C TYR A 458 -31.97 68.68 13.14
N GLN A 459 -33.12 68.22 12.66
CA GLN A 459 -33.26 66.86 12.20
C GLN A 459 -32.50 66.72 10.93
N ALA A 460 -32.65 67.69 10.04
CA ALA A 460 -31.82 67.72 8.80
C ALA A 460 -30.39 67.63 9.14
N ILE A 461 -29.98 68.47 10.08
CA ILE A 461 -28.56 68.50 10.42
C ILE A 461 -28.08 67.14 10.85
N LYS A 462 -28.82 66.50 11.72
CA LYS A 462 -28.41 65.24 12.26
C LYS A 462 -28.33 64.20 11.14
N ASP A 463 -29.40 64.13 10.34
CA ASP A 463 -29.53 63.05 9.35
C ASP A 463 -28.39 63.17 8.37
N PHE A 464 -28.20 64.35 7.80
CA PHE A 464 -27.11 64.58 6.85
C PHE A 464 -25.74 64.30 7.44
N ASN A 465 -25.58 64.64 8.70
CA ASN A 465 -24.27 64.52 9.30
C ASN A 465 -23.95 63.06 9.42
N ARG A 466 -24.97 62.25 9.68
CA ARG A 466 -24.74 60.81 9.81
CA ARG A 466 -24.75 60.82 9.84
C ARG A 466 -24.64 60.11 8.47
N GLU A 467 -25.03 60.77 7.41
CA GLU A 467 -24.80 60.26 6.05
C GLU A 467 -23.37 60.51 5.66
N GLY A 468 -22.79 61.56 6.23
CA GLY A 468 -21.39 61.88 5.95
C GLY A 468 -21.24 63.00 4.96
N LEU A 469 -22.29 63.80 4.86
CA LEU A 469 -22.36 64.91 3.91
C LEU A 469 -21.89 66.21 4.51
N PRO A 470 -21.28 67.04 3.68
CA PRO A 470 -21.01 68.40 4.12
C PRO A 470 -22.33 69.12 4.11
N LEU A 471 -22.34 70.26 4.78
CA LEU A 471 -23.54 71.04 5.02
C LEU A 471 -23.44 72.41 4.43
N MET A 472 -24.51 72.87 3.79
CA MET A 472 -24.55 74.25 3.40
C MET A 472 -25.80 74.91 3.90
N VAL A 473 -25.61 75.90 4.77
CA VAL A 473 -26.72 76.63 5.31
C VAL A 473 -26.80 78.01 4.67
N PHE A 474 -27.96 78.30 4.07
CA PHE A 474 -28.21 79.60 3.50
C PHE A 474 -29.03 80.40 4.50
N ALA A 475 -28.31 81.01 5.44
CA ALA A 475 -28.94 81.60 6.60
C ALA A 475 -29.64 82.87 6.23
N ASN A 476 -30.89 82.98 6.69
CA ASN A 476 -31.70 84.17 6.51
C ASN A 476 -32.84 84.18 7.54
N TRP A 477 -32.45 84.34 8.79
CA TRP A 477 -33.36 84.29 9.92
C TRP A 477 -33.29 85.52 10.73
N ARG A 478 -34.43 86.09 10.98
CA ARG A 478 -34.55 87.27 11.81
C ARG A 478 -34.56 86.93 13.29
N GLY A 479 -34.84 85.67 13.62
CA GLY A 479 -35.00 85.24 15.00
C GLY A 479 -35.92 84.05 15.18
N PHE A 480 -36.01 83.58 16.40
CA PHE A 480 -37.01 82.58 16.77
C PHE A 480 -38.31 83.33 17.10
N SER A 481 -39.46 82.71 16.85
CA SER A 481 -40.67 83.35 17.33
C SER A 481 -40.69 83.21 18.86
N GLY A 482 -40.93 84.31 19.55
CA GLY A 482 -40.82 84.34 20.99
C GLY A 482 -42.14 84.68 21.65
N GLY A 483 -43.23 84.42 20.92
CA GLY A 483 -44.56 84.76 21.38
C GLY A 483 -45.09 83.72 22.32
N MET A 484 -46.20 84.03 23.00
CA MET A 484 -46.66 83.16 24.07
C MET A 484 -46.80 81.76 23.61
N LYS A 485 -47.51 81.56 22.51
CA LYS A 485 -47.81 80.21 22.09
C LYS A 485 -46.52 79.46 21.82
N ASP A 486 -45.68 80.04 21.01
CA ASP A 486 -44.49 79.32 20.60
C ASP A 486 -43.52 79.07 21.75
N MET A 487 -43.47 79.95 22.74
CA MET A 487 -42.63 79.72 23.90
C MET A 487 -43.18 78.55 24.69
N TYR A 488 -44.49 78.56 24.93
CA TYR A 488 -45.14 77.42 25.54
C TYR A 488 -44.85 76.16 24.76
N ASP A 489 -44.88 76.27 23.43
CA ASP A 489 -44.62 75.14 22.57
C ASP A 489 -43.13 74.83 22.45
N GLN A 490 -42.35 75.38 23.37
CA GLN A 490 -40.99 74.89 23.65
C GLN A 490 -39.97 75.31 22.61
N VAL A 491 -40.17 76.47 22.00
CA VAL A 491 -39.25 76.92 20.98
C VAL A 491 -37.83 77.04 21.51
N LEU A 492 -37.73 77.32 22.80
CA LEU A 492 -36.43 77.48 23.45
C LEU A 492 -35.67 76.18 23.43
N LYS A 493 -36.39 75.06 23.55
CA LYS A 493 -35.77 73.74 23.67
C LYS A 493 -35.15 73.35 22.36
N PHE A 494 -35.88 73.64 21.28
CA PHE A 494 -35.47 73.22 19.95
C PHE A 494 -34.40 74.10 19.33
N GLY A 495 -34.34 75.34 19.76
CA GLY A 495 -33.28 76.22 19.35
C GLY A 495 -31.98 75.68 19.88
N ALA A 496 -31.97 75.36 21.16
CA ALA A 496 -30.80 74.76 21.76
C ALA A 496 -30.35 73.54 20.99
N TYR A 497 -31.28 72.73 20.50
CA TYR A 497 -30.90 71.50 19.81
C TYR A 497 -30.01 71.81 18.58
N ILE A 498 -30.35 72.86 17.83
CA ILE A 498 -29.51 73.24 16.72
C ILE A 498 -28.03 73.37 17.13
N VAL A 499 -27.77 73.92 18.30
CA VAL A 499 -26.42 74.02 18.73
C VAL A 499 -25.83 72.63 18.88
N ASP A 500 -26.51 71.78 19.65
CA ASP A 500 -26.03 70.42 19.86
C ASP A 500 -25.77 69.80 18.48
N GLY A 501 -26.67 70.02 17.55
CA GLY A 501 -26.54 69.39 16.23
C GLY A 501 -25.26 69.75 15.47
N LEU A 502 -24.97 71.04 15.41
CA LEU A 502 -23.82 71.53 14.67
C LEU A 502 -22.55 71.17 15.40
N ARG A 503 -22.62 71.11 16.72
CA ARG A 503 -21.42 70.82 17.46
C ARG A 503 -20.92 69.42 17.15
N GLU A 504 -21.82 68.52 16.86
CA GLU A 504 -21.41 67.15 16.57
C GLU A 504 -20.99 66.94 15.10
N CYS A 505 -21.08 67.96 14.25
CA CYS A 505 -20.77 67.75 12.83
C CYS A 505 -19.31 67.43 12.58
N CYS A 506 -19.07 66.53 11.64
CA CYS A 506 -17.72 65.99 11.41
C CYS A 506 -17.13 66.30 10.05
N GLN A 507 -17.89 66.98 9.20
CA GLN A 507 -17.47 67.35 7.84
C GLN A 507 -17.83 68.81 7.67
N PRO A 508 -17.39 69.46 6.59
CA PRO A 508 -17.51 70.91 6.48
C PRO A 508 -18.92 71.40 6.63
N VAL A 509 -19.06 72.51 7.34
CA VAL A 509 -20.34 73.21 7.43
C VAL A 509 -20.12 74.64 6.96
N LEU A 510 -20.68 75.01 5.83
CA LEU A 510 -20.48 76.37 5.29
C LEU A 510 -21.77 77.16 5.36
N VAL A 511 -21.73 78.27 6.09
CA VAL A 511 -22.91 79.12 6.25
C VAL A 511 -22.75 80.42 5.47
N TYR A 512 -23.80 80.78 4.74
CA TYR A 512 -23.75 81.92 3.81
C TYR A 512 -25.02 82.70 3.93
N ILE A 513 -24.88 83.97 4.30
CA ILE A 513 -26.02 84.86 4.35
C ILE A 513 -26.15 85.46 2.98
N PRO A 514 -27.21 85.08 2.26
CA PRO A 514 -27.31 85.50 0.87
C PRO A 514 -27.70 86.95 0.75
N PRO A 515 -27.61 87.50 -0.47
CA PRO A 515 -27.99 88.89 -0.67
C PRO A 515 -29.44 89.11 -0.28
N GLN A 516 -29.69 90.26 0.35
CA GLN A 516 -30.98 90.61 0.93
C GLN A 516 -31.40 89.70 2.07
N ALA A 517 -30.56 88.78 2.49
CA ALA A 517 -30.87 88.03 3.68
C ALA A 517 -30.30 88.81 4.88
N GLU A 518 -30.74 88.40 6.08
CA GLU A 518 -30.24 88.94 7.32
C GLU A 518 -30.16 87.82 8.36
N LEU A 519 -29.28 87.99 9.36
CA LEU A 519 -29.13 87.03 10.43
C LEU A 519 -28.96 87.77 11.74
N ARG A 520 -29.85 87.48 12.68
CA ARG A 520 -29.97 88.33 13.86
C ARG A 520 -29.99 87.55 15.17
N GLY A 521 -29.39 88.15 16.19
CA GLY A 521 -29.60 87.75 17.55
C GLY A 521 -29.61 86.26 17.75
N GLY A 522 -30.75 85.73 18.22
CA GLY A 522 -30.86 84.33 18.62
C GLY A 522 -30.42 83.41 17.50
N SER A 523 -30.81 83.76 16.28
CA SER A 523 -30.62 82.88 15.15
C SER A 523 -29.17 82.81 14.81
N TRP A 524 -28.47 83.92 14.96
CA TRP A 524 -27.05 83.86 14.75
C TRP A 524 -26.40 83.01 15.78
N VAL A 525 -26.65 83.30 17.04
CA VAL A 525 -25.91 82.63 18.12
C VAL A 525 -25.96 81.11 18.01
N VAL A 526 -27.11 80.53 17.63
CA VAL A 526 -27.20 79.08 17.53
C VAL A 526 -26.49 78.50 16.32
N ILE A 527 -26.01 79.32 15.40
CA ILE A 527 -25.23 78.77 14.26
C ILE A 527 -23.87 79.46 14.05
N ASP A 528 -23.36 80.14 15.04
CA ASP A 528 -22.04 80.76 14.87
C ASP A 528 -20.97 79.69 14.66
N SER A 529 -20.00 79.99 13.80
CA SER A 529 -18.86 79.10 13.54
C SER A 529 -18.08 78.73 14.80
N SER A 530 -18.19 79.56 15.81
CA SER A 530 -17.57 79.30 17.09
C SER A 530 -17.99 77.98 17.73
N ILE A 531 -19.21 77.53 17.46
CA ILE A 531 -19.72 76.29 18.06
C ILE A 531 -18.86 75.10 17.67
N ASN A 532 -18.42 75.07 16.42
CA ASN A 532 -17.65 73.97 15.89
C ASN A 532 -16.61 74.55 14.93
N PRO A 533 -15.60 75.22 15.49
CA PRO A 533 -14.60 75.92 14.71
C PRO A 533 -13.78 75.01 13.83
N ARG A 534 -13.53 73.79 14.27
CA ARG A 534 -12.81 72.82 13.43
C ARG A 534 -13.45 72.69 12.06
N HIS A 535 -14.77 72.79 11.98
CA HIS A 535 -15.49 72.48 10.73
C HIS A 535 -16.41 73.53 10.19
N MET A 536 -16.77 74.54 10.97
CA MET A 536 -17.76 75.51 10.49
C MET A 536 -17.05 76.73 9.91
N GLU A 537 -17.68 77.31 8.90
CA GLU A 537 -17.25 78.54 8.30
C GLU A 537 -18.43 79.42 7.94
N MET A 538 -18.24 80.73 8.08
CA MET A 538 -19.35 81.67 7.94
C MET A 538 -19.01 82.74 6.93
N TYR A 539 -19.95 83.01 6.03
CA TYR A 539 -19.75 83.97 4.94
C TYR A 539 -20.98 84.87 4.80
N ALA A 540 -20.76 86.12 4.43
CA ALA A 540 -21.85 87.06 4.25
C ALA A 540 -21.74 87.74 2.86
N ASP A 541 -22.87 87.82 2.14
CA ASP A 541 -22.88 88.48 0.84
C ASP A 541 -22.76 89.98 1.05
N ARG A 542 -22.24 90.77 0.10
CA ARG A 542 -22.20 92.23 0.37
C ARG A 542 -23.57 92.71 0.78
N GLU A 543 -24.61 92.18 0.16
CA GLU A 543 -25.93 92.72 0.34
C GLU A 543 -26.68 92.02 1.46
N SER A 544 -25.94 91.64 2.50
CA SER A 544 -26.51 90.96 3.66
C SER A 544 -26.34 91.87 4.83
N ARG A 545 -26.93 91.47 5.95
CA ARG A 545 -26.94 92.27 7.16
C ARG A 545 -26.98 91.37 8.38
N GLY A 546 -26.41 91.82 9.50
CA GLY A 546 -26.46 91.04 10.72
C GLY A 546 -26.13 91.79 11.98
N SER A 547 -26.91 91.50 13.04
CA SER A 547 -26.74 92.13 14.33
C SER A 547 -27.26 91.26 15.44
N VAL A 548 -26.94 91.67 16.66
CA VAL A 548 -27.64 91.18 17.84
C VAL A 548 -29.10 91.59 17.73
N LEU A 549 -29.33 92.80 17.25
CA LEU A 549 -30.68 93.35 17.18
C LEU A 549 -30.90 94.19 15.90
N GLU A 550 -32.05 94.01 15.28
CA GLU A 550 -32.36 94.75 14.06
C GLU A 550 -32.46 96.27 14.30
N PRO A 551 -32.23 97.06 13.25
CA PRO A 551 -32.17 98.50 13.43
C PRO A 551 -33.39 99.10 14.11
N GLU A 552 -34.59 98.73 13.69
CA GLU A 552 -35.74 99.39 14.28
C GLU A 552 -35.76 99.20 15.81
N GLY A 553 -35.35 98.04 16.26
CA GLY A 553 -35.41 97.71 17.67
C GLY A 553 -34.25 98.30 18.43
N THR A 554 -33.12 98.43 17.75
CA THR A 554 -31.97 99.09 18.32
C THR A 554 -32.26 100.56 18.54
N VAL A 555 -32.83 101.22 17.52
CA VAL A 555 -33.16 102.63 17.66
C VAL A 555 -34.13 102.82 18.83
N GLU A 556 -35.16 101.99 18.88
CA GLU A 556 -36.11 102.03 19.99
C GLU A 556 -35.43 102.12 21.37
N ILE A 557 -34.38 101.34 21.56
CA ILE A 557 -33.70 101.31 22.83
C ILE A 557 -32.61 102.38 22.96
N LYS A 558 -31.86 102.62 21.89
CA LYS A 558 -30.63 103.41 21.99
C LYS A 558 -30.57 104.62 21.06
N PHE A 559 -31.71 105.12 20.62
CA PHE A 559 -31.78 106.36 19.85
C PHE A 559 -33.17 106.90 20.05
N ARG A 560 -33.46 107.21 21.31
CA ARG A 560 -34.79 107.55 21.75
C ARG A 560 -34.96 109.04 21.54
N ARG A 561 -36.12 109.56 21.95
CA ARG A 561 -36.48 110.92 21.58
C ARG A 561 -35.38 111.92 21.89
N LYS A 562 -34.92 111.96 23.14
CA LYS A 562 -33.89 112.92 23.55
C LYS A 562 -32.86 113.00 22.45
N ASP A 563 -32.35 111.85 22.02
CA ASP A 563 -31.31 111.79 20.98
C ASP A 563 -31.74 112.19 19.57
N LEU A 564 -33.00 111.95 19.22
CA LEU A 564 -33.52 112.43 17.95
C LEU A 564 -33.53 113.96 17.94
N VAL A 565 -34.08 114.54 19.01
CA VAL A 565 -34.13 115.98 19.11
C VAL A 565 -32.72 116.57 19.12
N LYS A 566 -31.80 115.99 19.91
CA LYS A 566 -30.38 116.41 19.84
C LYS A 566 -29.89 116.52 18.39
N THR A 567 -30.32 115.59 17.54
CA THR A 567 -29.89 115.56 16.16
C THR A 567 -30.52 116.70 15.38
N MET A 568 -31.80 116.94 15.62
CA MET A 568 -32.50 118.08 15.04
C MET A 568 -31.80 119.38 15.41
N ARG A 569 -31.48 119.57 16.70
CA ARG A 569 -30.83 120.83 17.17
C ARG A 569 -29.52 121.05 16.43
N ARG A 570 -28.91 119.97 15.93
CA ARG A 570 -27.64 120.09 15.22
C ARG A 570 -27.80 120.32 13.73
N VAL A 571 -28.84 119.73 13.14
CA VAL A 571 -28.95 119.63 11.70
C VAL A 571 -30.11 120.43 11.10
N ASP A 572 -31.28 120.42 11.72
CA ASP A 572 -32.42 121.09 11.14
C ASP A 572 -32.27 122.58 11.27
N PRO A 573 -32.28 123.29 10.14
CA PRO A 573 -32.03 124.71 10.19
C PRO A 573 -33.15 125.50 10.88
N VAL A 574 -34.40 125.12 10.63
CA VAL A 574 -35.52 125.79 11.27
C VAL A 574 -35.47 125.67 12.77
N TYR A 575 -35.23 124.45 13.25
CA TYR A 575 -35.09 124.21 14.68
C TYR A 575 -33.92 125.03 15.19
N ILE A 576 -32.80 124.97 14.49
CA ILE A 576 -31.63 125.72 14.95
C ILE A 576 -32.00 127.20 15.10
N HIS A 577 -32.64 127.75 14.08
CA HIS A 577 -33.04 129.15 14.09
C HIS A 577 -33.88 129.48 15.28
N LEU A 578 -34.97 128.73 15.47
CA LEU A 578 -35.83 128.91 16.62
C LEU A 578 -35.05 128.84 17.92
N ALA A 579 -34.20 127.84 18.07
CA ALA A 579 -33.43 127.66 19.30
C ALA A 579 -32.55 128.86 19.57
N GLU A 580 -32.03 129.41 18.50
CA GLU A 580 -31.15 130.56 18.56
C GLU A 580 -31.91 131.73 19.17
N ARG A 581 -33.20 131.79 18.86
CA ARG A 581 -34.01 132.92 19.27
C ARG A 581 -34.45 132.80 20.69
N LEU A 582 -34.93 131.61 21.09
CA LEU A 582 -35.30 131.38 22.48
C LEU A 582 -34.15 131.85 23.39
N GLY A 583 -32.98 132.12 22.81
CA GLY A 583 -31.90 132.80 23.54
C GLY A 583 -31.80 134.33 23.45
N THR A 584 -32.87 134.99 23.06
CA THR A 584 -32.85 136.44 22.89
C THR A 584 -33.21 137.11 24.20
N PRO A 585 -32.52 138.17 24.55
CA PRO A 585 -32.92 138.83 25.77
C PRO A 585 -34.14 139.75 25.66
N GLU A 586 -34.75 140.04 26.82
CA GLU A 586 -35.89 140.93 26.93
C GLU A 586 -37.01 140.61 25.93
N LEU A 587 -37.60 139.45 26.10
CA LEU A 587 -38.71 139.01 25.27
C LEU A 587 -39.98 139.08 26.13
N SER A 588 -41.13 139.34 25.51
CA SER A 588 -42.39 139.26 26.23
C SER A 588 -42.66 137.80 26.52
N THR A 589 -43.19 137.49 27.70
CA THR A 589 -43.52 136.09 28.02
C THR A 589 -44.46 135.53 26.93
N ALA A 590 -45.20 136.42 26.27
CA ALA A 590 -45.95 136.07 25.06
C ALA A 590 -45.06 135.54 23.95
N GLU A 591 -44.14 136.38 23.46
CA GLU A 591 -43.21 136.01 22.34
C GLU A 591 -42.50 134.71 22.66
N ARG A 592 -42.09 134.56 23.91
CA ARG A 592 -41.45 133.34 24.32
C ARG A 592 -42.33 132.08 24.15
N LYS A 593 -43.48 132.05 24.82
CA LYS A 593 -44.40 130.93 24.72
C LYS A 593 -44.70 130.64 23.23
N GLU A 594 -44.84 131.68 22.38
CA GLU A 594 -45.02 131.43 20.95
C GLU A 594 -43.84 130.67 20.33
N LEU A 595 -42.62 131.11 20.62
CA LEU A 595 -41.42 130.42 20.11
C LEU A 595 -41.34 128.98 20.62
N GLU A 596 -41.53 128.79 21.91
CA GLU A 596 -41.47 127.45 22.48
C GLU A 596 -42.46 126.52 21.76
N ASN A 597 -43.66 127.02 21.48
CA ASN A 597 -44.65 126.20 20.80
C ASN A 597 -44.18 125.89 19.40
N LYS A 598 -43.70 126.90 18.67
CA LYS A 598 -43.20 126.69 17.31
C LYS A 598 -42.10 125.63 17.29
N LEU A 599 -41.30 125.58 18.33
CA LEU A 599 -40.26 124.53 18.49
C LEU A 599 -40.88 123.15 18.68
N LYS A 600 -41.77 123.01 19.66
CA LYS A 600 -42.39 121.69 19.93
C LYS A 600 -43.15 121.20 18.70
N GLU A 601 -43.75 122.09 17.94
CA GLU A 601 -44.48 121.68 16.74
C GLU A 601 -43.50 121.19 15.72
N ARG A 602 -42.40 121.91 15.58
CA ARG A 602 -41.36 121.56 14.63
C ARG A 602 -40.80 120.19 14.94
N GLU A 603 -40.49 120.02 16.22
CA GLU A 603 -39.99 118.76 16.71
C GLU A 603 -40.92 117.64 16.27
N GLU A 604 -42.20 117.79 16.61
CA GLU A 604 -43.18 116.74 16.37
C GLU A 604 -43.30 116.48 14.87
N PHE A 605 -43.36 117.54 14.08
CA PHE A 605 -43.36 117.41 12.63
C PHE A 605 -42.15 116.63 12.12
N LEU A 606 -40.99 116.83 12.73
CA LEU A 606 -39.76 116.23 12.24
C LEU A 606 -39.49 114.81 12.71
N ILE A 607 -40.21 114.34 13.73
CA ILE A 607 -39.85 113.08 14.36
C ILE A 607 -39.85 111.88 13.42
N PRO A 608 -40.92 111.67 12.65
CA PRO A 608 -40.94 110.51 11.76
C PRO A 608 -39.75 110.48 10.83
N ILE A 609 -39.51 111.54 10.09
CA ILE A 609 -38.37 111.54 9.18
C ILE A 609 -37.05 111.31 9.93
N TYR A 610 -36.88 111.88 11.11
CA TYR A 610 -35.62 111.74 11.85
C TYR A 610 -35.45 110.33 12.44
N HIS A 611 -36.58 109.68 12.74
CA HIS A 611 -36.57 108.28 13.13
C HIS A 611 -36.05 107.41 12.01
N GLN A 612 -36.45 107.71 10.78
CA GLN A 612 -35.93 107.02 9.61
C GLN A 612 -34.42 107.20 9.52
N VAL A 613 -33.97 108.43 9.77
CA VAL A 613 -32.55 108.70 9.75
C VAL A 613 -31.84 107.82 10.79
N ALA A 614 -32.45 107.72 11.97
CA ALA A 614 -31.88 106.94 13.05
C ALA A 614 -31.73 105.46 12.66
N VAL A 615 -32.78 104.88 12.07
CA VAL A 615 -32.68 103.47 11.68
C VAL A 615 -31.53 103.30 10.68
N GLN A 616 -31.41 104.22 9.73
CA GLN A 616 -30.33 104.16 8.77
C GLN A 616 -28.97 104.11 9.48
N PHE A 617 -28.79 105.05 10.40
CA PHE A 617 -27.59 105.12 11.20
C PHE A 617 -27.34 103.75 11.82
N ALA A 618 -28.38 103.17 12.42
CA ALA A 618 -28.22 101.88 13.07
C ALA A 618 -27.82 100.87 12.02
N ASP A 619 -28.51 100.89 10.89
CA ASP A 619 -28.25 99.91 9.85
C ASP A 619 -26.77 99.90 9.39
N LEU A 620 -26.15 101.06 9.37
CA LEU A 620 -24.77 101.13 8.93
C LEU A 620 -23.84 100.39 9.87
N HIS A 621 -24.34 100.05 11.05
CA HIS A 621 -23.58 99.23 12.00
C HIS A 621 -23.62 97.76 11.69
N ASP A 622 -24.54 97.35 10.84
CA ASP A 622 -24.91 95.95 10.67
C ASP A 622 -24.32 95.33 9.41
N THR A 623 -23.30 95.97 8.85
CA THR A 623 -22.82 95.58 7.53
C THR A 623 -21.81 94.45 7.60
N PRO A 624 -21.59 93.76 6.46
CA PRO A 624 -20.54 92.76 6.31
C PRO A 624 -19.16 93.33 6.52
N GLY A 625 -18.97 94.57 6.10
CA GLY A 625 -17.70 95.24 6.30
C GLY A 625 -17.26 95.12 7.75
N ARG A 626 -18.17 95.47 8.65
CA ARG A 626 -17.89 95.44 10.07
C ARG A 626 -17.65 94.01 10.52
N MET A 627 -18.53 93.11 10.10
CA MET A 627 -18.46 91.69 10.45
C MET A 627 -17.09 91.12 10.19
N GLN A 628 -16.56 91.38 9.01
CA GLN A 628 -15.28 90.84 8.62
C GLN A 628 -14.19 91.45 9.48
N GLU A 629 -14.23 92.77 9.58
CA GLU A 629 -13.27 93.54 10.34
C GLU A 629 -13.16 93.03 11.77
N LYS A 630 -14.30 92.74 12.39
CA LYS A 630 -14.34 92.27 13.77
C LYS A 630 -14.05 90.77 13.89
N GLY A 631 -13.87 90.09 12.75
CA GLY A 631 -13.44 88.69 12.73
C GLY A 631 -14.51 87.62 12.87
N VAL A 632 -15.79 87.96 12.66
CA VAL A 632 -16.87 86.98 12.81
C VAL A 632 -17.29 86.27 11.52
N ILE A 633 -16.77 86.71 10.38
CA ILE A 633 -17.01 86.01 9.12
C ILE A 633 -15.70 85.86 8.37
N SER A 634 -15.60 84.85 7.50
CA SER A 634 -14.35 84.54 6.85
C SER A 634 -14.12 85.36 5.59
N ASP A 635 -15.20 85.73 4.94
CA ASP A 635 -15.08 86.59 3.78
C ASP A 635 -16.41 87.22 3.42
N ILE A 636 -16.35 88.31 2.66
CA ILE A 636 -17.55 88.90 2.08
C ILE A 636 -17.60 88.38 0.66
N LEU A 637 -18.72 87.76 0.30
CA LEU A 637 -18.85 87.17 -1.01
C LEU A 637 -19.79 87.98 -1.85
N ASP A 638 -19.79 87.64 -3.13
CA ASP A 638 -20.66 88.21 -4.12
C ASP A 638 -21.42 87.07 -4.79
N TRP A 639 -22.74 87.17 -4.73
CA TRP A 639 -23.66 86.10 -5.08
C TRP A 639 -23.44 85.50 -6.43
N LYS A 640 -23.30 86.35 -7.44
CA LYS A 640 -23.12 85.89 -8.83
C LYS A 640 -22.02 84.86 -8.96
N THR A 641 -20.93 85.07 -8.23
CA THR A 641 -19.80 84.17 -8.27
C THR A 641 -19.64 83.25 -7.04
N SER A 642 -20.66 83.19 -6.19
CA SER A 642 -20.59 82.40 -4.98
C SER A 642 -20.53 80.88 -5.24
N ARG A 643 -21.18 80.41 -6.29
CA ARG A 643 -21.08 79.00 -6.70
C ARG A 643 -19.64 78.61 -6.94
N THR A 644 -18.97 79.31 -7.85
CA THR A 644 -17.57 79.00 -8.14
C THR A 644 -16.79 79.00 -6.89
N PHE A 645 -16.95 80.04 -6.08
CA PHE A 645 -16.19 80.17 -4.85
C PHE A 645 -16.32 78.97 -3.97
N PHE A 646 -17.57 78.62 -3.70
CA PHE A 646 -17.84 77.55 -2.77
C PHE A 646 -17.45 76.22 -3.30
N TYR A 647 -17.51 76.01 -4.63
CA TYR A 647 -17.07 74.72 -5.15
C TYR A 647 -15.64 74.50 -4.72
N TRP A 648 -14.78 75.42 -5.07
CA TRP A 648 -13.39 75.22 -4.77
C TRP A 648 -13.14 75.16 -3.29
N ARG A 649 -13.79 76.01 -2.54
CA ARG A 649 -13.53 76.06 -1.10
C ARG A 649 -13.88 74.73 -0.48
N LEU A 650 -15.05 74.21 -0.81
CA LEU A 650 -15.53 72.93 -0.30
C LEU A 650 -14.60 71.81 -0.73
N ARG A 651 -14.18 71.92 -1.96
CA ARG A 651 -13.34 70.95 -2.58
C ARG A 651 -12.04 70.81 -1.80
N ARG A 652 -11.42 71.90 -1.37
CA ARG A 652 -10.18 71.76 -0.63
C ARG A 652 -10.42 71.45 0.84
N LEU A 653 -11.46 72.02 1.40
CA LEU A 653 -11.78 71.71 2.78
C LEU A 653 -11.85 70.17 2.86
N LEU A 654 -12.44 69.55 1.84
CA LEU A 654 -12.54 68.10 1.82
C LEU A 654 -11.22 67.41 1.66
N LEU A 655 -10.39 67.93 0.75
CA LEU A 655 -9.07 67.36 0.49
C LEU A 655 -8.13 67.58 1.67
N GLU A 656 -8.09 68.80 2.18
CA GLU A 656 -7.32 69.10 3.37
C GLU A 656 -7.73 68.15 4.50
N ASP A 657 -9.04 68.03 4.74
CA ASP A 657 -9.51 67.16 5.82
C ASP A 657 -8.97 65.74 5.61
N LEU A 658 -9.01 65.27 4.36
CA LEU A 658 -8.61 63.91 4.04
C LEU A 658 -7.16 63.68 4.43
N VAL A 659 -6.28 64.66 4.12
CA VAL A 659 -4.88 64.57 4.42
C VAL A 659 -4.67 64.65 5.93
N LYS A 660 -5.35 65.59 6.58
CA LYS A 660 -5.22 65.74 8.02
C LYS A 660 -5.64 64.43 8.73
N LYS A 661 -6.67 63.77 8.23
CA LYS A 661 -7.10 62.51 8.80
C LYS A 661 -5.98 61.50 8.74
N LYS A 662 -5.20 61.54 7.68
CA LYS A 662 -4.07 60.64 7.55
C LYS A 662 -3.02 60.93 8.59
N ILE A 663 -2.79 62.21 8.86
CA ILE A 663 -1.78 62.67 9.83
C ILE A 663 -2.18 62.26 11.23
N HIS A 664 -3.45 62.46 11.56
CA HIS A 664 -3.99 62.09 12.85
C HIS A 664 -3.85 60.62 13.08
N ASN A 665 -4.00 59.83 12.03
CA ASN A 665 -3.82 58.39 12.15
C ASN A 665 -2.40 58.03 12.49
N ALA A 666 -1.46 58.74 11.86
CA ALA A 666 -0.03 58.51 12.09
C ALA A 666 0.39 58.89 13.52
N ASN A 667 -0.31 59.83 14.15
CA ASN A 667 -0.07 60.18 15.55
C ASN A 667 -1.28 60.80 16.22
N PRO A 668 -2.09 59.99 16.90
CA PRO A 668 -3.36 60.42 17.52
C PRO A 668 -3.17 61.47 18.57
N GLU A 669 -1.96 61.58 19.13
CA GLU A 669 -1.70 62.57 20.18
C GLU A 669 -1.65 64.03 19.69
N LEU A 670 -1.45 64.24 18.40
CA LEU A 670 -1.38 65.59 17.84
C LEU A 670 -2.73 66.33 17.84
N THR A 671 -2.75 67.57 18.31
CA THR A 671 -3.94 68.45 18.23
C THR A 671 -4.36 68.86 16.83
N ASP A 672 -5.67 69.06 16.67
CA ASP A 672 -6.23 69.70 15.46
C ASP A 672 -5.35 70.88 15.04
N GLY A 673 -4.90 71.68 16.02
CA GLY A 673 -4.10 72.84 15.75
C GLY A 673 -2.73 72.52 15.20
N GLN A 674 -2.02 71.60 15.85
CA GLN A 674 -0.64 71.33 15.45
C GLN A 674 -0.64 70.62 14.13
N ILE A 675 -1.70 69.86 13.87
CA ILE A 675 -1.82 69.20 12.57
C ILE A 675 -1.93 70.20 11.42
N GLN A 676 -2.81 71.19 11.56
CA GLN A 676 -2.92 72.30 10.59
C GLN A 676 -1.55 72.87 10.29
N ALA A 677 -0.85 73.27 11.35
CA ALA A 677 0.44 73.90 11.23
C ALA A 677 1.42 73.01 10.49
N MET A 678 1.45 71.75 10.88
CA MET A 678 2.35 70.77 10.29
C MET A 678 2.17 70.67 8.78
N LEU A 679 0.92 70.59 8.34
CA LEU A 679 0.66 70.46 6.92
C LEU A 679 1.07 71.72 6.20
N ARG A 680 0.67 72.86 6.76
CA ARG A 680 1.01 74.13 6.16
C ARG A 680 2.52 74.30 6.05
N ARG A 681 3.23 73.86 7.08
CA ARG A 681 4.68 73.95 7.07
C ARG A 681 5.30 73.07 6.01
N TRP A 682 4.74 71.88 5.83
CA TRP A 682 5.22 70.95 4.83
C TRP A 682 5.05 71.47 3.43
N PHE A 683 4.00 72.25 3.23
CA PHE A 683 3.73 72.83 1.95
C PHE A 683 4.84 73.81 1.63
N VAL A 684 5.08 74.70 2.57
CA VAL A 684 6.09 75.71 2.38
C VAL A 684 7.45 75.08 2.18
N GLU A 685 7.72 74.00 2.91
CA GLU A 685 8.96 73.26 2.72
C GLU A 685 9.08 72.77 1.28
N VAL A 686 8.03 72.11 0.78
CA VAL A 686 8.06 71.51 -0.55
C VAL A 686 8.05 72.52 -1.68
N GLU A 687 7.14 73.49 -1.59
CA GLU A 687 6.88 74.42 -2.69
C GLU A 687 7.66 75.71 -2.58
N GLY A 688 8.29 75.93 -1.45
CA GLY A 688 9.16 77.10 -1.29
C GLY A 688 8.48 78.22 -0.53
N THR A 689 9.26 78.82 0.36
CA THR A 689 8.84 79.99 1.12
C THR A 689 8.25 81.10 0.21
N VAL A 690 8.74 81.19 -1.02
CA VAL A 690 8.25 82.16 -2.03
C VAL A 690 6.78 81.97 -2.39
N LYS A 691 6.29 80.74 -2.23
CA LYS A 691 4.94 80.35 -2.64
C LYS A 691 3.90 80.28 -1.51
N ALA A 692 4.26 80.74 -0.33
CA ALA A 692 3.34 80.77 0.80
C ALA A 692 1.91 81.17 0.39
N TYR A 693 1.77 82.28 -0.34
CA TYR A 693 0.44 82.82 -0.70
C TYR A 693 -0.52 81.82 -1.34
N VAL A 694 0.04 80.83 -2.05
CA VAL A 694 -0.76 79.84 -2.74
C VAL A 694 -1.69 79.11 -1.80
N TRP A 695 -1.22 78.87 -0.60
CA TRP A 695 -2.02 78.18 0.41
C TRP A 695 -3.38 78.77 0.60
N ASP A 696 -3.48 80.07 0.42
CA ASP A 696 -4.77 80.74 0.56
C ASP A 696 -5.62 80.70 -0.73
N ASN A 697 -5.12 80.06 -1.78
CA ASN A 697 -5.91 79.88 -3.01
C ASN A 697 -6.52 78.49 -3.07
N ASN A 698 -7.84 78.44 -2.97
CA ASN A 698 -8.52 77.16 -2.87
C ASN A 698 -8.19 76.27 -4.03
N LYS A 699 -8.37 76.79 -5.25
CA LYS A 699 -8.26 75.96 -6.43
C LYS A 699 -6.86 75.40 -6.47
N ASP A 700 -5.88 76.27 -6.30
CA ASP A 700 -4.50 75.89 -6.52
C ASP A 700 -4.02 74.92 -5.45
N LEU A 701 -4.41 75.15 -4.20
CA LEU A 701 -4.08 74.21 -3.13
C LEU A 701 -4.80 72.87 -3.30
N ALA A 702 -6.04 72.93 -3.77
CA ALA A 702 -6.83 71.74 -4.07
C ALA A 702 -6.10 70.84 -5.05
N GLU A 703 -5.66 71.43 -6.17
CA GLU A 703 -4.86 70.69 -7.15
C GLU A 703 -3.60 70.09 -6.53
N TRP A 704 -2.96 70.84 -5.64
CA TRP A 704 -1.72 70.41 -5.03
C TRP A 704 -1.90 69.28 -4.09
N LEU A 705 -2.90 69.42 -3.22
CA LEU A 705 -3.27 68.36 -2.29
C LEU A 705 -3.61 67.07 -3.02
N GLU A 706 -4.34 67.18 -4.11
CA GLU A 706 -4.73 65.99 -4.87
C GLU A 706 -3.51 65.27 -5.41
N LYS A 707 -2.59 66.05 -5.99
CA LYS A 707 -1.35 65.48 -6.54
C LYS A 707 -0.64 64.68 -5.44
N GLN A 708 -0.59 65.25 -4.24
CA GLN A 708 0.09 64.56 -3.12
C GLN A 708 -0.60 63.23 -2.75
N LEU A 709 -1.92 63.24 -2.71
CA LEU A 709 -2.72 62.05 -2.33
C LEU A 709 -2.73 60.94 -3.36
N THR A 710 -2.47 61.29 -4.60
CA THR A 710 -2.36 60.30 -5.66
C THR A 710 -0.88 59.86 -5.76
N VAL A 718 5.98 62.30 -1.25
CA VAL A 718 6.64 63.54 -0.76
C VAL A 718 6.04 64.14 0.54
N ILE A 719 4.71 64.21 0.62
CA ILE A 719 3.98 64.21 1.89
C ILE A 719 3.84 62.80 2.44
N GLU A 720 3.36 61.89 1.58
CA GLU A 720 3.14 60.48 1.96
C GLU A 720 4.37 60.01 2.73
N GLU A 721 5.56 60.46 2.32
CA GLU A 721 6.77 60.16 3.04
C GLU A 721 6.77 60.72 4.45
N ASN A 722 6.44 62.00 4.59
CA ASN A 722 6.41 62.65 5.90
C ASN A 722 5.54 61.93 6.89
N ILE A 723 4.41 61.42 6.44
CA ILE A 723 3.47 60.77 7.31
C ILE A 723 4.09 59.48 7.83
N LYS A 724 4.61 58.67 6.92
CA LYS A 724 5.37 57.49 7.33
C LYS A 724 6.37 57.86 8.44
N CYS A 725 7.06 59.00 8.29
CA CYS A 725 7.97 59.48 9.33
C CYS A 725 7.29 59.73 10.66
N ILE A 726 6.16 60.43 10.60
CA ILE A 726 5.42 60.78 11.80
C ILE A 726 4.96 59.55 12.54
N SER A 727 4.62 58.52 11.78
CA SER A 727 4.15 57.29 12.38
C SER A 727 5.29 56.54 13.04
N ARG A 728 6.40 56.42 12.34
CA ARG A 728 7.52 55.70 12.90
C ARG A 728 7.88 56.30 14.23
N ASP A 729 8.01 57.63 14.26
CA ASP A 729 8.32 58.32 15.50
C ASP A 729 7.31 58.02 16.59
N TYR A 730 6.03 58.10 16.25
CA TYR A 730 4.97 57.86 17.24
C TYR A 730 5.06 56.47 17.79
N VAL A 731 5.15 55.48 16.90
CA VAL A 731 5.21 54.09 17.32
C VAL A 731 6.36 53.85 18.26
N LEU A 732 7.50 54.45 17.98
CA LEU A 732 8.63 54.36 18.88
C LEU A 732 8.27 54.89 20.26
N LYS A 733 7.90 56.18 20.31
CA LYS A 733 7.52 56.82 21.55
C LYS A 733 6.42 56.07 22.32
N GLN A 734 5.57 55.37 21.57
CA GLN A 734 4.45 54.67 22.15
C GLN A 734 4.90 53.39 22.83
N ILE A 735 5.80 52.65 22.19
CA ILE A 735 6.40 51.46 22.79
C ILE A 735 7.21 51.85 24.02
N ARG A 736 7.99 52.91 23.91
CA ARG A 736 8.68 53.46 25.06
C ARG A 736 7.73 53.67 26.21
N SER A 737 6.75 54.54 25.97
CA SER A 737 5.79 54.93 27.01
C SER A 737 5.15 53.73 27.69
N LEU A 738 4.91 52.66 26.94
CA LEU A 738 4.23 51.48 27.47
C LEU A 738 5.14 50.77 28.46
N VAL A 739 6.38 50.55 28.06
CA VAL A 739 7.35 49.89 28.93
C VAL A 739 7.68 50.74 30.16
N GLN A 740 7.81 52.06 29.99
CA GLN A 740 8.03 52.97 31.12
C GLN A 740 7.01 52.67 32.19
N ALA A 741 5.74 52.72 31.80
CA ALA A 741 4.64 52.38 32.70
C ALA A 741 4.59 50.90 33.17
N ASN A 742 5.17 49.98 32.40
CA ASN A 742 5.02 48.54 32.71
C ASN A 742 6.31 47.72 32.54
N PRO A 743 7.27 47.94 33.43
CA PRO A 743 8.57 47.36 33.19
C PRO A 743 8.73 45.85 33.29
N GLU A 744 7.86 45.15 34.02
CA GLU A 744 7.96 43.66 34.11
C GLU A 744 7.80 43.01 32.72
N VAL A 745 7.15 43.77 31.84
CA VAL A 745 6.86 43.41 30.46
C VAL A 745 8.06 43.47 29.51
N ALA A 746 9.09 44.22 29.90
CA ALA A 746 10.30 44.39 29.12
C ALA A 746 10.81 43.05 28.58
N MET A 747 11.15 42.14 29.48
CA MET A 747 11.83 40.93 29.06
C MET A 747 11.07 40.21 27.92
N ASP A 748 9.77 40.04 28.08
CA ASP A 748 8.99 39.22 27.15
C ASP A 748 8.80 39.96 25.85
N SER A 749 8.67 41.29 25.93
CA SER A 749 8.57 42.12 24.71
C SER A 749 9.82 41.94 23.82
N ILE A 750 10.98 41.74 24.43
CA ILE A 750 12.19 41.47 23.68
C ILE A 750 12.17 40.11 23.00
N ILE A 751 11.86 39.06 23.74
CA ILE A 751 11.69 37.74 23.11
C ILE A 751 10.91 37.83 21.81
N HIS A 752 9.76 38.48 21.88
CA HIS A 752 8.94 38.61 20.70
C HIS A 752 9.58 39.47 19.66
N MET A 753 10.26 40.53 20.08
CA MET A 753 10.89 41.48 19.14
C MET A 753 12.08 40.94 18.36
N THR A 754 12.78 39.93 18.90
CA THR A 754 14.04 39.45 18.34
C THR A 754 13.81 38.80 17.00
N GLN A 755 12.58 38.42 16.72
CA GLN A 755 12.27 37.72 15.50
C GLN A 755 12.57 38.60 14.33
N HIS A 756 12.22 39.87 14.49
CA HIS A 756 12.29 40.80 13.38
C HIS A 756 13.68 41.41 13.12
N ILE A 757 14.77 40.68 13.46
CA ILE A 757 16.13 41.26 13.31
C ILE A 757 17.32 40.39 12.82
N SER A 758 18.20 41.08 12.11
CA SER A 758 19.30 40.44 11.43
C SER A 758 20.26 39.80 12.41
N PRO A 759 20.65 38.54 12.18
CA PRO A 759 21.75 37.91 12.93
C PRO A 759 22.99 38.78 13.19
N THR A 760 23.20 39.80 12.36
CA THR A 760 24.30 40.75 12.56
C THR A 760 23.87 41.86 13.52
N GLN A 761 22.57 42.06 13.65
CA GLN A 761 22.01 42.98 14.65
C GLN A 761 21.93 42.30 15.99
N ARG A 762 21.79 41.00 16.00
CA ARG A 762 21.77 40.32 17.29
C ARG A 762 23.17 40.51 17.84
N ALA A 763 24.17 40.37 16.96
CA ALA A 763 25.58 40.59 17.35
C ALA A 763 25.76 41.99 17.94
N GLU A 764 25.18 43.02 17.33
CA GLU A 764 25.24 44.36 17.88
C GLU A 764 24.57 44.44 19.26
N VAL A 765 23.32 43.96 19.39
CA VAL A 765 22.59 44.07 20.66
C VAL A 765 23.45 43.48 21.73
N ILE A 766 24.01 42.30 21.48
CA ILE A 766 24.93 41.65 22.40
C ILE A 766 26.16 42.47 22.79
N ARG A 767 26.70 43.27 21.87
CA ARG A 767 27.81 44.16 22.21
C ARG A 767 27.44 45.14 23.31
N ILE A 768 26.15 45.36 23.58
CA ILE A 768 25.76 46.18 24.73
C ILE A 768 24.93 45.50 25.84
N LEU A 769 23.99 44.60 25.53
CA LEU A 769 23.07 43.98 26.54
C LEU A 769 23.82 43.66 27.82
N ASP B 12 -15.01 49.60 -21.96
CA ASP B 12 -15.74 48.59 -21.10
C ASP B 12 -15.05 47.22 -21.07
N LEU B 13 -14.67 46.74 -19.89
CA LEU B 13 -13.94 45.46 -19.76
C LEU B 13 -14.78 44.22 -20.07
N LEU B 14 -15.97 44.15 -19.51
CA LEU B 14 -16.87 43.04 -19.80
C LEU B 14 -17.09 42.88 -21.31
N GLN B 15 -17.56 43.94 -21.97
CA GLN B 15 -17.70 43.88 -23.41
C GLN B 15 -16.43 43.34 -24.03
N SER B 16 -15.29 43.86 -23.59
CA SER B 16 -14.02 43.46 -24.14
C SER B 16 -13.76 41.95 -23.99
N LYS B 17 -14.06 41.43 -22.81
CA LYS B 17 -13.79 40.04 -22.51
C LYS B 17 -14.72 39.08 -23.23
N ARG B 18 -15.97 39.49 -23.43
CA ARG B 18 -16.93 38.62 -24.12
C ARG B 18 -16.55 38.47 -25.57
N PHE B 19 -16.01 39.54 -26.15
CA PHE B 19 -15.55 39.52 -27.52
C PHE B 19 -14.35 38.59 -27.63
N GLN B 20 -13.49 38.67 -26.63
CA GLN B 20 -12.29 37.85 -26.55
C GLN B 20 -12.66 36.37 -26.48
N ALA B 21 -13.72 36.05 -25.74
CA ALA B 21 -14.19 34.67 -25.63
C ALA B 21 -14.77 34.23 -26.95
N GLN B 22 -15.70 35.02 -27.46
CA GLN B 22 -16.32 34.68 -28.74
C GLN B 22 -15.27 34.51 -29.84
N SER B 23 -14.23 35.34 -29.82
CA SER B 23 -13.18 35.22 -30.80
C SER B 23 -12.42 33.91 -30.66
N LEU B 24 -12.46 33.33 -29.48
CA LEU B 24 -11.94 31.97 -29.26
C LEU B 24 -12.99 30.87 -29.41
N GLY B 25 -14.15 31.21 -29.96
CA GLY B 25 -15.24 30.24 -30.12
C GLY B 25 -15.80 29.64 -28.84
N THR B 26 -15.81 30.42 -27.77
CA THR B 26 -16.36 29.96 -26.49
C THR B 26 -17.16 31.08 -25.82
N THR B 27 -17.64 30.79 -24.64
CA THR B 27 -18.46 31.68 -23.88
C THR B 27 -17.68 32.23 -22.71
N TYR B 28 -17.82 33.54 -22.45
CA TYR B 28 -17.23 34.16 -21.28
C TYR B 28 -17.76 33.48 -20.03
N ILE B 29 -16.87 33.20 -19.09
CA ILE B 29 -17.26 32.38 -17.93
C ILE B 29 -18.53 32.87 -17.19
N TYR B 30 -18.63 34.16 -16.90
CA TYR B 30 -19.78 34.68 -16.17
C TYR B 30 -21.08 34.69 -16.94
N ASP B 31 -21.05 34.34 -18.22
CA ASP B 31 -22.29 34.18 -18.97
C ASP B 31 -22.83 32.78 -18.84
N ILE B 32 -22.06 31.86 -18.28
CA ILE B 32 -22.51 30.47 -18.12
C ILE B 32 -23.81 30.31 -17.30
N PRO B 33 -23.88 30.92 -16.12
CA PRO B 33 -25.10 30.82 -15.34
C PRO B 33 -26.39 31.15 -16.10
N GLU B 34 -26.38 32.21 -16.88
CA GLU B 34 -27.57 32.54 -17.63
C GLU B 34 -27.80 31.55 -18.77
N MET B 35 -26.73 30.95 -19.25
CA MET B 35 -26.86 29.92 -20.25
C MET B 35 -27.59 28.73 -19.64
N PHE B 36 -27.39 28.51 -18.35
CA PHE B 36 -28.14 27.48 -17.67
C PHE B 36 -29.61 27.84 -17.65
N ARG B 37 -29.91 29.07 -17.31
CA ARG B 37 -31.30 29.45 -17.20
C ARG B 37 -31.98 29.26 -18.53
N GLN B 38 -31.34 29.66 -19.63
CA GLN B 38 -31.98 29.57 -20.95
C GLN B 38 -32.16 28.10 -21.36
N SER B 39 -31.14 27.30 -21.07
CA SER B 39 -31.19 25.87 -21.35
C SER B 39 -32.29 25.19 -20.56
N LEU B 40 -32.38 25.55 -19.29
CA LEU B 40 -33.41 25.01 -18.42
C LEU B 40 -34.82 25.29 -18.96
N ILE B 41 -35.02 26.46 -19.56
CA ILE B 41 -36.31 26.76 -20.17
C ILE B 41 -36.54 25.80 -21.33
N LYS B 42 -35.53 25.60 -22.17
CA LYS B 42 -35.65 24.68 -23.29
C LYS B 42 -36.01 23.26 -22.77
N LEU B 43 -35.47 22.90 -21.60
CA LEU B 43 -35.69 21.56 -21.06
C LEU B 43 -37.14 21.37 -20.67
N TRP B 44 -37.66 22.34 -19.94
CA TRP B 44 -39.07 22.33 -19.58
C TRP B 44 -39.96 22.16 -20.78
N GLU B 45 -39.51 22.67 -21.92
CA GLU B 45 -40.30 22.65 -23.13
C GLU B 45 -40.21 21.27 -23.72
N SER B 46 -38.99 20.78 -23.91
CA SER B 46 -38.79 19.48 -24.56
C SER B 46 -39.39 18.33 -23.76
N MET B 47 -39.26 18.38 -22.44
CA MET B 47 -39.79 17.32 -21.62
C MET B 47 -41.32 17.30 -21.52
N SER B 48 -42.00 18.39 -21.83
CA SER B 48 -43.46 18.39 -21.70
C SER B 48 -44.07 17.49 -22.76
N THR B 49 -43.33 17.28 -23.85
CA THR B 49 -43.67 16.25 -24.85
C THR B 49 -43.81 14.89 -24.20
N GLN B 50 -42.78 14.52 -23.43
CA GLN B 50 -42.63 13.19 -22.92
C GLN B 50 -43.49 12.91 -21.69
N ALA B 51 -43.64 13.91 -20.82
CA ALA B 51 -44.27 13.74 -19.51
C ALA B 51 -45.25 14.81 -19.16
N PHE B 52 -46.17 14.46 -18.27
CA PHE B 52 -47.10 15.40 -17.70
C PHE B 52 -46.34 16.17 -16.63
N LEU B 53 -46.28 17.48 -16.80
CA LEU B 53 -45.54 18.33 -15.91
C LEU B 53 -46.49 19.35 -15.30
N PRO B 54 -46.15 19.88 -14.12
CA PRO B 54 -46.84 21.09 -13.68
C PRO B 54 -46.52 22.25 -14.60
N SER B 55 -47.19 23.37 -14.40
CA SER B 55 -46.86 24.54 -15.21
C SER B 55 -45.45 24.95 -14.80
N PRO B 56 -44.64 25.35 -15.78
CA PRO B 56 -43.29 25.76 -15.42
C PRO B 56 -43.29 26.94 -14.48
N PRO B 57 -42.21 27.12 -13.70
CA PRO B 57 -42.13 28.33 -12.92
C PRO B 57 -41.70 29.46 -13.81
N LEU B 58 -41.86 30.69 -13.32
CA LEU B 58 -41.35 31.81 -14.08
C LEU B 58 -39.83 31.72 -14.13
N PRO B 59 -39.23 32.18 -15.22
CA PRO B 59 -37.79 32.06 -15.37
C PRO B 59 -36.95 32.62 -14.22
N SER B 60 -37.39 33.71 -13.60
CA SER B 60 -36.65 34.29 -12.49
C SER B 60 -36.64 33.36 -11.29
N ASP B 61 -37.70 32.58 -11.12
CA ASP B 61 -37.79 31.63 -10.00
C ASP B 61 -37.30 30.25 -10.36
N MET B 62 -36.90 30.07 -11.61
CA MET B 62 -36.41 28.79 -12.08
C MET B 62 -34.99 28.44 -11.58
N LEU B 63 -34.14 29.45 -11.36
CA LEU B 63 -32.71 29.22 -11.11
C LEU B 63 -32.15 30.27 -10.18
N THR B 64 -31.34 29.85 -9.22
CA THR B 64 -30.53 30.75 -8.41
C THR B 64 -29.08 30.29 -8.32
N TYR B 65 -28.16 31.23 -8.48
CA TYR B 65 -26.74 30.92 -8.35
C TYR B 65 -26.07 31.84 -7.35
N THR B 66 -25.00 31.34 -6.75
CA THR B 66 -24.14 32.13 -5.86
C THR B 66 -22.66 31.79 -6.08
N GLU B 67 -21.83 32.79 -6.31
CA GLU B 67 -20.43 32.57 -6.65
C GLU B 67 -19.66 32.08 -5.42
N LEU B 68 -18.84 31.06 -5.64
CA LEU B 68 -17.98 30.52 -4.61
C LEU B 68 -16.60 31.09 -4.86
N VAL B 69 -15.97 31.58 -3.79
CA VAL B 69 -14.73 32.33 -3.90
C VAL B 69 -13.79 31.94 -2.75
N LEU B 70 -12.48 31.89 -3.05
CA LEU B 70 -11.46 31.58 -2.01
C LEU B 70 -11.20 32.72 -1.03
N ASP B 71 -11.31 32.47 0.27
CA ASP B 71 -10.96 33.49 1.25
C ASP B 71 -9.44 33.59 1.49
N ASP B 72 -9.05 34.39 2.49
CA ASP B 72 -7.68 34.58 2.88
C ASP B 72 -6.99 33.26 3.29
N GLN B 73 -7.73 32.39 3.97
CA GLN B 73 -7.24 31.12 4.51
C GLN B 73 -7.32 29.99 3.48
N GLY B 74 -7.54 30.32 2.22
CA GLY B 74 -7.77 29.28 1.22
C GLY B 74 -9.03 28.43 1.44
N GLN B 75 -10.05 29.00 2.04
CA GLN B 75 -11.32 28.30 2.26
C GLN B 75 -12.44 28.89 1.43
N LEU B 76 -13.39 28.05 1.06
CA LEU B 76 -14.46 28.45 0.14
C LEU B 76 -15.49 29.27 0.87
N VAL B 77 -15.99 30.29 0.20
CA VAL B 77 -16.93 31.20 0.78
C VAL B 77 -17.93 31.59 -0.29
N HIS B 78 -19.22 31.60 0.05
CA HIS B 78 -20.24 32.19 -0.81
C HIS B 78 -19.96 33.65 -0.84
N MET B 79 -19.96 34.26 -2.01
CA MET B 79 -19.72 35.70 -2.13
C MET B 79 -20.69 36.36 -3.10
N ASN B 80 -21.25 37.45 -2.62
CA ASN B 80 -22.09 38.28 -3.41
C ASN B 80 -21.26 39.34 -4.07
N ARG B 81 -20.83 39.09 -5.29
CA ARG B 81 -20.26 40.17 -6.07
C ARG B 81 -20.63 40.19 -7.55
N LEU B 82 -20.39 41.33 -8.16
CA LEU B 82 -20.76 41.55 -9.55
C LEU B 82 -19.89 40.72 -10.46
N PRO B 83 -20.46 40.17 -11.53
CA PRO B 83 -19.69 39.40 -12.48
C PRO B 83 -18.56 40.18 -13.09
N GLY B 84 -17.48 39.46 -13.40
CA GLY B 84 -16.27 40.02 -13.98
C GLY B 84 -15.18 40.25 -12.95
N GLY B 85 -15.44 39.79 -11.73
CA GLY B 85 -14.56 40.11 -10.62
C GLY B 85 -13.44 39.13 -10.31
N ASN B 86 -13.32 38.06 -11.06
CA ASN B 86 -12.32 37.08 -10.72
C ASN B 86 -10.91 37.63 -10.69
N GLU B 87 -10.13 37.19 -9.72
CA GLU B 87 -8.69 37.53 -9.64
C GLU B 87 -7.80 36.30 -9.87
N ILE B 88 -8.42 35.22 -10.30
CA ILE B 88 -7.74 34.00 -10.68
C ILE B 88 -8.52 33.36 -11.86
N GLY B 89 -7.90 32.41 -12.54
CA GLY B 89 -8.45 31.86 -13.79
C GLY B 89 -9.48 30.77 -13.64
N MET B 90 -10.14 30.76 -12.50
CA MET B 90 -11.16 29.74 -12.20
C MET B 90 -12.32 30.41 -11.48
N VAL B 91 -13.52 29.98 -11.86
CA VAL B 91 -14.77 30.48 -11.28
C VAL B 91 -15.68 29.29 -10.94
N ALA B 92 -16.42 29.42 -9.85
CA ALA B 92 -17.27 28.34 -9.40
C ALA B 92 -18.54 28.92 -8.78
N TRP B 93 -19.64 28.19 -8.90
CA TRP B 93 -20.89 28.58 -8.24
C TRP B 93 -21.61 27.41 -7.70
N LYS B 94 -22.40 27.65 -6.67
CA LYS B 94 -23.44 26.71 -6.31
C LYS B 94 -24.67 27.19 -7.04
N MET B 95 -25.40 26.24 -7.63
CA MET B 95 -26.63 26.53 -8.35
C MET B 95 -27.80 25.70 -7.85
N THR B 96 -28.94 26.33 -7.68
CA THR B 96 -30.17 25.63 -7.34
C THR B 96 -31.19 25.97 -8.38
N PHE B 97 -31.86 24.97 -8.94
CA PHE B 97 -32.88 25.22 -9.95
C PHE B 97 -34.01 24.24 -9.93
N LYS B 98 -35.15 24.69 -10.43
CA LYS B 98 -36.39 23.90 -10.48
C LYS B 98 -36.44 23.28 -11.88
N SER B 99 -36.56 21.97 -11.94
CA SER B 99 -36.58 21.25 -13.21
C SER B 99 -37.77 20.31 -13.30
N PRO B 100 -38.12 19.89 -14.52
CA PRO B 100 -39.26 19.00 -14.73
C PRO B 100 -39.24 17.77 -13.82
N GLU B 101 -38.05 17.20 -13.64
CA GLU B 101 -37.87 16.00 -12.82
C GLU B 101 -37.82 16.32 -11.31
N TYR B 102 -37.35 17.54 -10.97
CA TYR B 102 -37.22 18.02 -9.59
C TYR B 102 -37.82 19.44 -9.49
N PRO B 103 -39.15 19.54 -9.51
CA PRO B 103 -39.78 20.86 -9.59
C PRO B 103 -39.68 21.67 -8.32
N GLU B 104 -39.49 20.99 -7.19
CA GLU B 104 -39.25 21.69 -5.94
C GLU B 104 -37.79 22.15 -5.85
N GLY B 105 -36.94 21.67 -6.76
CA GLY B 105 -35.59 22.16 -6.91
C GLY B 105 -34.50 21.12 -6.69
N ARG B 106 -33.34 21.38 -7.27
CA ARG B 106 -32.17 20.51 -7.09
C ARG B 106 -30.93 21.35 -7.18
N ASP B 107 -29.84 20.90 -6.57
CA ASP B 107 -28.58 21.69 -6.44
C ASP B 107 -27.48 21.05 -7.20
N ILE B 108 -26.60 21.89 -7.77
CA ILE B 108 -25.33 21.42 -8.38
C ILE B 108 -24.21 22.39 -8.05
N ILE B 109 -22.97 21.93 -8.20
CA ILE B 109 -21.82 22.82 -8.21
C ILE B 109 -21.23 22.90 -9.60
N VAL B 110 -21.00 24.12 -10.05
CA VAL B 110 -20.40 24.35 -11.37
C VAL B 110 -19.07 25.07 -11.29
N ILE B 111 -18.05 24.47 -11.87
CA ILE B 111 -16.72 25.07 -11.90
C ILE B 111 -16.32 25.31 -13.34
N GLY B 112 -15.63 26.39 -13.58
CA GLY B 112 -15.20 26.71 -14.95
C GLY B 112 -13.93 27.49 -15.01
N ASN B 113 -13.11 27.15 -15.99
CA ASN B 113 -11.95 27.98 -16.32
C ASN B 113 -12.39 29.31 -16.91
N ASP B 114 -11.61 30.35 -16.67
CA ASP B 114 -11.78 31.57 -17.45
C ASP B 114 -10.74 31.65 -18.54
N ILE B 115 -11.09 31.27 -19.76
CA ILE B 115 -10.05 31.25 -20.81
C ILE B 115 -9.46 32.60 -21.06
N THR B 116 -10.18 33.67 -20.70
CA THR B 116 -9.60 35.01 -20.83
C THR B 116 -8.53 35.36 -19.79
N TYR B 117 -8.47 34.64 -18.66
CA TYR B 117 -7.45 34.94 -17.63
C TYR B 117 -6.22 34.06 -17.78
N ARG B 118 -5.16 34.64 -18.30
CA ARG B 118 -3.87 33.95 -18.51
C ARG B 118 -4.12 32.70 -19.32
N ILE B 119 -4.65 32.91 -20.52
CA ILE B 119 -5.06 31.86 -21.45
C ILE B 119 -5.69 30.65 -20.79
N GLY B 120 -6.44 30.86 -19.73
CA GLY B 120 -7.06 29.75 -19.02
C GLY B 120 -6.10 28.72 -18.46
N SER B 121 -4.88 29.13 -18.15
CA SER B 121 -3.94 28.26 -17.45
C SER B 121 -4.37 27.91 -16.04
N PHE B 122 -3.67 26.91 -15.50
CA PHE B 122 -3.94 26.33 -14.20
C PHE B 122 -2.78 26.65 -13.27
N GLY B 123 -2.91 27.74 -12.53
CA GLY B 123 -1.99 28.04 -11.46
C GLY B 123 -2.43 27.38 -10.14
N PRO B 124 -1.64 27.55 -9.09
CA PRO B 124 -1.97 26.96 -7.82
C PRO B 124 -3.27 27.47 -7.20
N GLN B 125 -3.58 28.75 -7.38
CA GLN B 125 -4.84 29.27 -6.86
C GLN B 125 -6.03 28.76 -7.66
N GLU B 126 -5.84 28.64 -8.95
CA GLU B 126 -6.85 28.13 -9.80
C GLU B 126 -7.08 26.68 -9.40
N ASP B 127 -5.98 25.96 -9.16
CA ASP B 127 -6.06 24.55 -8.75
C ASP B 127 -6.84 24.44 -7.41
N LEU B 128 -6.67 25.41 -6.52
CA LEU B 128 -7.21 25.29 -5.18
C LEU B 128 -8.72 25.55 -5.18
N LEU B 129 -9.16 26.54 -5.96
CA LEU B 129 -10.58 26.77 -6.07
C LEU B 129 -11.27 25.52 -6.58
N PHE B 130 -10.72 24.96 -7.65
CA PHE B 130 -11.28 23.73 -8.19
C PHE B 130 -11.38 22.68 -7.11
N LEU B 131 -10.29 22.49 -6.37
CA LEU B 131 -10.29 21.49 -5.33
C LEU B 131 -11.46 21.72 -4.35
N ARG B 132 -11.57 22.94 -3.87
CA ARG B 132 -12.50 23.23 -2.81
C ARG B 132 -13.94 23.21 -3.24
N ALA B 133 -14.17 23.58 -4.49
CA ALA B 133 -15.51 23.52 -5.02
C ALA B 133 -15.89 22.06 -5.16
N SER B 134 -14.93 21.24 -5.61
CA SER B 134 -15.17 19.80 -5.76
C SER B 134 -15.47 19.15 -4.38
N GLU B 135 -14.67 19.52 -3.41
CA GLU B 135 -14.83 19.07 -2.08
C GLU B 135 -16.23 19.35 -1.57
N LEU B 136 -16.74 20.52 -1.90
CA LEU B 136 -18.04 20.93 -1.37
C LEU B 136 -19.10 20.09 -2.04
N ALA B 137 -18.93 19.85 -3.35
CA ALA B 137 -19.86 19.02 -4.10
C ALA B 137 -19.95 17.68 -3.39
N ARG B 138 -18.81 17.11 -3.02
CA ARG B 138 -18.82 15.79 -2.39
C ARG B 138 -19.46 15.87 -1.04
N ALA B 139 -19.20 16.95 -0.33
CA ALA B 139 -19.71 17.13 1.00
C ALA B 139 -21.24 17.09 1.03
N GLU B 140 -21.89 17.65 0.02
CA GLU B 140 -23.32 17.72 0.01
C GLU B 140 -23.93 16.61 -0.82
N GLY B 141 -23.09 15.87 -1.53
CA GLY B 141 -23.57 14.72 -2.30
C GLY B 141 -24.13 15.10 -3.64
N ILE B 142 -23.95 16.35 -4.04
CA ILE B 142 -24.56 16.87 -5.24
C ILE B 142 -23.57 16.83 -6.41
N PRO B 143 -24.08 16.86 -7.64
CA PRO B 143 -23.21 16.70 -8.80
C PRO B 143 -22.22 17.81 -9.01
N ARG B 144 -21.12 17.50 -9.69
CA ARG B 144 -20.11 18.50 -10.02
C ARG B 144 -20.00 18.63 -11.53
N ILE B 145 -20.35 19.81 -12.01
CA ILE B 145 -20.23 20.12 -13.46
C ILE B 145 -19.00 20.98 -13.70
N TYR B 146 -18.12 20.53 -14.58
CA TYR B 146 -16.90 21.30 -14.91
C TYR B 146 -16.93 21.75 -16.33
N VAL B 147 -16.95 23.05 -16.54
CA VAL B 147 -16.83 23.60 -17.89
C VAL B 147 -15.34 23.88 -18.18
N SER B 148 -14.74 23.09 -19.07
CA SER B 148 -13.32 23.12 -19.33
C SER B 148 -13.01 23.92 -20.58
N ALA B 149 -12.28 25.03 -20.40
CA ALA B 149 -11.70 25.74 -21.55
C ALA B 149 -10.43 26.33 -21.05
N ASN B 150 -9.30 25.72 -21.39
CA ASN B 150 -8.06 25.98 -20.70
C ASN B 150 -6.80 25.67 -21.50
N SER B 151 -5.66 25.89 -20.89
CA SER B 151 -4.36 25.67 -21.55
C SER B 151 -3.46 24.86 -20.67
N GLY B 152 -4.07 24.10 -19.77
CA GLY B 152 -3.29 23.30 -18.86
C GLY B 152 -2.45 24.12 -17.90
N ALA B 153 -1.41 23.47 -17.37
CA ALA B 153 -0.71 24.00 -16.26
C ALA B 153 -0.10 25.27 -16.68
N ARG B 154 0.02 26.21 -15.75
CA ARG B 154 0.70 27.44 -16.01
C ARG B 154 2.23 27.24 -16.23
N ILE B 155 2.76 28.04 -17.14
CA ILE B 155 4.18 28.04 -17.48
C ILE B 155 4.75 29.44 -17.32
N GLY B 156 6.03 29.49 -17.01
CA GLY B 156 6.70 30.75 -17.00
C GLY B 156 8.18 30.64 -16.83
N LEU B 157 8.83 31.77 -17.08
CA LEU B 157 10.22 31.96 -16.74
C LEU B 157 10.33 33.16 -15.78
N ALA B 158 11.33 33.13 -14.91
CA ALA B 158 11.60 34.26 -14.04
C ALA B 158 11.95 35.49 -14.82
N GLU B 159 10.99 36.41 -14.92
CA GLU B 159 11.20 37.66 -15.65
C GLU B 159 12.36 38.47 -15.08
N GLU B 160 12.44 38.52 -13.74
CA GLU B 160 13.44 39.30 -13.04
C GLU B 160 14.86 38.92 -13.46
N ILE B 161 15.06 37.64 -13.79
CA ILE B 161 16.37 37.16 -14.24
C ILE B 161 16.58 37.25 -15.74
N ARG B 162 15.52 36.96 -16.50
CA ARG B 162 15.60 36.97 -17.94
C ARG B 162 16.20 38.28 -18.49
N HIS B 163 15.89 39.40 -17.87
CA HIS B 163 16.28 40.65 -18.45
C HIS B 163 17.62 41.12 -17.98
N MET B 164 18.32 40.32 -17.17
CA MET B 164 19.61 40.74 -16.65
C MET B 164 20.75 39.73 -16.68
N PHE B 165 20.50 38.52 -17.18
CA PHE B 165 21.58 37.52 -17.21
C PHE B 165 22.53 37.79 -18.35
N HIS B 166 23.76 37.33 -18.18
CA HIS B 166 24.80 37.46 -19.20
C HIS B 166 25.33 36.10 -19.56
N VAL B 167 25.91 36.01 -20.74
CA VAL B 167 26.45 34.78 -21.25
C VAL B 167 27.97 34.80 -21.15
N ALA B 168 28.56 33.74 -20.62
CA ALA B 168 30.01 33.58 -20.56
C ALA B 168 30.49 32.86 -21.80
N TRP B 169 30.82 33.62 -22.84
CA TRP B 169 31.22 33.03 -24.11
C TRP B 169 32.54 32.40 -24.01
N VAL B 170 32.73 31.31 -24.75
CA VAL B 170 34.05 30.75 -24.95
C VAL B 170 34.92 31.83 -25.59
N ASP B 171 34.36 32.53 -26.57
CA ASP B 171 35.05 33.67 -27.19
C ASP B 171 34.05 34.73 -27.65
N PRO B 172 34.17 35.97 -27.15
CA PRO B 172 33.23 37.02 -27.58
C PRO B 172 33.36 37.39 -29.07
N GLU B 173 34.59 37.50 -29.58
CA GLU B 173 34.78 37.78 -31.01
C GLU B 173 34.27 36.59 -31.89
N ASP B 174 33.83 35.47 -31.29
CA ASP B 174 33.03 34.42 -32.00
C ASP B 174 32.13 33.59 -31.06
N PRO B 175 30.80 33.84 -31.13
CA PRO B 175 29.91 33.15 -30.24
C PRO B 175 29.74 31.69 -30.62
N TYR B 176 29.86 31.39 -31.91
CA TYR B 176 29.60 30.04 -32.36
C TYR B 176 30.67 29.08 -31.90
N LYS B 177 31.79 29.62 -31.38
CA LYS B 177 32.76 28.83 -30.63
C LYS B 177 32.22 28.48 -29.22
N GLY B 178 30.89 28.52 -29.02
CA GLY B 178 30.25 28.03 -27.78
C GLY B 178 30.25 28.99 -26.60
N TYR B 179 29.39 28.70 -25.62
CA TYR B 179 29.33 29.43 -24.34
C TYR B 179 29.55 28.49 -23.16
N ARG B 180 30.06 29.02 -22.06
CA ARG B 180 30.40 28.21 -20.89
C ARG B 180 29.29 28.14 -19.86
N TYR B 181 28.73 29.30 -19.50
CA TYR B 181 27.66 29.36 -18.48
C TYR B 181 26.97 30.70 -18.51
N LEU B 182 25.81 30.77 -17.84
CA LEU B 182 25.08 32.02 -17.67
C LEU B 182 25.34 32.59 -16.29
N TYR B 183 25.30 33.90 -16.16
CA TYR B 183 25.62 34.52 -14.87
C TYR B 183 25.04 35.90 -14.69
N LEU B 184 25.15 36.42 -13.46
CA LEU B 184 24.69 37.77 -13.10
C LEU B 184 25.89 38.59 -12.66
N THR B 185 25.93 39.85 -13.02
CA THR B 185 26.98 40.73 -12.51
C THR B 185 26.76 40.91 -11.02
N PRO B 186 27.82 41.25 -10.27
CA PRO B 186 27.63 41.39 -8.82
C PRO B 186 26.63 42.51 -8.49
N GLN B 187 26.63 43.55 -9.33
CA GLN B 187 25.64 44.62 -9.22
C GLN B 187 24.21 44.05 -9.31
N ASP B 188 23.95 43.26 -10.36
CA ASP B 188 22.65 42.63 -10.59
C ASP B 188 22.30 41.58 -9.56
N TYR B 189 23.31 40.87 -9.06
CA TYR B 189 23.05 39.83 -8.09
C TYR B 189 22.57 40.45 -6.79
N LYS B 190 23.20 41.58 -6.43
CA LYS B 190 23.04 42.21 -5.11
C LYS B 190 21.62 42.65 -4.79
N ARG B 191 20.67 42.32 -5.67
CA ARG B 191 19.30 42.84 -5.57
C ARG B 191 18.28 41.73 -5.60
N VAL B 192 18.37 40.90 -6.63
CA VAL B 192 17.63 39.64 -6.69
C VAL B 192 17.99 38.68 -5.53
N SER B 193 19.22 38.78 -5.03
CA SER B 193 19.73 37.86 -3.97
C SER B 193 18.84 37.80 -2.73
N ALA B 194 18.39 38.97 -2.29
CA ALA B 194 17.50 39.08 -1.14
C ALA B 194 16.14 38.40 -1.32
N LEU B 195 15.78 38.03 -2.54
CA LEU B 195 14.37 37.81 -2.87
C LEU B 195 14.01 36.41 -3.29
N ASN B 196 14.89 35.43 -3.04
CA ASN B 196 14.60 34.03 -3.43
C ASN B 196 14.38 33.83 -4.92
N SER B 197 15.21 34.49 -5.73
CA SER B 197 15.07 34.42 -7.17
C SER B 197 16.03 33.41 -7.76
N VAL B 198 17.27 33.44 -7.32
CA VAL B 198 18.26 32.52 -7.88
C VAL B 198 19.21 31.96 -6.87
N HIS B 199 19.93 30.92 -7.29
CA HIS B 199 21.09 30.44 -6.58
C HIS B 199 22.28 30.62 -7.46
N CYS B 200 23.31 31.26 -6.93
CA CYS B 200 24.56 31.38 -7.68
C CYS B 200 25.72 30.90 -6.87
N GLU B 201 26.83 30.72 -7.54
CA GLU B 201 28.11 30.53 -6.88
C GLU B 201 29.03 31.59 -7.49
N HIS B 202 29.78 32.26 -6.63
CA HIS B 202 30.69 33.31 -7.05
C HIS B 202 31.85 32.69 -7.78
N VAL B 203 32.39 33.37 -8.78
CA VAL B 203 33.63 32.92 -9.49
C VAL B 203 34.45 34.12 -10.02
N GLU B 204 35.78 33.99 -10.02
CA GLU B 204 36.65 35.00 -10.71
C GLU B 204 36.94 34.36 -12.06
N ASP B 205 36.68 35.08 -13.13
CA ASP B 205 36.86 34.55 -14.47
C ASP B 205 37.18 35.68 -15.43
N GLU B 206 38.08 35.42 -16.37
CA GLU B 206 38.48 36.42 -17.36
C GLU B 206 38.69 37.79 -16.73
N GLY B 207 39.20 37.82 -15.50
CA GLY B 207 39.42 39.07 -14.79
C GLY B 207 38.23 39.54 -13.96
N GLU B 208 37.03 39.51 -14.54
CA GLU B 208 35.85 40.07 -13.85
C GLU B 208 35.27 39.09 -12.81
N SER B 209 34.49 39.64 -11.88
CA SER B 209 33.84 38.83 -10.85
C SER B 209 32.39 38.55 -11.24
N ARG B 210 32.03 37.28 -11.30
CA ARG B 210 30.70 36.88 -11.78
C ARG B 210 29.94 35.94 -10.82
N TYR B 211 28.63 35.88 -10.98
CA TYR B 211 27.74 34.97 -10.18
C TYR B 211 27.08 33.90 -11.06
N LYS B 212 27.74 32.75 -11.15
CA LYS B 212 27.32 31.67 -12.04
C LYS B 212 25.93 31.21 -11.59
N ILE B 213 24.98 31.22 -12.50
CA ILE B 213 23.63 30.82 -12.16
C ILE B 213 23.56 29.31 -12.17
N THR B 214 23.22 28.74 -11.02
CA THR B 214 23.20 27.30 -10.83
C THR B 214 21.79 26.80 -10.80
N ASP B 215 20.91 27.57 -10.16
CA ASP B 215 19.46 27.26 -10.14
C ASP B 215 18.65 28.57 -10.22
N ILE B 216 17.57 28.57 -11.01
CA ILE B 216 16.66 29.71 -11.07
C ILE B 216 15.40 29.33 -10.36
N ILE B 217 15.08 30.02 -9.29
CA ILE B 217 13.91 29.67 -8.48
C ILE B 217 12.67 30.48 -8.89
N GLY B 218 12.88 31.78 -9.05
CA GLY B 218 11.87 32.66 -9.62
C GLY B 218 10.94 33.19 -8.57
N LYS B 219 11.05 34.49 -8.32
CA LYS B 219 10.31 35.14 -7.25
C LYS B 219 8.80 35.12 -7.50
N GLU B 220 8.37 35.02 -8.75
CA GLU B 220 6.95 34.96 -9.04
C GLU B 220 6.33 33.64 -8.65
N GLU B 221 5.35 33.67 -7.75
CA GLU B 221 4.64 32.45 -7.39
C GLU B 221 3.67 32.04 -8.50
N GLY B 222 3.61 30.75 -8.79
CA GLY B 222 2.64 30.21 -9.74
C GLY B 222 3.18 29.79 -11.10
N ILE B 223 4.47 29.98 -11.33
CA ILE B 223 5.04 29.60 -12.63
C ILE B 223 6.07 28.49 -12.51
N GLY B 224 6.02 27.80 -11.37
CA GLY B 224 7.01 26.78 -11.05
C GLY B 224 6.43 25.41 -10.80
N PRO B 225 7.25 24.53 -10.22
CA PRO B 225 6.83 23.16 -10.06
C PRO B 225 5.74 23.00 -9.05
N GLU B 226 5.44 24.05 -8.29
CA GLU B 226 4.24 24.02 -7.47
C GLU B 226 2.99 23.67 -8.33
N ASN B 227 3.00 24.08 -9.58
CA ASN B 227 1.90 23.80 -10.48
C ASN B 227 1.73 22.33 -10.71
N LEU B 228 2.82 21.57 -10.57
CA LEU B 228 2.75 20.12 -10.81
C LEU B 228 2.02 19.47 -9.67
N ARG B 229 2.34 19.90 -8.45
CA ARG B 229 1.64 19.39 -7.28
C ARG B 229 0.16 19.76 -7.36
N GLY B 230 -0.12 21.02 -7.66
CA GLY B 230 -1.48 21.50 -7.74
C GLY B 230 -2.34 20.73 -8.72
N SER B 231 -1.71 20.35 -9.84
CA SER B 231 -2.43 19.61 -10.87
C SER B 231 -2.71 18.24 -10.36
N GLY B 232 -1.68 17.55 -9.92
CA GLY B 232 -1.87 16.23 -9.31
C GLY B 232 -2.98 16.25 -8.26
N MET B 233 -2.91 17.25 -7.41
CA MET B 233 -3.88 17.46 -6.34
C MET B 233 -5.32 17.40 -6.82
N ILE B 234 -5.62 18.10 -7.91
CA ILE B 234 -6.98 18.09 -8.44
C ILE B 234 -7.26 16.89 -9.33
N ALA B 235 -6.22 16.25 -9.84
CA ALA B 235 -6.42 14.98 -10.56
C ALA B 235 -6.94 14.00 -9.57
N GLY B 236 -6.26 13.92 -8.43
CA GLY B 236 -6.65 13.00 -7.35
C GLY B 236 -8.07 13.28 -6.94
N GLU B 237 -8.37 14.56 -6.71
CA GLU B 237 -9.70 14.95 -6.26
C GLU B 237 -10.77 14.46 -7.23
N SER B 238 -10.49 14.60 -8.50
CA SER B 238 -11.44 14.22 -9.53
C SER B 238 -11.61 12.71 -9.58
N SER B 239 -10.52 11.97 -9.44
CA SER B 239 -10.61 10.52 -9.34
C SER B 239 -11.58 10.13 -8.23
N LEU B 240 -11.49 10.79 -7.09
CA LEU B 240 -12.32 10.47 -5.93
C LEU B 240 -13.75 10.89 -6.20
N ALA B 241 -13.90 12.10 -6.73
CA ALA B 241 -15.22 12.66 -7.00
C ALA B 241 -16.02 11.72 -7.86
N TYR B 242 -15.39 11.11 -8.85
CA TYR B 242 -16.14 10.24 -9.75
C TYR B 242 -16.78 9.10 -9.02
N ASN B 243 -16.02 8.60 -8.05
CA ASN B 243 -16.46 7.52 -7.19
C ASN B 243 -17.40 7.91 -6.06
N GLU B 244 -17.61 9.22 -5.86
CA GLU B 244 -18.46 9.68 -4.76
C GLU B 244 -19.74 10.44 -5.16
N ILE B 245 -19.69 11.17 -6.27
CA ILE B 245 -20.81 11.99 -6.71
C ILE B 245 -20.91 11.93 -8.22
N ILE B 246 -21.93 12.57 -8.78
CA ILE B 246 -22.03 12.59 -10.22
C ILE B 246 -21.07 13.66 -10.78
N THR B 247 -20.25 13.28 -11.73
CA THR B 247 -19.36 14.24 -12.35
C THR B 247 -19.71 14.32 -13.81
N ILE B 248 -19.77 15.56 -14.31
CA ILE B 248 -19.95 15.80 -15.75
C ILE B 248 -19.07 16.95 -16.19
N SER B 249 -18.63 16.91 -17.45
CA SER B 249 -17.69 17.90 -17.95
C SER B 249 -18.05 18.30 -19.37
N LEU B 250 -17.87 19.57 -19.66
CA LEU B 250 -18.14 20.13 -20.98
C LEU B 250 -16.88 20.78 -21.51
N VAL B 251 -16.42 20.35 -22.68
CA VAL B 251 -15.25 20.89 -23.30
C VAL B 251 -15.64 21.88 -24.38
N THR B 252 -15.23 23.14 -24.18
CA THR B 252 -15.79 24.26 -24.94
C THR B 252 -14.87 24.77 -26.02
N CYS B 253 -13.61 24.98 -25.68
CA CYS B 253 -12.69 25.52 -26.64
C CYS B 253 -11.55 24.56 -26.84
N ARG B 254 -10.89 24.26 -25.74
CA ARG B 254 -9.88 23.25 -25.71
C ARG B 254 -9.60 22.92 -24.27
N ALA B 255 -9.34 21.66 -23.99
CA ALA B 255 -8.86 21.21 -22.72
C ALA B 255 -7.49 20.60 -22.96
N ILE B 256 -6.46 21.12 -22.30
CA ILE B 256 -5.08 20.64 -22.44
C ILE B 256 -4.51 20.08 -21.16
N GLY B 257 -3.75 19.00 -21.29
CA GLY B 257 -3.06 18.40 -20.16
C GLY B 257 -3.97 18.17 -18.96
N ILE B 258 -3.66 18.83 -17.84
CA ILE B 258 -4.42 18.56 -16.66
C ILE B 258 -5.91 18.77 -16.97
N GLY B 259 -6.20 19.70 -17.86
CA GLY B 259 -7.55 19.93 -18.29
C GLY B 259 -8.14 18.69 -18.90
N ALA B 260 -7.38 18.06 -19.78
CA ALA B 260 -7.79 16.81 -20.43
C ALA B 260 -8.03 15.68 -19.41
N TYR B 261 -7.12 15.55 -18.44
CA TYR B 261 -7.21 14.50 -17.46
C TYR B 261 -8.38 14.69 -16.51
N LEU B 262 -8.64 15.93 -16.13
CA LEU B 262 -9.77 16.19 -15.25
C LEU B 262 -11.09 15.88 -15.94
N VAL B 263 -11.11 16.05 -17.26
CA VAL B 263 -12.31 15.86 -18.01
C VAL B 263 -12.62 14.39 -18.06
N ARG B 264 -11.54 13.64 -18.18
CA ARG B 264 -11.61 12.20 -18.32
C ARG B 264 -11.87 11.56 -17.00
N LEU B 265 -11.19 12.00 -15.96
CA LEU B 265 -11.45 11.43 -14.64
C LEU B 265 -12.93 11.63 -14.30
N GLY B 266 -13.51 12.73 -14.76
CA GLY B 266 -14.92 12.95 -14.58
C GLY B 266 -15.77 12.02 -15.40
N GLN B 267 -15.18 11.46 -16.45
CA GLN B 267 -15.79 10.37 -17.23
C GLN B 267 -16.87 10.80 -18.23
N ARG B 268 -17.92 11.42 -17.71
CA ARG B 268 -19.07 11.81 -18.49
C ARG B 268 -18.75 13.15 -19.15
N THR B 269 -18.68 13.14 -20.47
CA THR B 269 -18.01 14.19 -21.23
C THR B 269 -18.76 14.61 -22.46
N ILE B 270 -19.04 15.91 -22.54
CA ILE B 270 -19.69 16.53 -23.68
C ILE B 270 -18.66 17.41 -24.36
N GLN B 271 -18.59 17.34 -25.69
CA GLN B 271 -17.53 18.04 -26.44
C GLN B 271 -18.11 18.85 -27.59
N VAL B 272 -17.90 20.15 -27.58
CA VAL B 272 -18.42 20.99 -28.65
C VAL B 272 -17.59 20.75 -29.90
N GLU B 273 -18.24 20.72 -31.06
CA GLU B 273 -17.51 20.59 -32.33
C GLU B 273 -16.41 21.63 -32.43
N ASN B 274 -15.31 21.25 -33.05
CA ASN B 274 -14.14 22.11 -33.23
C ASN B 274 -13.36 22.42 -31.97
N SER B 275 -13.84 21.92 -30.83
CA SER B 275 -13.03 21.91 -29.63
C SER B 275 -12.10 20.74 -29.74
N HIS B 276 -11.06 20.76 -28.93
CA HIS B 276 -10.18 19.61 -28.85
C HIS B 276 -9.60 19.44 -27.50
N LEU B 277 -9.19 18.20 -27.25
CA LEU B 277 -8.95 17.67 -25.93
C LEU B 277 -7.61 16.97 -26.04
N ILE B 278 -6.54 17.57 -25.57
CA ILE B 278 -5.21 17.12 -25.98
C ILE B 278 -4.17 17.15 -24.88
N LEU B 279 -3.07 16.44 -25.11
CA LEU B 279 -1.99 16.38 -24.18
C LEU B 279 -0.88 17.26 -24.64
N THR B 280 -0.56 17.15 -25.93
CA THR B 280 0.46 17.99 -26.54
C THR B 280 -0.08 18.48 -27.85
N GLY B 281 0.31 19.70 -28.19
CA GLY B 281 -0.15 20.35 -29.38
C GLY B 281 0.56 19.85 -30.61
N ALA B 282 -0.13 19.96 -31.72
CA ALA B 282 0.37 19.56 -33.00
C ALA B 282 1.74 20.20 -33.26
N GLY B 283 1.89 21.45 -32.84
CA GLY B 283 3.15 22.14 -33.08
C GLY B 283 4.29 21.46 -32.38
N ALA B 284 4.10 21.25 -31.07
CA ALA B 284 5.10 20.63 -30.24
C ALA B 284 5.56 19.30 -30.83
N LEU B 285 4.58 18.47 -31.23
CA LEU B 285 4.86 17.14 -31.76
C LEU B 285 5.59 17.22 -33.08
N ASN B 286 5.21 18.18 -33.92
CA ASN B 286 5.85 18.30 -35.21
C ASN B 286 7.31 18.65 -35.02
N LYS B 287 7.62 19.52 -34.05
CA LYS B 287 9.02 19.87 -33.75
C LYS B 287 9.81 18.61 -33.35
N VAL B 288 9.26 17.84 -32.42
CA VAL B 288 9.86 16.58 -31.97
C VAL B 288 10.08 15.58 -33.12
N LEU B 289 9.18 15.54 -34.11
CA LEU B 289 9.23 14.56 -35.20
C LEU B 289 9.98 15.05 -36.45
N GLY B 290 10.50 16.28 -36.38
CA GLY B 290 11.33 16.81 -37.44
C GLY B 290 10.65 17.15 -38.75
N ARG B 291 9.33 17.07 -38.80
CA ARG B 291 8.57 17.51 -39.98
C ARG B 291 7.11 17.79 -39.64
N GLU B 292 6.38 18.40 -40.57
CA GLU B 292 4.98 18.76 -40.31
C GLU B 292 4.02 17.58 -40.45
N VAL B 293 4.10 16.65 -39.49
CA VAL B 293 3.23 15.47 -39.49
C VAL B 293 1.74 15.80 -39.30
N TYR B 294 1.43 16.63 -38.31
CA TYR B 294 0.05 17.04 -38.01
C TYR B 294 -0.18 18.50 -38.37
N THR B 295 -1.40 18.82 -38.83
CA THR B 295 -1.74 20.18 -39.27
C THR B 295 -2.70 20.91 -38.33
N SER B 296 -3.38 20.16 -37.48
CA SER B 296 -4.46 20.71 -36.63
C SER B 296 -4.67 19.89 -35.36
N ASN B 297 -4.75 20.55 -34.21
CA ASN B 297 -5.04 19.84 -32.95
C ASN B 297 -6.26 18.95 -33.00
N ASN B 298 -7.24 19.27 -33.84
CA ASN B 298 -8.40 18.39 -33.96
C ASN B 298 -7.96 16.99 -34.44
N GLN B 299 -6.86 16.88 -35.18
CA GLN B 299 -6.35 15.56 -35.60
C GLN B 299 -6.04 14.73 -34.37
N LEU B 300 -5.55 15.40 -33.33
CA LEU B 300 -5.10 14.71 -32.13
C LEU B 300 -6.25 14.55 -31.11
N GLY B 301 -7.04 15.60 -30.92
CA GLY B 301 -8.04 15.62 -29.88
C GLY B 301 -9.44 16.06 -30.25
N GLY B 302 -9.70 16.17 -31.53
CA GLY B 302 -11.00 16.63 -31.98
C GLY B 302 -12.06 15.59 -31.76
N ILE B 303 -13.31 15.93 -32.03
CA ILE B 303 -14.37 14.96 -31.82
C ILE B 303 -14.13 13.72 -32.68
N GLN B 304 -13.48 13.90 -33.82
CA GLN B 304 -13.29 12.74 -34.68
C GLN B 304 -12.38 11.69 -34.06
N ILE B 305 -11.66 12.05 -32.99
CA ILE B 305 -10.88 11.07 -32.23
C ILE B 305 -11.68 10.65 -31.02
N MET B 306 -12.07 11.62 -30.21
CA MET B 306 -12.60 11.32 -28.90
C MET B 306 -14.02 10.82 -28.88
N HIS B 307 -14.83 11.18 -29.86
CA HIS B 307 -16.20 10.67 -29.91
C HIS B 307 -16.16 9.26 -30.41
N ASN B 308 -15.23 9.00 -31.32
CA ASN B 308 -15.01 7.69 -31.89
C ASN B 308 -14.30 6.67 -31.01
N ASN B 309 -13.65 7.09 -29.92
CA ASN B 309 -13.00 6.15 -29.00
C ASN B 309 -13.60 6.09 -27.59
N GLY B 310 -14.69 6.83 -27.38
CA GLY B 310 -15.47 6.74 -26.16
C GLY B 310 -15.01 7.62 -25.00
N VAL B 311 -14.02 8.48 -25.23
CA VAL B 311 -13.58 9.45 -24.23
C VAL B 311 -14.64 10.49 -24.04
N THR B 312 -15.20 10.90 -25.17
CA THR B 312 -16.38 11.78 -25.27
C THR B 312 -17.69 11.01 -25.44
N HIS B 313 -18.68 11.35 -24.64
CA HIS B 313 -19.99 10.69 -24.70
C HIS B 313 -20.90 11.27 -25.74
N CYS B 314 -20.95 12.60 -25.78
CA CYS B 314 -21.79 13.30 -26.75
C CYS B 314 -21.06 14.46 -27.35
N THR B 315 -21.45 14.85 -28.55
CA THR B 315 -20.98 16.08 -29.14
C THR B 315 -22.16 17.02 -29.34
N VAL B 316 -21.87 18.32 -29.29
CA VAL B 316 -22.87 19.36 -29.44
C VAL B 316 -22.31 20.43 -30.36
N CYS B 317 -23.21 21.17 -30.99
CA CYS B 317 -22.83 22.10 -32.06
C CYS B 317 -22.36 23.42 -31.47
N ASP B 318 -22.76 23.70 -30.24
CA ASP B 318 -22.33 24.93 -29.54
C ASP B 318 -22.42 24.79 -28.02
N ASP B 319 -21.96 25.82 -27.31
CA ASP B 319 -21.92 25.81 -25.84
C ASP B 319 -23.33 25.72 -25.27
N PHE B 320 -24.27 26.46 -25.83
CA PHE B 320 -25.63 26.38 -25.34
C PHE B 320 -26.14 24.92 -25.34
N GLU B 321 -25.94 24.21 -26.43
CA GLU B 321 -26.41 22.84 -26.55
C GLU B 321 -25.64 21.94 -25.58
N GLY B 322 -24.42 22.34 -25.26
CA GLY B 322 -23.64 21.65 -24.24
C GLY B 322 -24.34 21.73 -22.90
N VAL B 323 -24.65 22.95 -22.47
CA VAL B 323 -25.26 23.12 -21.17
C VAL B 323 -26.59 22.39 -21.14
N PHE B 324 -27.34 22.49 -22.22
CA PHE B 324 -28.58 21.76 -22.29
C PHE B 324 -28.35 20.26 -22.08
N THR B 325 -27.36 19.70 -22.75
CA THR B 325 -27.06 18.27 -22.59
C THR B 325 -26.73 17.93 -21.13
N VAL B 326 -25.97 18.78 -20.47
CA VAL B 326 -25.71 18.57 -19.05
C VAL B 326 -27.05 18.43 -18.30
N LEU B 327 -27.93 19.40 -18.45
CA LEU B 327 -29.20 19.39 -17.77
C LEU B 327 -30.05 18.22 -18.18
N HIS B 328 -29.93 17.85 -19.44
CA HIS B 328 -30.70 16.73 -19.97
C HIS B 328 -30.28 15.45 -19.33
N TRP B 329 -28.97 15.23 -19.24
CA TRP B 329 -28.47 14.08 -18.54
C TRP B 329 -28.93 14.06 -17.11
N LEU B 330 -28.71 15.17 -16.41
CA LEU B 330 -29.07 15.22 -15.00
C LEU B 330 -30.54 14.85 -14.80
N SER B 331 -31.38 15.00 -15.82
CA SER B 331 -32.82 14.78 -15.64
C SER B 331 -33.15 13.33 -15.40
N TYR B 332 -32.21 12.45 -15.72
CA TYR B 332 -32.34 11.03 -15.40
C TYR B 332 -31.74 10.69 -14.04
N MET B 333 -31.11 11.64 -13.37
CA MET B 333 -30.23 11.32 -12.27
C MET B 333 -30.75 11.89 -10.95
N PRO B 334 -30.53 11.17 -9.85
CA PRO B 334 -31.01 11.65 -8.58
C PRO B 334 -30.31 12.91 -8.10
N LYS B 335 -31.11 13.76 -7.53
CA LYS B 335 -30.79 15.09 -7.04
C LYS B 335 -29.45 15.17 -6.28
N SER B 336 -29.23 14.13 -5.47
CA SER B 336 -28.01 13.95 -4.68
C SER B 336 -27.76 12.46 -4.52
N VAL B 337 -26.68 12.09 -3.86
CA VAL B 337 -26.41 10.68 -3.58
C VAL B 337 -27.28 10.15 -2.44
N HIS B 338 -27.86 11.05 -1.66
CA HIS B 338 -28.78 10.64 -0.61
C HIS B 338 -30.15 10.38 -1.17
N SER B 339 -30.30 10.48 -2.50
CA SER B 339 -31.64 10.53 -3.09
C SER B 339 -31.92 9.42 -4.07
N SER B 340 -33.21 9.13 -4.18
CA SER B 340 -33.68 8.12 -5.08
C SER B 340 -33.75 8.72 -6.50
N VAL B 341 -33.71 7.86 -7.52
CA VAL B 341 -33.96 8.30 -8.90
C VAL B 341 -35.26 9.10 -9.03
N PRO B 342 -35.24 10.20 -9.80
CA PRO B 342 -36.43 11.03 -9.96
C PRO B 342 -37.41 10.46 -10.96
N LEU B 343 -38.64 10.28 -10.51
CA LEU B 343 -39.69 9.67 -11.31
C LEU B 343 -40.51 10.73 -12.01
N LEU B 344 -40.90 10.49 -13.25
CA LEU B 344 -41.85 11.34 -13.97
C LEU B 344 -43.19 10.64 -14.11
N ASN B 345 -44.24 11.42 -14.37
CA ASN B 345 -45.54 10.86 -14.81
C ASN B 345 -45.55 10.98 -16.31
N SER B 346 -45.20 9.90 -16.99
CA SER B 346 -44.99 10.01 -18.42
C SER B 346 -46.31 9.90 -19.16
N LYS B 347 -46.32 10.43 -20.37
CA LYS B 347 -47.48 10.39 -21.23
C LYS B 347 -47.58 9.06 -21.97
N ASP B 348 -46.52 8.27 -21.93
CA ASP B 348 -46.55 6.92 -22.48
C ASP B 348 -47.09 5.96 -21.42
N PRO B 349 -48.27 5.41 -21.66
CA PRO B 349 -48.82 4.57 -20.62
C PRO B 349 -48.02 3.30 -20.36
N ILE B 350 -48.36 2.67 -19.25
CA ILE B 350 -47.58 1.61 -18.63
C ILE B 350 -48.19 0.31 -19.06
N ASP B 351 -49.52 0.30 -19.15
CA ASP B 351 -50.27 -0.90 -19.55
C ASP B 351 -50.52 -0.99 -21.06
N ARG B 352 -49.56 -0.59 -21.87
CA ARG B 352 -49.65 -0.79 -23.31
C ARG B 352 -48.80 -1.99 -23.71
N ILE B 353 -49.05 -2.49 -24.92
CA ILE B 353 -48.19 -3.50 -25.50
C ILE B 353 -47.07 -2.84 -26.33
N ILE B 354 -45.99 -3.57 -26.54
CA ILE B 354 -44.93 -3.09 -27.41
C ILE B 354 -45.24 -3.54 -28.82
N GLU B 355 -45.27 -2.59 -29.75
CA GLU B 355 -45.66 -2.91 -31.12
C GLU B 355 -44.49 -3.42 -31.92
N PHE B 356 -43.32 -2.82 -31.74
CA PHE B 356 -42.14 -3.29 -32.46
C PHE B 356 -41.70 -4.63 -31.91
N VAL B 357 -41.41 -5.56 -32.81
CA VAL B 357 -41.04 -6.92 -32.43
C VAL B 357 -39.66 -7.27 -33.03
N PRO B 358 -38.69 -7.63 -32.16
CA PRO B 358 -37.40 -8.06 -32.65
C PRO B 358 -37.51 -9.30 -33.51
N THR B 359 -36.62 -9.41 -34.48
CA THR B 359 -36.76 -10.39 -35.56
C THR B 359 -35.48 -11.22 -35.72
N LYS B 360 -35.62 -12.42 -36.28
CA LYS B 360 -34.45 -13.22 -36.66
C LYS B 360 -33.63 -12.40 -37.65
N THR B 361 -34.31 -11.67 -38.54
CA THR B 361 -33.65 -10.73 -39.43
C THR B 361 -32.95 -9.67 -38.62
N PRO B 362 -31.76 -9.24 -39.07
CA PRO B 362 -31.11 -8.25 -38.24
C PRO B 362 -31.88 -6.95 -38.28
N TYR B 363 -31.68 -6.14 -37.26
CA TYR B 363 -32.40 -4.89 -37.08
C TYR B 363 -31.63 -3.93 -36.14
N ASP B 364 -31.92 -2.63 -36.28
CA ASP B 364 -31.36 -1.61 -35.39
C ASP B 364 -32.00 -1.77 -34.03
N PRO B 365 -31.21 -2.06 -33.00
CA PRO B 365 -31.84 -2.29 -31.69
C PRO B 365 -32.40 -1.03 -31.08
N ARG B 366 -32.10 0.12 -31.66
CA ARG B 366 -32.65 1.36 -31.16
C ARG B 366 -34.15 1.33 -31.36
N TRP B 367 -34.59 0.65 -32.41
CA TRP B 367 -36.02 0.46 -32.64
C TRP B 367 -36.64 -0.26 -31.49
N MET B 368 -35.94 -1.26 -30.97
CA MET B 368 -36.45 -2.06 -29.87
C MET B 368 -36.68 -1.22 -28.63
N LEU B 369 -35.83 -0.22 -28.45
CA LEU B 369 -35.85 0.60 -27.24
C LEU B 369 -36.79 1.79 -27.43
N ALA B 370 -36.52 2.56 -28.47
CA ALA B 370 -37.19 3.83 -28.68
C ALA B 370 -38.41 3.73 -29.57
N GLY B 371 -38.52 2.64 -30.32
CA GLY B 371 -39.55 2.50 -31.34
C GLY B 371 -39.06 3.05 -32.66
N ARG B 372 -39.89 2.92 -33.70
CA ARG B 372 -39.55 3.43 -35.01
C ARG B 372 -40.81 3.89 -35.76
N PRO B 373 -40.63 4.62 -36.86
CA PRO B 373 -41.78 4.99 -37.69
C PRO B 373 -42.38 3.79 -38.39
N HIS B 374 -43.70 3.81 -38.61
CA HIS B 374 -44.38 2.70 -39.26
C HIS B 374 -44.01 2.66 -40.73
N PRO B 375 -43.57 1.50 -41.23
CA PRO B 375 -43.33 1.26 -42.67
C PRO B 375 -44.50 1.53 -43.63
N THR B 376 -45.74 1.21 -43.23
CA THR B 376 -46.91 1.47 -44.08
C THR B 376 -47.53 2.83 -43.75
N GLN B 377 -48.65 2.82 -43.02
CA GLN B 377 -49.36 4.06 -42.72
C GLN B 377 -48.57 5.01 -41.79
N LYS B 378 -47.65 5.77 -42.39
CA LYS B 378 -46.98 6.88 -41.70
C LYS B 378 -47.93 8.08 -41.72
N GLY B 379 -47.84 9.04 -40.80
CA GLY B 379 -46.88 9.05 -39.69
C GLY B 379 -47.43 8.51 -38.38
N GLN B 380 -47.75 7.21 -38.36
CA GLN B 380 -47.99 6.47 -37.12
C GLN B 380 -46.65 5.91 -36.59
N TRP B 381 -46.66 5.23 -35.44
CA TRP B 381 -45.44 4.87 -34.72
C TRP B 381 -45.47 3.49 -34.11
N LEU B 382 -44.53 2.64 -34.50
CA LEU B 382 -44.37 1.36 -33.84
C LEU B 382 -43.65 1.56 -32.53
N SER B 383 -44.37 1.36 -31.44
CA SER B 383 -43.85 1.65 -30.11
C SER B 383 -42.75 0.69 -29.70
N GLY B 384 -41.76 1.23 -29.00
CA GLY B 384 -40.66 0.44 -28.46
C GLY B 384 -40.93 0.08 -27.02
N PHE B 385 -39.93 -0.49 -26.37
CA PHE B 385 -40.03 -0.95 -24.99
C PHE B 385 -40.13 0.24 -24.04
N PHE B 386 -39.26 1.22 -24.20
CA PHE B 386 -39.22 2.35 -23.25
C PHE B 386 -40.16 3.47 -23.65
N ASP B 387 -40.37 4.37 -22.70
CA ASP B 387 -41.23 5.53 -22.83
C ASP B 387 -40.86 6.31 -24.08
N TYR B 388 -41.86 6.62 -24.88
CA TYR B 388 -41.64 7.42 -26.07
C TYR B 388 -40.77 8.62 -25.78
N GLY B 389 -39.69 8.76 -26.55
CA GLY B 389 -38.84 9.94 -26.47
C GLY B 389 -37.89 9.96 -25.30
N SER B 390 -37.75 8.85 -24.58
CA SER B 390 -36.92 8.84 -23.38
C SER B 390 -35.51 8.34 -23.58
N PHE B 391 -35.25 7.63 -24.67
CA PHE B 391 -33.96 6.98 -24.82
C PHE B 391 -32.94 7.98 -25.33
N SER B 392 -31.87 8.16 -24.59
CA SER B 392 -30.83 9.09 -24.96
C SER B 392 -29.49 8.36 -24.95
N GLU B 393 -28.97 8.12 -26.14
CA GLU B 393 -27.78 7.31 -26.30
C GLU B 393 -26.53 8.06 -25.89
N ILE B 394 -25.48 7.31 -25.58
CA ILE B 394 -24.13 7.87 -25.46
C ILE B 394 -23.09 6.97 -26.11
N MET B 395 -21.95 7.56 -26.45
CA MET B 395 -20.83 6.87 -27.10
C MET B 395 -21.27 6.14 -28.39
N GLN B 396 -22.15 6.75 -29.15
CA GLN B 396 -22.81 6.01 -30.25
C GLN B 396 -21.81 5.48 -31.27
N PRO B 397 -20.82 6.29 -31.66
CA PRO B 397 -20.00 5.83 -32.76
C PRO B 397 -18.83 4.94 -32.35
N TRP B 398 -18.71 4.64 -31.06
CA TRP B 398 -17.61 3.80 -30.59
C TRP B 398 -18.11 2.44 -30.21
N ALA B 399 -17.44 1.41 -30.70
CA ALA B 399 -17.79 0.04 -30.36
C ALA B 399 -19.28 -0.12 -30.58
N GLN B 400 -19.68 -0.14 -31.83
CA GLN B 400 -21.07 0.04 -32.19
C GLN B 400 -21.82 -1.27 -32.20
N THR B 401 -21.09 -2.30 -31.81
CA THR B 401 -21.63 -3.61 -31.59
C THR B 401 -22.50 -3.66 -30.36
N VAL B 402 -22.30 -2.68 -29.49
CA VAL B 402 -23.19 -2.51 -28.34
C VAL B 402 -23.73 -1.09 -28.36
N VAL B 403 -24.93 -0.93 -27.82
CA VAL B 403 -25.62 0.36 -27.77
C VAL B 403 -25.89 0.64 -26.30
N VAL B 404 -25.48 1.81 -25.81
CA VAL B 404 -25.74 2.16 -24.42
C VAL B 404 -26.34 3.57 -24.27
N GLY B 405 -27.08 3.76 -23.20
CA GLY B 405 -27.77 5.03 -23.00
C GLY B 405 -28.64 4.99 -21.76
N ARG B 406 -29.47 6.02 -21.63
CA ARG B 406 -30.38 6.15 -20.53
C ARG B 406 -31.77 6.26 -21.12
N ALA B 407 -32.78 5.79 -20.38
CA ALA B 407 -34.15 5.87 -20.84
C ALA B 407 -35.07 5.92 -19.63
N ARG B 408 -36.38 5.93 -19.87
CA ARG B 408 -37.36 5.90 -18.78
C ARG B 408 -38.40 4.83 -19.06
N LEU B 409 -38.71 4.04 -18.01
CA LEU B 409 -39.75 2.98 -18.05
C LEU B 409 -40.82 3.42 -17.08
N GLY B 410 -41.97 3.82 -17.61
CA GLY B 410 -43.03 4.40 -16.79
C GLY B 410 -42.57 5.64 -16.06
N GLY B 411 -41.55 6.31 -16.59
CA GLY B 411 -41.00 7.47 -15.91
C GLY B 411 -39.94 7.14 -14.87
N ILE B 412 -39.57 5.86 -14.75
CA ILE B 412 -38.44 5.50 -13.93
C ILE B 412 -37.23 5.58 -14.85
N PRO B 413 -36.24 6.41 -14.51
CA PRO B 413 -35.03 6.42 -15.32
C PRO B 413 -34.24 5.18 -15.10
N VAL B 414 -33.72 4.61 -16.18
CA VAL B 414 -32.81 3.48 -16.11
C VAL B 414 -31.66 3.64 -17.11
N GLY B 415 -30.57 2.94 -16.83
CA GLY B 415 -29.46 2.84 -17.76
C GLY B 415 -29.72 1.59 -18.57
N VAL B 416 -29.23 1.60 -19.80
CA VAL B 416 -29.62 0.61 -20.79
C VAL B 416 -28.45 0.13 -21.61
N VAL B 417 -28.36 -1.19 -21.75
CA VAL B 417 -27.37 -1.82 -22.64
C VAL B 417 -28.12 -2.74 -23.58
N ALA B 418 -27.84 -2.61 -24.88
CA ALA B 418 -28.49 -3.42 -25.92
C ALA B 418 -27.50 -3.81 -26.98
N VAL B 419 -27.85 -4.79 -27.81
CA VAL B 419 -26.88 -5.34 -28.73
C VAL B 419 -27.24 -5.13 -30.19
N GLU B 420 -26.28 -4.64 -30.95
CA GLU B 420 -26.44 -4.49 -32.39
C GLU B 420 -26.50 -5.87 -33.03
N THR B 421 -27.41 -6.06 -33.97
CA THR B 421 -27.55 -7.34 -34.66
C THR B 421 -27.03 -7.29 -36.09
N ARG B 422 -26.94 -6.10 -36.66
CA ARG B 422 -26.43 -5.91 -38.00
C ARG B 422 -24.92 -5.76 -37.97
N THR B 423 -24.24 -6.19 -39.02
CA THR B 423 -22.79 -6.08 -39.07
C THR B 423 -22.38 -4.65 -39.04
N VAL B 424 -21.43 -4.33 -38.18
CA VAL B 424 -20.89 -3.00 -38.10
C VAL B 424 -19.70 -2.86 -39.05
N GLU B 425 -19.58 -1.71 -39.69
CA GLU B 425 -18.43 -1.42 -40.52
C GLU B 425 -17.64 -0.35 -39.83
N LEU B 426 -16.49 -0.72 -39.30
CA LEU B 426 -15.64 0.21 -38.58
C LEU B 426 -14.59 0.81 -39.51
N SER B 427 -14.52 2.13 -39.52
CA SER B 427 -13.50 2.81 -40.30
C SER B 427 -12.36 3.22 -39.38
N ILE B 428 -11.15 2.78 -39.69
CA ILE B 428 -9.96 3.12 -38.92
C ILE B 428 -9.13 4.13 -39.72
N PRO B 429 -8.90 5.33 -39.17
CA PRO B 429 -8.16 6.36 -39.90
C PRO B 429 -6.70 6.05 -40.01
N ALA B 430 -6.03 6.67 -40.97
CA ALA B 430 -4.59 6.45 -41.16
C ALA B 430 -3.79 7.24 -40.12
N ASP B 431 -2.70 6.64 -39.65
CA ASP B 431 -1.73 7.30 -38.74
C ASP B 431 -0.78 8.15 -39.58
N PRO B 432 -0.85 9.48 -39.45
CA PRO B 432 -0.02 10.35 -40.27
C PRO B 432 1.44 10.28 -39.86
N ALA B 433 1.68 9.93 -38.60
CA ALA B 433 3.03 9.63 -38.10
C ALA B 433 3.73 8.59 -38.97
N ASN B 434 2.97 7.57 -39.36
CA ASN B 434 3.50 6.45 -40.10
C ASN B 434 3.12 6.52 -41.58
N LEU B 435 4.13 6.57 -42.45
CA LEU B 435 3.92 6.70 -43.89
C LEU B 435 3.34 5.44 -44.55
N ASP B 436 3.40 4.28 -43.88
CA ASP B 436 2.78 3.03 -44.40
C ASP B 436 1.25 3.07 -44.30
N SER B 437 0.77 3.47 -43.13
CA SER B 437 -0.64 3.49 -42.79
C SER B 437 -1.59 4.09 -43.86
N GLU B 438 -2.47 3.26 -44.40
CA GLU B 438 -3.65 3.70 -45.16
C GLU B 438 -4.87 3.34 -44.30
N ALA B 439 -5.98 4.08 -44.47
CA ALA B 439 -7.18 3.87 -43.64
C ALA B 439 -7.84 2.50 -43.90
N LYS B 440 -7.71 1.55 -42.96
CA LYS B 440 -8.36 0.24 -43.06
C LYS B 440 -9.90 0.34 -42.73
N ILE B 441 -10.64 -0.71 -43.09
CA ILE B 441 -12.09 -0.78 -42.91
C ILE B 441 -12.43 -2.19 -42.40
N ILE B 442 -13.04 -2.30 -41.23
CA ILE B 442 -13.15 -3.55 -40.52
C ILE B 442 -14.60 -3.99 -40.34
N GLN B 443 -14.85 -5.28 -40.54
CA GLN B 443 -16.15 -5.88 -40.26
C GLN B 443 -16.24 -6.25 -38.79
N GLN B 444 -17.27 -5.81 -38.09
CA GLN B 444 -17.50 -6.26 -36.72
C GLN B 444 -18.86 -6.95 -36.67
N ALA B 445 -18.83 -8.27 -36.55
CA ALA B 445 -20.07 -9.06 -36.55
C ALA B 445 -21.01 -8.62 -35.43
N GLY B 446 -22.31 -8.71 -35.68
CA GLY B 446 -23.31 -8.41 -34.66
C GLY B 446 -23.39 -9.51 -33.61
N GLN B 447 -24.03 -9.20 -32.50
CA GLN B 447 -24.20 -10.15 -31.40
C GLN B 447 -22.89 -10.76 -30.90
N VAL B 448 -21.81 -9.98 -30.97
CA VAL B 448 -20.53 -10.41 -30.42
C VAL B 448 -19.90 -9.32 -29.56
N TRP B 449 -19.20 -9.71 -28.50
CA TRP B 449 -18.42 -8.73 -27.74
C TRP B 449 -17.04 -8.73 -28.30
N PHE B 450 -16.59 -7.53 -28.67
CA PHE B 450 -15.21 -7.35 -29.05
C PHE B 450 -14.54 -6.65 -27.91
N PRO B 451 -13.24 -6.45 -28.00
CA PRO B 451 -12.64 -5.70 -26.95
C PRO B 451 -13.35 -4.35 -26.78
N ASP B 452 -13.51 -3.59 -27.86
CA ASP B 452 -14.16 -2.29 -27.72
C ASP B 452 -15.56 -2.42 -27.12
N SER B 453 -16.38 -3.33 -27.65
CA SER B 453 -17.76 -3.50 -27.16
C SER B 453 -17.80 -3.86 -25.70
N ALA B 454 -16.91 -4.77 -25.30
CA ALA B 454 -16.82 -5.19 -23.89
C ALA B 454 -16.46 -4.02 -22.99
N PHE B 455 -15.52 -3.21 -23.46
CA PHE B 455 -15.05 -2.07 -22.68
C PHE B 455 -16.15 -1.04 -22.57
N LYS B 456 -16.75 -0.67 -23.69
CA LYS B 456 -17.90 0.21 -23.66
C LYS B 456 -18.99 -0.35 -22.71
N THR B 457 -19.19 -1.66 -22.68
CA THR B 457 -20.25 -2.20 -21.83
C THR B 457 -19.89 -2.04 -20.37
N TYR B 458 -18.63 -2.32 -20.06
CA TYR B 458 -18.11 -2.12 -18.72
C TYR B 458 -18.22 -0.67 -18.26
N GLN B 459 -17.92 0.24 -19.19
CA GLN B 459 -17.88 1.66 -18.87
C GLN B 459 -19.28 2.16 -18.62
N ALA B 460 -20.23 1.76 -19.47
CA ALA B 460 -21.63 2.06 -19.27
C ALA B 460 -22.06 1.60 -17.91
N ILE B 461 -21.72 0.34 -17.59
CA ILE B 461 -22.16 -0.22 -16.30
C ILE B 461 -21.64 0.59 -15.14
N LYS B 462 -20.36 0.96 -15.19
CA LYS B 462 -19.78 1.71 -14.09
C LYS B 462 -20.42 3.09 -13.97
N ASP B 463 -20.54 3.80 -15.09
CA ASP B 463 -20.97 5.18 -15.07
C ASP B 463 -22.36 5.21 -14.51
N PHE B 464 -23.27 4.42 -15.09
CA PHE B 464 -24.66 4.39 -14.63
C PHE B 464 -24.77 4.01 -13.17
N ASN B 465 -23.94 3.09 -12.75
CA ASN B 465 -24.05 2.61 -11.42
C ASN B 465 -23.72 3.74 -10.45
N ARG B 466 -22.77 4.57 -10.85
CA ARG B 466 -22.36 5.66 -9.98
C ARG B 466 -23.29 6.83 -10.04
N GLU B 467 -24.17 6.82 -11.02
CA GLU B 467 -25.25 7.82 -11.07
C GLU B 467 -26.32 7.41 -10.10
N GLY B 468 -26.45 6.10 -9.88
CA GLY B 468 -27.45 5.57 -8.97
C GLY B 468 -28.64 5.02 -9.69
N LEU B 469 -28.45 4.68 -10.95
CA LEU B 469 -29.53 4.20 -11.81
C LEU B 469 -29.63 2.70 -11.73
N PRO B 470 -30.86 2.18 -11.83
CA PRO B 470 -31.01 0.77 -12.15
C PRO B 470 -30.54 0.50 -13.57
N LEU B 471 -30.28 -0.77 -13.86
CA LEU B 471 -29.72 -1.21 -15.12
C LEU B 471 -30.66 -2.12 -15.84
N MET B 472 -30.78 -1.96 -17.14
CA MET B 472 -31.49 -2.97 -17.92
C MET B 472 -30.66 -3.43 -19.09
N VAL B 473 -30.30 -4.71 -19.07
CA VAL B 473 -29.52 -5.28 -20.13
C VAL B 473 -30.41 -6.14 -21.00
N PHE B 474 -30.44 -5.81 -22.29
CA PHE B 474 -31.16 -6.61 -23.28
C PHE B 474 -30.16 -7.53 -23.97
N ALA B 475 -29.91 -8.67 -23.32
CA ALA B 475 -28.81 -9.55 -23.67
C ALA B 475 -29.10 -10.31 -24.93
N ASN B 476 -28.14 -10.26 -25.85
CA ASN B 476 -28.25 -10.93 -27.13
C ASN B 476 -26.85 -11.11 -27.72
N TRP B 477 -26.04 -11.90 -27.02
CA TRP B 477 -24.66 -12.12 -27.37
C TRP B 477 -24.39 -13.58 -27.57
N ARG B 478 -23.77 -13.89 -28.70
CA ARG B 478 -23.36 -15.21 -29.02
C ARG B 478 -22.04 -15.59 -28.37
N GLY B 479 -21.27 -14.59 -27.95
CA GLY B 479 -19.94 -14.83 -27.40
C GLY B 479 -19.01 -13.66 -27.56
N PHE B 480 -17.82 -13.79 -27.00
CA PHE B 480 -16.74 -12.84 -27.27
C PHE B 480 -16.02 -13.30 -28.53
N SER B 481 -15.49 -12.37 -29.32
CA SER B 481 -14.70 -12.81 -30.47
C SER B 481 -13.43 -13.39 -29.90
N GLY B 482 -13.08 -14.60 -30.33
CA GLY B 482 -11.95 -15.31 -29.78
C GLY B 482 -10.86 -15.56 -30.79
N GLY B 483 -10.83 -14.72 -31.83
CA GLY B 483 -9.88 -14.87 -32.93
C GLY B 483 -8.55 -14.27 -32.58
N MET B 484 -7.52 -14.57 -33.36
CA MET B 484 -6.17 -14.21 -32.97
C MET B 484 -6.06 -12.75 -32.65
N LYS B 485 -6.56 -11.91 -33.54
CA LYS B 485 -6.37 -10.48 -33.36
C LYS B 485 -7.02 -10.04 -32.08
N ASP B 486 -8.28 -10.40 -31.91
CA ASP B 486 -9.00 -9.89 -30.75
C ASP B 486 -8.45 -10.42 -29.43
N MET B 487 -7.91 -11.63 -29.44
CA MET B 487 -7.32 -12.19 -28.24
C MET B 487 -6.05 -11.41 -27.89
N TYR B 488 -5.20 -11.20 -28.89
CA TYR B 488 -4.04 -10.33 -28.75
C TYR B 488 -4.46 -8.95 -28.26
N ASP B 489 -5.58 -8.47 -28.77
CA ASP B 489 -6.10 -7.15 -28.36
C ASP B 489 -6.86 -7.22 -27.04
N GLN B 490 -6.66 -8.29 -26.30
CA GLN B 490 -6.96 -8.33 -24.88
C GLN B 490 -8.44 -8.47 -24.59
N VAL B 491 -9.18 -9.15 -25.46
CA VAL B 491 -10.62 -9.33 -25.25
C VAL B 491 -10.90 -10.05 -23.94
N LEU B 492 -9.98 -10.91 -23.52
CA LEU B 492 -10.14 -11.64 -22.27
C LEU B 492 -10.16 -10.72 -21.08
N LYS B 493 -9.36 -9.65 -21.14
CA LYS B 493 -9.19 -8.74 -20.01
C LYS B 493 -10.48 -7.98 -19.78
N PHE B 494 -11.11 -7.55 -20.89
CA PHE B 494 -12.27 -6.68 -20.83
C PHE B 494 -13.56 -7.44 -20.58
N GLY B 495 -13.58 -8.71 -20.93
CA GLY B 495 -14.69 -9.57 -20.56
C GLY B 495 -14.74 -9.71 -19.06
N ALA B 496 -13.59 -10.02 -18.45
CA ALA B 496 -13.46 -10.04 -17.00
C ALA B 496 -13.98 -8.77 -16.34
N TYR B 497 -13.73 -7.62 -16.95
CA TYR B 497 -14.14 -6.36 -16.34
C TYR B 497 -15.64 -6.32 -16.15
N ILE B 498 -16.39 -6.77 -17.15
CA ILE B 498 -17.85 -6.83 -17.01
C ILE B 498 -18.28 -7.53 -15.69
N VAL B 499 -17.57 -8.58 -15.31
CA VAL B 499 -17.89 -9.26 -14.07
C VAL B 499 -17.65 -8.31 -12.92
N ASP B 500 -16.45 -7.74 -12.86
CA ASP B 500 -16.14 -6.79 -11.78
C ASP B 500 -17.25 -5.71 -11.77
N GLY B 501 -17.64 -5.23 -12.95
CA GLY B 501 -18.59 -4.14 -13.03
C GLY B 501 -19.92 -4.45 -12.36
N LEU B 502 -20.48 -5.60 -12.70
CA LEU B 502 -21.81 -5.96 -12.22
C LEU B 502 -21.73 -6.30 -10.76
N ARG B 503 -20.60 -6.85 -10.33
CA ARG B 503 -20.50 -7.25 -8.95
C ARG B 503 -20.58 -6.02 -8.04
N GLU B 504 -20.12 -4.88 -8.52
CA GLU B 504 -20.15 -3.63 -7.77
C GLU B 504 -21.51 -2.91 -7.83
N CYS B 505 -22.48 -3.42 -8.60
CA CYS B 505 -23.78 -2.72 -8.73
C CYS B 505 -24.56 -2.69 -7.43
N CYS B 506 -25.20 -1.55 -7.17
CA CYS B 506 -25.90 -1.32 -5.89
C CYS B 506 -27.41 -1.12 -6.00
N GLN B 507 -27.94 -1.14 -7.21
CA GLN B 507 -29.37 -0.95 -7.47
C GLN B 507 -29.74 -2.06 -8.45
N PRO B 508 -31.05 -2.23 -8.73
CA PRO B 508 -31.48 -3.37 -9.54
C PRO B 508 -30.82 -3.49 -10.88
N VAL B 509 -30.46 -4.72 -11.25
CA VAL B 509 -29.94 -5.01 -12.57
C VAL B 509 -30.81 -6.09 -13.19
N LEU B 510 -31.58 -5.75 -14.21
CA LEU B 510 -32.51 -6.71 -14.81
C LEU B 510 -32.02 -7.06 -16.20
N VAL B 511 -31.77 -8.34 -16.41
CA VAL B 511 -31.30 -8.82 -17.70
C VAL B 511 -32.41 -9.57 -18.39
N TYR B 512 -32.61 -9.28 -19.68
CA TYR B 512 -33.70 -9.87 -20.44
C TYR B 512 -33.17 -10.28 -21.79
N ILE B 513 -33.30 -11.56 -22.10
CA ILE B 513 -33.00 -12.03 -23.44
C ILE B 513 -34.27 -11.87 -24.26
N PRO B 514 -34.26 -10.92 -25.19
CA PRO B 514 -35.44 -10.66 -25.99
C PRO B 514 -35.76 -11.76 -26.98
N PRO B 515 -36.96 -11.74 -27.55
CA PRO B 515 -37.33 -12.68 -28.58
C PRO B 515 -36.35 -12.68 -29.76
N GLN B 516 -36.02 -13.88 -30.24
CA GLN B 516 -35.00 -14.11 -31.27
C GLN B 516 -33.59 -13.73 -30.82
N ALA B 517 -33.42 -13.35 -29.57
CA ALA B 517 -32.09 -13.15 -29.08
C ALA B 517 -31.59 -14.50 -28.55
N GLU B 518 -30.29 -14.59 -28.32
CA GLU B 518 -29.66 -15.74 -27.70
C GLU B 518 -28.52 -15.28 -26.80
N LEU B 519 -28.18 -16.10 -25.81
CA LEU B 519 -27.11 -15.80 -24.88
C LEU B 519 -26.32 -17.08 -24.62
N ARG B 520 -25.03 -17.05 -24.91
CA ARG B 520 -24.23 -18.24 -24.97
C ARG B 520 -22.92 -18.17 -24.19
N GLY B 521 -22.55 -19.30 -23.60
CA GLY B 521 -21.20 -19.53 -23.12
C GLY B 521 -20.59 -18.37 -22.37
N GLY B 522 -19.49 -17.85 -22.92
CA GLY B 522 -18.75 -16.78 -22.27
C GLY B 522 -19.63 -15.59 -21.91
N SER B 523 -20.53 -15.24 -22.83
CA SER B 523 -21.32 -14.03 -22.69
C SER B 523 -22.29 -14.19 -21.57
N TRP B 524 -22.83 -15.39 -21.41
CA TRP B 524 -23.71 -15.61 -20.28
C TRP B 524 -22.96 -15.51 -18.99
N VAL B 525 -21.87 -16.26 -18.91
CA VAL B 525 -21.13 -16.38 -17.69
C VAL B 525 -20.81 -15.04 -17.06
N VAL B 526 -20.39 -14.06 -17.86
CA VAL B 526 -20.01 -12.76 -17.28
C VAL B 526 -21.19 -11.92 -16.83
N ILE B 527 -22.41 -12.32 -17.15
CA ILE B 527 -23.58 -11.57 -16.66
C ILE B 527 -24.62 -12.42 -15.94
N ASP B 528 -24.25 -13.60 -15.47
CA ASP B 528 -25.18 -14.39 -14.69
C ASP B 528 -25.56 -13.67 -13.38
N SER B 529 -26.82 -13.79 -13.01
CA SER B 529 -27.36 -13.20 -11.77
C SER B 529 -26.61 -13.65 -10.53
N SER B 530 -25.98 -14.80 -10.63
CA SER B 530 -25.17 -15.31 -9.56
C SER B 530 -24.07 -14.32 -9.10
N ILE B 531 -23.56 -13.49 -10.00
CA ILE B 531 -22.43 -12.61 -9.71
C ILE B 531 -22.81 -11.65 -8.61
N ASN B 532 -24.04 -11.16 -8.67
CA ASN B 532 -24.54 -10.20 -7.72
C ASN B 532 -25.99 -10.51 -7.43
N PRO B 533 -26.23 -11.59 -6.69
CA PRO B 533 -27.57 -12.13 -6.45
C PRO B 533 -28.43 -11.17 -5.66
N ARG B 534 -27.83 -10.39 -4.76
CA ARG B 534 -28.59 -9.36 -4.06
C ARG B 534 -29.38 -8.47 -5.01
N HIS B 535 -28.83 -8.16 -6.18
CA HIS B 535 -29.43 -7.15 -7.07
C HIS B 535 -29.75 -7.59 -8.47
N MET B 536 -29.19 -8.71 -8.93
CA MET B 536 -29.36 -9.06 -10.33
C MET B 536 -30.50 -10.01 -10.52
N GLU B 537 -31.17 -9.87 -11.65
CA GLU B 537 -32.25 -10.75 -12.04
C GLU B 537 -32.19 -11.04 -13.53
N MET B 538 -32.56 -12.25 -13.91
CA MET B 538 -32.40 -12.70 -15.26
C MET B 538 -33.72 -13.22 -15.78
N TYR B 539 -34.08 -12.81 -17.00
CA TYR B 539 -35.33 -13.21 -17.63
C TYR B 539 -35.10 -13.62 -19.09
N ALA B 540 -35.89 -14.56 -19.58
CA ALA B 540 -35.81 -15.00 -20.97
C ALA B 540 -37.18 -14.89 -21.63
N ASP B 541 -37.23 -14.35 -22.85
CA ASP B 541 -38.48 -14.35 -23.62
C ASP B 541 -38.79 -15.77 -24.09
N ARG B 542 -40.05 -16.17 -24.32
CA ARG B 542 -40.27 -17.54 -24.87
C ARG B 542 -39.39 -17.78 -26.07
N GLU B 543 -39.24 -16.78 -26.93
CA GLU B 543 -38.59 -16.96 -28.22
C GLU B 543 -37.09 -16.70 -28.14
N SER B 544 -36.51 -17.01 -26.99
CA SER B 544 -35.09 -16.78 -26.77
C SER B 544 -34.47 -18.14 -26.62
N ARG B 545 -33.14 -18.13 -26.53
CA ARG B 545 -32.36 -19.34 -26.47
C ARG B 545 -31.09 -19.12 -25.67
N GLY B 546 -30.57 -20.16 -25.02
CA GLY B 546 -29.31 -20.04 -24.31
C GLY B 546 -28.64 -21.33 -23.90
N SER B 547 -27.32 -21.36 -24.06
CA SER B 547 -26.52 -22.55 -23.76
C SER B 547 -25.10 -22.19 -23.45
N VAL B 548 -24.36 -23.17 -22.96
CA VAL B 548 -22.91 -23.10 -22.93
C VAL B 548 -22.40 -22.99 -24.37
N LEU B 549 -23.04 -23.73 -25.26
CA LEU B 549 -22.62 -23.80 -26.64
C LEU B 549 -23.79 -23.89 -27.61
N GLU B 550 -23.69 -23.15 -28.71
CA GLU B 550 -24.76 -23.16 -29.72
C GLU B 550 -24.97 -24.54 -30.38
N PRO B 551 -26.16 -24.76 -30.93
CA PRO B 551 -26.48 -26.08 -31.46
C PRO B 551 -25.50 -26.60 -32.51
N GLU B 552 -25.15 -25.78 -33.49
CA GLU B 552 -24.30 -26.25 -34.57
C GLU B 552 -22.97 -26.81 -33.98
N GLY B 553 -22.47 -26.15 -32.95
CA GLY B 553 -21.19 -26.53 -32.36
C GLY B 553 -21.32 -27.68 -31.40
N THR B 554 -22.47 -27.77 -30.75
CA THR B 554 -22.77 -28.90 -29.90
C THR B 554 -22.88 -30.16 -30.73
N VAL B 555 -23.61 -30.12 -31.83
CA VAL B 555 -23.74 -31.29 -32.70
C VAL B 555 -22.37 -31.74 -33.19
N GLU B 556 -21.58 -30.80 -33.66
CA GLU B 556 -20.21 -31.09 -34.07
C GLU B 556 -19.45 -31.97 -33.05
N ILE B 557 -19.59 -31.67 -31.77
CA ILE B 557 -18.88 -32.40 -30.72
C ILE B 557 -19.62 -33.64 -30.24
N LYS B 558 -20.94 -33.56 -30.11
CA LYS B 558 -21.71 -34.60 -29.42
C LYS B 558 -22.85 -35.24 -30.23
N PHE B 559 -22.77 -35.16 -31.55
CA PHE B 559 -23.73 -35.84 -32.43
C PHE B 559 -23.04 -35.99 -33.76
N ARG B 560 -21.97 -36.78 -33.69
CA ARG B 560 -21.05 -36.92 -34.79
C ARG B 560 -21.57 -38.03 -35.67
N ARG B 561 -20.82 -38.35 -36.72
CA ARG B 561 -21.34 -39.22 -37.75
C ARG B 561 -21.92 -40.51 -37.20
N LYS B 562 -21.14 -41.25 -36.40
CA LYS B 562 -21.62 -42.52 -35.83
C LYS B 562 -23.07 -42.36 -35.40
N ASP B 563 -23.32 -41.32 -34.59
CA ASP B 563 -24.65 -41.06 -34.04
C ASP B 563 -25.70 -40.64 -35.08
N LEU B 564 -25.28 -39.95 -36.14
CA LEU B 564 -26.21 -39.63 -37.21
C LEU B 564 -26.67 -40.92 -37.89
N VAL B 565 -25.70 -41.76 -38.24
CA VAL B 565 -25.98 -43.01 -38.94
C VAL B 565 -26.87 -43.86 -38.01
N LYS B 566 -26.53 -43.97 -36.72
CA LYS B 566 -27.44 -44.64 -35.75
C LYS B 566 -28.88 -44.17 -35.88
N THR B 567 -29.07 -42.87 -36.08
CA THR B 567 -30.42 -42.30 -36.19
C THR B 567 -31.09 -42.71 -37.49
N MET B 568 -30.32 -42.70 -38.58
CA MET B 568 -30.81 -43.21 -39.85
C MET B 568 -31.26 -44.67 -39.72
N ARG B 569 -30.42 -45.52 -39.12
CA ARG B 569 -30.74 -46.96 -38.96
C ARG B 569 -32.07 -47.14 -38.22
N ARG B 570 -32.46 -46.15 -37.41
CA ARG B 570 -33.70 -46.23 -36.65
C ARG B 570 -34.89 -45.66 -37.40
N VAL B 571 -34.66 -44.63 -38.20
CA VAL B 571 -35.74 -43.83 -38.73
C VAL B 571 -35.91 -43.88 -40.26
N ASP B 572 -34.82 -43.87 -41.01
CA ASP B 572 -34.95 -43.89 -42.47
C ASP B 572 -35.37 -45.26 -42.95
N PRO B 573 -36.51 -45.32 -43.65
CA PRO B 573 -37.03 -46.61 -44.08
C PRO B 573 -36.13 -47.32 -45.11
N VAL B 574 -35.60 -46.58 -46.07
CA VAL B 574 -34.73 -47.16 -47.08
C VAL B 574 -33.51 -47.78 -46.44
N TYR B 575 -32.87 -47.03 -45.55
CA TYR B 575 -31.70 -47.52 -44.85
C TYR B 575 -32.10 -48.74 -44.06
N ILE B 576 -33.22 -48.64 -43.34
CA ILE B 576 -33.68 -49.79 -42.55
C ILE B 576 -33.81 -51.01 -43.46
N HIS B 577 -34.49 -50.83 -44.59
CA HIS B 577 -34.71 -51.93 -45.52
CA HIS B 577 -34.73 -51.91 -45.54
C HIS B 577 -33.43 -52.56 -45.94
N LEU B 578 -32.50 -51.74 -46.44
CA LEU B 578 -31.17 -52.22 -46.83
C LEU B 578 -30.47 -52.96 -45.71
N ALA B 579 -30.43 -52.38 -44.52
CA ALA B 579 -29.78 -53.00 -43.38
C ALA B 579 -30.42 -54.36 -43.02
N GLU B 580 -31.73 -54.43 -43.18
CA GLU B 580 -32.47 -55.65 -42.93
C GLU B 580 -31.97 -56.75 -43.86
N ARG B 581 -31.59 -56.36 -45.07
CA ARG B 581 -31.19 -57.32 -46.08
C ARG B 581 -29.78 -57.78 -45.89
N LEU B 582 -28.86 -56.85 -45.66
CA LEU B 582 -27.47 -57.22 -45.35
C LEU B 582 -27.48 -58.32 -44.26
N GLY B 583 -28.62 -58.57 -43.62
CA GLY B 583 -28.80 -59.73 -42.75
C GLY B 583 -29.43 -60.99 -43.36
N THR B 584 -29.37 -61.13 -44.68
CA THR B 584 -29.96 -62.28 -45.35
C THR B 584 -28.92 -63.37 -45.50
N PRO B 585 -29.30 -64.62 -45.24
CA PRO B 585 -28.27 -65.65 -45.39
C PRO B 585 -28.04 -66.09 -46.84
N GLU B 586 -26.88 -66.71 -47.05
CA GLU B 586 -26.49 -67.24 -48.35
C GLU B 586 -26.65 -66.25 -49.50
N LEU B 587 -25.85 -65.20 -49.45
CA LEU B 587 -25.83 -64.16 -50.48
C LEU B 587 -24.52 -64.31 -51.24
N SER B 588 -24.50 -63.96 -52.53
CA SER B 588 -23.25 -63.93 -53.28
C SER B 588 -22.43 -62.77 -52.76
N THR B 589 -21.12 -62.95 -52.65
CA THR B 589 -20.28 -61.83 -52.18
C THR B 589 -20.49 -60.63 -53.10
N ALA B 590 -20.90 -60.89 -54.33
CA ALA B 590 -21.37 -59.85 -55.24
C ALA B 590 -22.56 -59.08 -54.69
N GLU B 591 -23.70 -59.76 -54.47
CA GLU B 591 -24.95 -59.14 -53.96
C GLU B 591 -24.66 -58.36 -52.70
N ARG B 592 -23.81 -58.93 -51.85
CA ARG B 592 -23.45 -58.24 -50.63
C ARG B 592 -22.77 -56.89 -50.86
N LYS B 593 -21.63 -56.90 -51.55
CA LYS B 593 -20.92 -55.67 -51.84
C LYS B 593 -21.88 -54.66 -52.49
N GLU B 594 -22.78 -55.11 -53.36
CA GLU B 594 -23.75 -54.17 -53.94
C GLU B 594 -24.62 -53.51 -52.87
N LEU B 595 -25.13 -54.32 -51.94
CA LEU B 595 -25.96 -53.79 -50.85
C LEU B 595 -25.17 -52.83 -49.98
N GLU B 596 -23.97 -53.23 -49.59
CA GLU B 596 -23.14 -52.38 -48.76
C GLU B 596 -22.92 -51.01 -49.43
N ASN B 597 -22.67 -51.00 -50.74
CA ASN B 597 -22.50 -49.74 -51.45
C ASN B 597 -23.78 -48.91 -51.44
N LYS B 598 -24.91 -49.56 -51.74
CA LYS B 598 -26.21 -48.87 -51.71
C LYS B 598 -26.50 -48.23 -50.36
N LEU B 599 -26.03 -48.87 -49.29
CA LEU B 599 -26.10 -48.32 -47.93
C LEU B 599 -25.22 -47.07 -47.77
N LYS B 600 -23.94 -47.20 -48.11
CA LYS B 600 -23.00 -46.06 -47.99
C LYS B 600 -23.44 -44.86 -48.84
N GLU B 601 -24.03 -45.13 -50.01
CA GLU B 601 -24.55 -44.07 -50.88
C GLU B 601 -25.75 -43.38 -50.19
N ARG B 602 -26.63 -44.20 -49.62
CA ARG B 602 -27.81 -43.71 -48.90
C ARG B 602 -27.42 -42.85 -47.72
N GLU B 603 -26.48 -43.37 -46.94
CA GLU B 603 -25.93 -42.65 -45.81
C GLU B 603 -25.46 -41.26 -46.23
N GLU B 604 -24.60 -41.23 -47.24
CA GLU B 604 -24.03 -39.97 -47.70
C GLU B 604 -25.11 -39.02 -48.18
N PHE B 605 -26.06 -39.55 -48.96
CA PHE B 605 -27.21 -38.76 -49.41
C PHE B 605 -28.00 -38.17 -48.25
N LEU B 606 -28.13 -38.92 -47.17
CA LEU B 606 -28.95 -38.49 -46.03
C LEU B 606 -28.25 -37.58 -45.02
N ILE B 607 -26.92 -37.48 -45.06
CA ILE B 607 -26.20 -36.80 -43.98
C ILE B 607 -26.61 -35.34 -43.76
N PRO B 608 -26.63 -34.52 -44.82
CA PRO B 608 -27.01 -33.13 -44.62
C PRO B 608 -28.36 -32.97 -43.93
N ILE B 609 -29.40 -33.60 -44.45
CA ILE B 609 -30.70 -33.49 -43.82
C ILE B 609 -30.68 -33.98 -42.36
N TYR B 610 -29.97 -35.05 -42.09
CA TYR B 610 -29.95 -35.60 -40.74
C TYR B 610 -29.14 -34.72 -39.76
N HIS B 611 -28.16 -34.02 -40.31
CA HIS B 611 -27.44 -33.03 -39.53
C HIS B 611 -28.37 -31.93 -39.10
N GLN B 612 -29.26 -31.51 -39.98
CA GLN B 612 -30.27 -30.51 -39.63
C GLN B 612 -31.13 -31.04 -38.48
N VAL B 613 -31.50 -32.31 -38.56
CA VAL B 613 -32.30 -32.91 -37.51
C VAL B 613 -31.53 -32.83 -36.19
N ALA B 614 -30.24 -33.11 -36.25
CA ALA B 614 -29.40 -33.12 -35.05
C ALA B 614 -29.35 -31.74 -34.41
N VAL B 615 -29.18 -30.69 -35.22
CA VAL B 615 -29.13 -29.34 -34.64
C VAL B 615 -30.45 -29.06 -33.96
N GLN B 616 -31.57 -29.45 -34.57
CA GLN B 616 -32.87 -29.24 -33.95
C GLN B 616 -32.94 -29.89 -32.58
N PHE B 617 -32.51 -31.15 -32.53
CA PHE B 617 -32.46 -31.89 -31.29
C PHE B 617 -31.66 -31.11 -30.25
N ALA B 618 -30.47 -30.64 -30.65
CA ALA B 618 -29.65 -29.88 -29.72
C ALA B 618 -30.40 -28.63 -29.31
N ASP B 619 -31.02 -27.94 -30.27
CA ASP B 619 -31.75 -26.70 -29.98
C ASP B 619 -32.85 -26.87 -28.93
N LEU B 620 -33.51 -28.00 -28.92
CA LEU B 620 -34.55 -28.23 -27.93
C LEU B 620 -34.02 -28.28 -26.50
N HIS B 621 -32.70 -28.42 -26.37
CA HIS B 621 -32.05 -28.35 -25.06
C HIS B 621 -31.82 -26.96 -24.57
N ASP B 622 -31.94 -25.97 -25.46
CA ASP B 622 -31.50 -24.61 -25.20
C ASP B 622 -32.66 -23.67 -24.86
N THR B 623 -33.81 -24.22 -24.51
CA THR B 623 -35.02 -23.42 -24.38
C THR B 623 -35.15 -22.77 -23.02
N PRO B 624 -35.98 -21.71 -22.92
CA PRO B 624 -36.33 -21.07 -21.67
C PRO B 624 -37.00 -22.03 -20.69
N GLY B 625 -37.81 -22.95 -21.23
CA GLY B 625 -38.47 -23.95 -20.40
C GLY B 625 -37.46 -24.62 -19.50
N ARG B 626 -36.37 -25.09 -20.11
CA ARG B 626 -35.31 -25.75 -19.38
C ARG B 626 -34.65 -24.79 -18.39
N MET B 627 -34.32 -23.59 -18.87
CA MET B 627 -33.66 -22.58 -18.06
C MET B 627 -34.38 -22.32 -16.75
N GLN B 628 -35.68 -22.15 -16.83
CA GLN B 628 -36.47 -21.88 -15.65
C GLN B 628 -36.49 -23.09 -14.73
N GLU B 629 -36.75 -24.24 -15.32
CA GLU B 629 -36.81 -25.50 -14.61
C GLU B 629 -35.53 -25.75 -13.81
N LYS B 630 -34.39 -25.47 -14.41
CA LYS B 630 -33.09 -25.67 -13.77
C LYS B 630 -32.70 -24.53 -12.83
N GLY B 631 -33.53 -23.49 -12.77
CA GLY B 631 -33.36 -22.43 -11.79
C GLY B 631 -32.38 -21.32 -12.15
N VAL B 632 -32.04 -21.17 -13.42
CA VAL B 632 -31.11 -20.12 -13.84
C VAL B 632 -31.76 -18.79 -14.25
N ILE B 633 -33.08 -18.78 -14.44
CA ILE B 633 -33.81 -17.55 -14.76
C ILE B 633 -35.02 -17.42 -13.84
N SER B 634 -35.50 -16.19 -13.64
CA SER B 634 -36.58 -15.97 -12.69
C SER B 634 -37.94 -16.19 -13.32
N ASP B 635 -38.05 -15.92 -14.61
CA ASP B 635 -39.31 -16.13 -15.29
C ASP B 635 -39.15 -16.15 -16.81
N ILE B 636 -40.11 -16.77 -17.50
CA ILE B 636 -40.16 -16.68 -18.96
C ILE B 636 -41.16 -15.59 -19.25
N LEU B 637 -40.73 -14.59 -20.01
CA LEU B 637 -41.59 -13.47 -20.34
C LEU B 637 -42.06 -13.53 -21.79
N ASP B 638 -43.02 -12.67 -22.08
CA ASP B 638 -43.56 -12.49 -23.39
C ASP B 638 -43.41 -11.02 -23.75
N TRP B 639 -42.74 -10.79 -24.87
CA TRP B 639 -42.29 -9.47 -25.29
C TRP B 639 -43.35 -8.42 -25.31
N LYS B 640 -44.50 -8.71 -25.91
CA LYS B 640 -45.59 -7.75 -26.04
C LYS B 640 -45.96 -7.09 -24.73
N THR B 641 -45.95 -7.88 -23.67
CA THR B 641 -46.30 -7.38 -22.35
C THR B 641 -45.10 -7.19 -21.40
N SER B 642 -43.88 -7.25 -21.93
CA SER B 642 -42.69 -7.17 -21.10
C SER B 642 -42.52 -5.79 -20.47
N ARG B 643 -42.94 -4.74 -21.17
CA ARG B 643 -42.90 -3.38 -20.63
C ARG B 643 -43.70 -3.31 -19.35
N THR B 644 -44.98 -3.71 -19.41
CA THR B 644 -45.84 -3.69 -18.22
C THR B 644 -45.22 -4.47 -17.10
N PHE B 645 -44.76 -5.69 -17.41
CA PHE B 645 -44.13 -6.53 -16.41
C PHE B 645 -43.00 -5.83 -15.70
N PHE B 646 -42.06 -5.31 -16.48
CA PHE B 646 -40.84 -4.77 -15.94
C PHE B 646 -41.10 -3.47 -15.21
N TYR B 647 -42.09 -2.69 -15.63
CA TYR B 647 -42.39 -1.50 -14.89
C TYR B 647 -42.64 -1.91 -13.45
N TRP B 648 -43.63 -2.76 -13.24
CA TRP B 648 -44.03 -3.09 -11.90
C TRP B 648 -42.95 -3.79 -11.13
N ARG B 649 -42.24 -4.67 -11.80
CA ARG B 649 -41.16 -5.38 -11.14
C ARG B 649 -40.11 -4.42 -10.62
N LEU B 650 -39.64 -3.54 -11.49
CA LEU B 650 -38.62 -2.55 -11.14
C LEU B 650 -39.12 -1.66 -10.02
N ARG B 651 -40.39 -1.33 -10.14
CA ARG B 651 -41.03 -0.42 -9.24
C ARG B 651 -40.98 -0.97 -7.83
N ARG B 652 -41.21 -2.26 -7.65
CA ARG B 652 -41.16 -2.79 -6.28
C ARG B 652 -39.76 -3.12 -5.86
N LEU B 653 -38.95 -3.59 -6.79
CA LEU B 653 -37.55 -3.85 -6.46
C LEU B 653 -37.01 -2.56 -5.84
N LEU B 654 -37.38 -1.41 -6.41
CA LEU B 654 -36.94 -0.12 -5.88
C LEU B 654 -37.53 0.20 -4.53
N LEU B 655 -38.82 -0.09 -4.36
CA LEU B 655 -39.51 0.16 -3.08
C LEU B 655 -39.06 -0.79 -1.99
N GLU B 656 -38.98 -2.07 -2.32
CA GLU B 656 -38.46 -3.06 -1.41
C GLU B 656 -37.05 -2.66 -0.97
N ASP B 657 -36.20 -2.31 -1.92
CA ASP B 657 -34.85 -1.90 -1.58
C ASP B 657 -34.88 -0.74 -0.58
N LEU B 658 -35.77 0.20 -0.82
CA LEU B 658 -35.83 1.41 -0.01
C LEU B 658 -36.12 1.06 1.45
N VAL B 659 -37.06 0.13 1.66
CA VAL B 659 -37.43 -0.32 3.00
C VAL B 659 -36.31 -1.12 3.63
N LYS B 660 -35.73 -2.03 2.86
CA LYS B 660 -34.61 -2.81 3.36
C LYS B 660 -33.45 -1.89 3.81
N LYS B 661 -33.18 -0.83 3.05
CA LYS B 661 -32.12 0.11 3.39
C LYS B 661 -32.40 0.69 4.75
N LYS B 662 -33.67 0.94 5.05
CA LYS B 662 -34.04 1.48 6.35
C LYS B 662 -33.73 0.49 7.46
N ILE B 663 -33.99 -0.78 7.17
CA ILE B 663 -33.76 -1.86 8.13
C ILE B 663 -32.29 -2.00 8.43
N HIS B 664 -31.50 -2.01 7.37
CA HIS B 664 -30.06 -2.15 7.48
C HIS B 664 -29.48 -1.04 8.31
N ASN B 665 -30.04 0.17 8.18
CA ASN B 665 -29.60 1.30 9.00
C ASN B 665 -29.89 1.07 10.46
N ALA B 666 -31.07 0.51 10.75
CA ALA B 666 -31.47 0.21 12.12
C ALA B 666 -30.58 -0.83 12.78
N ASN B 667 -30.02 -1.75 11.99
CA ASN B 667 -29.11 -2.76 12.50
C ASN B 667 -28.19 -3.29 11.41
N PRO B 668 -27.00 -2.68 11.29
CA PRO B 668 -26.02 -3.02 10.25
C PRO B 668 -25.55 -4.46 10.30
N GLU B 669 -25.66 -5.13 11.46
CA GLU B 669 -25.20 -6.51 11.61
C GLU B 669 -26.05 -7.52 10.82
N LEU B 670 -27.28 -7.16 10.49
CA LEU B 670 -28.19 -8.08 9.78
C LEU B 670 -27.78 -8.37 8.34
N THR B 671 -27.74 -9.65 7.95
CA THR B 671 -27.51 -10.05 6.56
C THR B 671 -28.60 -9.67 5.57
N ASP B 672 -28.17 -9.40 4.33
CA ASP B 672 -29.06 -9.23 3.20
C ASP B 672 -30.18 -10.31 3.27
N GLY B 673 -29.79 -11.54 3.61
CA GLY B 673 -30.74 -12.65 3.70
C GLY B 673 -31.76 -12.50 4.81
N GLN B 674 -31.29 -12.19 6.01
CA GLN B 674 -32.20 -12.16 7.17
C GLN B 674 -33.11 -10.98 7.01
N ILE B 675 -32.61 -9.93 6.37
CA ILE B 675 -33.43 -8.74 6.16
C ILE B 675 -34.63 -9.04 5.27
N GLN B 676 -34.38 -9.72 4.16
CA GLN B 676 -35.45 -10.19 3.28
C GLN B 676 -36.51 -10.91 4.09
N ALA B 677 -36.07 -11.92 4.84
CA ALA B 677 -36.97 -12.75 5.61
C ALA B 677 -37.77 -11.93 6.60
N MET B 678 -37.10 -11.04 7.31
CA MET B 678 -37.73 -10.16 8.28
C MET B 678 -38.87 -9.34 7.69
N LEU B 679 -38.62 -8.75 6.53
CA LEU B 679 -39.66 -7.94 5.88
C LEU B 679 -40.81 -8.81 5.45
N ARG B 680 -40.49 -9.93 4.81
CA ARG B 680 -41.51 -10.84 4.35
C ARG B 680 -42.37 -11.32 5.54
N ARG B 681 -41.73 -11.63 6.67
CA ARG B 681 -42.49 -12.11 7.86
C ARG B 681 -43.37 -10.99 8.40
N TRP B 682 -42.91 -9.73 8.35
CA TRP B 682 -43.70 -8.60 8.82
C TRP B 682 -44.91 -8.35 7.97
N PHE B 683 -44.80 -8.64 6.69
CA PHE B 683 -45.92 -8.52 5.78
C PHE B 683 -47.00 -9.54 6.18
N VAL B 684 -46.59 -10.79 6.31
CA VAL B 684 -47.50 -11.85 6.67
C VAL B 684 -48.15 -11.56 8.03
N GLU B 685 -47.36 -11.03 8.96
CA GLU B 685 -47.90 -10.63 10.27
C GLU B 685 -49.01 -9.59 10.09
N VAL B 686 -48.73 -8.53 9.33
CA VAL B 686 -49.71 -7.44 9.14
C VAL B 686 -50.92 -7.82 8.30
N GLU B 687 -50.69 -8.44 7.16
CA GLU B 687 -51.74 -8.69 6.18
C GLU B 687 -52.38 -10.06 6.30
N GLY B 688 -51.81 -10.92 7.13
CA GLY B 688 -52.41 -12.23 7.40
C GLY B 688 -51.78 -13.36 6.60
N THR B 689 -51.57 -14.47 7.29
CA THR B 689 -51.05 -15.69 6.70
C THR B 689 -51.83 -16.09 5.43
N VAL B 690 -53.11 -15.77 5.39
CA VAL B 690 -53.98 -16.01 4.24
C VAL B 690 -53.53 -15.30 2.95
N LYS B 691 -52.81 -14.19 3.12
CA LYS B 691 -52.43 -13.32 2.01
C LYS B 691 -50.98 -13.48 1.52
N ALA B 692 -50.28 -14.49 2.03
CA ALA B 692 -48.90 -14.75 1.62
C ALA B 692 -48.69 -14.53 0.11
N TYR B 693 -49.54 -15.11 -0.73
CA TYR B 693 -49.38 -15.06 -2.19
C TYR B 693 -49.19 -13.65 -2.78
N VAL B 694 -49.76 -12.65 -2.12
CA VAL B 694 -49.71 -11.25 -2.58
C VAL B 694 -48.28 -10.77 -2.73
N TRP B 695 -47.42 -11.24 -1.83
CA TRP B 695 -46.00 -10.89 -1.86
C TRP B 695 -45.36 -11.12 -3.19
N ASP B 696 -45.82 -12.13 -3.91
CA ASP B 696 -45.28 -12.41 -5.24
C ASP B 696 -45.94 -11.58 -6.36
N ASN B 697 -46.87 -10.70 -6.02
CA ASN B 697 -47.49 -9.79 -7.00
C ASN B 697 -46.84 -8.42 -6.96
N ASN B 698 -46.11 -8.08 -8.02
CA ASN B 698 -45.32 -6.84 -8.03
C ASN B 698 -46.19 -5.62 -7.78
N LYS B 699 -47.25 -5.47 -8.56
CA LYS B 699 -48.09 -4.29 -8.46
C LYS B 699 -48.64 -4.16 -7.04
N ASP B 700 -49.23 -5.23 -6.54
CA ASP B 700 -49.95 -5.17 -5.28
C ASP B 700 -49.01 -4.94 -4.11
N LEU B 701 -47.86 -5.60 -4.14
CA LEU B 701 -46.86 -5.37 -3.08
C LEU B 701 -46.27 -3.96 -3.17
N ALA B 702 -46.08 -3.48 -4.39
CA ALA B 702 -45.60 -2.13 -4.63
C ALA B 702 -46.51 -1.11 -3.94
N GLU B 703 -47.81 -1.22 -4.20
CA GLU B 703 -48.80 -0.34 -3.59
C GLU B 703 -48.74 -0.43 -2.06
N TRP B 704 -48.53 -1.65 -1.55
CA TRP B 704 -48.47 -1.87 -0.10
C TRP B 704 -47.27 -1.24 0.53
N LEU B 705 -46.11 -1.49 -0.08
CA LEU B 705 -44.86 -0.92 0.40
C LEU B 705 -44.92 0.61 0.42
N GLU B 706 -45.51 1.18 -0.62
CA GLU B 706 -45.63 2.61 -0.69
C GLU B 706 -46.49 3.17 0.43
N LYS B 707 -47.63 2.52 0.67
CA LYS B 707 -48.51 2.94 1.76
C LYS B 707 -47.73 2.92 3.08
N GLN B 708 -46.90 1.89 3.29
CA GLN B 708 -46.11 1.81 4.54
C GLN B 708 -45.12 2.99 4.68
N LEU B 709 -44.47 3.34 3.58
CA LEU B 709 -43.55 4.49 3.54
C LEU B 709 -44.27 5.83 3.51
N THR B 710 -45.49 5.85 2.98
CA THR B 710 -46.31 7.06 2.89
C THR B 710 -47.13 7.14 4.18
N SER B 717 -45.69 3.34 9.38
CA SER B 717 -47.08 3.20 9.79
C SER B 717 -47.17 2.01 10.76
N VAL B 718 -47.04 0.80 10.22
CA VAL B 718 -46.75 -0.39 10.99
C VAL B 718 -45.28 -0.81 10.83
N ILE B 719 -44.76 -0.79 9.59
CA ILE B 719 -43.36 -1.17 9.32
C ILE B 719 -42.44 -0.17 10.02
N GLU B 720 -42.68 1.13 9.77
CA GLU B 720 -41.90 2.20 10.40
C GLU B 720 -41.76 1.96 11.93
N GLU B 721 -42.84 1.49 12.58
CA GLU B 721 -42.80 1.16 14.01
C GLU B 721 -41.82 0.00 14.30
N ASN B 722 -41.90 -1.08 13.50
CA ASN B 722 -40.99 -2.20 13.67
C ASN B 722 -39.51 -1.83 13.58
N ILE B 723 -39.19 -0.91 12.68
CA ILE B 723 -37.81 -0.49 12.49
C ILE B 723 -37.32 0.21 13.75
N LYS B 724 -38.09 1.19 14.24
CA LYS B 724 -37.80 1.83 15.52
C LYS B 724 -37.46 0.74 16.56
N CYS B 725 -38.25 -0.34 16.60
CA CYS B 725 -37.99 -1.45 17.56
C CYS B 725 -36.63 -2.12 17.29
N ILE B 726 -36.34 -2.38 16.02
CA ILE B 726 -35.07 -3.02 15.64
C ILE B 726 -33.87 -2.18 16.02
N SER B 727 -34.01 -0.86 15.92
CA SER B 727 -32.93 0.05 16.26
C SER B 727 -32.71 0.13 17.76
N ARG B 728 -33.79 0.25 18.52
CA ARG B 728 -33.68 0.29 19.98
C ARG B 728 -32.91 -0.97 20.41
N ASP B 729 -33.33 -2.13 19.93
CA ASP B 729 -32.67 -3.39 20.29
C ASP B 729 -31.19 -3.35 19.95
N TYR B 730 -30.86 -2.93 18.74
CA TYR B 730 -29.48 -2.90 18.29
C TYR B 730 -28.63 -1.98 19.18
N VAL B 731 -29.13 -0.77 19.40
CA VAL B 731 -28.42 0.22 20.21
C VAL B 731 -28.16 -0.32 21.61
N LEU B 732 -29.12 -1.04 22.18
CA LEU B 732 -28.91 -1.72 23.46
C LEU B 732 -27.77 -2.72 23.38
N LYS B 733 -27.91 -3.72 22.51
CA LYS B 733 -26.88 -4.75 22.30
C LYS B 733 -25.49 -4.15 22.02
N GLN B 734 -25.48 -2.98 21.40
CA GLN B 734 -24.24 -2.32 21.03
C GLN B 734 -23.57 -1.69 22.25
N ILE B 735 -24.36 -1.03 23.10
CA ILE B 735 -23.85 -0.48 24.35
C ILE B 735 -23.38 -1.60 25.28
N ARG B 736 -24.17 -2.69 25.37
CA ARG B 736 -23.75 -3.88 26.13
C ARG B 736 -22.37 -4.31 25.67
N SER B 737 -22.27 -4.66 24.38
CA SER B 737 -21.02 -5.17 23.79
C SER B 737 -19.81 -4.27 24.07
N LEU B 738 -20.03 -2.95 24.09
CA LEU B 738 -18.93 -2.00 24.33
C LEU B 738 -18.44 -2.07 25.78
N VAL B 739 -19.37 -2.06 26.74
CA VAL B 739 -19.03 -2.14 28.17
C VAL B 739 -18.39 -3.49 28.51
N GLN B 740 -18.92 -4.58 27.94
CA GLN B 740 -18.32 -5.91 28.11
C GLN B 740 -16.84 -5.81 27.79
N ALA B 741 -16.53 -5.35 26.58
CA ALA B 741 -15.15 -5.15 26.16
C ALA B 741 -14.38 -4.03 26.91
N ASN B 742 -15.08 -3.05 27.50
CA ASN B 742 -14.40 -1.89 28.10
C ASN B 742 -14.95 -1.47 29.50
N PRO B 743 -14.73 -2.32 30.52
CA PRO B 743 -15.42 -2.09 31.78
C PRO B 743 -15.01 -0.90 32.63
N GLU B 744 -13.79 -0.39 32.49
CA GLU B 744 -13.35 0.77 33.29
C GLU B 744 -14.25 2.00 32.99
N VAL B 745 -14.87 1.95 31.82
CA VAL B 745 -15.76 2.97 31.29
C VAL B 745 -17.13 3.03 31.98
N ALA B 746 -17.53 1.91 32.60
CA ALA B 746 -18.84 1.79 33.22
C ALA B 746 -19.19 2.98 34.11
N MET B 747 -18.39 3.21 35.15
CA MET B 747 -18.73 4.21 36.16
C MET B 747 -19.04 5.59 35.54
N ASP B 748 -18.17 6.04 34.63
CA ASP B 748 -18.29 7.38 34.07
C ASP B 748 -19.45 7.46 33.09
N SER B 749 -19.69 6.38 32.34
CA SER B 749 -20.84 6.30 31.43
C SER B 749 -22.16 6.52 32.18
N ILE B 750 -22.25 6.01 33.40
CA ILE B 750 -23.46 6.19 34.22
C ILE B 750 -23.64 7.65 34.66
N ILE B 751 -22.61 8.24 35.26
CA ILE B 751 -22.69 9.65 35.66
C ILE B 751 -23.25 10.50 34.52
N HIS B 752 -22.72 10.31 33.32
CA HIS B 752 -23.20 11.09 32.18
C HIS B 752 -24.61 10.72 31.82
N MET B 753 -24.95 9.44 31.91
CA MET B 753 -26.27 8.96 31.49
C MET B 753 -27.44 9.47 32.32
N THR B 754 -27.21 9.79 33.59
CA THR B 754 -28.35 10.11 34.47
C THR B 754 -29.64 10.83 33.88
N GLN B 755 -29.48 11.87 33.05
CA GLN B 755 -30.67 12.61 32.53
C GLN B 755 -31.69 11.73 31.79
N ASP C 12 -19.97 102.20 51.45
CA ASP C 12 -19.31 101.75 50.20
C ASP C 12 -20.22 101.95 48.97
N LEU C 13 -19.61 101.94 47.78
CA LEU C 13 -20.39 101.69 46.55
C LEU C 13 -21.21 100.40 46.77
N LEU C 14 -20.74 99.54 47.68
CA LEU C 14 -21.45 98.31 48.01
C LEU C 14 -22.90 98.53 48.44
N GLN C 15 -23.12 99.34 49.48
CA GLN C 15 -24.48 99.71 49.87
C GLN C 15 -25.28 100.15 48.64
N SER C 16 -24.70 101.01 47.79
CA SER C 16 -25.38 101.55 46.60
C SER C 16 -25.78 100.43 45.63
N LYS C 17 -24.89 99.50 45.42
CA LYS C 17 -25.12 98.42 44.46
C LYS C 17 -26.12 97.37 44.95
N ARG C 18 -26.12 97.08 46.23
CA ARG C 18 -27.07 96.14 46.78
C ARG C 18 -28.49 96.66 46.66
N PHE C 19 -28.65 97.97 46.86
CA PHE C 19 -29.95 98.60 46.74
C PHE C 19 -30.42 98.52 45.30
N GLN C 20 -29.47 98.72 44.38
CA GLN C 20 -29.71 98.66 42.96
C GLN C 20 -30.16 97.27 42.53
N ALA C 21 -29.56 96.25 43.14
CA ALA C 21 -29.93 94.88 42.83
C ALA C 21 -31.31 94.58 43.43
N GLN C 22 -31.49 94.88 44.71
CA GLN C 22 -32.78 94.67 45.35
C GLN C 22 -33.89 95.39 44.57
N SER C 23 -33.60 96.59 44.08
CA SER C 23 -34.60 97.35 43.33
C SER C 23 -34.94 96.66 42.02
N LEU C 24 -34.04 95.80 41.53
CA LEU C 24 -34.32 94.92 40.40
C LEU C 24 -34.86 93.54 40.81
N GLY C 25 -35.22 93.36 42.08
CA GLY C 25 -35.72 92.07 42.57
C GLY C 25 -34.74 90.92 42.51
N THR C 26 -33.45 91.19 42.70
CA THR C 26 -32.43 90.13 42.72
C THR C 26 -31.39 90.44 43.79
N THR C 27 -30.38 89.60 43.84
CA THR C 27 -29.30 89.67 44.82
C THR C 27 -28.04 90.18 44.13
N TYR C 28 -27.33 91.09 44.80
CA TYR C 28 -26.04 91.57 44.33
C TYR C 28 -25.11 90.39 44.18
N ILE C 29 -24.38 90.35 43.09
CA ILE C 29 -23.58 89.16 42.78
C ILE C 29 -22.68 88.71 43.94
N TYR C 30 -21.93 89.62 44.52
CA TYR C 30 -21.00 89.23 45.60
C TYR C 30 -21.66 88.80 46.90
N ASP C 31 -22.98 88.87 46.98
CA ASP C 31 -23.65 88.34 48.15
C ASP C 31 -23.97 86.88 47.96
N ILE C 32 -23.82 86.37 46.74
CA ILE C 32 -24.18 84.98 46.47
C ILE C 32 -23.41 83.99 47.35
N PRO C 33 -22.08 84.14 47.45
CA PRO C 33 -21.31 83.17 48.22
C PRO C 33 -21.82 82.99 49.64
N GLU C 34 -22.15 84.08 50.29
CA GLU C 34 -22.68 83.97 51.64
C GLU C 34 -24.08 83.38 51.65
N MET C 35 -24.81 83.56 50.57
CA MET C 35 -26.11 82.93 50.44
C MET C 35 -25.94 81.42 50.35
N PHE C 36 -24.83 80.97 49.77
CA PHE C 36 -24.52 79.56 49.79
C PHE C 36 -24.26 79.10 51.22
N ARG C 37 -23.47 79.85 51.97
CA ARG C 37 -23.15 79.42 53.32
C ARG C 37 -24.41 79.30 54.14
N GLN C 38 -25.33 80.26 54.02
CA GLN C 38 -26.56 80.24 54.82
C GLN C 38 -27.44 79.07 54.41
N SER C 39 -27.52 78.84 53.10
CA SER C 39 -28.31 77.74 52.55
C SER C 39 -27.75 76.39 53.00
N LEU C 40 -26.44 76.28 52.95
CA LEU C 40 -25.77 75.08 53.36
C LEU C 40 -26.08 74.74 54.83
N ILE C 41 -26.18 75.76 55.67
CA ILE C 41 -26.57 75.52 57.05
C ILE C 41 -27.97 74.93 57.10
N LYS C 42 -28.90 75.52 56.35
CA LYS C 42 -30.27 75.03 56.31
C LYS C 42 -30.28 73.58 55.83
N LEU C 43 -29.37 73.22 54.91
CA LEU C 43 -29.33 71.86 54.37
C LEU C 43 -28.94 70.88 55.45
N TRP C 44 -27.87 71.21 56.19
CA TRP C 44 -27.44 70.37 57.30
C TRP C 44 -28.55 70.10 58.27
N GLU C 45 -29.45 71.07 58.39
CA GLU C 45 -30.53 70.98 59.34
C GLU C 45 -31.60 70.06 58.78
N SER C 46 -32.03 70.34 57.56
CA SER C 46 -33.13 69.59 56.97
C SER C 46 -32.76 68.12 56.79
N MET C 47 -31.53 67.85 56.37
CA MET C 47 -31.12 66.48 56.12
C MET C 47 -30.92 65.65 57.40
N SER C 48 -30.76 66.29 58.55
CA SER C 48 -30.58 65.52 59.79
C SER C 48 -31.86 64.77 60.17
N THR C 49 -32.99 65.29 59.74
CA THR C 49 -34.25 64.56 59.76
C THR C 49 -34.15 63.21 59.08
N GLN C 50 -33.65 63.21 57.86
CA GLN C 50 -33.68 62.06 56.98
C GLN C 50 -32.59 61.04 57.31
N ALA C 51 -31.42 61.54 57.72
CA ALA C 51 -30.24 60.69 57.90
C ALA C 51 -29.51 60.93 59.18
N PHE C 52 -28.73 59.93 59.55
CA PHE C 52 -27.76 60.08 60.60
C PHE C 52 -26.53 60.78 60.06
N LEU C 53 -26.21 61.94 60.63
CA LEU C 53 -25.11 62.78 60.17
C LEU C 53 -24.12 63.00 61.29
N PRO C 54 -22.85 63.28 60.95
CA PRO C 54 -21.94 63.76 61.99
C PRO C 54 -22.39 65.12 62.47
N SER C 55 -21.76 65.63 63.51
CA SER C 55 -22.07 66.96 63.96
C SER C 55 -21.62 67.90 62.85
N PRO C 56 -22.45 68.92 62.55
CA PRO C 56 -22.06 69.83 61.47
C PRO C 56 -20.75 70.53 61.79
N PRO C 57 -20.01 70.97 60.76
CA PRO C 57 -18.84 71.78 61.05
C PRO C 57 -19.29 73.18 61.42
N LEU C 58 -18.38 73.97 61.98
CA LEU C 58 -18.69 75.36 62.25
C LEU C 58 -18.88 76.09 60.91
N PRO C 59 -19.77 77.08 60.87
CA PRO C 59 -20.07 77.74 59.61
C PRO C 59 -18.88 78.32 58.86
N SER C 60 -17.89 78.82 59.58
CA SER C 60 -16.70 79.34 58.93
C SER C 60 -15.93 78.23 58.19
N ASP C 61 -15.98 77.01 58.70
CA ASP C 61 -15.24 75.89 58.11
C ASP C 61 -16.10 75.14 57.14
N MET C 62 -17.35 75.55 57.01
CA MET C 62 -18.31 74.86 56.14
C MET C 62 -18.09 75.15 54.66
N LEU C 63 -17.58 76.33 54.33
CA LEU C 63 -17.49 76.79 52.95
C LEU C 63 -16.27 77.66 52.73
N THR C 64 -15.58 77.46 51.62
CA THR C 64 -14.53 78.35 51.15
C THR C 64 -14.71 78.68 49.67
N TYR C 65 -14.57 79.94 49.34
CA TYR C 65 -14.65 80.38 47.98
C TYR C 65 -13.42 81.16 47.56
N THR C 66 -13.13 81.14 46.26
CA THR C 66 -12.08 81.94 45.67
C THR C 66 -12.56 82.49 44.36
N GLU C 67 -12.45 83.80 44.19
CA GLU C 67 -12.90 84.43 42.97
C GLU C 67 -11.97 84.07 41.84
N LEU C 68 -12.55 83.80 40.69
CA LEU C 68 -11.80 83.54 39.49
C LEU C 68 -11.89 84.80 38.65
N VAL C 69 -10.75 85.25 38.13
CA VAL C 69 -10.64 86.54 37.44
C VAL C 69 -9.74 86.43 36.21
N LEU C 70 -10.12 87.13 35.15
CA LEU C 70 -9.37 87.07 33.89
C LEU C 70 -8.07 87.90 33.92
N ASP C 71 -6.94 87.29 33.59
CA ASP C 71 -5.70 88.07 33.42
C ASP C 71 -5.61 88.79 32.05
N ASP C 72 -4.44 89.37 31.77
CA ASP C 72 -4.17 90.05 30.51
C ASP C 72 -4.30 89.15 29.30
N GLN C 73 -3.88 87.89 29.46
CA GLN C 73 -3.87 86.89 28.39
C GLN C 73 -5.19 86.17 28.27
N GLY C 74 -6.24 86.69 28.90
CA GLY C 74 -7.51 86.01 28.90
C GLY C 74 -7.47 84.65 29.57
N GLN C 75 -6.60 84.48 30.56
CA GLN C 75 -6.53 83.22 31.29
C GLN C 75 -6.99 83.42 32.72
N LEU C 76 -7.60 82.38 33.23
CA LEU C 76 -8.22 82.44 34.54
C LEU C 76 -7.15 82.44 35.62
N VAL C 77 -7.38 83.24 36.65
CA VAL C 77 -6.45 83.39 37.77
C VAL C 77 -7.22 83.47 39.10
N HIS C 78 -6.77 82.70 40.10
CA HIS C 78 -7.44 82.61 41.40
C HIS C 78 -7.01 83.76 42.21
N MET C 79 -7.96 84.52 42.72
CA MET C 79 -7.66 85.79 43.35
C MET C 79 -8.46 86.01 44.64
N ASN C 80 -7.76 86.37 45.71
CA ASN C 80 -8.40 86.63 46.98
C ASN C 80 -8.51 88.13 47.19
N ARG C 81 -9.53 88.73 46.58
CA ARG C 81 -9.71 90.19 46.66
C ARG C 81 -11.05 90.52 47.27
N LEU C 82 -11.19 91.78 47.68
CA LEU C 82 -12.40 92.23 48.34
C LEU C 82 -13.55 92.31 47.36
N PRO C 83 -14.75 91.94 47.83
CA PRO C 83 -15.94 91.99 46.97
C PRO C 83 -16.27 93.37 46.48
N GLY C 84 -16.84 93.43 45.27
CA GLY C 84 -17.19 94.67 44.60
C GLY C 84 -16.18 95.07 43.54
N GLY C 85 -15.20 94.21 43.30
CA GLY C 85 -14.06 94.58 42.48
C GLY C 85 -14.20 94.34 40.98
N ASN C 86 -15.30 93.75 40.53
CA ASN C 86 -15.40 93.35 39.13
C ASN C 86 -15.25 94.53 38.16
N GLU C 87 -14.51 94.31 37.08
CA GLU C 87 -14.37 95.29 36.00
C GLU C 87 -15.09 94.84 34.72
N ILE C 88 -15.85 93.76 34.83
CA ILE C 88 -16.68 93.25 33.76
C ILE C 88 -17.97 92.72 34.37
N GLY C 89 -18.98 92.48 33.54
CA GLY C 89 -20.31 92.09 34.04
C GLY C 89 -20.53 90.63 34.41
N MET C 90 -19.44 89.94 34.75
CA MET C 90 -19.49 88.52 35.06
C MET C 90 -18.54 88.26 36.19
N VAL C 91 -18.96 87.37 37.08
CA VAL C 91 -18.18 86.97 38.23
C VAL C 91 -18.25 85.47 38.36
N ALA C 92 -17.16 84.87 38.79
CA ALA C 92 -17.09 83.42 38.93
C ALA C 92 -16.22 83.05 40.11
N TRP C 93 -16.55 81.94 40.74
CA TRP C 93 -15.74 81.43 41.84
C TRP C 93 -15.63 79.95 41.81
N LYS C 94 -14.53 79.44 42.34
CA LYS C 94 -14.46 78.05 42.73
C LYS C 94 -14.86 77.99 44.19
N MET C 95 -15.70 77.03 44.54
CA MET C 95 -16.21 76.88 45.90
C MET C 95 -16.00 75.47 46.38
N THR C 96 -15.55 75.36 47.62
CA THR C 96 -15.42 74.08 48.27
C THR C 96 -16.24 74.15 49.52
N PHE C 97 -17.08 73.15 49.76
CA PHE C 97 -17.85 73.14 50.99
C PHE C 97 -18.10 71.75 51.52
N LYS C 98 -18.33 71.67 52.83
CA LYS C 98 -18.59 70.44 53.52
C LYS C 98 -20.10 70.30 53.60
N SER C 99 -20.62 69.19 53.11
CA SER C 99 -22.06 68.94 53.13
C SER C 99 -22.42 67.59 53.74
N PRO C 100 -23.69 67.43 54.12
CA PRO C 100 -24.13 66.20 54.77
C PRO C 100 -23.75 64.94 54.00
N GLU C 101 -23.85 65.02 52.69
CA GLU C 101 -23.52 63.90 51.80
C GLU C 101 -22.00 63.77 51.56
N TYR C 102 -21.27 64.89 51.61
CA TYR C 102 -19.80 64.94 51.38
C TYR C 102 -19.13 65.76 52.49
N PRO C 103 -19.06 65.20 53.71
CA PRO C 103 -18.63 65.98 54.85
C PRO C 103 -17.17 66.34 54.81
N GLU C 104 -16.37 65.56 54.08
CA GLU C 104 -14.97 65.88 53.92
C GLU C 104 -14.81 66.97 52.87
N GLY C 105 -15.88 67.25 52.13
CA GLY C 105 -15.89 68.40 51.20
C GLY C 105 -16.08 68.07 49.73
N ARG C 106 -16.62 69.04 49.00
CA ARG C 106 -16.88 68.87 47.61
C ARG C 106 -16.71 70.20 46.94
N ASP C 107 -16.37 70.19 45.64
CA ASP C 107 -16.07 71.42 44.91
C ASP C 107 -17.12 71.67 43.84
N ILE C 108 -17.42 72.95 43.62
CA ILE C 108 -18.23 73.39 42.47
C ILE C 108 -17.67 74.69 41.89
N ILE C 109 -18.05 75.00 40.66
CA ILE C 109 -17.77 76.29 40.04
C ILE C 109 -19.06 77.07 39.89
N VAL C 110 -19.04 78.31 40.34
CA VAL C 110 -20.21 79.17 40.25
C VAL C 110 -19.91 80.40 39.41
N ILE C 111 -20.74 80.63 38.40
CA ILE C 111 -20.63 81.79 37.53
C ILE C 111 -21.91 82.60 37.64
N GLY C 112 -21.78 83.92 37.59
CA GLY C 112 -22.94 84.78 37.71
C GLY C 112 -22.78 86.09 36.99
N ASN C 113 -23.86 86.54 36.39
CA ASN C 113 -23.93 87.89 35.84
C ASN C 113 -23.99 88.91 36.96
N ASP C 114 -23.45 90.10 36.71
CA ASP C 114 -23.70 91.21 37.62
C ASP C 114 -24.69 92.13 36.98
N ILE C 115 -25.96 92.01 37.37
CA ILE C 115 -26.97 92.82 36.70
C ILE C 115 -26.70 94.30 36.88
N THR C 116 -25.92 94.69 37.90
CA THR C 116 -25.59 96.10 38.07
C THR C 116 -24.55 96.64 37.09
N TYR C 117 -23.77 95.77 36.46
CA TYR C 117 -22.77 96.23 35.50
C TYR C 117 -23.29 96.17 34.07
N ARG C 118 -23.60 97.35 33.54
CA ARG C 118 -24.11 97.49 32.17
C ARG C 118 -25.33 96.61 31.97
N ILE C 119 -26.36 96.90 32.76
CA ILE C 119 -27.57 96.09 32.82
C ILE C 119 -27.36 94.57 32.65
N GLY C 120 -26.26 94.04 33.17
CA GLY C 120 -25.97 92.60 33.07
C GLY C 120 -25.82 92.08 31.65
N SER C 121 -25.44 92.95 30.73
CA SER C 121 -25.22 92.53 29.36
C SER C 121 -24.01 91.63 29.25
N PHE C 122 -23.91 91.00 28.08
CA PHE C 122 -22.90 89.99 27.76
C PHE C 122 -22.00 90.57 26.71
N GLY C 123 -20.90 91.15 27.15
CA GLY C 123 -19.84 91.57 26.23
C GLY C 123 -18.84 90.44 25.99
N PRO C 124 -17.85 90.68 25.14
CA PRO C 124 -16.87 89.65 24.85
C PRO C 124 -16.03 89.22 26.04
N GLN C 125 -15.71 90.14 26.95
CA GLN C 125 -14.98 89.77 28.16
C GLN C 125 -15.85 88.97 29.13
N GLU C 126 -17.09 89.35 29.21
CA GLU C 126 -18.03 88.66 30.06
C GLU C 126 -18.14 87.26 29.50
N ASP C 127 -18.23 87.17 28.17
CA ASP C 127 -18.37 85.87 27.48
C ASP C 127 -17.15 85.01 27.79
N LEU C 128 -16.00 85.63 27.89
CA LEU C 128 -14.78 84.86 28.02
C LEU C 128 -14.64 84.30 29.41
N LEU C 129 -14.97 85.09 30.40
CA LEU C 129 -14.87 84.59 31.77
C LEU C 129 -15.76 83.37 31.91
N PHE C 130 -16.99 83.49 31.40
CA PHE C 130 -17.92 82.38 31.45
C PHE C 130 -17.30 81.17 30.81
N LEU C 131 -16.75 81.35 29.62
CA LEU C 131 -16.11 80.25 28.93
C LEU C 131 -15.05 79.58 29.81
N ARG C 132 -14.14 80.38 30.35
CA ARG C 132 -12.99 79.85 31.05
C ARG C 132 -13.33 79.21 32.39
N ALA C 133 -14.37 79.74 33.04
CA ALA C 133 -14.84 79.13 34.28
C ALA C 133 -15.45 77.77 33.93
N SER C 134 -16.19 77.73 32.84
CA SER C 134 -16.85 76.49 32.42
C SER C 134 -15.80 75.46 32.09
N GLU C 135 -14.80 75.91 31.34
CA GLU C 135 -13.68 75.06 30.94
C GLU C 135 -12.98 74.45 32.13
N LEU C 136 -12.87 75.22 33.20
CA LEU C 136 -12.24 74.74 34.42
C LEU C 136 -13.12 73.69 35.08
N ALA C 137 -14.41 73.96 35.14
CA ALA C 137 -15.35 73.01 35.69
C ALA C 137 -15.17 71.67 34.99
N ARG C 138 -15.14 71.69 33.67
CA ARG C 138 -14.99 70.45 32.92
C ARG C 138 -13.65 69.81 33.21
N ALA C 139 -12.61 70.63 33.34
CA ALA C 139 -11.26 70.14 33.56
C ALA C 139 -11.18 69.31 34.82
N GLU C 140 -11.90 69.73 35.84
CA GLU C 140 -11.83 69.03 37.11
C GLU C 140 -12.99 68.06 37.30
N GLY C 141 -13.96 68.08 36.39
CA GLY C 141 -15.08 67.14 36.43
C GLY C 141 -16.16 67.53 37.41
N ILE C 142 -16.07 68.73 37.94
CA ILE C 142 -16.98 69.20 38.97
C ILE C 142 -18.13 70.00 38.37
N PRO C 143 -19.24 70.13 39.12
CA PRO C 143 -20.44 70.76 38.57
C PRO C 143 -20.31 72.26 38.31
N ARG C 144 -21.10 72.76 37.38
CA ARG C 144 -21.09 74.16 37.04
C ARG C 144 -22.43 74.77 37.33
N ILE C 145 -22.43 75.71 38.28
CA ILE C 145 -23.65 76.42 38.65
C ILE C 145 -23.66 77.83 38.09
N TYR C 146 -24.70 78.17 37.36
CA TYR C 146 -24.78 79.48 36.72
C TYR C 146 -25.96 80.22 37.28
N VAL C 147 -25.69 81.36 37.89
CA VAL C 147 -26.75 82.26 38.32
C VAL C 147 -26.98 83.31 37.25
N SER C 148 -28.11 83.22 36.58
CA SER C 148 -28.42 84.05 35.43
C SER C 148 -29.32 85.21 35.78
N ALA C 149 -28.81 86.42 35.61
CA ALA C 149 -29.62 87.61 35.74
C ALA C 149 -29.01 88.66 34.83
N ASN C 150 -29.59 88.85 33.66
CA ASN C 150 -28.89 89.52 32.58
C ASN C 150 -29.82 90.12 31.53
N SER C 151 -29.22 90.73 30.51
CA SER C 151 -29.96 91.40 29.43
C SER C 151 -29.48 90.90 28.08
N GLY C 152 -28.93 89.70 28.05
CA GLY C 152 -28.38 89.17 26.82
C GLY C 152 -27.22 89.96 26.27
N ALA C 153 -27.00 89.80 24.97
CA ALA C 153 -25.82 90.30 24.33
C ALA C 153 -25.81 91.79 24.44
N ARG C 154 -24.61 92.36 24.57
CA ARG C 154 -24.46 93.78 24.66
C ARG C 154 -24.82 94.44 23.33
N ILE C 155 -25.42 95.62 23.44
CA ILE C 155 -25.82 96.43 22.30
C ILE C 155 -25.21 97.81 22.39
N GLY C 156 -24.95 98.42 21.23
CA GLY C 156 -24.52 99.79 21.19
C GLY C 156 -24.46 100.40 19.82
N LEU C 157 -24.34 101.73 19.82
CA LEU C 157 -24.07 102.51 18.64
C LEU C 157 -22.79 103.33 18.83
N ALA C 158 -22.05 103.54 17.74
CA ALA C 158 -20.78 104.29 17.79
C ALA C 158 -21.02 105.75 18.22
N GLU C 159 -20.76 106.05 19.49
CA GLU C 159 -21.01 107.39 20.05
C GLU C 159 -20.24 108.45 19.30
N GLU C 160 -18.99 108.12 19.00
CA GLU C 160 -18.09 109.05 18.33
C GLU C 160 -18.66 109.58 17.02
N ILE C 161 -19.42 108.74 16.32
CA ILE C 161 -20.04 109.14 15.07
C ILE C 161 -21.43 109.73 15.25
N ARG C 162 -22.21 109.19 16.18
CA ARG C 162 -23.58 109.60 16.37
C ARG C 162 -23.72 111.09 16.52
N HIS C 163 -22.77 111.70 17.19
CA HIS C 163 -22.93 113.11 17.50
C HIS C 163 -22.37 114.01 16.44
N MET C 164 -21.86 113.47 15.34
CA MET C 164 -21.27 114.32 14.32
C MET C 164 -21.65 114.05 12.87
N PHE C 165 -22.50 113.06 12.63
CA PHE C 165 -22.90 112.78 11.26
C PHE C 165 -23.90 113.80 10.75
N HIS C 166 -23.93 113.97 9.42
CA HIS C 166 -24.88 114.86 8.76
C HIS C 166 -25.69 114.09 7.74
N VAL C 167 -26.86 114.64 7.42
CA VAL C 167 -27.78 114.03 6.49
C VAL C 167 -27.70 114.76 5.15
N ALA C 168 -27.60 113.99 4.07
CA ALA C 168 -27.62 114.54 2.72
C ALA C 168 -29.04 114.54 2.20
N TRP C 169 -29.77 115.63 2.44
CA TRP C 169 -31.18 115.69 2.08
C TRP C 169 -31.36 115.80 0.62
N VAL C 170 -32.42 115.19 0.11
CA VAL C 170 -32.81 115.45 -1.27
C VAL C 170 -33.03 116.94 -1.38
N ASP C 171 -33.73 117.51 -0.40
CA ASP C 171 -33.98 118.97 -0.38
C ASP C 171 -34.03 119.48 1.05
N PRO C 172 -33.16 120.42 1.42
CA PRO C 172 -33.19 120.95 2.80
C PRO C 172 -34.47 121.72 3.13
N GLU C 173 -34.96 122.52 2.19
CA GLU C 173 -36.24 123.23 2.39
C GLU C 173 -37.45 122.24 2.53
N ASP C 174 -37.23 120.94 2.30
CA ASP C 174 -38.21 119.88 2.65
C ASP C 174 -37.56 118.50 2.88
N PRO C 175 -37.48 118.09 4.15
CA PRO C 175 -36.86 116.82 4.45
C PRO C 175 -37.68 115.63 4.02
N TYR C 176 -39.00 115.77 4.05
CA TYR C 176 -39.86 114.65 3.74
C TYR C 176 -39.76 114.27 2.27
N LYS C 177 -39.14 115.12 1.45
CA LYS C 177 -38.69 114.74 0.11
C LYS C 177 -37.51 113.76 0.13
N GLY C 178 -37.27 113.11 1.27
CA GLY C 178 -36.25 112.06 1.39
C GLY C 178 -34.82 112.55 1.61
N TYR C 179 -33.98 111.62 2.06
CA TYR C 179 -32.53 111.84 2.18
C TYR C 179 -31.74 110.82 1.33
N ARG C 180 -30.55 111.20 0.91
CA ARG C 180 -29.73 110.38 0.02
C ARG C 180 -28.76 109.50 0.76
N TYR C 181 -28.02 110.06 1.72
CA TYR C 181 -27.00 109.31 2.48
C TYR C 181 -26.57 110.11 3.71
N LEU C 182 -25.87 109.45 4.62
CA LEU C 182 -25.30 110.07 5.79
C LEU C 182 -23.81 110.27 5.55
N TYR C 183 -23.24 111.30 6.15
CA TYR C 183 -21.82 111.60 5.92
C TYR C 183 -21.18 112.44 7.01
N LEU C 184 -19.85 112.56 6.92
CA LEU C 184 -19.05 113.33 7.87
C LEU C 184 -18.38 114.45 7.11
N THR C 185 -18.29 115.63 7.72
CA THR C 185 -17.53 116.71 7.10
C THR C 185 -16.06 116.32 7.10
N PRO C 186 -15.27 116.88 6.19
CA PRO C 186 -13.84 116.49 6.16
C PRO C 186 -13.14 116.81 7.47
N GLN C 187 -13.56 117.92 8.09
CA GLN C 187 -13.07 118.31 9.42
C GLN C 187 -13.33 117.18 10.43
N ASP C 188 -14.57 116.70 10.50
CA ASP C 188 -14.97 115.61 11.39
C ASP C 188 -14.36 114.27 11.01
N TYR C 189 -14.14 114.04 9.73
CA TYR C 189 -13.59 112.75 9.29
C TYR C 189 -12.14 112.67 9.71
N LYS C 190 -11.44 113.81 9.61
CA LYS C 190 -10.00 113.87 9.79
C LYS C 190 -9.51 113.44 11.18
N ARG C 191 -10.41 112.95 12.03
CA ARG C 191 -10.10 112.68 13.44
C ARG C 191 -10.49 111.29 13.86
N VAL C 192 -11.74 110.94 13.60
CA VAL C 192 -12.16 109.54 13.65
C VAL C 192 -11.40 108.61 12.67
N SER C 193 -10.92 109.16 11.55
CA SER C 193 -10.27 108.36 10.47
C SER C 193 -9.09 107.54 10.93
N ALA C 194 -8.27 108.15 11.78
CA ALA C 194 -7.13 107.48 12.39
C ALA C 194 -7.50 106.28 13.28
N LEU C 195 -8.76 106.13 13.66
CA LEU C 195 -9.12 105.32 14.82
C LEU C 195 -9.97 104.12 14.55
N ASN C 196 -10.11 103.70 13.29
CA ASN C 196 -10.96 102.54 12.97
C ASN C 196 -12.42 102.68 13.38
N SER C 197 -12.99 103.86 13.15
CA SER C 197 -14.35 104.15 13.55
C SER C 197 -15.30 103.99 12.39
N VAL C 198 -14.95 104.54 11.23
CA VAL C 198 -15.83 104.40 10.08
C VAL C 198 -15.08 104.09 8.78
N HIS C 199 -15.86 103.67 7.79
CA HIS C 199 -15.39 103.60 6.43
C HIS C 199 -16.17 104.58 5.63
N CYS C 200 -15.46 105.47 4.93
CA CYS C 200 -16.15 106.41 4.07
C CYS C 200 -15.58 106.35 2.69
N GLU C 201 -16.30 106.96 1.76
CA GLU C 201 -15.77 107.26 0.45
C GLU C 201 -15.99 108.73 0.27
N HIS C 202 -14.96 109.41 -0.22
CA HIS C 202 -15.02 110.83 -0.48
C HIS C 202 -15.96 111.09 -1.64
N VAL C 203 -16.67 112.21 -1.62
CA VAL C 203 -17.51 112.63 -2.74
C VAL C 203 -17.55 114.15 -2.84
N GLU C 204 -17.65 114.68 -4.05
CA GLU C 204 -17.96 116.12 -4.23
C GLU C 204 -19.46 116.12 -4.53
N ASP C 205 -20.23 116.90 -3.78
CA ASP C 205 -21.68 116.95 -3.95
C ASP C 205 -22.20 118.33 -3.53
N GLU C 206 -23.19 118.82 -4.25
CA GLU C 206 -23.78 120.12 -3.96
C GLU C 206 -22.74 121.16 -3.59
N GLY C 207 -21.58 121.09 -4.25
CA GLY C 207 -20.51 122.05 -4.01
C GLY C 207 -19.56 121.63 -2.91
N GLU C 208 -20.10 121.16 -1.79
CA GLU C 208 -19.28 120.85 -0.63
C GLU C 208 -18.60 119.46 -0.78
N SER C 209 -17.52 119.25 -0.04
CA SER C 209 -16.79 117.98 -0.04
C SER C 209 -17.21 117.16 1.16
N ARG C 210 -17.65 115.94 0.93
CA ARG C 210 -18.23 115.12 1.99
C ARG C 210 -17.64 113.70 2.06
N TYR C 211 -17.78 113.05 3.20
CA TYR C 211 -17.35 111.68 3.41
C TYR C 211 -18.53 110.74 3.66
N LYS C 212 -19.00 110.12 2.58
CA LYS C 212 -20.18 109.27 2.63
C LYS C 212 -19.90 108.08 3.53
N ILE C 213 -20.74 107.88 4.54
CA ILE C 213 -20.52 106.78 5.49
C ILE C 213 -21.06 105.50 4.89
N THR C 214 -20.18 104.54 4.67
CA THR C 214 -20.52 103.29 3.99
C THR C 214 -20.64 102.17 5.02
N ASP C 215 -19.76 102.20 6.02
CA ASP C 215 -19.81 101.26 7.14
C ASP C 215 -19.41 101.98 8.42
N ILE C 216 -20.10 101.69 9.52
CA ILE C 216 -19.71 102.17 10.85
C ILE C 216 -19.13 101.02 11.64
N ILE C 217 -17.85 101.10 12.01
CA ILE C 217 -17.15 100.01 12.68
C ILE C 217 -17.21 100.19 14.18
N GLY C 218 -16.94 101.41 14.61
CA GLY C 218 -17.14 101.80 15.99
C GLY C 218 -15.93 101.49 16.82
N LYS C 219 -15.26 102.54 17.27
CA LYS C 219 -14.01 102.39 17.99
C LYS C 219 -14.20 101.70 19.34
N GLU C 220 -15.39 101.77 19.92
CA GLU C 220 -15.65 101.07 21.19
C GLU C 220 -15.73 99.55 21.02
N GLU C 221 -14.84 98.82 21.67
CA GLU C 221 -14.90 97.36 21.60
C GLU C 221 -16.02 96.84 22.50
N GLY C 222 -16.73 95.84 22.03
CA GLY C 222 -17.75 95.17 22.81
C GLY C 222 -19.19 95.53 22.49
N ILE C 223 -19.42 96.42 21.54
CA ILE C 223 -20.80 96.77 21.17
C ILE C 223 -21.18 96.29 19.76
N GLY C 224 -20.38 95.39 19.23
CA GLY C 224 -20.50 94.98 17.84
C GLY C 224 -20.76 93.50 17.62
N PRO C 225 -20.63 93.06 16.37
CA PRO C 225 -20.90 91.67 16.06
C PRO C 225 -19.93 90.69 16.69
N GLU C 226 -18.84 91.18 17.26
CA GLU C 226 -18.02 90.33 18.09
C GLU C 226 -18.87 89.66 19.19
N ASN C 227 -19.91 90.35 19.65
CA ASN C 227 -20.77 89.80 20.69
C ASN C 227 -21.54 88.59 20.24
N LEU C 228 -21.76 88.49 18.94
CA LEU C 228 -22.46 87.36 18.39
C LEU C 228 -21.58 86.13 18.47
N ARG C 229 -20.31 86.29 18.11
CA ARG C 229 -19.38 85.20 18.18
C ARG C 229 -19.27 84.77 19.63
N GLY C 230 -19.05 85.73 20.51
CA GLY C 230 -18.84 85.44 21.92
C GLY C 230 -19.99 84.65 22.49
N SER C 231 -21.19 84.99 22.06
CA SER C 231 -22.38 84.32 22.57
C SER C 231 -22.38 82.89 22.07
N GLY C 232 -22.29 82.72 20.77
CA GLY C 232 -22.19 81.39 20.19
C GLY C 232 -21.14 80.55 20.88
N MET C 233 -20.01 81.17 21.11
CA MET C 233 -18.90 80.55 21.78
C MET C 233 -19.29 79.89 23.11
N ILE C 234 -20.00 80.61 23.95
CA ILE C 234 -20.41 80.06 25.23
C ILE C 234 -21.66 79.19 25.11
N ALA C 235 -22.43 79.36 24.04
CA ALA C 235 -23.53 78.45 23.73
C ALA C 235 -22.95 77.07 23.51
N GLY C 236 -21.96 77.03 22.64
CA GLY C 236 -21.27 75.78 22.32
C GLY C 236 -20.70 75.17 23.57
N GLU C 237 -20.00 75.98 24.36
CA GLU C 237 -19.40 75.47 25.59
C GLU C 237 -20.44 74.83 26.50
N SER C 238 -21.60 75.46 26.59
CA SER C 238 -22.61 74.97 27.48
C SER C 238 -23.19 73.67 26.96
N SER C 239 -23.36 73.58 25.66
CA SER C 239 -23.81 72.31 25.06
C SER C 239 -22.88 71.16 25.42
N LEU C 240 -21.58 71.42 25.35
CA LEU C 240 -20.56 70.42 25.67
C LEU C 240 -20.57 70.11 27.16
N ALA C 241 -20.62 71.16 27.98
CA ALA C 241 -20.64 71.02 29.43
C ALA C 241 -21.72 70.06 29.86
N TYR C 242 -22.91 70.19 29.29
CA TYR C 242 -24.03 69.36 29.73
C TYR C 242 -23.75 67.93 29.58
N ASN C 243 -23.07 67.63 28.48
CA ASN C 243 -22.60 66.27 28.18
C ASN C 243 -21.35 65.80 28.92
N GLU C 244 -20.69 66.68 29.67
CA GLU C 244 -19.43 66.32 30.34
C GLU C 244 -19.46 66.40 31.89
N ILE C 245 -20.25 67.31 32.43
CA ILE C 245 -20.32 67.55 33.85
C ILE C 245 -21.73 67.89 34.26
N ILE C 246 -21.96 68.07 35.55
CA ILE C 246 -23.29 68.42 36.00
C ILE C 246 -23.47 69.93 35.82
N THR C 247 -24.54 70.31 35.16
CA THR C 247 -24.81 71.72 34.99
C THR C 247 -26.12 72.04 35.67
N ILE C 248 -26.14 73.15 36.38
CA ILE C 248 -27.38 73.66 36.99
C ILE C 248 -27.42 75.18 36.83
N SER C 249 -28.62 75.73 36.72
CA SER C 249 -28.78 77.16 36.48
C SER C 249 -29.93 77.71 37.30
N LEU C 250 -29.77 78.94 37.79
CA LEU C 250 -30.78 79.62 38.59
C LEU C 250 -31.10 80.94 37.93
N VAL C 251 -32.37 81.14 37.61
CA VAL C 251 -32.83 82.34 36.94
C VAL C 251 -33.45 83.27 37.96
N THR C 252 -32.83 84.45 38.15
CA THR C 252 -33.12 85.30 39.32
C THR C 252 -34.00 86.45 39.01
N CYS C 253 -33.67 87.15 37.93
CA CYS C 253 -34.41 88.35 37.62
C CYS C 253 -35.00 88.19 36.25
N ARG C 254 -34.11 88.00 35.28
CA ARG C 254 -34.50 87.70 33.94
C ARG C 254 -33.28 87.16 33.23
N ALA C 255 -33.49 86.15 32.39
CA ALA C 255 -32.46 85.71 31.48
C ALA C 255 -33.00 85.98 30.08
N ILE C 256 -32.24 86.77 29.31
CA ILE C 256 -32.64 87.18 27.98
C ILE C 256 -31.67 86.67 26.91
N GLY C 257 -32.22 86.16 25.81
CA GLY C 257 -31.42 85.69 24.70
C GLY C 257 -30.33 84.69 25.07
N ILE C 258 -29.08 85.07 24.88
CA ILE C 258 -28.02 84.13 25.15
C ILE C 258 -28.14 83.64 26.58
N GLY C 259 -28.63 84.50 27.46
CA GLY C 259 -28.91 84.12 28.83
C GLY C 259 -29.89 82.97 28.92
N ALA C 260 -30.96 83.10 28.15
CA ALA C 260 -31.94 82.01 28.06
C ALA C 260 -31.35 80.72 27.56
N TYR C 261 -30.58 80.81 26.49
CA TYR C 261 -30.07 79.64 25.83
C TYR C 261 -29.08 78.92 26.72
N LEU C 262 -28.28 79.68 27.46
CA LEU C 262 -27.29 79.08 28.35
C LEU C 262 -27.99 78.32 29.49
N VAL C 263 -29.17 78.82 29.87
CA VAL C 263 -29.89 78.27 30.99
C VAL C 263 -30.46 76.94 30.59
N ARG C 264 -30.91 76.92 29.35
CA ARG C 264 -31.54 75.75 28.77
C ARG C 264 -30.51 74.72 28.38
N LEU C 265 -29.41 75.13 27.75
CA LEU C 265 -28.37 74.17 27.43
C LEU C 265 -27.89 73.46 28.70
N GLY C 266 -27.88 74.18 29.79
CA GLY C 266 -27.59 73.58 31.09
C GLY C 266 -28.65 72.61 31.57
N GLN C 267 -29.87 72.77 31.08
CA GLN C 267 -30.95 71.79 31.27
C GLN C 267 -31.67 71.82 32.62
N ARG C 268 -30.89 71.65 33.67
CA ARG C 268 -31.42 71.63 35.04
C ARG C 268 -31.56 73.09 35.51
N THR C 269 -32.79 73.49 35.77
CA THR C 269 -33.14 74.90 35.83
C THR C 269 -34.10 75.18 36.97
N ILE C 270 -33.70 76.12 37.81
CA ILE C 270 -34.52 76.63 38.90
C ILE C 270 -34.90 78.07 38.57
N GLN C 271 -36.16 78.44 38.79
CA GLN C 271 -36.67 79.74 38.37
C GLN C 271 -37.41 80.44 39.50
N VAL C 272 -36.94 81.61 39.90
CA VAL C 272 -37.61 82.33 40.96
C VAL C 272 -38.90 82.93 40.42
N GLU C 273 -39.95 82.93 41.23
CA GLU C 273 -41.22 83.54 40.83
C GLU C 273 -40.99 84.97 40.38
N ASN C 274 -41.77 85.39 39.40
CA ASN C 274 -41.68 86.72 38.81
C ASN C 274 -40.42 86.99 37.99
N SER C 275 -39.51 86.03 37.94
CA SER C 275 -38.45 86.07 36.97
C SER C 275 -39.03 85.60 35.66
N HIS C 276 -38.32 85.90 34.58
CA HIS C 276 -38.72 85.41 33.28
C HIS C 276 -37.55 85.17 32.38
N LEU C 277 -37.79 84.31 31.42
CA LEU C 277 -36.76 83.65 30.67
C LEU C 277 -37.23 83.81 29.25
N ILE C 278 -36.61 84.70 28.48
CA ILE C 278 -37.21 85.08 27.20
C ILE C 278 -36.25 85.40 26.10
N LEU C 279 -36.78 85.38 24.89
CA LEU C 279 -36.00 85.69 23.72
C LEU C 279 -36.38 87.08 23.25
N THR C 280 -37.68 87.37 23.20
CA THR C 280 -38.19 88.67 22.75
C THR C 280 -39.26 89.21 23.66
N GLY C 281 -39.18 90.51 23.88
CA GLY C 281 -39.96 91.17 24.89
C GLY C 281 -41.36 91.51 24.46
N ALA C 282 -42.24 91.55 25.45
CA ALA C 282 -43.63 91.87 25.23
C ALA C 282 -43.75 93.21 24.46
N GLY C 283 -42.86 94.15 24.75
CA GLY C 283 -42.92 95.43 24.07
C GLY C 283 -42.71 95.28 22.58
N ALA C 284 -41.62 94.62 22.22
CA ALA C 284 -41.27 94.40 20.82
C ALA C 284 -42.42 93.76 20.06
N LEU C 285 -43.02 92.73 20.66
CA LEU C 285 -44.08 91.97 20.02
C LEU C 285 -45.34 92.80 19.90
N ASN C 286 -45.64 93.60 20.91
CA ASN C 286 -46.82 94.45 20.84
C ASN C 286 -46.69 95.44 19.69
N LYS C 287 -45.49 96.03 19.50
CA LYS C 287 -45.26 96.97 18.38
C LYS C 287 -45.51 96.26 17.03
N VAL C 288 -44.94 95.08 16.85
CA VAL C 288 -45.17 94.25 15.67
C VAL C 288 -46.64 93.88 15.42
N LEU C 289 -47.42 93.68 16.48
CA LEU C 289 -48.81 93.26 16.36
C LEU C 289 -49.81 94.42 16.36
N GLY C 290 -49.30 95.64 16.44
CA GLY C 290 -50.14 96.84 16.30
C GLY C 290 -51.07 97.16 17.45
N ARG C 291 -51.00 96.40 18.55
CA ARG C 291 -51.80 96.71 19.74
C ARG C 291 -51.18 96.07 20.97
N GLU C 292 -51.68 96.44 22.14
CA GLU C 292 -51.13 95.90 23.39
C GLU C 292 -51.63 94.47 23.71
N VAL C 293 -51.16 93.50 22.95
CA VAL C 293 -51.56 92.10 23.12
C VAL C 293 -51.12 91.58 24.48
N TYR C 294 -49.83 91.76 24.79
CA TYR C 294 -49.22 91.23 26.00
C TYR C 294 -48.96 92.36 26.96
N THR C 295 -49.11 92.09 28.24
CA THR C 295 -48.96 93.09 29.28
C THR C 295 -47.71 92.92 30.13
N SER C 296 -47.11 91.74 30.09
CA SER C 296 -45.98 91.37 30.95
C SER C 296 -45.09 90.25 30.35
N ASN C 297 -43.78 90.43 30.36
CA ASN C 297 -42.88 89.35 29.95
C ASN C 297 -43.15 88.01 30.60
N ASN C 298 -43.70 87.99 31.81
CA ASN C 298 -44.05 86.72 32.43
C ASN C 298 -45.04 85.94 31.58
N GLN C 299 -45.87 86.63 30.81
CA GLN C 299 -46.77 85.92 29.88
C GLN C 299 -45.98 85.10 28.89
N LEU C 300 -44.80 85.58 28.49
CA LEU C 300 -43.99 84.91 27.49
C LEU C 300 -43.02 83.93 28.14
N GLY C 301 -42.37 84.33 29.24
CA GLY C 301 -41.27 83.54 29.82
C GLY C 301 -41.37 83.26 31.32
N GLY C 302 -42.51 83.58 31.91
CA GLY C 302 -42.66 83.45 33.36
C GLY C 302 -42.79 82.00 33.74
N ILE C 303 -42.84 81.73 35.03
CA ILE C 303 -42.94 80.34 35.43
C ILE C 303 -44.22 79.71 34.88
N GLN C 304 -45.25 80.51 34.65
CA GLN C 304 -46.48 79.93 34.14
C GLN C 304 -46.36 79.38 32.73
N ILE C 305 -45.29 79.72 32.03
CA ILE C 305 -44.97 79.08 30.75
C ILE C 305 -43.93 78.00 30.96
N MET C 306 -42.80 78.38 31.53
CA MET C 306 -41.66 77.48 31.58
C MET C 306 -41.74 76.35 32.58
N HIS C 307 -42.49 76.51 33.67
CA HIS C 307 -42.64 75.41 34.64
C HIS C 307 -43.63 74.44 34.10
N ASN C 308 -44.64 74.96 33.42
CA ASN C 308 -45.64 74.16 32.76
C ASN C 308 -45.22 73.42 31.47
N ASN C 309 -44.08 73.77 30.86
CA ASN C 309 -43.62 73.06 29.66
C ASN C 309 -42.32 72.29 29.83
N GLY C 310 -41.78 72.31 31.03
CA GLY C 310 -40.60 71.51 31.39
C GLY C 310 -39.23 72.11 31.10
N VAL C 311 -39.21 73.37 30.67
CA VAL C 311 -37.96 74.11 30.54
C VAL C 311 -37.33 74.38 31.89
N THR C 312 -38.19 74.77 32.82
CA THR C 312 -37.88 74.93 34.26
C THR C 312 -38.27 73.69 35.09
N HIS C 313 -37.36 73.23 35.91
CA HIS C 313 -37.57 72.04 36.73
C HIS C 313 -38.28 72.35 38.01
N CYS C 314 -37.82 73.42 38.69
CA CYS C 314 -38.41 73.84 39.96
C CYS C 314 -38.56 75.32 40.02
N THR C 315 -39.55 75.76 40.79
CA THR C 315 -39.70 77.17 41.06
C THR C 315 -39.49 77.41 42.55
N VAL C 316 -39.00 78.61 42.86
CA VAL C 316 -38.71 79.02 44.22
C VAL C 316 -39.24 80.41 44.44
N CYS C 317 -39.48 80.76 45.70
CA CYS C 317 -40.10 82.07 46.01
C CYS C 317 -39.09 83.16 46.02
N ASP C 318 -37.83 82.83 46.29
CA ASP C 318 -36.77 83.83 46.34
C ASP C 318 -35.42 83.25 46.01
N ASP C 319 -34.43 84.12 45.92
CA ASP C 319 -33.07 83.71 45.58
C ASP C 319 -32.50 82.76 46.61
N PHE C 320 -32.70 83.04 47.90
CA PHE C 320 -32.19 82.15 48.92
C PHE C 320 -32.66 80.70 48.68
N GLU C 321 -33.95 80.54 48.42
CA GLU C 321 -34.51 79.22 48.24
C GLU C 321 -33.98 78.59 46.97
N GLY C 322 -33.62 79.45 46.02
CA GLY C 322 -32.96 78.98 44.81
C GLY C 322 -31.63 78.32 45.14
N VAL C 323 -30.77 79.04 45.86
CA VAL C 323 -29.47 78.48 46.18
C VAL C 323 -29.64 77.20 46.97
N PHE C 324 -30.56 77.20 47.91
CA PHE C 324 -30.81 76.00 48.66
C PHE C 324 -31.15 74.85 47.73
N THR C 325 -32.01 75.09 46.76
CA THR C 325 -32.40 74.03 45.83
C THR C 325 -31.17 73.50 45.09
N VAL C 326 -30.30 74.39 44.67
CA VAL C 326 -29.08 73.97 43.99
C VAL C 326 -28.36 72.97 44.89
N LEU C 327 -28.11 73.35 46.12
CA LEU C 327 -27.41 72.48 47.07
C LEU C 327 -28.18 71.21 47.36
N HIS C 328 -29.50 71.32 47.37
CA HIS C 328 -30.37 70.19 47.65
C HIS C 328 -30.28 69.17 46.55
N TRP C 329 -30.35 69.63 45.32
CA TRP C 329 -30.10 68.75 44.18
C TRP C 329 -28.74 68.11 44.19
N LEU C 330 -27.71 68.91 44.35
CA LEU C 330 -26.37 68.38 44.39
C LEU C 330 -26.20 67.29 45.46
N SER C 331 -27.03 67.30 46.50
CA SER C 331 -26.90 66.29 47.57
C SER C 331 -27.21 64.87 47.13
N TYR C 332 -27.87 64.72 45.99
CA TYR C 332 -28.07 63.42 45.37
C TYR C 332 -26.98 63.07 44.37
N MET C 333 -26.05 63.97 44.11
CA MET C 333 -25.17 63.83 42.96
C MET C 333 -23.70 63.66 43.36
N PRO C 334 -22.95 62.89 42.57
CA PRO C 334 -21.58 62.66 42.91
C PRO C 334 -20.74 63.90 42.79
N LYS C 335 -19.84 64.05 43.74
CA LYS C 335 -18.97 65.19 43.90
C LYS C 335 -18.31 65.66 42.62
N SER C 336 -17.93 64.69 41.78
CA SER C 336 -17.32 64.91 40.47
C SER C 336 -17.73 63.80 39.55
N VAL C 337 -17.32 63.87 38.28
CA VAL C 337 -17.59 62.80 37.33
C VAL C 337 -16.72 61.59 37.56
N HIS C 338 -15.61 61.78 38.27
CA HIS C 338 -14.76 60.66 38.62
C HIS C 338 -15.28 59.92 39.84
N SER C 339 -16.45 60.31 40.34
CA SER C 339 -16.89 59.84 41.65
C SER C 339 -18.19 59.07 41.61
N SER C 340 -18.33 58.20 42.59
CA SER C 340 -19.52 57.41 42.75
C SER C 340 -20.58 58.27 43.43
N VAL C 341 -21.84 57.88 43.28
CA VAL C 341 -22.95 58.51 44.01
C VAL C 341 -22.70 58.54 45.52
N PRO C 342 -23.00 59.66 46.18
CA PRO C 342 -22.80 59.79 47.61
C PRO C 342 -23.88 59.11 48.45
N LEU C 343 -23.44 58.21 49.33
CA LEU C 343 -24.35 57.39 50.11
C LEU C 343 -24.57 58.01 51.49
N LEU C 344 -25.79 57.95 51.98
CA LEU C 344 -26.09 58.37 53.35
C LEU C 344 -26.37 57.17 54.22
N ASN C 345 -26.27 57.33 55.54
CA ASN C 345 -26.81 56.36 56.52
C ASN C 345 -28.16 56.87 56.94
N SER C 346 -29.21 56.37 56.29
CA SER C 346 -30.53 56.98 56.49
C SER C 346 -31.17 56.43 57.73
N LYS C 347 -32.09 57.21 58.27
CA LYS C 347 -32.85 56.82 59.45
C LYS C 347 -34.02 55.90 59.11
N ASP C 348 -34.33 55.80 57.82
CA ASP C 348 -35.34 54.86 57.35
C ASP C 348 -34.70 53.52 57.11
N PRO C 349 -35.04 52.53 57.92
CA PRO C 349 -34.32 51.28 57.76
C PRO C 349 -34.59 50.60 56.45
N ILE C 350 -33.77 49.60 56.19
CA ILE C 350 -33.66 48.96 54.90
C ILE C 350 -34.51 47.71 54.94
N ASP C 351 -34.54 47.04 56.10
CA ASP C 351 -35.29 45.80 56.28
C ASP C 351 -36.70 46.02 56.79
N ARG C 352 -37.35 47.08 56.33
CA ARG C 352 -38.76 47.29 56.64
C ARG C 352 -39.63 46.89 55.49
N ILE C 353 -40.92 46.70 55.79
CA ILE C 353 -41.91 46.50 54.72
C ILE C 353 -42.53 47.82 54.27
N ILE C 354 -43.05 47.84 53.05
CA ILE C 354 -43.71 49.02 52.54
C ILE C 354 -45.17 48.89 52.95
N GLU C 355 -45.68 49.91 53.62
CA GLU C 355 -47.02 49.84 54.13
C GLU C 355 -48.04 50.25 53.07
N PHE C 356 -47.73 51.28 52.30
CA PHE C 356 -48.64 51.70 51.25
C PHE C 356 -48.65 50.68 50.13
N VAL C 357 -49.85 50.32 49.67
CA VAL C 357 -50.01 49.29 48.66
C VAL C 357 -50.76 49.88 47.46
N PRO C 358 -50.14 49.83 46.28
CA PRO C 358 -50.83 50.26 45.08
C PRO C 358 -52.09 49.43 44.83
N THR C 359 -53.08 50.06 44.22
CA THR C 359 -54.41 49.49 44.13
C THR C 359 -54.91 49.49 42.68
N LYS C 360 -55.85 48.61 42.37
CA LYS C 360 -56.54 48.66 41.08
C LYS C 360 -57.24 50.03 40.97
N THR C 361 -57.78 50.52 42.08
CA THR C 361 -58.33 51.88 42.15
C THR C 361 -57.24 52.88 41.87
N PRO C 362 -57.56 53.98 41.16
CA PRO C 362 -56.44 54.85 40.84
C PRO C 362 -55.97 55.54 42.09
N TYR C 363 -54.72 56.01 42.03
CA TYR C 363 -54.07 56.63 43.19
C TYR C 363 -52.89 57.52 42.76
N ASP C 364 -52.54 58.48 43.61
CA ASP C 364 -51.37 59.32 43.38
C ASP C 364 -50.12 58.48 43.56
N PRO C 365 -49.30 58.36 42.53
CA PRO C 365 -48.13 57.50 42.64
C PRO C 365 -47.06 58.06 43.56
N ARG C 366 -47.22 59.30 43.96
CA ARG C 366 -46.27 59.88 44.89
C ARG C 366 -46.39 59.18 46.23
N TRP C 367 -47.59 58.71 46.56
CA TRP C 367 -47.81 57.90 47.73
C TRP C 367 -46.98 56.65 47.68
N MET C 368 -46.90 56.02 46.51
CA MET C 368 -46.12 54.81 46.32
C MET C 368 -44.64 55.05 46.63
N LEU C 369 -44.14 56.24 46.29
CA LEU C 369 -42.73 56.55 46.39
C LEU C 369 -42.40 57.08 47.78
N ALA C 370 -43.08 58.15 48.16
CA ALA C 370 -42.74 58.91 49.34
C ALA C 370 -43.59 58.52 50.55
N GLY C 371 -44.68 57.79 50.32
CA GLY C 371 -45.61 57.43 51.38
C GLY C 371 -46.69 58.49 51.51
N ARG C 372 -47.63 58.26 52.39
CA ARG C 372 -48.71 59.21 52.64
C ARG C 372 -49.16 59.16 54.12
N PRO C 373 -49.93 60.15 54.56
CA PRO C 373 -50.49 60.10 55.90
C PRO C 373 -51.54 59.00 56.03
N HIS C 374 -51.66 58.42 57.22
CA HIS C 374 -52.63 57.35 57.46
C HIS C 374 -54.05 57.91 57.48
N PRO C 375 -54.96 57.33 56.67
CA PRO C 375 -56.39 57.66 56.68
C PRO C 375 -57.11 57.54 58.04
N THR C 376 -56.77 56.55 58.86
CA THR C 376 -57.42 56.39 60.18
C THR C 376 -56.58 57.09 61.26
N GLN C 377 -55.83 56.33 62.06
CA GLN C 377 -55.07 56.91 63.17
C GLN C 377 -53.92 57.82 62.71
N LYS C 378 -54.26 59.07 62.39
CA LYS C 378 -53.27 60.13 62.18
C LYS C 378 -52.81 60.62 63.56
N GLY C 379 -51.61 61.19 63.72
CA GLY C 379 -50.62 61.36 62.66
C GLY C 379 -49.57 60.26 62.59
N GLN C 380 -49.99 59.05 62.21
CA GLN C 380 -49.08 57.98 61.79
C GLN C 380 -48.86 58.07 60.25
N TRP C 381 -48.04 57.19 59.68
CA TRP C 381 -47.57 57.31 58.29
C TRP C 381 -47.48 56.00 57.55
N LEU C 382 -48.20 55.91 56.43
CA LEU C 382 -48.10 54.75 55.56
C LEU C 382 -46.84 54.91 54.71
N SER C 383 -45.84 54.08 54.99
CA SER C 383 -44.53 54.21 54.39
C SER C 383 -44.56 53.87 52.92
N GLY C 384 -43.77 54.60 52.15
CA GLY C 384 -43.62 54.35 50.72
C GLY C 384 -42.44 53.45 50.44
N PHE C 385 -42.12 53.30 49.16
CA PHE C 385 -40.95 52.52 48.73
C PHE C 385 -39.63 53.18 49.15
N PHE C 386 -39.47 54.47 48.90
CA PHE C 386 -38.16 55.12 49.14
C PHE C 386 -38.05 55.64 50.57
N ASP C 387 -36.82 56.01 50.93
CA ASP C 387 -36.47 56.57 52.22
C ASP C 387 -37.38 57.74 52.55
N TYR C 388 -37.95 57.72 53.75
CA TYR C 388 -38.80 58.82 54.22
C TYR C 388 -38.14 60.15 53.97
N GLY C 389 -38.84 61.03 53.29
CA GLY C 389 -38.38 62.37 53.06
C GLY C 389 -37.35 62.54 51.96
N SER C 390 -37.11 61.51 51.15
CA SER C 390 -36.05 61.57 50.16
C SER C 390 -36.49 61.94 48.77
N PHE C 391 -37.78 61.82 48.50
CA PHE C 391 -38.24 62.00 47.12
C PHE C 391 -38.39 63.47 46.81
N SER C 392 -37.68 63.94 45.80
CA SER C 392 -37.75 65.34 45.41
C SER C 392 -38.09 65.40 43.93
N GLU C 393 -39.34 65.79 43.65
CA GLU C 393 -39.85 65.80 42.28
C GLU C 393 -39.25 66.94 41.45
N ILE C 394 -39.29 66.78 40.15
CA ILE C 394 -39.06 67.89 39.23
C ILE C 394 -40.06 67.84 38.05
N MET C 395 -40.22 68.99 37.40
CA MET C 395 -41.12 69.16 36.28
C MET C 395 -42.55 68.71 36.61
N GLN C 396 -43.00 68.99 37.84
CA GLN C 396 -44.24 68.40 38.32
C GLN C 396 -45.45 68.76 37.45
N PRO C 397 -45.59 70.03 37.06
CA PRO C 397 -46.82 70.37 36.38
C PRO C 397 -46.83 70.13 34.90
N TRP C 398 -45.76 69.57 34.34
CA TRP C 398 -45.69 69.32 32.90
C TRP C 398 -45.81 67.85 32.63
N ALA C 399 -46.70 67.49 31.70
CA ALA C 399 -46.87 66.09 31.30
C ALA C 399 -47.05 65.27 32.53
N GLN C 400 -48.20 65.43 33.17
CA GLN C 400 -48.39 64.97 34.54
C GLN C 400 -48.85 63.53 34.58
N THR C 401 -48.93 62.95 33.40
CA THR C 401 -49.14 61.54 33.24
C THR C 401 -47.94 60.72 33.71
N VAL C 402 -46.79 61.36 33.77
CA VAL C 402 -45.60 60.73 34.30
C VAL C 402 -45.03 61.63 35.39
N VAL C 403 -44.36 61.01 36.34
CA VAL C 403 -43.82 61.69 37.50
C VAL C 403 -42.36 61.34 37.62
N VAL C 404 -41.52 62.35 37.71
CA VAL C 404 -40.08 62.10 37.77
C VAL C 404 -39.42 62.88 38.89
N GLY C 405 -38.29 62.39 39.38
CA GLY C 405 -37.62 63.00 40.49
C GLY C 405 -36.43 62.18 40.93
N ARG C 406 -35.88 62.56 42.08
CA ARG C 406 -34.74 61.90 42.65
C ARG C 406 -35.18 61.44 44.02
N ALA C 407 -34.59 60.35 44.50
CA ALA C 407 -34.91 59.87 45.85
C ALA C 407 -33.71 59.10 46.38
N ARG C 408 -33.87 58.50 47.55
CA ARG C 408 -32.82 57.65 48.11
C ARG C 408 -33.42 56.33 48.57
N LEU C 409 -32.71 55.24 48.26
CA LEU C 409 -33.05 53.88 48.67
C LEU C 409 -31.92 53.38 49.57
N GLY C 410 -32.20 53.24 50.86
CA GLY C 410 -31.15 52.97 51.83
C GLY C 410 -30.03 54.01 51.79
N GLY C 411 -30.33 55.22 51.35
CA GLY C 411 -29.32 56.24 51.29
C GLY C 411 -28.54 56.22 50.00
N ILE C 412 -28.94 55.35 49.08
CA ILE C 412 -28.37 55.42 47.74
C ILE C 412 -29.27 56.34 46.94
N PRO C 413 -28.70 57.43 46.40
CA PRO C 413 -29.52 58.28 45.57
C PRO C 413 -29.81 57.59 44.27
N VAL C 414 -31.06 57.71 43.81
CA VAL C 414 -31.49 57.25 42.51
C VAL C 414 -32.34 58.31 41.81
N GLY C 415 -32.40 58.22 40.49
CA GLY C 415 -33.39 58.93 39.71
C GLY C 415 -34.59 58.02 39.52
N VAL C 416 -35.76 58.64 39.38
CA VAL C 416 -37.01 57.92 39.51
C VAL C 416 -38.04 58.33 38.51
N VAL C 417 -38.68 57.35 37.91
CA VAL C 417 -39.80 57.57 36.98
C VAL C 417 -40.97 56.71 37.43
N ALA C 418 -42.15 57.32 37.56
CA ALA C 418 -43.42 56.59 37.92
C ALA C 418 -44.57 57.13 37.13
N VAL C 419 -45.67 56.40 37.17
CA VAL C 419 -46.80 56.69 36.27
C VAL C 419 -48.06 57.05 37.02
N GLU C 420 -48.66 58.15 36.59
CA GLU C 420 -49.91 58.60 37.14
C GLU C 420 -51.01 57.63 36.73
N THR C 421 -51.90 57.28 37.65
CA THR C 421 -52.98 56.34 37.34
C THR C 421 -54.31 57.06 37.23
N ARG C 422 -54.42 58.24 37.84
CA ARG C 422 -55.65 59.03 37.80
C ARG C 422 -55.65 59.89 36.55
N THR C 423 -56.82 60.16 36.00
CA THR C 423 -56.90 61.02 34.81
C THR C 423 -56.35 62.39 35.15
N VAL C 424 -55.45 62.88 34.29
CA VAL C 424 -54.93 64.23 34.43
C VAL C 424 -55.88 65.19 33.74
N GLU C 425 -56.08 66.35 34.35
CA GLU C 425 -56.84 67.41 33.72
C GLU C 425 -55.86 68.50 33.42
N LEU C 426 -55.55 68.65 32.14
CA LEU C 426 -54.58 69.62 31.70
C LEU C 426 -55.28 70.91 31.33
N SER C 427 -54.79 72.00 31.90
CA SER C 427 -55.30 73.30 31.58
C SER C 427 -54.37 73.97 30.55
N ILE C 428 -54.93 74.33 29.39
CA ILE C 428 -54.18 75.04 28.35
C ILE C 428 -54.60 76.50 28.36
N PRO C 429 -53.63 77.41 28.57
CA PRO C 429 -53.98 78.83 28.65
C PRO C 429 -54.37 79.37 27.27
N ALA C 430 -55.08 80.49 27.28
CA ALA C 430 -55.51 81.11 26.05
C ALA C 430 -54.34 81.87 25.43
N ASP C 431 -54.25 81.84 24.09
CA ASP C 431 -53.28 82.62 23.33
C ASP C 431 -53.85 84.05 23.15
N PRO C 432 -53.22 85.04 23.79
CA PRO C 432 -53.74 86.41 23.71
C PRO C 432 -53.54 87.02 22.33
N ALA C 433 -52.52 86.53 21.63
CA ALA C 433 -52.29 86.86 20.22
C ALA C 433 -53.54 86.61 19.39
N ASN C 434 -54.20 85.49 19.66
CA ASN C 434 -55.35 85.05 18.88
C ASN C 434 -56.65 85.32 19.61
N LEU C 435 -57.51 86.12 19.00
CA LEU C 435 -58.76 86.52 19.63
C LEU C 435 -59.80 85.40 19.74
N ASP C 436 -59.64 84.31 18.99
CA ASP C 436 -60.52 83.13 19.10
C ASP C 436 -60.27 82.36 20.39
N SER C 437 -59.00 82.11 20.66
CA SER C 437 -58.56 81.29 21.79
C SER C 437 -59.19 81.62 23.16
N GLU C 438 -59.93 80.64 23.71
CA GLU C 438 -60.28 80.64 25.14
C GLU C 438 -59.55 79.43 25.77
N ALA C 439 -59.30 79.51 27.07
CA ALA C 439 -58.51 78.46 27.76
C ALA C 439 -59.20 77.08 27.77
N LYS C 440 -58.73 76.17 26.94
CA LYS C 440 -59.28 74.82 26.88
C LYS C 440 -58.82 73.97 28.07
N ILE C 441 -59.48 72.84 28.25
CA ILE C 441 -59.23 71.93 29.37
C ILE C 441 -59.26 70.48 28.83
N ILE C 442 -58.14 69.76 28.96
CA ILE C 442 -57.95 68.50 28.27
C ILE C 442 -57.83 67.31 29.22
N GLN C 443 -58.45 66.20 28.86
CA GLN C 443 -58.33 64.96 29.61
C GLN C 443 -57.10 64.22 29.14
N GLN C 444 -56.23 63.83 30.06
CA GLN C 444 -55.10 62.96 29.70
C GLN C 444 -55.20 61.68 30.52
N ALA C 445 -55.58 60.60 29.86
CA ALA C 445 -55.79 59.34 30.55
C ALA C 445 -54.56 58.93 31.32
N GLY C 446 -54.75 58.26 32.45
CA GLY C 446 -53.63 57.66 33.18
C GLY C 446 -53.08 56.39 32.54
N GLN C 447 -51.90 55.99 33.00
CA GLN C 447 -51.20 54.85 32.42
C GLN C 447 -50.96 54.89 30.89
N VAL C 448 -50.80 56.09 30.33
CA VAL C 448 -50.53 56.22 28.91
C VAL C 448 -49.39 57.20 28.65
N TRP C 449 -48.61 56.95 27.62
CA TRP C 449 -47.60 57.92 27.19
C TRP C 449 -48.20 58.78 26.15
N PHE C 450 -48.13 60.08 26.39
CA PHE C 450 -48.49 61.03 25.36
C PHE C 450 -47.19 61.62 24.85
N PRO C 451 -47.29 62.48 23.84
CA PRO C 451 -46.07 63.11 23.44
C PRO C 451 -45.38 63.81 24.62
N ASP C 452 -46.09 64.64 25.35
CA ASP C 452 -45.45 65.33 26.47
C ASP C 452 -44.86 64.32 27.45
N SER C 453 -45.63 63.31 27.87
CA SER C 453 -45.17 62.39 28.89
C SER C 453 -43.91 61.70 28.40
N ALA C 454 -43.92 61.30 27.14
CA ALA C 454 -42.79 60.54 26.55
C ALA C 454 -41.56 61.41 26.53
N PHE C 455 -41.76 62.67 26.21
CA PHE C 455 -40.66 63.62 26.19
C PHE C 455 -40.10 63.85 27.61
N LYS C 456 -40.97 64.14 28.55
CA LYS C 456 -40.56 64.28 29.96
C LYS C 456 -39.84 63.02 30.41
N THR C 457 -40.27 61.84 29.96
CA THR C 457 -39.60 60.62 30.40
C THR C 457 -38.20 60.51 29.84
N TYR C 458 -38.09 60.84 28.56
CA TYR C 458 -36.79 60.89 27.91
C TYR C 458 -35.84 61.88 28.57
N GLN C 459 -36.38 63.04 28.94
CA GLN C 459 -35.58 64.12 29.49
C GLN C 459 -35.06 63.72 30.84
N ALA C 460 -35.95 63.14 31.64
CA ALA C 460 -35.60 62.67 32.95
C ALA C 460 -34.47 61.63 32.82
N ILE C 461 -34.65 60.69 31.90
CA ILE C 461 -33.64 59.64 31.68
C ILE C 461 -32.28 60.27 31.33
N LYS C 462 -32.26 61.24 30.41
CA LYS C 462 -31.01 61.85 30.00
C LYS C 462 -30.35 62.61 31.16
N ASP C 463 -31.12 63.44 31.84
CA ASP C 463 -30.56 64.34 32.83
C ASP C 463 -29.94 63.48 33.92
N PHE C 464 -30.72 62.55 34.47
CA PHE C 464 -30.23 61.70 35.55
C PHE C 464 -29.01 60.89 35.14
N ASN C 465 -29.00 60.46 33.91
CA ASN C 465 -27.94 59.64 33.47
C ASN C 465 -26.65 60.45 33.45
N ARG C 466 -26.76 61.72 33.10
CA ARG C 466 -25.58 62.58 33.05
CA ARG C 466 -25.58 62.58 33.03
C ARG C 466 -25.17 63.06 34.42
N GLU C 467 -26.04 62.91 35.40
CA GLU C 467 -25.63 63.19 36.78
C GLU C 467 -24.81 62.02 37.28
N GLY C 468 -25.09 60.82 36.74
CA GLY C 468 -24.41 59.61 37.15
C GLY C 468 -25.20 58.74 38.08
N LEU C 469 -26.52 58.93 38.07
CA LEU C 469 -27.41 58.24 38.99
C LEU C 469 -27.88 56.96 38.39
N PRO C 470 -28.07 55.95 39.23
CA PRO C 470 -28.91 54.83 38.80
C PRO C 470 -30.35 55.24 38.64
N LEU C 471 -31.08 54.44 37.86
CA LEU C 471 -32.46 54.74 37.46
C LEU C 471 -33.39 53.72 38.04
N MET C 472 -34.52 54.18 38.53
CA MET C 472 -35.58 53.23 38.86
C MET C 472 -36.87 53.61 38.17
N VAL C 473 -37.34 52.74 37.27
CA VAL C 473 -38.59 52.96 36.58
C VAL C 473 -39.68 52.07 37.18
N PHE C 474 -40.74 52.69 37.67
CA PHE C 474 -41.91 51.97 38.15
C PHE C 474 -42.92 51.90 37.02
N ALA C 475 -42.75 50.89 36.15
CA ALA C 475 -43.46 50.85 34.88
C ALA C 475 -44.90 50.44 35.09
N ASN C 476 -45.80 51.23 34.50
CA ASN C 476 -47.21 50.98 34.56
C ASN C 476 -47.91 51.72 33.42
N TRP C 477 -47.61 51.28 32.21
CA TRP C 477 -48.08 51.90 30.99
C TRP C 477 -48.80 50.91 30.13
N ARG C 478 -50.01 51.30 29.74
CA ARG C 478 -50.83 50.48 28.86
C ARG C 478 -50.43 50.65 27.40
N GLY C 479 -49.75 51.76 27.09
CA GLY C 479 -49.37 52.10 25.71
C GLY C 479 -49.12 53.57 25.48
N PHE C 480 -48.69 53.90 24.27
CA PHE C 480 -48.66 55.29 23.79
C PHE C 480 -50.04 55.66 23.22
N SER C 481 -50.49 56.90 23.36
CA SER C 481 -51.77 57.26 22.76
C SER C 481 -51.48 57.28 21.28
N GLY C 482 -52.33 56.59 20.52
CA GLY C 482 -52.09 56.42 19.08
C GLY C 482 -53.16 57.04 18.23
N GLY C 483 -53.88 58.00 18.81
CA GLY C 483 -55.02 58.63 18.15
C GLY C 483 -54.56 59.69 17.19
N MET C 484 -55.46 60.18 16.36
CA MET C 484 -55.05 61.05 15.27
C MET C 484 -54.26 62.22 15.77
N LYS C 485 -54.79 62.91 16.77
CA LYS C 485 -54.11 64.12 17.21
C LYS C 485 -52.71 63.79 17.70
N ASP C 486 -52.61 62.85 18.62
CA ASP C 486 -51.34 62.58 19.22
C ASP C 486 -50.31 62.06 18.21
N MET C 487 -50.76 61.34 17.20
CA MET C 487 -49.84 60.87 16.17
C MET C 487 -49.32 62.04 15.37
N TYR C 488 -50.21 62.93 14.97
CA TYR C 488 -49.86 64.19 14.33
C TYR C 488 -48.89 64.95 15.21
N ASP C 489 -49.14 64.92 16.51
CA ASP C 489 -48.29 65.62 17.46
C ASP C 489 -47.01 64.84 17.79
N GLN C 490 -46.72 63.85 16.96
CA GLN C 490 -45.37 63.29 16.89
C GLN C 490 -45.09 62.36 18.03
N VAL C 491 -46.11 61.68 18.55
CA VAL C 491 -45.89 60.73 19.65
C VAL C 491 -44.90 59.63 19.27
N LEU C 492 -44.85 59.30 17.99
CA LEU C 492 -43.95 58.28 17.50
C LEU C 492 -42.53 58.68 17.72
N LYS C 493 -42.25 59.96 17.55
CA LYS C 493 -40.87 60.47 17.53
C LYS C 493 -40.33 60.35 18.91
N PHE C 494 -41.17 60.66 19.89
CA PHE C 494 -40.73 60.76 21.29
C PHE C 494 -40.69 59.44 21.99
N GLY C 495 -41.47 58.49 21.50
CA GLY C 495 -41.39 57.13 21.99
C GLY C 495 -40.05 56.58 21.62
N ALA C 496 -39.66 56.76 20.35
CA ALA C 496 -38.31 56.39 19.89
C ALA C 496 -37.22 56.95 20.79
N TYR C 497 -37.37 58.18 21.23
CA TYR C 497 -36.33 58.81 22.01
C TYR C 497 -36.06 58.04 23.28
N ILE C 498 -37.11 57.55 23.95
CA ILE C 498 -36.93 56.75 25.13
C ILE C 498 -35.94 55.61 24.86
N VAL C 499 -36.05 54.95 23.70
CA VAL C 499 -35.09 53.91 23.37
C VAL C 499 -33.64 54.49 23.31
N ASP C 500 -33.44 55.55 22.54
CA ASP C 500 -32.13 56.19 22.48
C ASP C 500 -31.69 56.46 23.92
N GLY C 501 -32.60 56.95 24.74
CA GLY C 501 -32.21 57.42 26.09
C GLY C 501 -31.64 56.33 26.96
N LEU C 502 -32.33 55.20 26.98
CA LEU C 502 -31.96 54.09 27.83
C LEU C 502 -30.75 53.40 27.26
N ARG C 503 -30.62 53.41 25.95
CA ARG C 503 -29.46 52.77 25.36
C ARG C 503 -28.15 53.47 25.80
N GLU C 504 -28.19 54.78 26.03
CA GLU C 504 -27.00 55.55 26.43
C GLU C 504 -26.77 55.49 27.94
N CYS C 505 -27.63 54.82 28.71
CA CYS C 505 -27.42 54.75 30.18
C CYS C 505 -26.18 53.97 30.58
N CYS C 506 -25.50 54.45 31.61
CA CYS C 506 -24.20 53.93 32.00
C CYS C 506 -24.12 53.37 33.39
N GLN C 507 -25.22 53.45 34.13
CA GLN C 507 -25.32 52.94 35.48
C GLN C 507 -26.61 52.13 35.53
N PRO C 508 -26.87 51.39 36.62
CA PRO C 508 -28.00 50.50 36.67
C PRO C 508 -29.30 51.15 36.34
N VAL C 509 -30.08 50.47 35.53
CA VAL C 509 -31.47 50.83 35.33
C VAL C 509 -32.37 49.68 35.78
N LEU C 510 -33.10 49.86 36.86
CA LEU C 510 -33.99 48.79 37.37
C LEU C 510 -35.48 49.10 37.12
N VAL C 511 -36.15 48.25 36.33
CA VAL C 511 -37.54 48.48 35.98
C VAL C 511 -38.43 47.50 36.76
N TYR C 512 -39.46 48.02 37.40
CA TYR C 512 -40.30 47.20 38.23
C TYR C 512 -41.74 47.51 37.91
N ILE C 513 -42.48 46.49 37.51
CA ILE C 513 -43.91 46.64 37.34
C ILE C 513 -44.57 46.39 38.67
N PRO C 514 -45.08 47.43 39.27
CA PRO C 514 -45.69 47.27 40.64
C PRO C 514 -46.98 46.52 40.65
N PRO C 515 -47.43 46.10 41.85
CA PRO C 515 -48.72 45.38 41.97
C PRO C 515 -49.88 46.19 41.44
N GLN C 516 -50.73 45.53 40.67
CA GLN C 516 -51.81 46.18 39.91
C GLN C 516 -51.35 47.05 38.76
N ALA C 517 -50.06 47.07 38.47
CA ALA C 517 -49.62 47.75 37.29
C ALA C 517 -49.64 46.76 36.16
N GLU C 518 -49.47 47.30 34.94
CA GLU C 518 -49.39 46.51 33.75
C GLU C 518 -48.47 47.20 32.79
N LEU C 519 -47.88 46.43 31.90
CA LEU C 519 -46.97 46.97 30.91
C LEU C 519 -47.22 46.25 29.56
N ARG C 520 -47.54 47.00 28.52
CA ARG C 520 -48.09 46.44 27.31
C ARG C 520 -47.45 46.96 26.03
N GLY C 521 -47.31 46.06 25.07
CA GLY C 521 -47.04 46.43 23.71
C GLY C 521 -45.98 47.48 23.58
N GLY C 522 -46.36 48.61 23.00
CA GLY C 522 -45.41 49.67 22.65
C GLY C 522 -44.60 50.10 23.83
N SER C 523 -45.27 50.19 24.98
CA SER C 523 -44.64 50.74 26.18
C SER C 523 -43.61 49.79 26.67
N TRP C 524 -43.86 48.50 26.54
CA TRP C 524 -42.84 47.53 26.95
C TRP C 524 -41.65 47.58 26.05
N VAL C 525 -41.92 47.49 24.76
CA VAL C 525 -40.88 47.45 23.75
C VAL C 525 -39.84 48.56 23.93
N VAL C 526 -40.26 49.79 24.21
CA VAL C 526 -39.26 50.86 24.30
C VAL C 526 -38.50 50.88 25.61
N ILE C 527 -38.90 50.04 26.59
CA ILE C 527 -38.10 49.92 27.83
C ILE C 527 -37.70 48.48 28.18
N ASP C 528 -37.71 47.56 27.22
CA ASP C 528 -37.18 46.22 27.49
C ASP C 528 -35.68 46.27 27.83
N SER C 529 -35.29 45.43 28.78
CA SER C 529 -33.89 45.26 29.19
C SER C 529 -32.94 44.91 28.05
N SER C 530 -33.49 44.34 27.00
CA SER C 530 -32.73 44.03 25.82
C SER C 530 -32.00 45.26 25.19
N ILE C 531 -32.55 46.46 25.35
CA ILE C 531 -32.04 47.67 24.67
C ILE C 531 -30.68 47.96 25.21
N ASN C 532 -30.52 47.74 26.51
CA ASN C 532 -29.24 47.98 27.18
C ASN C 532 -29.03 46.89 28.21
N PRO C 533 -28.76 45.68 27.72
CA PRO C 533 -28.58 44.53 28.59
C PRO C 533 -27.45 44.67 29.59
N ARG C 534 -26.37 45.34 29.20
CA ARG C 534 -25.29 45.57 30.13
C ARG C 534 -25.81 46.16 31.44
N HIS C 535 -26.83 47.02 31.40
CA HIS C 535 -27.24 47.80 32.57
C HIS C 535 -28.67 47.71 32.98
N MET C 536 -29.53 47.17 32.14
CA MET C 536 -30.95 47.20 32.45
C MET C 536 -31.37 45.92 33.06
N GLU C 537 -32.36 46.00 33.95
CA GLU C 537 -32.96 44.84 34.57
C GLU C 537 -34.43 45.07 34.74
N MET C 538 -35.19 44.00 34.60
CA MET C 538 -36.64 44.11 34.60
C MET C 538 -37.25 43.14 35.62
N TYR C 539 -38.22 43.63 36.39
CA TYR C 539 -38.85 42.84 37.44
C TYR C 539 -40.37 43.04 37.40
N ALA C 540 -41.12 41.99 37.76
CA ALA C 540 -42.60 42.09 37.83
C ALA C 540 -43.09 41.66 39.20
N ASP C 541 -44.01 42.42 39.77
CA ASP C 541 -44.64 42.03 41.05
C ASP C 541 -45.56 40.83 40.78
N ARG C 542 -45.83 39.94 41.73
CA ARG C 542 -46.83 38.85 41.44
C ARG C 542 -48.10 39.42 40.89
N GLU C 543 -48.52 40.57 41.40
CA GLU C 543 -49.81 41.14 41.03
C GLU C 543 -49.70 42.11 39.83
N SER C 544 -48.79 41.83 38.92
CA SER C 544 -48.62 42.66 37.75
C SER C 544 -49.02 41.82 36.56
N ARG C 545 -49.02 42.47 35.40
CA ARG C 545 -49.43 41.85 34.15
C ARG C 545 -48.72 42.45 32.96
N GLY C 546 -48.50 41.67 31.90
CA GLY C 546 -47.80 42.23 30.73
C GLY C 546 -47.82 41.40 29.47
N SER C 547 -48.06 42.08 28.35
CA SER C 547 -48.26 41.42 27.07
C SER C 547 -48.00 42.34 25.95
N VAL C 548 -47.90 41.77 24.76
CA VAL C 548 -47.95 42.57 23.55
C VAL C 548 -49.29 43.27 23.50
N LEU C 549 -50.30 42.55 23.93
CA LEU C 549 -51.63 43.06 23.80
C LEU C 549 -52.50 42.69 24.98
N GLU C 550 -53.28 43.65 25.45
CA GLU C 550 -54.19 43.38 26.58
C GLU C 550 -55.25 42.30 26.28
N PRO C 551 -55.78 41.66 27.31
CA PRO C 551 -56.73 40.55 27.11
C PRO C 551 -57.95 40.88 26.27
N GLU C 552 -58.59 42.00 26.53
CA GLU C 552 -59.78 42.29 25.74
C GLU C 552 -59.45 42.31 24.23
N GLY C 553 -58.31 42.86 23.88
CA GLY C 553 -57.96 43.07 22.47
C GLY C 553 -57.41 41.83 21.85
N THR C 554 -56.76 41.03 22.68
CA THR C 554 -56.38 39.70 22.27
C THR C 554 -57.61 38.81 21.95
N VAL C 555 -58.63 38.80 22.86
CA VAL C 555 -59.76 37.96 22.65
C VAL C 555 -60.36 38.41 21.33
N GLU C 556 -60.55 39.70 21.18
CA GLU C 556 -61.13 40.24 19.93
C GLU C 556 -60.53 39.66 18.63
N ILE C 557 -59.20 39.48 18.63
CA ILE C 557 -58.56 38.90 17.49
C ILE C 557 -58.53 37.40 17.48
N LYS C 558 -58.22 36.79 18.62
CA LYS C 558 -57.91 35.35 18.67
C LYS C 558 -58.81 34.50 19.60
N PHE C 559 -60.03 34.95 19.85
CA PHE C 559 -61.01 34.12 20.53
C PHE C 559 -62.35 34.67 20.14
N ARG C 560 -62.61 34.56 18.84
CA ARG C 560 -63.80 35.12 18.25
C ARG C 560 -64.94 34.09 18.38
N ARG C 561 -66.11 34.40 17.83
CA ARG C 561 -67.28 33.56 18.03
C ARG C 561 -67.08 32.07 17.78
N LYS C 562 -66.60 31.71 16.58
CA LYS C 562 -66.41 30.30 16.24
C LYS C 562 -65.76 29.59 17.46
N ASP C 563 -64.68 30.17 17.98
CA ASP C 563 -64.01 29.60 19.15
C ASP C 563 -64.84 29.59 20.47
N LEU C 564 -65.66 30.60 20.67
CA LEU C 564 -66.47 30.65 21.87
C LEU C 564 -67.45 29.48 21.80
N VAL C 565 -68.08 29.31 20.66
CA VAL C 565 -68.99 28.20 20.47
C VAL C 565 -68.30 26.85 20.65
N LYS C 566 -67.18 26.65 20.00
CA LYS C 566 -66.36 25.46 20.29
C LYS C 566 -66.26 25.18 21.79
N THR C 567 -66.10 26.23 22.59
CA THR C 567 -65.87 26.08 24.04
C THR C 567 -67.15 25.68 24.71
N MET C 568 -68.23 26.27 24.26
CA MET C 568 -69.55 25.87 24.66
C MET C 568 -69.77 24.39 24.39
N ARG C 569 -69.44 23.95 23.18
CA ARG C 569 -69.65 22.52 22.82
C ARG C 569 -68.95 21.58 23.74
N ARG C 570 -67.87 22.06 24.34
CA ARG C 570 -67.11 21.25 25.25
C ARG C 570 -67.64 21.31 26.71
N VAL C 571 -68.19 22.44 27.13
CA VAL C 571 -68.42 22.73 28.53
C VAL C 571 -69.90 22.91 28.91
N ASP C 572 -70.66 23.61 28.09
CA ASP C 572 -72.06 23.82 28.44
C ASP C 572 -72.87 22.56 28.26
N PRO C 573 -73.54 22.10 29.33
CA PRO C 573 -74.23 20.82 29.24
C PRO C 573 -75.42 20.86 28.26
N VAL C 574 -76.19 21.94 28.30
CA VAL C 574 -77.36 22.05 27.42
C VAL C 574 -76.94 22.00 25.97
N TYR C 575 -75.90 22.80 25.61
CA TYR C 575 -75.43 22.82 24.28
C TYR C 575 -74.95 21.42 23.98
N ILE C 576 -74.19 20.81 24.89
CA ILE C 576 -73.68 19.45 24.66
C ILE C 576 -74.79 18.49 24.30
N HIS C 577 -75.83 18.46 25.14
CA HIS C 577 -76.92 17.61 24.91
C HIS C 577 -77.49 17.80 23.52
N LEU C 578 -77.83 19.03 23.18
CA LEU C 578 -78.35 19.34 21.84
C LEU C 578 -77.41 18.88 20.75
N ALA C 579 -76.14 19.20 20.88
CA ALA C 579 -75.12 18.85 19.85
C ALA C 579 -75.03 17.35 19.67
N GLU C 580 -75.21 16.64 20.78
CA GLU C 580 -75.16 15.20 20.80
C GLU C 580 -76.27 14.67 19.91
N ARG C 581 -77.38 15.38 19.87
CA ARG C 581 -78.55 14.89 19.14
C ARG C 581 -78.44 15.21 17.66
N LEU C 582 -78.02 16.43 17.32
CA LEU C 582 -77.62 16.73 15.92
C LEU C 582 -76.61 15.71 15.37
N GLY C 583 -75.87 15.05 16.24
CA GLY C 583 -74.98 13.98 15.82
C GLY C 583 -75.56 12.60 15.60
N THR C 584 -76.88 12.54 15.37
CA THR C 584 -77.55 11.31 15.02
C THR C 584 -77.82 11.22 13.52
N PRO C 585 -77.62 10.02 12.97
CA PRO C 585 -77.97 9.86 11.57
C PRO C 585 -79.48 9.74 11.37
N GLU C 586 -79.88 9.94 10.12
CA GLU C 586 -81.26 9.80 9.69
C GLU C 586 -82.22 10.60 10.56
N LEU C 587 -82.06 11.92 10.50
CA LEU C 587 -82.94 12.86 11.17
C LEU C 587 -83.79 13.53 10.09
N SER C 588 -85.04 13.87 10.43
CA SER C 588 -85.87 14.60 9.48
C SER C 588 -85.28 15.98 9.34
N THR C 589 -85.27 16.54 8.13
CA THR C 589 -84.72 17.89 7.97
C THR C 589 -85.49 18.84 8.89
N ALA C 590 -86.73 18.49 9.22
CA ALA C 590 -87.52 19.18 10.24
C ALA C 590 -86.85 19.18 11.60
N GLU C 591 -86.66 17.99 12.18
CA GLU C 591 -86.03 17.83 13.51
C GLU C 591 -84.68 18.54 13.51
N ARG C 592 -83.92 18.43 12.43
CA ARG C 592 -82.58 19.07 12.35
C ARG C 592 -82.67 20.57 12.51
N LYS C 593 -83.41 21.23 11.62
CA LYS C 593 -83.56 22.69 11.70
C LYS C 593 -84.04 23.10 13.10
N GLU C 594 -84.97 22.35 13.73
CA GLU C 594 -85.43 22.67 15.11
C GLU C 594 -84.24 22.64 16.09
N LEU C 595 -83.42 21.60 16.00
CA LEU C 595 -82.24 21.49 16.87
C LEU C 595 -81.27 22.59 16.63
N GLU C 596 -80.96 22.84 15.36
CA GLU C 596 -79.98 23.89 15.04
C GLU C 596 -80.42 25.21 15.62
N ASN C 597 -81.71 25.52 15.55
CA ASN C 597 -82.20 26.78 16.07
C ASN C 597 -82.03 26.80 17.57
N LYS C 598 -82.45 25.73 18.24
CA LYS C 598 -82.33 25.64 19.70
C LYS C 598 -80.87 25.88 20.14
N LEU C 599 -79.95 25.40 19.32
CA LEU C 599 -78.54 25.54 19.56
C LEU C 599 -78.14 27.01 19.35
N LYS C 600 -78.52 27.60 18.25
CA LYS C 600 -78.23 28.99 17.98
C LYS C 600 -78.75 29.92 19.06
N GLU C 601 -79.94 29.62 19.58
CA GLU C 601 -80.51 30.46 20.64
C GLU C 601 -79.67 30.33 21.89
N ARG C 602 -79.28 29.10 22.18
CA ARG C 602 -78.43 28.81 23.31
C ARG C 602 -77.10 29.52 23.19
N GLU C 603 -76.53 29.40 22.02
CA GLU C 603 -75.26 30.03 21.74
C GLU C 603 -75.37 31.50 22.08
N GLU C 604 -76.38 32.15 21.53
CA GLU C 604 -76.51 33.59 21.67
C GLU C 604 -76.70 33.98 23.13
N PHE C 605 -77.56 33.23 23.81
CA PHE C 605 -77.70 33.40 25.23
C PHE C 605 -76.42 33.24 26.05
N LEU C 606 -75.59 32.30 25.66
CA LEU C 606 -74.34 32.06 26.38
C LEU C 606 -73.15 32.98 26.04
N ILE C 607 -73.24 33.73 24.94
CA ILE C 607 -72.04 34.44 24.44
C ILE C 607 -71.39 35.44 25.41
N PRO C 608 -72.18 36.35 26.01
CA PRO C 608 -71.60 37.28 26.95
C PRO C 608 -70.81 36.60 28.06
N ILE C 609 -71.43 35.66 28.78
CA ILE C 609 -70.67 35.03 29.85
C ILE C 609 -69.37 34.38 29.29
N TYR C 610 -69.47 33.71 28.14
CA TYR C 610 -68.36 32.91 27.65
C TYR C 610 -67.20 33.87 27.12
N HIS C 611 -67.59 35.06 26.70
CA HIS C 611 -66.69 36.07 26.41
C HIS C 611 -65.89 36.43 27.61
N GLN C 612 -66.55 36.54 28.74
CA GLN C 612 -65.85 36.85 29.99
C GLN C 612 -64.86 35.76 30.29
N VAL C 613 -65.23 34.52 30.01
CA VAL C 613 -64.33 33.41 30.28
C VAL C 613 -63.09 33.59 29.36
N ALA C 614 -63.33 33.99 28.14
CA ALA C 614 -62.32 34.17 27.17
C ALA C 614 -61.31 35.19 27.62
N VAL C 615 -61.75 36.34 28.12
CA VAL C 615 -60.74 37.35 28.55
C VAL C 615 -59.92 36.76 29.70
N GLN C 616 -60.58 36.03 30.60
CA GLN C 616 -59.83 35.41 31.69
C GLN C 616 -58.72 34.51 31.16
N PHE C 617 -59.11 33.63 30.24
CA PHE C 617 -58.22 32.72 29.61
C PHE C 617 -57.03 33.52 29.05
N ALA C 618 -57.31 34.60 28.34
CA ALA C 618 -56.25 35.40 27.78
C ALA C 618 -55.39 35.93 28.91
N ASP C 619 -56.02 36.45 29.95
CA ASP C 619 -55.29 37.04 31.06
C ASP C 619 -54.29 36.09 31.69
N LEU C 620 -54.63 34.82 31.74
CA LEU C 620 -53.72 33.84 32.32
C LEU C 620 -52.44 33.69 31.53
N HIS C 621 -52.43 34.21 30.32
CA HIS C 621 -51.22 34.20 29.50
C HIS C 621 -50.28 35.31 29.85
N ASP C 622 -50.78 36.32 30.58
CA ASP C 622 -50.09 37.62 30.74
C ASP C 622 -49.38 37.71 32.10
N THR C 623 -49.20 36.58 32.77
CA THR C 623 -48.74 36.57 34.15
C THR C 623 -47.22 36.64 34.24
N PRO C 624 -46.72 37.00 35.44
CA PRO C 624 -45.30 37.04 35.73
C PRO C 624 -44.69 35.68 35.64
N GLY C 625 -45.48 34.68 36.03
CA GLY C 625 -45.01 33.32 35.97
C GLY C 625 -44.46 33.03 34.60
N ARG C 626 -45.27 33.33 33.60
CA ARG C 626 -44.87 33.11 32.21
C ARG C 626 -43.64 33.97 31.82
N MET C 627 -43.69 35.25 32.16
CA MET C 627 -42.63 36.18 31.88
C MET C 627 -41.27 35.63 32.33
N GLN C 628 -41.21 35.13 33.55
CA GLN C 628 -39.96 34.66 34.10
C GLN C 628 -39.52 33.44 33.35
N GLU C 629 -40.46 32.51 33.20
CA GLU C 629 -40.24 31.26 32.52
C GLU C 629 -39.67 31.46 31.14
N LYS C 630 -40.20 32.43 30.41
CA LYS C 630 -39.74 32.73 29.06
C LYS C 630 -38.49 33.62 29.02
N GLY C 631 -38.02 34.03 30.18
CA GLY C 631 -36.73 34.73 30.28
C GLY C 631 -36.73 36.21 30.02
N VAL C 632 -37.88 36.86 30.06
CA VAL C 632 -37.94 38.30 29.81
C VAL C 632 -37.88 39.19 31.08
N ILE C 633 -37.98 38.59 32.27
CA ILE C 633 -37.83 39.31 33.53
C ILE C 633 -36.85 38.55 34.42
N SER C 634 -36.21 39.24 35.34
CA SER C 634 -35.17 38.59 36.14
C SER C 634 -35.74 37.90 37.36
N ASP C 635 -36.83 38.44 37.89
CA ASP C 635 -37.45 37.79 39.06
C ASP C 635 -38.88 38.28 39.25
N ILE C 636 -39.67 37.49 39.97
CA ILE C 636 -40.97 37.94 40.39
C ILE C 636 -40.75 38.46 41.80
N LEU C 637 -41.15 39.70 42.04
CA LEU C 637 -41.01 40.27 43.36
C LEU C 637 -42.37 40.36 44.07
N ASP C 638 -42.29 40.63 45.36
CA ASP C 638 -43.42 40.90 46.22
C ASP C 638 -43.23 42.28 46.83
N TRP C 639 -44.23 43.13 46.61
CA TRP C 639 -44.17 44.55 46.90
C TRP C 639 -43.75 44.88 48.30
N LYS C 640 -44.39 44.23 49.31
CA LYS C 640 -44.09 44.50 50.72
C LYS C 640 -42.60 44.49 51.01
N THR C 641 -41.89 43.54 50.40
CA THR C 641 -40.45 43.41 50.61
C THR C 641 -39.57 43.89 49.43
N SER C 642 -40.16 44.63 48.49
CA SER C 642 -39.44 45.10 47.25
C SER C 642 -38.35 46.08 47.60
N ARG C 643 -38.61 46.90 48.61
CA ARG C 643 -37.60 47.85 49.07
C ARG C 643 -36.33 47.11 49.48
N THR C 644 -36.47 46.16 50.41
CA THR C 644 -35.30 45.41 50.88
C THR C 644 -34.57 44.79 49.73
N PHE C 645 -35.33 44.13 48.87
CA PHE C 645 -34.76 43.46 47.72
C PHE C 645 -33.90 44.40 46.90
N PHE C 646 -34.50 45.51 46.52
CA PHE C 646 -33.85 46.42 45.62
C PHE C 646 -32.66 47.10 46.24
N TYR C 647 -32.70 47.34 47.54
CA TYR C 647 -31.55 47.97 48.16
C TYR C 647 -30.34 47.10 47.88
N TRP C 648 -30.41 45.85 48.30
CA TRP C 648 -29.26 44.98 48.16
C TRP C 648 -28.88 44.74 46.73
N ARG C 649 -29.88 44.61 45.88
CA ARG C 649 -29.59 44.38 44.47
C ARG C 649 -28.81 45.54 43.88
N LEU C 650 -29.32 46.74 44.11
CA LEU C 650 -28.72 47.97 43.58
C LEU C 650 -27.32 48.13 44.14
N ARG C 651 -27.22 47.76 45.39
CA ARG C 651 -25.99 47.88 46.14
C ARG C 651 -24.88 47.04 45.51
N ARG C 652 -25.18 45.81 45.08
CA ARG C 652 -24.13 45.04 44.44
C ARG C 652 -23.98 45.36 42.98
N LEU C 653 -25.07 45.67 42.32
CA LEU C 653 -24.96 46.08 40.95
C LEU C 653 -23.90 47.22 40.90
N LEU C 654 -23.97 48.13 41.87
CA LEU C 654 -23.06 49.26 41.91
C LEU C 654 -21.62 48.81 42.17
N LEU C 655 -21.47 47.88 43.09
CA LEU C 655 -20.15 47.41 43.45
C LEU C 655 -19.55 46.59 42.33
N GLU C 656 -20.35 45.67 41.80
CA GLU C 656 -19.91 44.83 40.69
C GLU C 656 -19.49 45.74 39.56
N ASP C 657 -20.29 46.73 39.26
CA ASP C 657 -19.93 47.68 38.17
C ASP C 657 -18.61 48.34 38.40
N LEU C 658 -18.36 48.74 39.63
CA LEU C 658 -17.14 49.42 39.99
C LEU C 658 -15.92 48.55 39.67
N VAL C 659 -16.00 47.26 40.00
CA VAL C 659 -14.89 46.33 39.74
C VAL C 659 -14.76 46.06 38.26
N LYS C 660 -15.88 45.81 37.60
CA LYS C 660 -15.84 45.59 36.15
C LYS C 660 -15.23 46.79 35.40
N LYS C 661 -15.51 48.00 35.84
CA LYS C 661 -14.91 49.19 35.24
C LYS C 661 -13.40 49.13 35.35
N LYS C 662 -12.91 48.59 36.45
CA LYS C 662 -11.47 48.46 36.62
C LYS C 662 -10.89 47.47 35.62
N ILE C 663 -11.63 46.38 35.39
CA ILE C 663 -11.21 45.33 34.47
C ILE C 663 -11.13 45.88 33.04
N HIS C 664 -12.17 46.59 32.66
CA HIS C 664 -12.27 47.14 31.34
C HIS C 664 -11.12 48.08 31.09
N ASN C 665 -10.70 48.80 32.12
CA ASN C 665 -9.57 49.71 31.97
C ASN C 665 -8.30 48.92 31.70
N ALA C 666 -8.15 47.78 32.36
CA ALA C 666 -6.98 46.90 32.17
C ALA C 666 -6.88 46.36 30.76
N ASN C 667 -8.02 46.16 30.12
CA ASN C 667 -8.07 45.64 28.75
C ASN C 667 -9.38 46.01 28.11
N PRO C 668 -9.38 47.15 27.40
CA PRO C 668 -10.57 47.66 26.71
C PRO C 668 -11.16 46.70 25.70
N GLU C 669 -10.36 45.77 25.19
CA GLU C 669 -10.83 44.85 24.17
C GLU C 669 -11.82 43.80 24.68
N LEU C 670 -11.85 43.57 26.00
CA LEU C 670 -12.74 42.56 26.59
C LEU C 670 -14.21 42.95 26.52
N THR C 671 -15.07 42.04 26.06
CA THR C 671 -16.54 42.27 26.06
C THR C 671 -17.18 42.34 27.42
N ASP C 672 -18.23 43.14 27.50
CA ASP C 672 -19.12 43.14 28.65
C ASP C 672 -19.37 41.71 29.14
N GLY C 673 -19.60 40.80 28.19
CA GLY C 673 -19.89 39.41 28.50
C GLY C 673 -18.74 38.66 29.11
N GLN C 674 -17.58 38.78 28.51
CA GLN C 674 -16.43 38.01 28.99
C GLN C 674 -16.02 38.55 30.33
N ILE C 675 -16.22 39.85 30.54
CA ILE C 675 -15.86 40.47 31.82
C ILE C 675 -16.69 39.91 32.96
N GLN C 676 -18.00 39.84 32.77
CA GLN C 676 -18.89 39.19 33.73
C GLN C 676 -18.36 37.81 34.10
N ALA C 677 -18.12 37.00 33.08
CA ALA C 677 -17.67 35.63 33.28
C ALA C 677 -16.38 35.57 34.06
N MET C 678 -15.44 36.40 33.66
CA MET C 678 -14.15 36.46 34.29
C MET C 678 -14.26 36.73 35.79
N LEU C 679 -15.08 37.70 36.15
CA LEU C 679 -15.25 38.04 37.55
C LEU C 679 -15.88 36.89 38.32
N ARG C 680 -16.94 36.34 37.75
CA ARG C 680 -17.59 35.22 38.36
C ARG C 680 -16.65 34.07 38.56
N ARG C 681 -15.81 33.81 37.58
CA ARG C 681 -14.85 32.73 37.65
C ARG C 681 -13.83 32.97 38.76
N TRP C 682 -13.40 34.22 38.90
CA TRP C 682 -12.43 34.60 39.96
C TRP C 682 -12.99 34.43 41.34
N PHE C 683 -14.28 34.62 41.48
CA PHE C 683 -14.96 34.41 42.75
C PHE C 683 -14.90 32.94 43.10
N VAL C 684 -15.34 32.09 42.16
CA VAL C 684 -15.33 30.65 42.37
C VAL C 684 -13.92 30.12 42.66
N GLU C 685 -12.93 30.65 41.95
CA GLU C 685 -11.53 30.33 42.23
C GLU C 685 -11.19 30.63 43.69
N VAL C 686 -11.47 31.86 44.13
CA VAL C 686 -11.12 32.29 45.50
C VAL C 686 -11.92 31.61 46.60
N GLU C 687 -13.24 31.58 46.44
CA GLU C 687 -14.14 31.15 47.52
C GLU C 687 -14.50 29.69 47.43
N GLY C 688 -14.14 29.04 46.33
CA GLY C 688 -14.37 27.62 46.18
C GLY C 688 -15.58 27.28 45.36
N THR C 689 -15.42 26.28 44.49
CA THR C 689 -16.50 25.73 43.69
C THR C 689 -17.77 25.39 44.52
N VAL C 690 -17.55 24.99 45.78
CA VAL C 690 -18.64 24.68 46.70
C VAL C 690 -19.57 25.87 46.99
N LYS C 691 -19.03 27.08 46.84
CA LYS C 691 -19.72 28.32 47.23
C LYS C 691 -20.35 29.08 46.06
N ALA C 692 -20.37 28.47 44.89
CA ALA C 692 -20.96 29.10 43.71
C ALA C 692 -22.24 29.83 44.05
N TYR C 693 -23.17 29.17 44.74
CA TYR C 693 -24.50 29.72 45.01
C TYR C 693 -24.49 31.13 45.63
N VAL C 694 -23.44 31.45 46.37
CA VAL C 694 -23.32 32.74 47.04
C VAL C 694 -23.40 33.90 46.06
N TRP C 695 -22.84 33.70 44.90
CA TRP C 695 -22.86 34.70 43.85
C TRP C 695 -24.22 35.24 43.59
N ASP C 696 -25.24 34.41 43.74
CA ASP C 696 -26.62 34.84 43.49
C ASP C 696 -27.26 35.48 44.72
N ASN C 697 -26.50 35.64 45.80
CA ASN C 697 -26.99 36.37 46.96
C ASN C 697 -26.45 37.81 46.95
N ASN C 698 -27.35 38.76 46.75
CA ASN C 698 -26.95 40.15 46.63
C ASN C 698 -26.18 40.62 47.86
N LYS C 699 -26.75 40.41 49.05
CA LYS C 699 -26.14 40.94 50.27
C LYS C 699 -24.74 40.37 50.41
N ASP C 700 -24.65 39.06 50.29
CA ASP C 700 -23.41 38.39 50.63
C ASP C 700 -22.31 38.71 49.61
N LEU C 701 -22.67 38.76 48.33
CA LEU C 701 -21.70 39.11 47.30
C LEU C 701 -21.28 40.57 47.45
N ALA C 702 -22.25 41.42 47.81
CA ALA C 702 -21.97 42.84 48.06
C ALA C 702 -20.89 42.99 49.10
N GLU C 703 -21.05 42.32 50.25
CA GLU C 703 -20.04 42.34 51.31
C GLU C 703 -18.68 41.86 50.78
N TRP C 704 -18.69 40.85 49.92
CA TRP C 704 -17.46 40.26 49.40
C TRP C 704 -16.73 41.19 48.49
N LEU C 705 -17.48 41.75 47.55
CA LEU C 705 -16.94 42.71 46.59
C LEU C 705 -16.34 43.91 47.30
N GLU C 706 -17.02 44.41 48.31
CA GLU C 706 -16.54 45.55 49.06
C GLU C 706 -15.22 45.25 49.76
N LYS C 707 -15.13 44.09 50.40
CA LYS C 707 -13.91 43.71 51.04
C LYS C 707 -12.76 43.63 50.00
N GLN C 708 -13.02 43.14 48.78
CA GLN C 708 -11.98 43.12 47.72
C GLN C 708 -11.50 44.49 47.33
N LEU C 709 -12.43 45.44 47.23
CA LEU C 709 -12.13 46.82 46.85
C LEU C 709 -11.46 47.66 47.93
N THR C 710 -11.71 47.34 49.19
CA THR C 710 -11.12 48.06 50.28
C THR C 710 -10.03 47.13 50.78
N GLY C 714 -5.49 41.38 54.04
CA GLY C 714 -4.31 41.31 53.18
C GLY C 714 -4.69 40.65 51.87
N VAL C 715 -5.44 39.55 51.98
CA VAL C 715 -5.87 38.68 50.85
C VAL C 715 -7.07 39.20 50.05
N HIS C 716 -7.47 40.43 50.30
CA HIS C 716 -8.56 41.10 49.59
C HIS C 716 -7.91 41.97 48.53
N SER C 717 -6.71 41.50 48.18
CA SER C 717 -5.94 41.90 47.02
C SER C 717 -5.97 40.70 46.04
N VAL C 718 -7.08 39.97 46.01
CA VAL C 718 -7.20 38.82 45.13
C VAL C 718 -7.59 39.31 43.77
N ILE C 719 -8.68 40.06 43.70
CA ILE C 719 -9.11 40.65 42.43
C ILE C 719 -8.04 41.58 41.92
N GLU C 720 -7.68 42.54 42.76
CA GLU C 720 -6.70 43.52 42.43
C GLU C 720 -5.49 42.85 41.75
N GLU C 721 -5.06 41.70 42.27
CA GLU C 721 -3.89 40.99 41.67
C GLU C 721 -4.21 40.52 40.26
N ASN C 722 -5.40 39.94 40.07
CA ASN C 722 -5.80 39.50 38.73
C ASN C 722 -5.84 40.59 37.67
N ILE C 723 -6.28 41.78 38.07
CA ILE C 723 -6.38 42.88 37.13
C ILE C 723 -4.98 43.30 36.67
N LYS C 724 -4.06 43.49 37.61
CA LYS C 724 -2.66 43.69 37.27
C LYS C 724 -2.25 42.69 36.18
N CYS C 725 -2.63 41.43 36.35
CA CYS C 725 -2.32 40.39 35.35
C CYS C 725 -2.93 40.67 33.99
N ILE C 726 -4.20 41.04 34.00
CA ILE C 726 -4.91 41.32 32.77
C ILE C 726 -4.31 42.50 32.03
N SER C 727 -3.80 43.47 32.77
CA SER C 727 -3.17 44.63 32.15
C SER C 727 -1.83 44.28 31.57
N ARG C 728 -1.03 43.54 32.32
CA ARG C 728 0.28 43.11 31.81
C ARG C 728 0.08 42.42 30.48
N ASP C 729 -0.82 41.46 30.44
CA ASP C 729 -1.10 40.73 29.21
C ASP C 729 -1.49 41.67 28.08
N TYR C 730 -2.39 42.60 28.35
CA TYR C 730 -2.88 43.53 27.31
C TYR C 730 -1.75 44.43 26.78
N VAL C 731 -0.98 45.00 27.69
CA VAL C 731 0.15 45.84 27.33
C VAL C 731 1.14 45.05 26.46
N LEU C 732 1.35 43.78 26.75
CA LEU C 732 2.18 42.94 25.90
C LEU C 732 1.58 42.88 24.51
N LYS C 733 0.33 42.40 24.42
CA LYS C 733 -0.43 42.29 23.13
C LYS C 733 -0.39 43.60 22.33
N GLN C 734 -0.33 44.71 23.04
CA GLN C 734 -0.35 46.03 22.44
C GLN C 734 1.01 46.37 21.82
N ILE C 735 2.06 46.07 22.55
CA ILE C 735 3.41 46.22 22.02
C ILE C 735 3.65 45.25 20.87
N ARG C 736 3.20 44.00 21.01
CA ARG C 736 3.28 43.02 19.92
C ARG C 736 2.65 43.66 18.69
N SER C 737 1.37 44.04 18.80
CA SER C 737 0.61 44.57 17.65
C SER C 737 1.37 45.70 16.96
N LEU C 738 2.08 46.52 17.73
CA LEU C 738 2.77 47.70 17.18
C LEU C 738 3.94 47.28 16.33
N VAL C 739 4.74 46.38 16.86
CA VAL C 739 5.88 45.84 16.14
C VAL C 739 5.48 45.02 14.92
N GLN C 740 4.43 44.22 15.05
CA GLN C 740 3.90 43.46 13.93
C GLN C 740 3.70 44.42 12.79
N ALA C 741 2.95 45.48 13.04
CA ALA C 741 2.72 46.56 12.06
C ALA C 741 3.98 47.33 11.63
N ASN C 742 4.99 47.41 12.49
CA ASN C 742 6.16 48.27 12.27
C ASN C 742 7.49 47.61 12.59
N PRO C 743 7.87 46.61 11.80
CA PRO C 743 9.06 45.85 12.18
C PRO C 743 10.42 46.53 12.11
N GLU C 744 10.61 47.57 11.29
CA GLU C 744 11.95 48.23 11.20
C GLU C 744 12.32 48.82 12.57
N VAL C 745 11.28 49.04 13.38
CA VAL C 745 11.37 49.65 14.69
C VAL C 745 11.92 48.71 15.76
N ALA C 746 11.85 47.39 15.52
CA ALA C 746 12.26 46.39 16.50
C ALA C 746 13.63 46.66 17.07
N MET C 747 14.64 46.69 16.19
CA MET C 747 16.02 46.79 16.66
C MET C 747 16.22 47.94 17.64
N ASP C 748 15.74 49.14 17.27
CA ASP C 748 16.01 50.34 18.05
C ASP C 748 15.23 50.32 19.34
N SER C 749 14.01 49.77 19.29
CA SER C 749 13.22 49.60 20.51
C SER C 749 13.96 48.75 21.57
N ILE C 750 14.67 47.72 21.14
CA ILE C 750 15.42 46.87 22.05
C ILE C 750 16.59 47.62 22.66
N ILE C 751 17.42 48.24 21.84
CA ILE C 751 18.55 48.99 22.35
C ILE C 751 18.08 49.92 23.45
N HIS C 752 17.00 50.63 23.21
CA HIS C 752 16.50 51.56 24.22
C HIS C 752 15.99 50.83 25.43
N MET C 753 15.35 49.69 25.22
CA MET C 753 14.76 48.91 26.32
C MET C 753 15.75 48.29 27.28
N THR C 754 16.96 48.00 26.79
CA THR C 754 17.96 47.26 27.54
C THR C 754 18.84 48.20 28.30
N GLN C 755 18.55 49.50 28.21
CA GLN C 755 19.58 50.47 28.50
C GLN C 755 19.74 50.44 29.99
N HIS C 756 18.66 50.08 30.68
CA HIS C 756 18.68 49.77 32.09
C HIS C 756 17.78 48.57 32.35
N ILE C 757 18.36 47.57 33.04
CA ILE C 757 17.70 46.32 33.56
C ILE C 757 18.78 45.58 34.37
N SER C 758 18.40 44.57 35.16
CA SER C 758 19.34 43.89 36.05
C SER C 758 20.41 43.18 35.22
N PRO C 759 21.70 43.40 35.54
CA PRO C 759 22.79 42.61 34.94
C PRO C 759 22.54 41.09 34.78
N THR C 760 21.63 40.54 35.59
CA THR C 760 21.24 39.14 35.50
C THR C 760 20.14 38.93 34.45
N GLN C 761 19.41 40.01 34.16
CA GLN C 761 18.48 40.02 33.03
C GLN C 761 19.17 40.29 31.71
N ARG C 762 20.30 40.99 31.75
CA ARG C 762 21.05 41.18 30.51
C ARG C 762 21.54 39.80 30.13
N ALA C 763 21.97 39.03 31.12
CA ALA C 763 22.37 37.64 30.91
C ALA C 763 21.27 36.87 30.20
N GLU C 764 20.05 36.96 30.71
CA GLU C 764 18.97 36.24 30.12
C GLU C 764 18.71 36.70 28.68
N VAL C 765 18.66 38.00 28.43
CA VAL C 765 18.39 38.50 27.08
C VAL C 765 19.20 37.74 26.05
N ILE C 766 20.51 37.64 26.27
CA ILE C 766 21.42 36.89 25.39
C ILE C 766 20.96 35.44 25.14
N ARG C 767 20.42 34.80 26.17
CA ARG C 767 19.91 33.41 26.07
C ARG C 767 18.88 33.37 24.97
N ILE C 768 17.90 34.26 25.11
CA ILE C 768 16.75 34.32 24.21
C ILE C 768 17.00 35.28 23.02
N LEU C 769 17.44 34.71 21.89
CA LEU C 769 17.54 35.44 20.60
C LEU C 769 18.26 34.56 19.58
N ASP D 12 -2.64 -49.29 -9.48
CA ASP D 12 -3.20 -49.77 -10.81
C ASP D 12 -3.95 -48.64 -11.53
N LEU D 13 -4.99 -48.08 -10.89
CA LEU D 13 -5.72 -46.90 -11.44
C LEU D 13 -4.83 -45.64 -11.43
N LEU D 14 -4.09 -45.41 -10.33
CA LEU D 14 -3.15 -44.27 -10.25
C LEU D 14 -2.13 -44.31 -11.39
N GLN D 15 -1.40 -45.42 -11.55
CA GLN D 15 -0.51 -45.58 -12.72
C GLN D 15 -1.26 -45.21 -14.02
N SER D 16 -2.47 -45.71 -14.19
CA SER D 16 -3.26 -45.47 -15.42
C SER D 16 -3.53 -44.00 -15.62
N LYS D 17 -3.90 -43.32 -14.55
CA LYS D 17 -4.27 -41.92 -14.63
C LYS D 17 -3.09 -40.97 -14.82
N ARG D 18 -1.95 -41.30 -14.24
CA ARG D 18 -0.76 -40.51 -14.44
C ARG D 18 -0.29 -40.55 -15.89
N PHE D 19 -0.43 -41.71 -16.52
CA PHE D 19 -0.05 -41.89 -17.91
C PHE D 19 -0.97 -41.05 -18.78
N GLN D 20 -2.25 -41.05 -18.41
CA GLN D 20 -3.29 -40.31 -19.09
C GLN D 20 -3.02 -38.81 -19.02
N ALA D 21 -2.54 -38.36 -17.87
CA ALA D 21 -2.22 -36.96 -17.70
C ALA D 21 -0.97 -36.62 -18.50
N GLN D 22 0.09 -37.41 -18.32
CA GLN D 22 1.32 -37.18 -19.06
C GLN D 22 1.03 -37.16 -20.56
N SER D 23 0.14 -38.04 -21.02
CA SER D 23 -0.17 -38.10 -22.43
C SER D 23 -0.85 -36.82 -22.90
N LEU D 24 -1.47 -36.11 -21.96
CA LEU D 24 -2.02 -34.78 -22.23
C LEU D 24 -1.04 -33.64 -21.94
N GLY D 25 0.23 -33.96 -21.69
CA GLY D 25 1.25 -32.95 -21.36
C GLY D 25 1.03 -32.19 -20.06
N THR D 26 0.46 -32.84 -19.06
CA THR D 26 0.26 -32.20 -17.76
C THR D 26 0.51 -33.21 -16.64
N THR D 27 0.30 -32.77 -15.42
CA THR D 27 0.56 -33.54 -14.23
C THR D 27 -0.75 -33.99 -13.65
N TYR D 28 -0.82 -35.24 -13.22
CA TYR D 28 -1.98 -35.77 -12.51
C TYR D 28 -2.23 -34.93 -11.28
N ILE D 29 -3.49 -34.59 -11.05
CA ILE D 29 -3.79 -33.64 -9.98
C ILE D 29 -3.15 -34.02 -8.64
N TYR D 30 -3.29 -35.26 -8.20
CA TYR D 30 -2.78 -35.63 -6.88
C TYR D 30 -1.26 -35.70 -6.77
N ASP D 31 -0.56 -35.47 -7.88
CA ASP D 31 0.88 -35.32 -7.79
C ASP D 31 1.30 -33.89 -7.47
N ILE D 32 0.36 -32.95 -7.53
CA ILE D 32 0.70 -31.56 -7.31
C ILE D 32 1.31 -31.29 -5.95
N PRO D 33 0.69 -31.80 -4.89
CA PRO D 33 1.23 -31.53 -3.54
C PRO D 33 2.70 -31.87 -3.40
N GLU D 34 3.10 -33.02 -3.92
CA GLU D 34 4.50 -33.38 -3.84
C GLU D 34 5.37 -32.52 -4.73
N MET D 35 4.77 -31.99 -5.79
CA MET D 35 5.47 -31.04 -6.64
C MET D 35 5.74 -29.75 -5.88
N PHE D 36 4.84 -29.41 -4.95
CA PHE D 36 5.09 -28.30 -4.06
C PHE D 36 6.28 -28.60 -3.12
N ARG D 37 6.29 -29.79 -2.55
CA ARG D 37 7.38 -30.14 -1.64
C ARG D 37 8.73 -30.07 -2.35
N GLN D 38 8.81 -30.60 -3.58
CA GLN D 38 10.08 -30.62 -4.30
C GLN D 38 10.49 -29.21 -4.67
N SER D 39 9.53 -28.40 -5.10
CA SER D 39 9.79 -27.00 -5.46
C SER D 39 10.26 -26.20 -4.26
N LEU D 40 9.59 -26.43 -3.13
CA LEU D 40 9.95 -25.77 -1.89
C LEU D 40 11.41 -26.06 -1.52
N ILE D 41 11.86 -27.28 -1.74
CA ILE D 41 13.25 -27.61 -1.46
C ILE D 41 14.14 -26.74 -2.35
N LYS D 42 13.80 -26.67 -3.63
CA LYS D 42 14.59 -25.88 -4.59
C LYS D 42 14.62 -24.42 -4.13
N LEU D 43 13.52 -23.95 -3.54
CA LEU D 43 13.45 -22.56 -3.09
C LEU D 43 14.42 -22.32 -1.95
N TRP D 44 14.39 -23.19 -0.94
CA TRP D 44 15.34 -23.10 0.18
C TRP D 44 16.76 -23.03 -0.30
N GLU D 45 17.02 -23.68 -1.43
CA GLU D 45 18.36 -23.76 -1.96
C GLU D 45 18.71 -22.46 -2.64
N SER D 46 17.84 -22.03 -3.55
CA SER D 46 18.12 -20.83 -4.34
C SER D 46 18.21 -19.59 -3.46
N MET D 47 17.31 -19.49 -2.46
CA MET D 47 17.29 -18.30 -1.61
C MET D 47 18.48 -18.22 -0.62
N SER D 48 19.15 -19.33 -0.36
CA SER D 48 20.28 -19.27 0.57
C SER D 48 21.45 -18.49 -0.04
N THR D 49 21.52 -18.47 -1.37
CA THR D 49 22.37 -17.52 -2.08
C THR D 49 22.15 -16.07 -1.65
N GLN D 50 20.89 -15.65 -1.66
CA GLN D 50 20.52 -14.26 -1.53
C GLN D 50 20.51 -13.82 -0.08
N ALA D 51 20.10 -14.69 0.82
CA ALA D 51 19.87 -14.32 2.20
C ALA D 51 20.42 -15.33 3.20
N PHE D 52 20.65 -14.84 4.42
CA PHE D 52 21.04 -15.65 5.54
C PHE D 52 19.81 -16.32 6.08
N LEU D 53 19.80 -17.64 6.07
CA LEU D 53 18.65 -18.43 6.46
C LEU D 53 19.01 -19.37 7.60
N PRO D 54 18.04 -19.79 8.42
CA PRO D 54 18.29 -20.92 9.29
C PRO D 54 18.51 -22.19 8.49
N SER D 55 18.89 -23.27 9.17
CA SER D 55 19.05 -24.53 8.47
C SER D 55 17.66 -24.96 8.05
N PRO D 56 17.55 -25.52 6.83
CA PRO D 56 16.23 -25.91 6.38
C PRO D 56 15.65 -26.99 7.28
N PRO D 57 14.32 -27.10 7.32
CA PRO D 57 13.75 -28.23 8.01
C PRO D 57 13.87 -29.49 7.16
N LEU D 58 13.65 -30.66 7.78
CA LEU D 58 13.66 -31.91 7.02
C LEU D 58 12.43 -31.86 6.07
N PRO D 59 12.57 -32.44 4.87
CA PRO D 59 11.51 -32.33 3.87
C PRO D 59 10.15 -32.79 4.36
N SER D 60 10.11 -33.81 5.21
CA SER D 60 8.83 -34.29 5.72
C SER D 60 8.14 -33.22 6.58
N ASP D 61 8.92 -32.38 7.25
CA ASP D 61 8.36 -31.35 8.14
C ASP D 61 8.21 -30.04 7.40
N MET D 62 8.61 -30.02 6.15
CA MET D 62 8.58 -28.80 5.36
C MET D 62 7.18 -28.43 4.90
N LEU D 63 6.33 -29.43 4.69
CA LEU D 63 5.02 -29.23 4.06
C LEU D 63 3.99 -30.19 4.59
N THR D 64 2.79 -29.68 4.87
CA THR D 64 1.64 -30.52 5.20
C THR D 64 0.43 -30.09 4.41
N TYR D 65 -0.27 -31.08 3.86
CA TYR D 65 -1.47 -30.81 3.13
C TYR D 65 -2.61 -31.62 3.66
N THR D 66 -3.81 -31.08 3.47
CA THR D 66 -5.04 -31.78 3.78
C THR D 66 -6.04 -31.54 2.70
N GLU D 67 -6.61 -32.62 2.16
CA GLU D 67 -7.57 -32.49 1.09
C GLU D 67 -8.85 -31.93 1.63
N LEU D 68 -9.43 -31.02 0.85
CA LEU D 68 -10.73 -30.45 1.15
C LEU D 68 -11.74 -31.12 0.24
N VAL D 69 -12.84 -31.60 0.82
CA VAL D 69 -13.79 -32.44 0.13
C VAL D 69 -15.24 -32.03 0.48
N LEU D 70 -16.14 -32.05 -0.52
CA LEU D 70 -17.52 -31.62 -0.31
C LEU D 70 -18.36 -32.67 0.40
N ASP D 71 -19.02 -32.30 1.48
CA ASP D 71 -19.94 -33.23 2.14
C ASP D 71 -21.31 -33.29 1.45
N ASP D 72 -22.26 -33.99 2.10
CA ASP D 72 -23.65 -34.11 1.64
C ASP D 72 -24.36 -32.77 1.51
N GLN D 73 -24.06 -31.86 2.44
CA GLN D 73 -24.69 -30.54 2.52
C GLN D 73 -23.97 -29.52 1.67
N GLY D 74 -23.09 -29.95 0.79
CA GLY D 74 -22.28 -29.02 0.01
C GLY D 74 -21.36 -28.15 0.83
N GLN D 75 -20.92 -28.67 1.97
CA GLN D 75 -19.98 -27.93 2.82
C GLN D 75 -18.62 -28.59 2.84
N LEU D 76 -17.59 -27.76 2.98
CA LEU D 76 -16.22 -28.22 2.89
C LEU D 76 -15.82 -28.98 4.15
N VAL D 77 -15.09 -30.07 3.97
CA VAL D 77 -14.71 -30.97 5.06
C VAL D 77 -13.27 -31.43 4.86
N HIS D 78 -12.47 -31.35 5.93
CA HIS D 78 -11.03 -31.65 5.88
C HIS D 78 -10.89 -33.10 6.02
N MET D 79 -10.20 -33.73 5.07
CA MET D 79 -10.19 -35.19 5.00
C MET D 79 -8.80 -35.74 4.68
N ASN D 80 -8.38 -36.72 5.47
CA ASN D 80 -7.09 -37.36 5.27
C ASN D 80 -7.30 -38.68 4.57
N ARG D 81 -7.47 -38.65 3.25
CA ARG D 81 -7.71 -39.86 2.47
C ARG D 81 -6.63 -40.05 1.42
N LEU D 82 -6.56 -41.27 0.91
CA LEU D 82 -5.57 -41.64 -0.07
C LEU D 82 -5.84 -40.97 -1.40
N PRO D 83 -4.77 -40.54 -2.07
CA PRO D 83 -4.90 -39.89 -3.37
C PRO D 83 -5.53 -40.78 -4.42
N GLY D 84 -6.26 -40.14 -5.34
CA GLY D 84 -6.98 -40.83 -6.39
C GLY D 84 -8.47 -40.98 -6.09
N GLY D 85 -8.91 -40.39 -4.98
CA GLY D 85 -10.27 -40.62 -4.49
C GLY D 85 -11.37 -39.70 -5.01
N ASN D 86 -11.04 -38.71 -5.83
CA ASN D 86 -12.03 -37.71 -6.22
C ASN D 86 -13.22 -38.31 -6.96
N GLU D 87 -14.41 -37.83 -6.65
CA GLU D 87 -15.64 -38.25 -7.34
C GLU D 87 -16.21 -37.10 -8.16
N ILE D 88 -15.45 -36.02 -8.25
CA ILE D 88 -15.81 -34.88 -9.09
C ILE D 88 -14.50 -34.35 -9.72
N GLY D 89 -14.62 -33.52 -10.76
CA GLY D 89 -13.44 -33.08 -11.54
C GLY D 89 -12.63 -31.94 -10.97
N MET D 90 -12.70 -31.79 -9.65
CA MET D 90 -12.00 -30.71 -8.96
C MET D 90 -11.46 -31.25 -7.64
N VAL D 91 -10.26 -30.80 -7.30
CA VAL D 91 -9.58 -31.19 -6.09
C VAL D 91 -9.01 -29.94 -5.44
N ALA D 92 -9.01 -29.89 -4.11
CA ALA D 92 -8.54 -28.73 -3.39
C ALA D 92 -7.90 -29.16 -2.09
N TRP D 93 -6.93 -28.39 -1.65
CA TRP D 93 -6.27 -28.66 -0.38
C TRP D 93 -5.96 -27.40 0.34
N LYS D 94 -5.89 -27.50 1.66
CA LYS D 94 -5.19 -26.51 2.45
C LYS D 94 -3.79 -27.02 2.66
N MET D 95 -2.82 -26.13 2.50
CA MET D 95 -1.42 -26.46 2.63
C MET D 95 -0.73 -25.54 3.61
N THR D 96 0.10 -26.11 4.46
CA THR D 96 0.94 -25.34 5.34
C THR D 96 2.35 -25.76 5.06
N PHE D 97 3.24 -24.80 4.88
CA PHE D 97 4.64 -25.12 4.68
C PHE D 97 5.59 -24.11 5.27
N LYS D 98 6.78 -24.58 5.58
CA LYS D 98 7.84 -23.77 6.14
C LYS D 98 8.70 -23.29 4.96
N SER D 99 8.87 -21.98 4.84
CA SER D 99 9.66 -21.40 3.76
C SER D 99 10.73 -20.43 4.27
N PRO D 100 11.74 -20.15 3.44
CA PRO D 100 12.82 -19.26 3.85
C PRO D 100 12.34 -17.95 4.46
N GLU D 101 11.29 -17.40 3.87
CA GLU D 101 10.74 -16.13 4.30
C GLU D 101 9.85 -16.31 5.54
N TYR D 102 9.21 -17.49 5.66
CA TYR D 102 8.26 -17.80 6.75
C TYR D 102 8.61 -19.18 7.32
N PRO D 103 9.72 -19.26 8.05
CA PRO D 103 10.20 -20.55 8.49
C PRO D 103 9.33 -21.21 9.54
N GLU D 104 8.55 -20.43 10.28
CA GLU D 104 7.63 -21.01 11.25
C GLU D 104 6.39 -21.52 10.55
N GLY D 105 6.24 -21.14 9.28
CA GLY D 105 5.17 -21.68 8.43
C GLY D 105 4.21 -20.64 7.88
N ARG D 106 3.62 -20.99 6.76
CA ARG D 106 2.60 -20.17 6.16
C ARG D 106 1.59 -21.09 5.50
N ASP D 107 0.36 -20.61 5.36
CA ASP D 107 -0.72 -21.40 4.78
C ASP D 107 -1.14 -20.87 3.42
N ILE D 108 -1.52 -21.78 2.53
CA ILE D 108 -2.20 -21.44 1.28
C ILE D 108 -3.37 -22.40 1.00
N ILE D 109 -4.29 -22.02 0.12
CA ILE D 109 -5.29 -22.94 -0.45
C ILE D 109 -5.01 -23.19 -1.92
N VAL D 110 -4.97 -24.48 -2.28
CA VAL D 110 -4.70 -24.88 -3.65
C VAL D 110 -5.86 -25.65 -4.27
N ILE D 111 -6.35 -25.17 -5.41
CA ILE D 111 -7.45 -25.79 -6.11
C ILE D 111 -6.99 -26.19 -7.49
N GLY D 112 -7.47 -27.33 -7.98
CA GLY D 112 -7.06 -27.82 -9.27
C GLY D 112 -8.10 -28.65 -9.95
N ASN D 113 -8.22 -28.47 -11.26
CA ASN D 113 -9.01 -29.35 -12.09
C ASN D 113 -8.35 -30.71 -12.19
N ASP D 114 -9.17 -31.75 -12.36
CA ASP D 114 -8.61 -33.04 -12.73
C ASP D 114 -8.90 -33.27 -14.19
N ILE D 115 -7.92 -33.01 -15.04
CA ILE D 115 -8.18 -33.16 -16.47
C ILE D 115 -8.58 -34.59 -16.82
N THR D 116 -8.23 -35.59 -16.01
CA THR D 116 -8.64 -36.98 -16.28
C THR D 116 -10.12 -37.25 -16.00
N TYR D 117 -10.78 -36.42 -15.19
CA TYR D 117 -12.19 -36.64 -14.89
C TYR D 117 -13.11 -35.81 -15.80
N ARG D 118 -13.73 -36.51 -16.75
CA ARG D 118 -14.65 -35.88 -17.70
C ARG D 118 -13.96 -34.73 -18.40
N ILE D 119 -12.88 -35.06 -19.10
CA ILE D 119 -12.00 -34.08 -19.73
C ILE D 119 -11.81 -32.75 -18.96
N GLY D 120 -11.76 -32.82 -17.63
CA GLY D 120 -11.60 -31.63 -16.82
C GLY D 120 -12.71 -30.58 -16.97
N SER D 121 -13.90 -31.00 -17.36
CA SER D 121 -15.02 -30.10 -17.46
C SER D 121 -15.44 -29.57 -16.10
N PHE D 122 -16.26 -28.52 -16.14
CA PHE D 122 -16.75 -27.79 -14.99
C PHE D 122 -18.24 -28.05 -14.82
N GLY D 123 -18.58 -29.03 -14.02
CA GLY D 123 -19.97 -29.26 -13.64
C GLY D 123 -20.31 -28.46 -12.41
N PRO D 124 -21.57 -28.57 -11.96
CA PRO D 124 -21.99 -27.80 -10.81
C PRO D 124 -21.29 -28.17 -9.52
N GLN D 125 -20.98 -29.45 -9.34
CA GLN D 125 -20.26 -29.88 -8.14
C GLN D 125 -18.80 -29.41 -8.18
N GLU D 126 -18.23 -29.44 -9.37
CA GLU D 126 -16.88 -28.97 -9.57
C GLU D 126 -16.88 -27.51 -9.24
N ASP D 127 -17.89 -26.80 -9.73
CA ASP D 127 -18.01 -25.35 -9.50
C ASP D 127 -18.12 -25.09 -7.98
N LEU D 128 -18.79 -25.94 -7.26
CA LEU D 128 -19.08 -25.67 -5.88
C LEU D 128 -17.84 -25.87 -5.03
N LEU D 129 -17.07 -26.91 -5.28
CA LEU D 129 -15.84 -27.12 -4.52
C LEU D 129 -14.95 -25.91 -4.69
N PHE D 130 -14.82 -25.47 -5.93
CA PHE D 130 -14.00 -24.31 -6.20
C PHE D 130 -14.49 -23.17 -5.34
N LEU D 131 -15.79 -22.92 -5.38
CA LEU D 131 -16.35 -21.81 -4.64
C LEU D 131 -15.94 -21.92 -3.18
N ARG D 132 -16.17 -23.08 -2.58
CA ARG D 132 -16.00 -23.23 -1.14
C ARG D 132 -14.54 -23.19 -0.70
N ALA D 133 -13.64 -23.68 -1.55
CA ALA D 133 -12.22 -23.58 -1.26
C ALA D 133 -11.83 -22.12 -1.31
N SER D 134 -12.35 -21.40 -2.29
CA SER D 134 -12.04 -19.98 -2.43
C SER D 134 -12.56 -19.20 -1.26
N GLU D 135 -13.79 -19.50 -0.87
CA GLU D 135 -14.41 -18.89 0.29
C GLU D 135 -13.58 -19.09 1.54
N LEU D 136 -12.97 -20.26 1.68
CA LEU D 136 -12.15 -20.57 2.84
C LEU D 136 -10.90 -19.74 2.82
N ALA D 137 -10.28 -19.64 1.63
CA ALA D 137 -9.10 -18.81 1.46
C ALA D 137 -9.39 -17.41 1.97
N ARG D 138 -10.52 -16.86 1.53
CA ARG D 138 -10.85 -15.51 1.93
C ARG D 138 -11.10 -15.43 3.41
N ALA D 139 -11.74 -16.46 3.96
CA ALA D 139 -12.11 -16.48 5.36
C ALA D 139 -10.89 -16.37 6.23
N GLU D 140 -9.80 -17.00 5.83
CA GLU D 140 -8.57 -16.99 6.64
C GLU D 140 -7.58 -15.93 6.18
N GLY D 141 -7.85 -15.30 5.04
CA GLY D 141 -6.99 -14.21 4.54
C GLY D 141 -5.75 -14.70 3.82
N ILE D 142 -5.69 -15.99 3.56
CA ILE D 142 -4.53 -16.60 2.95
C ILE D 142 -4.70 -16.72 1.42
N PRO D 143 -3.58 -16.85 0.70
CA PRO D 143 -3.63 -16.86 -0.75
C PRO D 143 -4.36 -18.05 -1.36
N ARG D 144 -4.88 -17.85 -2.56
CA ARG D 144 -5.53 -18.90 -3.30
C ARG D 144 -4.79 -19.22 -4.60
N ILE D 145 -4.27 -20.44 -4.69
CA ILE D 145 -3.57 -20.89 -5.87
C ILE D 145 -4.43 -21.84 -6.69
N TYR D 146 -4.62 -21.54 -7.97
CA TYR D 146 -5.46 -22.36 -8.82
C TYR D 146 -4.65 -22.92 -9.93
N VAL D 147 -4.62 -24.24 -10.00
CA VAL D 147 -3.99 -24.92 -11.11
C VAL D 147 -5.06 -25.30 -12.13
N SER D 148 -5.00 -24.63 -13.28
CA SER D 148 -6.03 -24.75 -14.30
C SER D 148 -5.62 -25.66 -15.44
N ALA D 149 -6.37 -26.75 -15.60
CA ALA D 149 -6.20 -27.61 -16.75
C ALA D 149 -7.55 -28.27 -17.01
N ASN D 150 -8.28 -27.76 -17.99
CA ASN D 150 -9.71 -28.02 -18.07
C ASN D 150 -10.30 -27.82 -19.45
N SER D 151 -11.60 -28.04 -19.57
CA SER D 151 -12.30 -27.92 -20.85
CA SER D 151 -12.31 -27.93 -20.85
C SER D 151 -13.51 -27.01 -20.74
N GLY D 152 -13.46 -26.11 -19.77
CA GLY D 152 -14.60 -25.26 -19.53
C GLY D 152 -15.86 -26.00 -19.11
N ALA D 153 -17.00 -25.35 -19.31
CA ALA D 153 -18.25 -25.79 -18.73
C ALA D 153 -18.58 -27.12 -19.33
N ARG D 154 -19.22 -27.96 -18.53
CA ARG D 154 -19.64 -29.26 -18.99
C ARG D 154 -20.77 -29.14 -20.02
N ILE D 155 -20.74 -30.06 -20.99
CA ILE D 155 -21.71 -30.11 -22.06
C ILE D 155 -22.33 -31.49 -22.11
N GLY D 156 -23.57 -31.56 -22.57
CA GLY D 156 -24.22 -32.84 -22.82
C GLY D 156 -25.56 -32.76 -23.48
N LEU D 157 -26.00 -33.92 -23.97
CA LEU D 157 -27.35 -34.10 -24.52
C LEU D 157 -28.05 -35.23 -23.77
N ALA D 158 -29.36 -35.12 -23.59
CA ALA D 158 -30.14 -36.13 -22.89
C ALA D 158 -30.09 -37.46 -23.65
N GLU D 159 -29.26 -38.38 -23.16
CA GLU D 159 -29.11 -39.71 -23.79
C GLU D 159 -30.43 -40.46 -23.88
N GLU D 160 -31.19 -40.38 -22.80
CA GLU D 160 -32.47 -41.09 -22.69
C GLU D 160 -33.42 -40.75 -23.84
N ILE D 161 -33.35 -39.51 -24.32
CA ILE D 161 -34.20 -39.07 -25.43
C ILE D 161 -33.56 -39.28 -26.79
N ARG D 162 -32.25 -39.06 -26.87
CA ARG D 162 -31.55 -39.14 -28.14
C ARG D 162 -31.81 -40.44 -28.86
N HIS D 163 -31.90 -41.53 -28.13
CA HIS D 163 -32.00 -42.83 -28.78
C HIS D 163 -33.41 -43.25 -29.08
N MET D 164 -34.40 -42.40 -28.79
CA MET D 164 -35.78 -42.79 -29.02
C MET D 164 -36.70 -41.78 -29.72
N PHE D 165 -36.18 -40.60 -30.06
CA PHE D 165 -37.04 -39.61 -30.70
C PHE D 165 -37.27 -39.94 -32.14
N HIS D 166 -38.38 -39.45 -32.69
CA HIS D 166 -38.71 -39.64 -34.10
C HIS D 166 -38.91 -38.31 -34.78
N VAL D 167 -38.79 -38.32 -36.10
CA VAL D 167 -38.91 -37.13 -36.93
C VAL D 167 -40.26 -37.12 -37.64
N ALA D 168 -40.98 -36.00 -37.57
CA ALA D 168 -42.24 -35.83 -38.28
C ALA D 168 -41.96 -35.19 -39.63
N TRP D 169 -41.73 -36.01 -40.64
CA TRP D 169 -41.37 -35.49 -41.95
C TRP D 169 -42.53 -34.84 -42.61
N VAL D 170 -42.25 -33.81 -43.40
CA VAL D 170 -43.26 -33.27 -44.28
C VAL D 170 -43.72 -34.39 -45.21
N ASP D 171 -42.76 -35.15 -45.71
CA ASP D 171 -43.07 -36.31 -46.55
C ASP D 171 -42.03 -37.40 -46.33
N PRO D 172 -42.45 -38.60 -45.88
CA PRO D 172 -41.48 -39.70 -45.73
C PRO D 172 -40.85 -40.17 -47.05
N GLU D 173 -41.64 -40.26 -48.12
CA GLU D 173 -41.09 -40.59 -49.44
C GLU D 173 -40.09 -39.54 -49.98
N ASP D 174 -39.96 -38.39 -49.29
CA ASP D 174 -38.86 -37.43 -49.53
C ASP D 174 -38.55 -36.56 -48.29
N PRO D 175 -37.41 -36.85 -47.62
CA PRO D 175 -37.06 -36.09 -46.43
C PRO D 175 -36.63 -34.67 -46.74
N TYR D 176 -36.01 -34.47 -47.90
CA TYR D 176 -35.49 -33.15 -48.24
C TYR D 176 -36.63 -32.16 -48.49
N LYS D 177 -37.86 -32.65 -48.61
CA LYS D 177 -39.07 -31.81 -48.53
C LYS D 177 -39.33 -31.31 -47.08
N GLY D 178 -38.32 -31.35 -46.20
CA GLY D 178 -38.40 -30.79 -44.85
C GLY D 178 -39.06 -31.65 -43.78
N TYR D 179 -38.82 -31.30 -42.51
CA TYR D 179 -39.49 -31.94 -41.36
C TYR D 179 -40.27 -30.92 -40.53
N ARG D 180 -41.32 -31.37 -39.86
CA ARG D 180 -42.23 -30.50 -39.12
C ARG D 180 -41.80 -30.36 -37.65
N TYR D 181 -41.52 -31.48 -36.98
CA TYR D 181 -41.14 -31.48 -35.55
C TYR D 181 -40.58 -32.82 -35.13
N LEU D 182 -39.98 -32.86 -33.94
CA LEU D 182 -39.51 -34.11 -33.32
C LEU D 182 -40.51 -34.56 -32.26
N TYR D 183 -40.62 -35.87 -32.04
CA TYR D 183 -41.59 -36.39 -31.07
C TYR D 183 -41.25 -37.77 -30.54
N LEU D 184 -42.00 -38.19 -29.52
CA LEU D 184 -41.86 -39.50 -28.89
C LEU D 184 -43.14 -40.27 -29.09
N THR D 185 -43.03 -41.57 -29.34
CA THR D 185 -44.23 -42.41 -29.39
C THR D 185 -44.83 -42.46 -27.99
N PRO D 186 -46.14 -42.72 -27.88
CA PRO D 186 -46.74 -42.76 -26.54
C PRO D 186 -46.11 -43.83 -25.66
N GLN D 187 -45.71 -44.93 -26.29
CA GLN D 187 -45.00 -46.00 -25.60
C GLN D 187 -43.72 -45.46 -24.98
N ASP D 188 -42.91 -44.75 -25.78
CA ASP D 188 -41.66 -44.15 -25.34
C ASP D 188 -41.86 -43.02 -24.35
N TYR D 189 -42.94 -42.27 -24.51
CA TYR D 189 -43.19 -41.15 -23.62
C TYR D 189 -43.53 -41.66 -22.23
N LYS D 190 -44.31 -42.75 -22.18
CA LYS D 190 -44.89 -43.28 -20.93
C LYS D 190 -43.86 -43.67 -19.87
N ARG D 191 -42.57 -43.42 -20.13
CA ARG D 191 -41.48 -43.95 -19.28
C ARG D 191 -40.55 -42.86 -18.84
N VAL D 192 -40.05 -42.11 -19.81
CA VAL D 192 -39.35 -40.86 -19.53
C VAL D 192 -40.24 -39.82 -18.82
N SER D 193 -41.55 -39.87 -19.05
CA SER D 193 -42.50 -38.87 -18.52
C SER D 193 -42.43 -38.71 -17.01
N ALA D 194 -42.36 -39.83 -16.32
CA ALA D 194 -42.25 -39.85 -14.87
C ALA D 194 -40.95 -39.20 -14.34
N LEU D 195 -39.98 -38.91 -15.19
CA LEU D 195 -38.61 -38.69 -14.73
C LEU D 195 -38.02 -37.31 -15.00
N ASN D 196 -38.84 -36.33 -15.32
CA ASN D 196 -38.33 -34.96 -15.60
C ASN D 196 -37.33 -34.90 -16.75
N SER D 197 -37.62 -35.63 -17.82
CA SER D 197 -36.72 -35.68 -18.97
C SER D 197 -37.16 -34.73 -20.06
N VAL D 198 -38.45 -34.70 -20.36
CA VAL D 198 -38.94 -33.84 -21.42
C VAL D 198 -40.27 -33.17 -21.11
N HIS D 199 -40.59 -32.17 -21.92
CA HIS D 199 -41.93 -31.61 -21.98
C HIS D 199 -42.49 -31.87 -23.34
N CYS D 200 -43.67 -32.47 -23.38
CA CYS D 200 -44.34 -32.68 -24.67
C CYS D 200 -45.74 -32.12 -24.63
N GLU D 201 -46.32 -31.98 -25.81
CA GLU D 201 -47.74 -31.74 -25.97
C GLU D 201 -48.22 -32.88 -26.84
N HIS D 202 -49.31 -33.50 -26.44
CA HIS D 202 -49.93 -34.58 -27.21
C HIS D 202 -50.53 -34.02 -28.46
N VAL D 203 -50.51 -34.79 -29.54
CA VAL D 203 -51.20 -34.38 -30.79
C VAL D 203 -51.65 -35.62 -31.58
N GLU D 204 -52.78 -35.50 -32.28
CA GLU D 204 -53.16 -36.51 -33.26
C GLU D 204 -52.66 -35.96 -34.60
N ASP D 205 -51.89 -36.76 -35.32
CA ASP D 205 -51.34 -36.32 -36.61
C ASP D 205 -51.14 -37.52 -37.54
N GLU D 206 -51.40 -37.32 -38.83
CA GLU D 206 -51.24 -38.37 -39.81
C GLU D 206 -51.79 -39.70 -39.32
N GLY D 207 -52.88 -39.67 -38.56
CA GLY D 207 -53.48 -40.89 -38.00
C GLY D 207 -52.93 -41.31 -36.65
N GLU D 208 -51.60 -41.31 -36.50
CA GLU D 208 -50.97 -41.80 -35.27
C GLU D 208 -51.01 -40.75 -34.13
N SER D 209 -50.86 -41.21 -32.90
CA SER D 209 -50.84 -40.34 -31.72
C SER D 209 -49.39 -40.09 -31.31
N ARG D 210 -49.00 -38.82 -31.23
CA ARG D 210 -47.60 -38.46 -30.99
C ARG D 210 -47.42 -37.45 -29.84
N TYR D 211 -46.21 -37.40 -29.28
CA TYR D 211 -45.86 -36.46 -28.21
C TYR D 211 -44.79 -35.47 -28.70
N LYS D 212 -45.26 -34.31 -29.19
CA LYS D 212 -44.39 -33.29 -29.78
C LYS D 212 -43.44 -32.82 -28.70
N ILE D 213 -42.13 -32.91 -28.97
CA ILE D 213 -41.14 -32.48 -27.99
C ILE D 213 -41.03 -30.98 -28.09
N THR D 214 -41.34 -30.30 -26.98
CA THR D 214 -41.33 -28.84 -26.93
C THR D 214 -40.09 -28.36 -26.19
N ASP D 215 -39.71 -29.08 -25.14
CA ASP D 215 -38.50 -28.79 -24.37
C ASP D 215 -37.83 -30.10 -23.91
N ILE D 216 -36.50 -30.16 -23.99
CA ILE D 216 -35.76 -31.28 -23.42
C ILE D 216 -35.06 -30.82 -22.14
N ILE D 217 -35.39 -31.44 -21.01
CA ILE D 217 -34.83 -31.05 -19.72
C ILE D 217 -33.61 -31.90 -19.38
N GLY D 218 -33.76 -33.21 -19.55
CA GLY D 218 -32.66 -34.14 -19.41
C GLY D 218 -32.50 -34.59 -17.99
N LYS D 219 -32.75 -35.88 -17.74
CA LYS D 219 -32.72 -36.44 -16.40
C LYS D 219 -31.34 -36.35 -15.75
N GLU D 220 -30.28 -36.34 -16.57
CA GLU D 220 -28.93 -36.23 -16.01
C GLU D 220 -28.60 -34.82 -15.48
N GLU D 221 -28.31 -34.71 -14.18
CA GLU D 221 -27.93 -33.42 -13.62
C GLU D 221 -26.47 -33.10 -14.01
N GLY D 222 -26.21 -31.84 -14.36
CA GLY D 222 -24.85 -31.39 -14.64
C GLY D 222 -24.51 -31.20 -16.10
N ILE D 223 -25.44 -31.48 -17.00
CA ILE D 223 -25.18 -31.32 -18.44
C ILE D 223 -26.04 -30.15 -19.01
N GLY D 224 -26.59 -29.31 -18.14
CA GLY D 224 -27.55 -28.27 -18.55
C GLY D 224 -27.17 -26.84 -18.19
N PRO D 225 -28.12 -25.91 -18.31
CA PRO D 225 -27.84 -24.51 -18.05
C PRO D 225 -27.51 -24.20 -16.61
N GLU D 226 -27.73 -25.15 -15.71
CA GLU D 226 -27.20 -25.02 -14.36
C GLU D 226 -25.69 -24.73 -14.39
N ASN D 227 -25.00 -25.29 -15.39
CA ASN D 227 -23.57 -25.06 -15.52
C ASN D 227 -23.22 -23.62 -15.78
N LEU D 228 -24.16 -22.88 -16.38
CA LEU D 228 -23.94 -21.46 -16.69
C LEU D 228 -23.94 -20.67 -15.41
N ARG D 229 -24.90 -20.98 -14.54
CA ARG D 229 -24.98 -20.30 -13.27
C ARG D 229 -23.73 -20.63 -12.49
N GLY D 230 -23.40 -21.91 -12.41
CA GLY D 230 -22.26 -22.34 -11.62
C GLY D 230 -20.97 -21.65 -12.02
N SER D 231 -20.82 -21.45 -13.32
CA SER D 231 -19.65 -20.79 -13.85
C SER D 231 -19.65 -19.33 -13.42
N GLY D 232 -20.73 -18.62 -13.73
CA GLY D 232 -20.89 -17.24 -13.26
C GLY D 232 -20.62 -17.08 -11.78
N MET D 233 -21.17 -18.00 -11.02
CA MET D 233 -20.95 -18.08 -9.59
C MET D 233 -19.48 -18.00 -9.18
N ILE D 234 -18.64 -18.82 -9.80
CA ILE D 234 -17.21 -18.83 -9.44
C ILE D 234 -16.44 -17.74 -10.14
N ALA D 235 -17.01 -17.19 -11.21
CA ALA D 235 -16.45 -15.97 -11.84
C ALA D 235 -16.53 -14.84 -10.82
N GLY D 236 -17.74 -14.65 -10.29
CA GLY D 236 -17.99 -13.65 -9.28
C GLY D 236 -17.07 -13.84 -8.10
N GLU D 237 -16.99 -15.08 -7.61
CA GLU D 237 -16.13 -15.38 -6.46
C GLU D 237 -14.68 -14.99 -6.72
N SER D 238 -14.21 -15.27 -7.92
CA SER D 238 -12.85 -14.95 -8.26
C SER D 238 -12.63 -13.45 -8.34
N SER D 239 -13.61 -12.74 -8.90
CA SER D 239 -13.53 -11.28 -8.94
C SER D 239 -13.36 -10.69 -7.54
N LEU D 240 -14.10 -11.24 -6.59
CA LEU D 240 -14.04 -10.79 -5.22
C LEU D 240 -12.70 -11.18 -4.58
N ALA D 241 -12.29 -12.42 -4.79
CA ALA D 241 -11.05 -12.90 -4.21
C ALA D 241 -9.94 -11.99 -4.53
N TYR D 242 -9.86 -11.57 -5.78
CA TYR D 242 -8.69 -10.80 -6.20
C TYR D 242 -8.56 -9.57 -5.38
N ASN D 243 -9.71 -8.99 -5.07
CA ASN D 243 -9.81 -7.81 -4.21
C ASN D 243 -9.70 -8.08 -2.70
N GLU D 244 -9.68 -9.33 -2.28
CA GLU D 244 -9.64 -9.67 -0.84
C GLU D 244 -8.40 -10.45 -0.36
N ILE D 245 -7.84 -11.27 -1.22
CA ILE D 245 -6.67 -12.08 -0.87
C ILE D 245 -5.70 -12.15 -2.06
N ILE D 246 -4.56 -12.81 -1.88
CA ILE D 246 -3.64 -12.98 -2.99
C ILE D 246 -4.13 -14.13 -3.87
N THR D 247 -4.27 -13.87 -5.16
CA THR D 247 -4.68 -14.92 -6.07
C THR D 247 -3.56 -15.17 -7.07
N ILE D 248 -3.26 -16.44 -7.32
CA ILE D 248 -2.31 -16.83 -8.35
C ILE D 248 -2.85 -18.03 -9.09
N SER D 249 -2.51 -18.15 -10.38
CA SER D 249 -3.02 -19.23 -11.22
C SER D 249 -1.91 -19.78 -12.10
N LEU D 250 -1.96 -21.10 -12.33
CA LEU D 250 -1.00 -21.79 -13.21
C LEU D 250 -1.77 -22.52 -14.29
N VAL D 251 -1.48 -22.21 -15.54
CA VAL D 251 -2.13 -22.84 -16.68
C VAL D 251 -1.23 -23.94 -17.24
N THR D 252 -1.70 -25.18 -17.18
CA THR D 252 -0.85 -26.36 -17.39
C THR D 252 -1.00 -26.97 -18.74
N CYS D 253 -2.24 -27.19 -19.13
CA CYS D 253 -2.47 -27.88 -20.37
C CYS D 253 -3.26 -26.95 -21.26
N ARG D 254 -4.43 -26.59 -20.77
CA ARG D 254 -5.26 -25.64 -21.43
C ARG D 254 -6.32 -25.19 -20.46
N ALA D 255 -6.65 -23.90 -20.50
CA ALA D 255 -7.77 -23.37 -19.77
C ALA D 255 -8.74 -22.84 -20.80
N ILE D 256 -9.97 -23.36 -20.78
CA ILE D 256 -10.99 -23.01 -21.75
C ILE D 256 -12.17 -22.32 -21.10
N GLY D 257 -12.66 -21.25 -21.72
CA GLY D 257 -13.84 -20.54 -21.24
C GLY D 257 -13.77 -20.15 -19.77
N ILE D 258 -14.67 -20.70 -18.96
CA ILE D 258 -14.68 -20.27 -17.58
C ILE D 258 -13.29 -20.46 -16.99
N GLY D 259 -12.58 -21.47 -17.47
CA GLY D 259 -11.23 -21.71 -17.02
C GLY D 259 -10.35 -20.52 -17.30
N ALA D 260 -10.48 -20.00 -18.52
CA ALA D 260 -9.72 -18.81 -18.90
C ALA D 260 -10.09 -17.63 -18.03
N TYR D 261 -11.37 -17.44 -17.80
CA TYR D 261 -11.84 -16.28 -17.06
C TYR D 261 -11.40 -16.30 -15.61
N LEU D 262 -11.42 -17.48 -15.00
CA LEU D 262 -11.00 -17.61 -13.63
C LEU D 262 -9.50 -17.32 -13.48
N VAL D 263 -8.76 -17.63 -14.53
CA VAL D 263 -7.32 -17.46 -14.51
C VAL D 263 -6.99 -16.00 -14.55
N ARG D 264 -7.79 -15.30 -15.34
CA ARG D 264 -7.63 -13.88 -15.57
C ARG D 264 -8.14 -13.09 -14.39
N LEU D 265 -9.31 -13.45 -13.87
CA LEU D 265 -9.81 -12.74 -12.70
C LEU D 265 -8.80 -12.83 -11.54
N GLY D 266 -8.11 -13.95 -11.47
CA GLY D 266 -7.02 -14.10 -10.53
C GLY D 266 -5.81 -13.22 -10.83
N GLN D 267 -5.67 -12.81 -12.08
CA GLN D 267 -4.73 -11.76 -12.50
C GLN D 267 -3.26 -12.18 -12.64
N ARG D 268 -2.72 -12.71 -11.56
CA ARG D 268 -1.35 -13.17 -11.51
C ARG D 268 -1.31 -14.59 -12.10
N THR D 269 -0.60 -14.73 -13.22
CA THR D 269 -0.77 -15.87 -14.12
C THR D 269 0.54 -16.39 -14.64
N ILE D 270 0.77 -17.68 -14.40
CA ILE D 270 1.93 -18.39 -14.90
C ILE D 270 1.44 -19.38 -15.95
N GLN D 271 2.14 -19.45 -17.09
CA GLN D 271 1.67 -20.26 -18.22
C GLN D 271 2.79 -21.16 -18.74
N VAL D 272 2.56 -22.47 -18.71
CA VAL D 272 3.57 -23.38 -19.21
C VAL D 272 3.59 -23.30 -20.73
N GLU D 273 4.78 -23.37 -21.32
CA GLU D 273 4.90 -23.37 -22.78
C GLU D 273 4.02 -24.45 -23.38
N ASN D 274 3.47 -24.17 -24.55
CA ASN D 274 2.57 -25.07 -25.27
C ASN D 274 1.20 -25.26 -24.65
N SER D 275 0.98 -24.66 -23.48
CA SER D 275 -0.37 -24.56 -22.96
C SER D 275 -1.03 -23.42 -23.67
N HIS D 276 -2.35 -23.39 -23.59
CA HIS D 276 -3.10 -22.29 -24.16
C HIS D 276 -4.33 -22.00 -23.40
N LEU D 277 -4.77 -20.77 -23.56
CA LEU D 277 -5.71 -20.13 -22.70
C LEU D 277 -6.72 -19.50 -23.63
N ILE D 278 -7.90 -20.08 -23.78
CA ILE D 278 -8.74 -19.68 -24.91
C ILE D 278 -10.22 -19.69 -24.62
N LEU D 279 -10.94 -19.00 -25.48
CA LEU D 279 -12.37 -18.92 -25.38
C LEU D 279 -12.98 -19.77 -26.46
N THR D 280 -12.47 -19.67 -27.67
CA THR D 280 -12.95 -20.45 -28.81
C THR D 280 -11.81 -21.08 -29.63
N GLY D 281 -12.04 -22.32 -30.03
CA GLY D 281 -11.01 -23.16 -30.59
C GLY D 281 -10.78 -22.91 -32.06
N ALA D 282 -9.54 -23.16 -32.46
CA ALA D 282 -9.11 -22.98 -33.83
C ALA D 282 -10.03 -23.76 -34.78
N GLY D 283 -10.50 -24.93 -34.36
CA GLY D 283 -11.42 -25.69 -35.19
C GLY D 283 -12.71 -24.93 -35.47
N ALA D 284 -13.35 -24.49 -34.40
CA ALA D 284 -14.62 -23.75 -34.48
C ALA D 284 -14.50 -22.55 -35.42
N LEU D 285 -13.42 -21.79 -35.26
CA LEU D 285 -13.20 -20.58 -36.05
C LEU D 285 -12.92 -20.90 -37.51
N ASN D 286 -12.16 -21.96 -37.75
CA ASN D 286 -11.90 -22.36 -39.12
C ASN D 286 -13.19 -22.72 -39.83
N LYS D 287 -14.09 -23.43 -39.14
CA LYS D 287 -15.39 -23.79 -39.72
C LYS D 287 -16.14 -22.53 -40.13
N VAL D 288 -16.23 -21.58 -39.21
CA VAL D 288 -16.88 -20.29 -39.48
C VAL D 288 -16.27 -19.51 -40.63
N LEU D 289 -14.97 -19.61 -40.81
CA LEU D 289 -14.25 -18.82 -41.84
C LEU D 289 -14.10 -19.58 -43.16
N GLY D 290 -14.63 -20.79 -43.24
CA GLY D 290 -14.66 -21.54 -44.49
C GLY D 290 -13.33 -22.09 -45.02
N ARG D 291 -12.26 -21.94 -44.25
CA ARG D 291 -10.96 -22.53 -44.61
C ARG D 291 -10.07 -22.67 -43.38
N GLU D 292 -8.96 -23.37 -43.53
CA GLU D 292 -8.06 -23.64 -42.42
C GLU D 292 -7.15 -22.42 -42.09
N VAL D 293 -7.75 -21.36 -41.56
CA VAL D 293 -7.01 -20.15 -41.21
C VAL D 293 -5.98 -20.40 -40.13
N TYR D 294 -6.41 -21.05 -39.06
CA TYR D 294 -5.55 -21.31 -37.92
C TYR D 294 -5.21 -22.80 -37.89
N THR D 295 -4.00 -23.12 -37.44
CA THR D 295 -3.53 -24.51 -37.35
C THR D 295 -3.41 -25.05 -35.93
N SER D 296 -3.39 -24.15 -34.95
CA SER D 296 -3.15 -24.50 -33.55
C SER D 296 -3.75 -23.50 -32.54
N ASN D 297 -4.45 -23.99 -31.52
CA ASN D 297 -4.91 -23.10 -30.45
C ASN D 297 -3.85 -22.18 -29.88
N ASN D 298 -2.59 -22.56 -29.90
CA ASN D 298 -1.55 -21.66 -29.42
C ASN D 298 -1.55 -20.35 -30.20
N GLN D 299 -1.99 -20.38 -31.46
CA GLN D 299 -2.09 -19.15 -32.24
C GLN D 299 -3.06 -18.19 -31.54
N LEU D 300 -4.09 -18.74 -30.92
CA LEU D 300 -5.15 -17.92 -30.30
C LEU D 300 -4.84 -17.63 -28.84
N GLY D 301 -4.35 -18.63 -28.11
CA GLY D 301 -4.16 -18.48 -26.65
C GLY D 301 -2.80 -18.90 -26.09
N GLY D 302 -1.84 -19.13 -26.97
CA GLY D 302 -0.54 -19.61 -26.54
C GLY D 302 0.24 -18.51 -25.89
N ILE D 303 1.41 -18.83 -25.36
CA ILE D 303 2.19 -17.80 -24.71
C ILE D 303 2.54 -16.69 -25.70
N GLN D 304 2.64 -16.99 -26.98
CA GLN D 304 2.98 -15.96 -27.94
C GLN D 304 1.91 -14.89 -28.08
N ILE D 305 0.71 -15.14 -27.57
CA ILE D 305 -0.31 -14.11 -27.49
C ILE D 305 -0.33 -13.56 -26.08
N MET D 306 -0.52 -14.43 -25.10
CA MET D 306 -0.82 -13.98 -23.74
C MET D 306 0.36 -13.45 -22.95
N HIS D 307 1.58 -13.86 -23.28
CA HIS D 307 2.76 -13.30 -22.61
C HIS D 307 3.03 -11.96 -23.18
N ASN D 308 2.79 -11.83 -24.48
CA ASN D 308 2.99 -10.59 -25.21
C ASN D 308 1.94 -9.52 -25.01
N ASN D 309 0.77 -9.85 -24.45
CA ASN D 309 -0.24 -8.83 -24.16
C ASN D 309 -0.54 -8.60 -22.67
N GLY D 310 0.20 -9.28 -21.79
CA GLY D 310 0.16 -9.04 -20.35
C GLY D 310 -0.92 -9.77 -19.57
N VAL D 311 -1.62 -10.66 -20.24
CA VAL D 311 -2.55 -11.54 -19.56
C VAL D 311 -1.78 -12.53 -18.68
N THR D 312 -0.68 -13.04 -19.25
CA THR D 312 0.29 -13.94 -18.58
C THR D 312 1.50 -13.17 -18.08
N HIS D 313 1.86 -13.40 -16.83
CA HIS D 313 2.95 -12.68 -16.21
C HIS D 313 4.26 -13.33 -16.48
N CYS D 314 4.29 -14.65 -16.33
CA CYS D 314 5.51 -15.44 -16.56
C CYS D 314 5.22 -16.70 -17.30
N THR D 315 6.22 -17.16 -18.03
CA THR D 315 6.12 -18.45 -18.65
C THR D 315 7.17 -19.37 -18.06
N VAL D 316 6.86 -20.66 -18.06
CA VAL D 316 7.74 -21.68 -17.53
C VAL D 316 7.78 -22.82 -18.53
N CYS D 317 8.85 -23.61 -18.45
CA CYS D 317 9.09 -24.66 -19.43
C CYS D 317 8.32 -25.93 -19.07
N ASP D 318 7.97 -26.10 -17.80
CA ASP D 318 7.20 -27.25 -17.34
C ASP D 318 6.42 -26.98 -16.06
N ASP D 319 5.60 -27.94 -15.65
CA ASP D 319 4.75 -27.78 -14.49
C ASP D 319 5.59 -27.57 -13.24
N PHE D 320 6.66 -28.33 -13.07
CA PHE D 320 7.50 -28.14 -11.89
C PHE D 320 7.95 -26.68 -11.75
N GLU D 321 8.44 -26.08 -12.82
CA GLU D 321 8.94 -24.73 -12.79
C GLU D 321 7.79 -23.76 -12.56
N GLY D 322 6.59 -24.17 -12.95
CA GLY D 322 5.39 -23.41 -12.61
C GLY D 322 5.19 -23.32 -11.11
N VAL D 323 5.15 -24.48 -10.46
CA VAL D 323 4.93 -24.49 -9.02
C VAL D 323 6.04 -23.70 -8.33
N PHE D 324 7.27 -23.89 -8.75
CA PHE D 324 8.34 -23.12 -8.17
C PHE D 324 8.07 -21.64 -8.26
N THR D 325 7.64 -21.19 -9.43
CA THR D 325 7.37 -19.78 -9.60
C THR D 325 6.31 -19.32 -8.60
N VAL D 326 5.28 -20.13 -8.41
CA VAL D 326 4.23 -19.77 -7.47
C VAL D 326 4.87 -19.49 -6.12
N LEU D 327 5.64 -20.47 -5.63
CA LEU D 327 6.32 -20.32 -4.35
C LEU D 327 7.32 -19.16 -4.35
N HIS D 328 7.95 -18.93 -5.47
CA HIS D 328 8.92 -17.84 -5.60
C HIS D 328 8.26 -16.53 -5.45
N TRP D 329 7.14 -16.35 -6.14
CA TRP D 329 6.35 -15.13 -5.97
C TRP D 329 5.91 -14.95 -4.56
N LEU D 330 5.30 -15.98 -3.98
CA LEU D 330 4.79 -15.87 -2.63
C LEU D 330 5.89 -15.44 -1.66
N SER D 331 7.15 -15.70 -1.98
CA SER D 331 8.25 -15.38 -1.05
C SER D 331 8.43 -13.89 -0.84
N TYR D 332 7.86 -13.09 -1.72
CA TYR D 332 7.83 -11.65 -1.56
C TYR D 332 6.57 -11.18 -0.85
N MET D 333 5.64 -12.08 -0.57
CA MET D 333 4.30 -11.66 -0.18
C MET D 333 3.96 -12.07 1.24
N PRO D 334 3.17 -11.25 1.93
CA PRO D 334 2.81 -11.58 3.30
C PRO D 334 1.93 -12.79 3.41
N LYS D 335 2.25 -13.58 4.43
CA LYS D 335 1.64 -14.84 4.79
C LYS D 335 0.11 -14.86 4.67
N SER D 336 -0.52 -13.75 5.09
CA SER D 336 -1.95 -13.50 5.03
C SER D 336 -2.18 -12.03 4.87
N VAL D 337 -3.44 -11.62 4.75
CA VAL D 337 -3.76 -10.18 4.68
C VAL D 337 -3.63 -9.50 6.02
N HIS D 338 -3.65 -10.30 7.08
CA HIS D 338 -3.49 -9.74 8.40
C HIS D 338 -2.04 -9.49 8.71
N SER D 339 -1.16 -9.74 7.75
CA SER D 339 0.27 -9.82 8.04
C SER D 339 1.09 -8.82 7.28
N SER D 340 2.22 -8.50 7.87
CA SER D 340 3.17 -7.58 7.29
C SER D 340 4.02 -8.33 6.25
N VAL D 341 4.60 -7.60 5.31
CA VAL D 341 5.57 -8.18 4.34
C VAL D 341 6.71 -8.92 5.06
N PRO D 342 7.11 -10.08 4.52
CA PRO D 342 8.12 -10.94 5.18
C PRO D 342 9.53 -10.47 4.87
N LEU D 343 10.28 -10.16 5.92
CA LEU D 343 11.60 -9.58 5.78
C LEU D 343 12.68 -10.64 5.86
N LEU D 344 13.70 -10.51 5.02
CA LEU D 344 14.83 -11.41 5.07
C LEU D 344 16.00 -10.68 5.63
N ASN D 345 16.97 -11.45 6.10
CA ASN D 345 18.29 -10.93 6.42
C ASN D 345 19.17 -11.19 5.21
N SER D 346 19.34 -10.21 4.34
CA SER D 346 19.99 -10.47 3.07
C SER D 346 21.50 -10.38 3.20
N LYS D 347 22.18 -11.07 2.30
CA LYS D 347 23.61 -11.09 2.26
C LYS D 347 24.14 -9.86 1.54
N ASP D 348 23.27 -9.12 0.84
CA ASP D 348 23.68 -7.87 0.21
C ASP D 348 23.57 -6.78 1.26
N PRO D 349 24.70 -6.23 1.68
CA PRO D 349 24.59 -5.24 2.74
C PRO D 349 23.84 -3.99 2.35
N ILE D 350 23.53 -3.23 3.37
CA ILE D 350 22.59 -2.12 3.31
C ILE D 350 23.40 -0.84 3.14
N ASP D 351 24.57 -0.81 3.79
CA ASP D 351 25.45 0.36 3.76
C ASP D 351 26.51 0.29 2.65
N ARG D 352 26.14 -0.24 1.50
CA ARG D 352 27.01 -0.21 0.35
C ARG D 352 26.59 0.90 -0.60
N ILE D 353 27.50 1.23 -1.49
CA ILE D 353 27.25 2.16 -2.58
C ILE D 353 26.73 1.41 -3.82
N ILE D 354 25.97 2.09 -4.67
CA ILE D 354 25.52 1.47 -5.93
C ILE D 354 26.58 1.77 -6.96
N GLU D 355 27.09 0.74 -7.61
CA GLU D 355 28.21 0.92 -8.51
C GLU D 355 27.72 1.30 -9.89
N PHE D 356 26.62 0.70 -10.33
CA PHE D 356 26.08 1.06 -11.63
C PHE D 356 25.46 2.44 -11.58
N VAL D 357 25.74 3.24 -12.58
CA VAL D 357 25.25 4.58 -12.65
C VAL D 357 24.48 4.82 -13.94
N PRO D 358 23.24 5.27 -13.80
CA PRO D 358 22.46 5.61 -14.98
C PRO D 358 23.09 6.73 -15.74
N THR D 359 22.89 6.71 -17.06
CA THR D 359 23.62 7.57 -17.96
C THR D 359 22.69 8.36 -18.91
N LYS D 360 23.16 9.51 -19.40
CA LYS D 360 22.40 10.22 -20.43
C LYS D 360 22.25 9.29 -21.61
N THR D 361 23.30 8.50 -21.90
CA THR D 361 23.22 7.46 -22.93
C THR D 361 22.16 6.47 -22.54
N PRO D 362 21.40 5.96 -23.52
CA PRO D 362 20.37 5.05 -23.09
C PRO D 362 20.96 3.77 -22.58
N TYR D 363 20.19 3.07 -21.75
CA TYR D 363 20.65 1.87 -21.05
C TYR D 363 19.48 1.01 -20.58
N ASP D 364 19.74 -0.28 -20.40
CA ASP D 364 18.73 -1.20 -19.90
C ASP D 364 18.52 -0.87 -18.45
N PRO D 365 17.31 -0.47 -18.07
CA PRO D 365 17.07 -0.14 -16.68
C PRO D 365 17.12 -1.32 -15.72
N ARG D 366 17.16 -2.53 -16.25
CA ARG D 366 17.33 -3.67 -15.40
C ARG D 366 18.70 -3.62 -14.72
N TRP D 367 19.67 -3.05 -15.42
CA TRP D 367 20.99 -2.86 -14.84
C TRP D 367 20.90 -1.99 -13.62
N MET D 368 20.07 -0.96 -13.68
CA MET D 368 19.89 -0.06 -12.56
C MET D 368 19.34 -0.75 -11.33
N LEU D 369 18.48 -1.74 -11.55
CA LEU D 369 17.81 -2.43 -10.46
C LEU D 369 18.65 -3.61 -9.96
N ALA D 370 19.00 -4.50 -10.88
CA ALA D 370 19.61 -5.76 -10.56
C ALA D 370 21.12 -5.75 -10.64
N GLY D 371 21.66 -4.74 -11.30
CA GLY D 371 23.10 -4.68 -11.56
C GLY D 371 23.42 -5.37 -12.88
N ARG D 372 24.68 -5.31 -13.26
CA ARG D 372 25.13 -5.95 -14.48
C ARG D 372 26.56 -6.45 -14.34
N PRO D 373 27.00 -7.29 -15.27
CA PRO D 373 28.41 -7.72 -15.27
C PRO D 373 29.35 -6.59 -15.61
N HIS D 374 30.55 -6.60 -15.06
CA HIS D 374 31.54 -5.55 -15.34
C HIS D 374 32.06 -5.69 -16.77
N PRO D 375 32.00 -4.60 -17.56
CA PRO D 375 32.61 -4.52 -18.90
C PRO D 375 34.11 -4.86 -19.00
N THR D 376 34.93 -4.49 -18.02
CA THR D 376 36.37 -4.80 -18.05
C THR D 376 36.63 -6.10 -17.29
N GLN D 377 37.14 -6.01 -16.07
CA GLN D 377 37.53 -7.20 -15.30
C GLN D 377 36.32 -8.04 -14.90
N LYS D 378 35.84 -8.88 -15.82
CA LYS D 378 34.85 -9.93 -15.51
C LYS D 378 35.62 -11.10 -14.89
N GLY D 379 34.99 -11.95 -14.06
CA GLY D 379 33.61 -11.86 -13.63
C GLY D 379 33.39 -11.15 -12.29
N GLN D 380 33.66 -9.84 -12.26
CA GLN D 380 33.19 -8.96 -11.18
C GLN D 380 31.79 -8.39 -11.55
N TRP D 381 31.19 -7.59 -10.67
CA TRP D 381 29.77 -7.19 -10.81
C TRP D 381 29.48 -5.76 -10.41
N LEU D 382 28.94 -4.98 -11.35
CA LEU D 382 28.52 -3.61 -11.05
C LEU D 382 27.18 -3.69 -10.36
N SER D 383 27.16 -3.37 -9.07
CA SER D 383 25.97 -3.57 -8.23
C SER D 383 24.87 -2.61 -8.61
N GLY D 384 23.64 -3.10 -8.54
CA GLY D 384 22.46 -2.28 -8.79
C GLY D 384 21.90 -1.72 -7.50
N PHE D 385 20.74 -1.09 -7.59
CA PHE D 385 20.04 -0.53 -6.44
C PHE D 385 19.55 -1.60 -5.46
N PHE D 386 18.89 -2.63 -5.97
CA PHE D 386 18.27 -3.65 -5.08
C PHE D 386 19.23 -4.76 -4.73
N ASP D 387 18.84 -5.55 -3.73
CA ASP D 387 19.57 -6.68 -3.23
C ASP D 387 19.94 -7.61 -4.37
N TYR D 388 21.21 -8.00 -4.44
CA TYR D 388 21.67 -8.94 -5.46
C TYR D 388 20.76 -10.13 -5.56
N GLY D 389 20.30 -10.40 -6.77
CA GLY D 389 19.48 -11.57 -7.04
C GLY D 389 18.01 -11.47 -6.65
N SER D 390 17.55 -10.29 -6.25
CA SER D 390 16.21 -10.17 -5.73
C SER D 390 15.18 -9.73 -6.76
N PHE D 391 15.62 -9.15 -7.87
CA PHE D 391 14.67 -8.57 -8.80
C PHE D 391 14.07 -9.67 -9.66
N SER D 392 12.74 -9.80 -9.62
CA SER D 392 12.06 -10.78 -10.43
C SER D 392 10.99 -10.08 -11.27
N GLU D 393 11.24 -9.97 -12.56
CA GLU D 393 10.38 -9.25 -13.48
C GLU D 393 9.10 -10.01 -13.79
N ILE D 394 8.08 -9.27 -14.18
CA ILE D 394 6.89 -9.85 -14.77
C ILE D 394 6.42 -9.02 -15.98
N MET D 395 5.64 -9.67 -16.83
CA MET D 395 5.13 -9.07 -18.06
C MET D 395 6.22 -8.48 -18.97
N GLN D 396 7.37 -9.16 -19.04
CA GLN D 396 8.55 -8.54 -19.62
C GLN D 396 8.36 -8.16 -21.09
N PRO D 397 7.78 -9.06 -21.89
CA PRO D 397 7.67 -8.71 -23.30
C PRO D 397 6.51 -7.79 -23.71
N TRP D 398 5.67 -7.35 -22.77
CA TRP D 398 4.53 -6.52 -23.10
C TRP D 398 4.78 -5.12 -22.64
N ALA D 399 4.54 -4.17 -23.54
CA ALA D 399 4.67 -2.74 -23.21
C ALA D 399 6.02 -2.54 -22.57
N GLN D 400 7.06 -2.66 -23.39
CA GLN D 400 8.40 -2.83 -22.87
C GLN D 400 9.05 -1.51 -22.61
N THR D 401 8.25 -0.47 -22.81
CA THR D 401 8.63 0.88 -22.46
C THR D 401 8.68 1.06 -20.96
N VAL D 402 7.99 0.17 -20.25
CA VAL D 402 8.06 0.15 -18.80
C VAL D 402 8.42 -1.25 -18.34
N VAL D 403 9.08 -1.31 -17.19
CA VAL D 403 9.59 -2.54 -16.65
C VAL D 403 9.10 -2.69 -15.24
N VAL D 404 8.45 -3.81 -14.93
CA VAL D 404 7.87 -3.99 -13.59
C VAL D 404 8.24 -5.32 -13.01
N GLY D 405 8.23 -5.40 -11.69
CA GLY D 405 8.62 -6.62 -11.01
C GLY D 405 8.58 -6.43 -9.51
N ARG D 406 9.17 -7.40 -8.82
CA ARG D 406 9.29 -7.39 -7.38
C ARG D 406 10.76 -7.52 -7.08
N ALA D 407 11.17 -6.96 -5.95
CA ALA D 407 12.59 -7.03 -5.53
C ALA D 407 12.65 -6.94 -4.03
N ARG D 408 13.87 -6.87 -3.51
CA ARG D 408 14.06 -6.69 -2.08
C ARG D 408 15.10 -5.63 -1.86
N LEU D 409 14.80 -4.75 -0.90
CA LEU D 409 15.73 -3.69 -0.45
C LEU D 409 16.06 -3.95 1.02
N GLY D 410 17.31 -4.32 1.29
CA GLY D 410 17.68 -4.82 2.61
C GLY D 410 16.82 -6.00 3.09
N GLY D 411 16.26 -6.76 2.16
CA GLY D 411 15.38 -7.85 2.55
C GLY D 411 13.94 -7.44 2.76
N ILE D 412 13.60 -6.18 2.50
CA ILE D 412 12.21 -5.79 2.48
C ILE D 412 11.74 -6.00 1.05
N PRO D 413 10.74 -6.85 0.86
CA PRO D 413 10.19 -6.97 -0.47
C PRO D 413 9.45 -5.74 -0.86
N VAL D 414 9.62 -5.33 -2.12
CA VAL D 414 8.86 -4.25 -2.72
C VAL D 414 8.45 -4.58 -4.14
N GLY D 415 7.41 -3.90 -4.60
CA GLY D 415 7.06 -3.88 -6.02
C GLY D 415 7.78 -2.72 -6.69
N VAL D 416 8.08 -2.88 -7.98
CA VAL D 416 9.00 -1.99 -8.64
C VAL D 416 8.54 -1.63 -10.03
N VAL D 417 8.65 -0.34 -10.35
CA VAL D 417 8.35 0.16 -11.67
C VAL D 417 9.53 1.00 -12.12
N ALA D 418 10.00 0.76 -13.33
CA ALA D 418 11.12 1.52 -13.92
C ALA D 418 10.87 1.76 -15.40
N VAL D 419 11.65 2.65 -16.00
CA VAL D 419 11.39 3.10 -17.35
C VAL D 419 12.53 2.76 -18.33
N GLU D 420 12.15 2.17 -19.45
CA GLU D 420 13.10 1.85 -20.51
C GLU D 420 13.56 3.14 -21.13
N THR D 421 14.85 3.25 -21.40
CA THR D 421 15.39 4.47 -22.03
C THR D 421 15.73 4.25 -23.50
N ARG D 422 15.93 2.99 -23.89
CA ARG D 422 16.29 2.66 -25.26
C ARG D 422 15.03 2.51 -26.06
N THR D 423 15.06 2.82 -27.35
CA THR D 423 13.89 2.64 -28.19
C THR D 423 13.51 1.18 -28.24
N VAL D 424 12.23 0.90 -28.01
CA VAL D 424 11.71 -0.45 -28.13
C VAL D 424 11.30 -0.68 -29.57
N GLU D 425 11.59 -1.89 -30.05
CA GLU D 425 11.13 -2.30 -31.36
C GLU D 425 10.08 -3.37 -31.14
N LEU D 426 8.82 -2.99 -31.37
CA LEU D 426 7.71 -3.87 -31.13
C LEU D 426 7.38 -4.60 -32.40
N SER D 427 7.32 -5.92 -32.31
CA SER D 427 6.93 -6.73 -33.42
C SER D 427 5.44 -7.10 -33.27
N ILE D 428 4.64 -6.73 -34.27
CA ILE D 428 3.23 -7.08 -34.29
C ILE D 428 3.04 -8.20 -35.31
N PRO D 429 2.52 -9.35 -34.85
CA PRO D 429 2.39 -10.49 -35.76
C PRO D 429 1.29 -10.26 -36.77
N ALA D 430 1.33 -11.01 -37.86
CA ALA D 430 0.32 -10.91 -38.91
C ALA D 430 -0.96 -11.62 -38.46
N ASP D 431 -2.11 -11.04 -38.79
CA ASP D 431 -3.41 -11.65 -38.54
C ASP D 431 -3.68 -12.65 -39.66
N PRO D 432 -3.70 -13.94 -39.34
CA PRO D 432 -3.88 -14.94 -40.39
C PRO D 432 -5.29 -14.92 -40.95
N ALA D 433 -6.23 -14.47 -40.13
CA ALA D 433 -7.61 -14.24 -40.54
C ALA D 433 -7.67 -13.34 -41.77
N ASN D 434 -6.82 -12.33 -41.77
CA ASN D 434 -6.77 -11.34 -42.85
C ASN D 434 -5.58 -11.58 -43.78
N LEU D 435 -5.86 -11.85 -45.06
CA LEU D 435 -4.80 -12.16 -46.05
C LEU D 435 -3.93 -10.95 -46.43
N ASP D 436 -4.40 -9.72 -46.14
CA ASP D 436 -3.62 -8.50 -46.39
C ASP D 436 -2.48 -8.31 -45.35
N SER D 437 -2.80 -8.54 -44.07
CA SER D 437 -1.86 -8.40 -42.95
C SER D 437 -0.48 -9.04 -43.16
N GLU D 438 0.56 -8.21 -43.19
CA GLU D 438 1.96 -8.65 -43.05
C GLU D 438 2.46 -8.12 -41.67
N ALA D 439 3.43 -8.80 -41.06
CA ALA D 439 3.88 -8.45 -39.68
C ALA D 439 4.57 -7.08 -39.61
N LYS D 440 3.88 -6.08 -39.06
CA LYS D 440 4.45 -4.74 -38.91
C LYS D 440 5.47 -4.70 -37.76
N ILE D 441 6.28 -3.65 -37.76
CA ILE D 441 7.36 -3.48 -36.78
C ILE D 441 7.37 -2.01 -36.32
N ILE D 442 7.17 -1.78 -35.05
CA ILE D 442 6.83 -0.44 -34.54
C ILE D 442 7.89 0.08 -33.61
N GLN D 443 8.22 1.36 -33.75
CA GLN D 443 9.13 2.05 -32.85
C GLN D 443 8.35 2.55 -31.65
N GLN D 444 8.79 2.22 -30.45
CA GLN D 444 8.23 2.81 -29.25
C GLN D 444 9.32 3.55 -28.49
N ALA D 445 9.27 4.88 -28.54
CA ALA D 445 10.33 5.69 -27.94
C ALA D 445 10.47 5.37 -26.49
N GLY D 446 11.69 5.51 -25.98
CA GLY D 446 11.91 5.38 -24.55
C GLY D 446 11.45 6.59 -23.76
N GLN D 447 11.35 6.44 -22.45
CA GLN D 447 10.89 7.50 -21.55
C GLN D 447 9.50 8.08 -21.88
N VAL D 448 8.61 7.26 -22.45
CA VAL D 448 7.27 7.69 -22.76
C VAL D 448 6.24 6.67 -22.32
N TRP D 449 5.07 7.15 -21.91
CA TRP D 449 3.97 6.26 -21.65
C TRP D 449 3.18 6.15 -22.88
N PHE D 450 2.98 4.93 -23.33
CA PHE D 450 2.03 4.66 -24.38
C PHE D 450 0.80 4.06 -23.74
N PRO D 451 -0.23 3.82 -24.53
CA PRO D 451 -1.34 3.15 -23.93
C PRO D 451 -0.89 1.84 -23.26
N ASP D 452 -0.16 0.99 -23.96
CA ASP D 452 0.24 -0.28 -23.36
C ASP D 452 1.04 -0.04 -22.09
N SER D 453 2.04 0.83 -22.15
CA SER D 453 2.91 1.07 -20.99
C SER D 453 2.11 1.57 -19.81
N ALA D 454 1.19 2.48 -20.08
CA ALA D 454 0.35 3.06 -19.05
C ALA D 454 -0.49 1.99 -18.40
N PHE D 455 -1.02 1.10 -19.22
CA PHE D 455 -1.88 0.04 -18.73
C PHE D 455 -1.07 -0.96 -17.90
N LYS D 456 0.04 -1.42 -18.43
CA LYS D 456 0.96 -2.26 -17.67
C LYS D 456 1.32 -1.56 -16.34
N THR D 457 1.55 -0.25 -16.35
CA THR D 457 1.95 0.42 -15.10
C THR D 457 0.80 0.41 -14.06
N TYR D 458 -0.41 0.69 -14.53
CA TYR D 458 -1.58 0.61 -13.71
C TYR D 458 -1.79 -0.78 -13.15
N GLN D 459 -1.57 -1.79 -13.98
CA GLN D 459 -1.81 -3.17 -13.59
C GLN D 459 -0.81 -3.59 -12.52
N ALA D 460 0.46 -3.26 -12.74
CA ALA D 460 1.49 -3.53 -11.76
C ALA D 460 1.10 -2.87 -10.44
N ILE D 461 0.69 -1.61 -10.50
CA ILE D 461 0.32 -0.86 -9.28
C ILE D 461 -0.82 -1.53 -8.54
N LYS D 462 -1.87 -1.95 -9.26
CA LYS D 462 -2.96 -2.64 -8.63
C LYS D 462 -2.53 -3.99 -8.02
N ASP D 463 -1.83 -4.81 -8.79
CA ASP D 463 -1.53 -6.17 -8.39
C ASP D 463 -0.69 -6.08 -7.12
N PHE D 464 0.40 -5.32 -7.17
CA PHE D 464 1.30 -5.18 -6.02
C PHE D 464 0.61 -4.61 -4.79
N ASN D 465 -0.31 -3.70 -5.03
CA ASN D 465 -1.00 -3.08 -3.92
C ASN D 465 -1.85 -4.12 -3.21
N ARG D 466 -2.42 -5.04 -3.98
CA ARG D 466 -3.29 -6.05 -3.38
C ARG D 466 -2.51 -7.19 -2.79
N GLU D 467 -1.23 -7.28 -3.12
CA GLU D 467 -0.36 -8.22 -2.42
C GLU D 467 -0.01 -7.65 -1.06
N GLY D 468 0.02 -6.33 -0.95
CA GLY D 468 0.34 -5.66 0.30
C GLY D 468 1.75 -5.11 0.32
N LEU D 469 2.32 -4.92 -0.86
CA LEU D 469 3.71 -4.51 -0.99
C LEU D 469 3.82 -3.04 -1.03
N PRO D 470 4.91 -2.51 -0.47
CA PRO D 470 5.27 -1.14 -0.80
C PRO D 470 5.72 -1.05 -2.26
N LEU D 471 5.71 0.17 -2.78
CA LEU D 471 5.96 0.46 -4.19
C LEU D 471 7.19 1.31 -4.37
N MET D 472 8.02 1.00 -5.33
CA MET D 472 9.12 1.94 -5.65
C MET D 472 9.16 2.27 -7.12
N VAL D 473 8.90 3.53 -7.43
CA VAL D 473 8.80 3.96 -8.81
C VAL D 473 10.04 4.75 -9.14
N PHE D 474 10.77 4.28 -10.14
CA PHE D 474 11.96 5.00 -10.63
C PHE D 474 11.55 5.82 -11.81
N ALA D 475 11.03 7.01 -11.53
CA ALA D 475 10.31 7.80 -12.54
C ALA D 475 11.28 8.43 -13.50
N ASN D 476 11.00 8.25 -14.78
CA ASN D 476 11.84 8.81 -15.86
C ASN D 476 11.05 8.90 -17.14
N TRP D 477 10.01 9.73 -17.10
CA TRP D 477 9.04 9.85 -18.17
C TRP D 477 8.94 11.25 -18.63
N ARG D 478 9.07 11.41 -19.94
CA ARG D 478 8.98 12.71 -20.56
C ARG D 478 7.54 13.13 -20.79
N GLY D 479 6.64 12.14 -20.76
CA GLY D 479 5.24 12.38 -21.09
C GLY D 479 4.53 11.17 -21.66
N PHE D 480 3.24 11.32 -21.91
CA PHE D 480 2.45 10.31 -22.61
C PHE D 480 2.59 10.60 -24.09
N SER D 481 2.56 9.59 -24.95
CA SER D 481 2.58 9.92 -26.36
C SER D 481 1.23 10.51 -26.66
N GLY D 482 1.22 11.66 -27.34
CA GLY D 482 0.00 12.40 -27.57
C GLY D 482 -0.33 12.55 -29.03
N GLY D 483 0.21 11.64 -29.82
CA GLY D 483 0.04 11.67 -31.28
C GLY D 483 -1.29 11.10 -31.68
N MET D 484 -1.68 11.30 -32.94
CA MET D 484 -3.01 10.92 -33.35
C MET D 484 -3.34 9.49 -33.04
N LYS D 485 -2.44 8.57 -33.42
CA LYS D 485 -2.75 7.17 -33.22
C LYS D 485 -2.94 6.87 -31.73
N ASP D 486 -2.00 7.25 -30.91
CA ASP D 486 -2.06 6.86 -29.53
C ASP D 486 -3.24 7.50 -28.82
N MET D 487 -3.64 8.69 -29.24
CA MET D 487 -4.80 9.33 -28.64
C MET D 487 -6.06 8.56 -29.00
N TYR D 488 -6.21 8.23 -30.27
CA TYR D 488 -7.27 7.34 -30.74
C TYR D 488 -7.24 6.04 -29.97
N ASP D 489 -6.04 5.54 -29.70
CA ASP D 489 -5.88 4.28 -28.96
C ASP D 489 -6.02 4.48 -27.45
N GLN D 490 -6.57 5.62 -27.05
CA GLN D 490 -7.13 5.80 -25.73
C GLN D 490 -6.08 6.00 -24.67
N VAL D 491 -4.96 6.61 -25.04
CA VAL D 491 -3.89 6.85 -24.06
C VAL D 491 -4.35 7.70 -22.91
N LEU D 492 -5.34 8.57 -23.19
CA LEU D 492 -5.91 9.42 -22.16
C LEU D 492 -6.60 8.62 -21.06
N LYS D 493 -7.24 7.52 -21.45
CA LYS D 493 -8.05 6.73 -20.54
C LYS D 493 -7.12 6.06 -19.56
N PHE D 494 -5.99 5.57 -20.07
CA PHE D 494 -5.09 4.72 -19.26
C PHE D 494 -4.15 5.52 -18.39
N GLY D 495 -3.91 6.75 -18.79
CA GLY D 495 -3.18 7.65 -17.95
C GLY D 495 -4.00 7.90 -16.72
N ALA D 496 -5.28 8.24 -16.91
CA ALA D 496 -6.20 8.46 -15.79
C ALA D 496 -6.19 7.28 -14.82
N TYR D 497 -6.05 6.07 -15.33
CA TYR D 497 -6.10 4.91 -14.46
C TYR D 497 -4.97 4.93 -13.47
N ILE D 498 -3.78 5.31 -13.91
CA ILE D 498 -2.64 5.43 -12.97
C ILE D 498 -3.02 6.24 -11.75
N VAL D 499 -3.75 7.34 -11.95
CA VAL D 499 -4.19 8.16 -10.81
C VAL D 499 -5.08 7.31 -9.88
N ASP D 500 -6.12 6.68 -10.42
CA ASP D 500 -7.00 5.82 -9.62
C ASP D 500 -6.13 4.80 -8.89
N GLY D 501 -5.14 4.24 -9.58
CA GLY D 501 -4.34 3.16 -8.99
C GLY D 501 -3.56 3.56 -7.76
N LEU D 502 -2.87 4.68 -7.85
CA LEU D 502 -2.05 5.19 -6.76
C LEU D 502 -2.94 5.70 -5.65
N ARG D 503 -4.08 6.24 -5.98
CA ARG D 503 -4.92 6.79 -4.94
C ARG D 503 -5.41 5.69 -4.00
N GLU D 504 -5.57 4.47 -4.50
CA GLU D 504 -6.05 3.38 -3.67
C GLU D 504 -4.92 2.68 -2.92
N CYS D 505 -3.68 3.09 -3.11
CA CYS D 505 -2.55 2.44 -2.39
C CYS D 505 -2.64 2.57 -0.87
N CYS D 506 -2.30 1.49 -0.16
CA CYS D 506 -2.40 1.45 1.30
C CYS D 506 -1.09 1.28 2.07
N GLN D 507 0.03 1.18 1.35
CA GLN D 507 1.35 1.03 1.94
C GLN D 507 2.25 2.01 1.23
N PRO D 508 3.52 2.18 1.69
CA PRO D 508 4.38 3.24 1.16
C PRO D 508 4.56 3.22 -0.34
N VAL D 509 4.49 4.37 -0.96
CA VAL D 509 4.89 4.51 -2.36
C VAL D 509 6.02 5.54 -2.48
N LEU D 510 7.22 5.10 -2.82
CA LEU D 510 8.35 6.01 -2.91
C LEU D 510 8.75 6.22 -4.37
N VAL D 511 8.68 7.46 -4.84
CA VAL D 511 9.03 7.80 -6.20
C VAL D 511 10.37 8.50 -6.24
N TYR D 512 11.25 8.07 -7.12
CA TYR D 512 12.62 8.63 -7.21
C TYR D 512 12.92 8.88 -8.65
N ILE D 513 13.25 10.11 -8.98
CA ILE D 513 13.77 10.42 -10.30
C ILE D 513 15.29 10.20 -10.24
N PRO D 514 15.76 9.14 -10.89
CA PRO D 514 17.19 8.84 -10.89
C PRO D 514 18.06 9.83 -11.67
N PRO D 515 19.38 9.75 -11.48
CA PRO D 515 20.29 10.64 -12.20
C PRO D 515 20.15 10.48 -13.69
N GLN D 516 20.18 11.61 -14.38
CA GLN D 516 19.91 11.69 -15.82
C GLN D 516 18.49 11.34 -16.19
N ALA D 517 17.61 11.11 -15.22
CA ALA D 517 16.20 10.94 -15.52
C ALA D 517 15.54 12.30 -15.52
N GLU D 518 14.32 12.35 -16.05
CA GLU D 518 13.50 13.53 -16.01
C GLU D 518 12.05 13.12 -15.84
N LEU D 519 11.25 14.02 -15.31
CA LEU D 519 9.84 13.79 -15.13
C LEU D 519 9.06 15.06 -15.50
N ARG D 520 8.13 14.95 -16.43
CA ARG D 520 7.54 16.11 -17.04
C ARG D 520 6.02 16.08 -17.11
N GLY D 521 5.42 17.24 -16.95
CA GLY D 521 4.04 17.47 -17.35
C GLY D 521 3.10 16.36 -17.00
N GLY D 522 2.51 15.74 -18.01
CA GLY D 522 1.47 14.74 -17.81
C GLY D 522 1.93 13.64 -16.91
N SER D 523 3.17 13.25 -17.09
CA SER D 523 3.67 12.09 -16.42
C SER D 523 3.82 12.42 -14.97
N TRP D 524 4.23 13.64 -14.67
CA TRP D 524 4.37 14.01 -13.27
C TRP D 524 3.02 14.05 -12.62
N VAL D 525 2.11 14.76 -13.24
CA VAL D 525 0.79 14.96 -12.68
C VAL D 525 0.12 13.70 -12.23
N VAL D 526 0.19 12.63 -13.04
CA VAL D 526 -0.49 11.39 -12.64
C VAL D 526 0.22 10.58 -11.53
N ILE D 527 1.43 10.97 -11.12
CA ILE D 527 2.09 10.33 -9.99
C ILE D 527 2.55 11.28 -8.90
N ASP D 528 2.03 12.50 -8.84
CA ASP D 528 2.43 13.42 -7.78
C ASP D 528 2.00 12.89 -6.42
N SER D 529 2.84 13.12 -5.42
CA SER D 529 2.56 12.66 -4.05
C SER D 529 1.25 13.20 -3.51
N SER D 530 0.81 14.29 -4.11
CA SER D 530 -0.45 14.88 -3.73
C SER D 530 -1.66 13.94 -3.87
N ILE D 531 -1.58 12.99 -4.79
CA ILE D 531 -2.70 12.10 -5.11
C ILE D 531 -3.03 11.25 -3.91
N ASN D 532 -1.99 10.81 -3.22
CA ASN D 532 -2.14 9.98 -2.03
C ASN D 532 -1.09 10.38 -1.00
N PRO D 533 -1.29 11.54 -0.40
CA PRO D 533 -0.30 12.12 0.50
C PRO D 533 -0.06 11.27 1.72
N ARG D 534 -1.10 10.59 2.20
CA ARG D 534 -0.92 9.70 3.33
C ARG D 534 0.23 8.74 3.11
N HIS D 535 0.44 8.29 1.87
CA HIS D 535 1.39 7.22 1.59
C HIS D 535 2.50 7.53 0.58
N MET D 536 2.37 8.56 -0.22
CA MET D 536 3.30 8.76 -1.33
C MET D 536 4.36 9.73 -0.95
N GLU D 537 5.56 9.51 -1.49
CA GLU D 537 6.70 10.36 -1.27
C GLU D 537 7.52 10.48 -2.55
N MET D 538 8.09 11.65 -2.77
CA MET D 538 8.74 11.93 -4.04
C MET D 538 10.14 12.45 -3.79
N TYR D 539 11.10 11.92 -4.54
CA TYR D 539 12.50 12.30 -4.37
C TYR D 539 13.14 12.54 -5.75
N ALA D 540 14.11 13.46 -5.83
CA ALA D 540 14.88 13.73 -7.09
C ALA D 540 16.37 13.62 -6.84
N ASP D 541 17.08 12.97 -7.75
CA ASP D 541 18.55 12.89 -7.67
C ASP D 541 19.11 14.25 -8.03
N ARG D 542 20.29 14.66 -7.55
CA ARG D 542 20.83 15.99 -8.01
C ARG D 542 20.81 16.07 -9.51
N GLU D 543 21.10 14.97 -10.18
CA GLU D 543 21.27 14.99 -11.62
C GLU D 543 19.98 14.69 -12.36
N SER D 544 18.86 15.10 -11.78
CA SER D 544 17.56 14.86 -12.37
C SER D 544 16.99 16.19 -12.74
N ARG D 545 15.84 16.16 -13.39
CA ARG D 545 15.18 17.36 -13.92
C ARG D 545 13.68 17.17 -13.97
N GLY D 546 12.92 18.25 -13.82
CA GLY D 546 11.47 18.14 -13.90
C GLY D 546 10.70 19.43 -14.02
N SER D 547 9.68 19.40 -14.87
CA SER D 547 8.89 20.57 -15.19
C SER D 547 7.53 20.20 -15.67
N VAL D 548 6.67 21.20 -15.78
CA VAL D 548 5.45 21.07 -16.55
C VAL D 548 5.83 20.80 -17.99
N LEU D 549 6.84 21.48 -18.45
CA LEU D 549 7.22 21.38 -19.85
C LEU D 549 8.75 21.40 -20.03
N GLU D 550 9.25 20.55 -20.92
CA GLU D 550 10.66 20.47 -21.21
C GLU D 550 11.23 21.79 -21.75
N PRO D 551 12.54 22.00 -21.62
CA PRO D 551 13.12 23.27 -22.03
C PRO D 551 12.85 23.64 -23.49
N GLU D 552 13.06 22.69 -24.40
CA GLU D 552 12.90 23.02 -25.82
C GLU D 552 11.48 23.53 -26.08
N GLY D 553 10.51 22.95 -25.37
CA GLY D 553 9.10 23.30 -25.57
C GLY D 553 8.68 24.55 -24.82
N THR D 554 9.31 24.79 -23.69
CA THR D 554 9.15 26.03 -22.98
C THR D 554 9.67 27.22 -23.78
N VAL D 555 10.88 27.10 -24.32
CA VAL D 555 11.45 28.17 -25.09
C VAL D 555 10.51 28.44 -26.26
N GLU D 556 10.07 27.40 -26.95
CA GLU D 556 9.12 27.54 -28.08
C GLU D 556 7.94 28.45 -27.74
N ILE D 557 7.43 28.35 -26.51
CA ILE D 557 6.29 29.16 -26.11
C ILE D 557 6.66 30.49 -25.52
N LYS D 558 7.70 30.52 -24.71
CA LYS D 558 8.01 31.68 -23.87
C LYS D 558 9.42 32.24 -24.03
N PHE D 559 10.05 31.98 -25.18
CA PHE D 559 11.31 32.63 -25.51
C PHE D 559 11.40 32.55 -27.03
N ARG D 560 10.41 33.17 -27.66
CA ARG D 560 10.26 33.16 -29.10
C ARG D 560 11.14 34.24 -29.66
N ARG D 561 11.11 34.42 -30.98
CA ARG D 561 12.06 35.32 -31.62
C ARG D 561 12.13 36.71 -30.98
N LYS D 562 10.99 37.38 -30.87
CA LYS D 562 10.93 38.71 -30.27
C LYS D 562 11.87 38.76 -29.06
N ASP D 563 11.68 37.82 -28.15
CA ASP D 563 12.46 37.76 -26.92
C ASP D 563 13.95 37.40 -27.10
N LEU D 564 14.27 36.60 -28.11
CA LEU D 564 15.67 36.32 -28.40
C LEU D 564 16.33 37.61 -28.85
N VAL D 565 15.68 38.32 -29.76
CA VAL D 565 16.21 39.58 -30.27
C VAL D 565 16.34 40.58 -29.13
N LYS D 566 15.31 40.74 -28.30
CA LYS D 566 15.46 41.55 -27.08
C LYS D 566 16.79 41.24 -26.32
N THR D 567 17.14 39.96 -26.23
CA THR D 567 18.33 39.55 -25.50
C THR D 567 19.57 39.99 -26.25
N MET D 568 19.55 39.84 -27.56
CA MET D 568 20.61 40.34 -28.42
C MET D 568 20.81 41.82 -28.23
N ARG D 569 19.72 42.58 -28.25
CA ARG D 569 19.78 44.03 -28.04
C ARG D 569 20.42 44.42 -26.74
N ARG D 570 20.36 43.54 -25.76
CA ARG D 570 20.98 43.81 -24.47
C ARG D 570 22.47 43.41 -24.39
N VAL D 571 22.83 42.33 -25.07
CA VAL D 571 24.08 41.66 -24.85
C VAL D 571 25.03 41.68 -26.06
N ASP D 572 24.51 41.49 -27.28
CA ASP D 572 25.39 41.43 -28.44
C ASP D 572 25.89 42.81 -28.77
N PRO D 573 27.21 43.00 -28.78
CA PRO D 573 27.74 44.34 -28.97
C PRO D 573 27.46 44.91 -30.38
N VAL D 574 27.60 44.06 -31.41
CA VAL D 574 27.39 44.50 -32.77
C VAL D 574 25.95 44.96 -32.96
N TYR D 575 25.02 44.15 -32.47
CA TYR D 575 23.62 44.49 -32.55
C TYR D 575 23.44 45.78 -31.78
N ILE D 576 23.99 45.85 -30.57
CA ILE D 576 23.81 47.05 -29.75
C ILE D 576 24.22 48.25 -30.54
N HIS D 577 25.42 48.19 -31.10
CA HIS D 577 25.93 49.32 -31.84
C HIS D 577 24.97 49.73 -32.91
N LEU D 578 24.58 48.81 -33.77
CA LEU D 578 23.60 49.08 -34.84
C LEU D 578 22.31 49.67 -34.29
N ALA D 579 21.74 49.05 -33.26
CA ALA D 579 20.47 49.51 -32.67
C ALA D 579 20.59 50.93 -32.10
N GLU D 580 21.76 51.23 -31.56
CA GLU D 580 22.09 52.54 -31.02
C GLU D 580 22.00 53.58 -32.16
N ARG D 581 22.40 53.17 -33.36
CA ARG D 581 22.40 54.09 -34.49
C ARG D 581 21.02 54.29 -35.06
N LEU D 582 20.27 53.20 -35.27
CA LEU D 582 18.81 53.33 -35.63
C LEU D 582 18.06 54.22 -34.65
N GLY D 583 18.59 54.39 -33.44
CA GLY D 583 18.07 55.37 -32.49
C GLY D 583 18.63 56.78 -32.54
N THR D 584 19.11 57.19 -33.71
CA THR D 584 19.40 58.57 -33.97
C THR D 584 18.23 59.19 -34.75
N PRO D 585 17.87 60.41 -34.40
CA PRO D 585 16.88 61.13 -35.25
C PRO D 585 17.50 61.73 -36.53
N GLU D 586 16.69 62.36 -37.40
CA GLU D 586 17.19 62.94 -38.64
C GLU D 586 18.06 61.92 -39.38
N LEU D 587 17.51 60.73 -39.68
CA LEU D 587 18.13 59.77 -40.57
C LEU D 587 17.32 59.74 -41.89
N SER D 588 18.00 59.54 -43.01
CA SER D 588 17.29 59.35 -44.29
C SER D 588 16.59 58.02 -44.22
N THR D 589 15.37 57.93 -44.74
CA THR D 589 14.68 56.63 -44.75
C THR D 589 15.57 55.60 -45.44
N ALA D 590 16.46 56.06 -46.32
CA ALA D 590 17.51 55.24 -46.90
C ALA D 590 18.44 54.63 -45.84
N GLU D 591 19.14 55.49 -45.10
CA GLU D 591 20.06 55.07 -44.02
C GLU D 591 19.35 54.11 -43.04
N ARG D 592 18.10 54.41 -42.71
CA ARG D 592 17.30 53.57 -41.82
C ARG D 592 17.18 52.16 -42.35
N LYS D 593 16.57 52.02 -43.53
CA LYS D 593 16.38 50.72 -44.14
C LYS D 593 17.73 49.96 -44.20
N GLU D 594 18.83 50.65 -44.51
CA GLU D 594 20.14 49.97 -44.51
C GLU D 594 20.48 49.38 -43.14
N LEU D 595 20.29 50.18 -42.10
CA LEU D 595 20.55 49.72 -40.75
C LEU D 595 19.66 48.57 -40.40
N GLU D 596 18.36 48.71 -40.65
CA GLU D 596 17.41 47.64 -40.31
C GLU D 596 17.82 46.33 -40.97
N ASN D 597 18.29 46.38 -42.21
CA ASN D 597 18.76 45.17 -42.89
C ASN D 597 20.01 44.61 -42.22
N LYS D 598 20.97 45.47 -41.93
CA LYS D 598 22.19 45.02 -41.22
C LYS D 598 21.87 44.34 -39.87
N LEU D 599 20.85 44.86 -39.20
CA LEU D 599 20.38 44.27 -37.93
C LEU D 599 19.73 42.93 -38.22
N LYS D 600 18.82 42.88 -39.19
CA LYS D 600 18.14 41.65 -39.51
C LYS D 600 19.09 40.54 -39.85
N GLU D 601 20.16 40.87 -40.56
CA GLU D 601 21.15 39.88 -40.95
C GLU D 601 21.83 39.36 -39.69
N ARG D 602 22.20 40.30 -38.83
CA ARG D 602 22.86 39.98 -37.57
C ARG D 602 21.99 39.13 -36.69
N GLU D 603 20.74 39.53 -36.60
CA GLU D 603 19.74 38.80 -35.86
C GLU D 603 19.71 37.36 -36.33
N GLU D 604 19.50 37.18 -37.63
CA GLU D 604 19.37 35.85 -38.22
C GLU D 604 20.64 35.02 -37.95
N PHE D 605 21.82 35.63 -38.16
CA PHE D 605 23.09 34.98 -37.84
C PHE D 605 23.18 34.54 -36.37
N LEU D 606 22.66 35.34 -35.46
CA LEU D 606 22.77 35.04 -34.04
C LEU D 606 21.69 34.08 -33.47
N ILE D 607 20.61 33.83 -34.20
CA ILE D 607 19.46 33.16 -33.62
C ILE D 607 19.75 31.76 -33.08
N PRO D 608 20.39 30.91 -33.89
CA PRO D 608 20.63 29.56 -33.41
C PRO D 608 21.38 29.55 -32.10
N ILE D 609 22.52 30.23 -32.04
CA ILE D 609 23.26 30.19 -30.80
C ILE D 609 22.42 30.74 -29.62
N TYR D 610 21.67 31.82 -29.84
CA TYR D 610 20.93 32.45 -28.75
C TYR D 610 19.74 31.55 -28.31
N HIS D 611 19.21 30.75 -29.24
CA HIS D 611 18.23 29.76 -28.92
C HIS D 611 18.80 28.72 -27.98
N GLN D 612 20.04 28.31 -28.23
CA GLN D 612 20.73 27.39 -27.33
C GLN D 612 20.86 28.01 -25.95
N VAL D 613 21.18 29.30 -25.90
CA VAL D 613 21.27 29.99 -24.63
C VAL D 613 19.92 29.98 -23.93
N ALA D 614 18.86 30.19 -24.70
CA ALA D 614 17.49 30.16 -24.17
C ALA D 614 17.13 28.84 -23.54
N VAL D 615 17.40 27.72 -24.23
CA VAL D 615 17.06 26.42 -23.62
C VAL D 615 17.82 26.26 -22.31
N GLN D 616 19.08 26.65 -22.29
CA GLN D 616 19.83 26.54 -21.07
C GLN D 616 19.13 27.29 -19.94
N PHE D 617 18.77 28.52 -20.24
CA PHE D 617 18.12 29.39 -19.29
C PHE D 617 16.88 28.68 -18.78
N ALA D 618 16.09 28.13 -19.70
CA ALA D 618 14.91 27.43 -19.28
C ALA D 618 15.32 26.24 -18.40
N ASP D 619 16.37 25.51 -18.80
CA ASP D 619 16.77 24.33 -18.04
C ASP D 619 17.11 24.63 -16.59
N LEU D 620 17.68 25.79 -16.35
CA LEU D 620 18.05 26.15 -14.98
C LEU D 620 16.83 26.32 -14.08
N HIS D 621 15.64 26.41 -14.71
CA HIS D 621 14.37 26.46 -13.97
C HIS D 621 13.88 25.09 -13.54
N ASP D 622 14.45 24.04 -14.09
CA ASP D 622 13.91 22.68 -13.96
C ASP D 622 14.71 21.82 -12.95
N THR D 623 15.49 22.46 -12.09
CA THR D 623 16.42 21.71 -11.21
C THR D 623 15.72 21.21 -9.93
N PRO D 624 16.34 20.24 -9.24
CA PRO D 624 15.88 19.73 -7.97
C PRO D 624 15.90 20.79 -6.92
N GLY D 625 16.90 21.67 -7.01
CA GLY D 625 17.01 22.77 -6.07
C GLY D 625 15.68 23.48 -5.97
N ARG D 626 15.15 23.84 -7.11
CA ARG D 626 13.89 24.56 -7.17
C ARG D 626 12.75 23.70 -6.63
N MET D 627 12.69 22.45 -7.09
CA MET D 627 11.66 21.50 -6.68
C MET D 627 11.51 21.42 -5.15
N GLN D 628 12.63 21.30 -4.46
CA GLN D 628 12.61 21.16 -3.04
C GLN D 628 12.14 22.44 -2.43
N GLU D 629 12.75 23.52 -2.89
CA GLU D 629 12.45 24.87 -2.41
C GLU D 629 10.96 25.16 -2.48
N LYS D 630 10.33 24.77 -3.58
CA LYS D 630 8.91 24.99 -3.81
C LYS D 630 8.02 23.94 -3.16
N GLY D 631 8.64 22.94 -2.53
CA GLY D 631 7.93 21.97 -1.68
C GLY D 631 7.29 20.79 -2.37
N VAL D 632 7.70 20.50 -3.59
CA VAL D 632 7.09 19.40 -4.33
C VAL D 632 7.83 18.05 -4.17
N ILE D 633 9.06 18.07 -3.64
CA ILE D 633 9.82 16.84 -3.39
C ILE D 633 10.30 16.86 -1.95
N SER D 634 10.54 15.69 -1.37
CA SER D 634 10.87 15.63 0.06
C SER D 634 12.38 15.85 0.27
N ASP D 635 13.18 15.43 -0.69
CA ASP D 635 14.60 15.59 -0.55
C ASP D 635 15.31 15.43 -1.89
N ILE D 636 16.51 15.99 -1.98
CA ILE D 636 17.36 15.74 -3.12
C ILE D 636 18.31 14.64 -2.68
N LEU D 637 18.34 13.56 -3.45
CA LEU D 637 19.20 12.43 -3.12
C LEU D 637 20.38 12.36 -4.04
N ASP D 638 21.33 11.50 -3.63
CA ASP D 638 22.54 11.19 -4.38
C ASP D 638 22.60 9.69 -4.60
N TRP D 639 22.67 9.32 -5.87
CA TRP D 639 22.43 7.95 -6.33
C TRP D 639 23.27 6.94 -5.63
N LYS D 640 24.58 7.22 -5.51
CA LYS D 640 25.52 6.26 -4.92
C LYS D 640 25.03 5.75 -3.56
N THR D 641 24.46 6.66 -2.78
CA THR D 641 23.99 6.32 -1.44
C THR D 641 22.45 6.20 -1.31
N SER D 642 21.74 6.15 -2.43
CA SER D 642 20.29 6.16 -2.40
C SER D 642 19.74 4.86 -1.84
N ARG D 643 20.46 3.76 -2.08
CA ARG D 643 20.08 2.48 -1.51
C ARG D 643 20.00 2.59 0.00
N THR D 644 21.10 3.02 0.61
CA THR D 644 21.14 3.15 2.07
C THR D 644 20.01 4.01 2.56
N PHE D 645 19.85 5.15 1.92
CA PHE D 645 18.83 6.06 2.30
C PHE D 645 17.47 5.39 2.34
N PHE D 646 17.14 4.76 1.22
CA PHE D 646 15.80 4.25 1.05
C PHE D 646 15.53 3.08 1.96
N TYR D 647 16.56 2.30 2.27
CA TYR D 647 16.33 1.19 3.16
C TYR D 647 15.75 1.74 4.44
N TRP D 648 16.50 2.64 5.08
CA TRP D 648 16.08 3.13 6.37
C TRP D 648 14.78 3.88 6.30
N ARG D 649 14.60 4.67 5.25
CA ARG D 649 13.36 5.40 5.10
C ARG D 649 12.16 4.48 5.03
N LEU D 650 12.26 3.47 4.16
CA LEU D 650 11.18 2.50 3.97
C LEU D 650 10.92 1.73 5.25
N ARG D 651 12.01 1.43 5.92
CA ARG D 651 11.98 0.68 7.13
C ARG D 651 11.17 1.40 8.21
N ARG D 652 11.32 2.72 8.34
CA ARG D 652 10.52 3.41 9.36
C ARG D 652 9.13 3.75 8.87
N LEU D 653 9.02 4.07 7.59
CA LEU D 653 7.71 4.32 7.06
C LEU D 653 6.85 3.11 7.44
N LEU D 654 7.42 1.91 7.32
CA LEU D 654 6.67 0.69 7.63
C LEU D 654 6.37 0.58 9.10
N LEU D 655 7.35 0.91 9.92
CA LEU D 655 7.16 0.82 11.38
C LEU D 655 6.19 1.89 11.91
N GLU D 656 6.39 3.12 11.45
CA GLU D 656 5.50 4.20 11.80
C GLU D 656 4.10 3.83 11.40
N ASP D 657 3.92 3.33 10.18
CA ASP D 657 2.58 2.92 9.73
C ASP D 657 1.98 1.91 10.69
N LEU D 658 2.80 0.96 11.14
CA LEU D 658 2.35 -0.14 11.98
C LEU D 658 1.77 0.39 13.28
N VAL D 659 2.45 1.37 13.86
CA VAL D 659 1.99 2.03 15.10
C VAL D 659 0.76 2.88 14.85
N LYS D 660 0.78 3.67 13.78
CA LYS D 660 -0.37 4.50 13.44
C LYS D 660 -1.62 3.62 13.22
N LYS D 661 -1.46 2.44 12.61
CA LYS D 661 -2.57 1.52 12.38
C LYS D 661 -3.19 1.14 13.71
N LYS D 662 -2.35 0.99 14.74
CA LYS D 662 -2.84 0.65 16.06
C LYS D 662 -3.65 1.80 16.65
N ILE D 663 -3.19 3.02 16.41
CA ILE D 663 -3.88 4.21 16.91
C ILE D 663 -5.24 4.37 16.24
N HIS D 664 -5.26 4.20 14.93
CA HIS D 664 -6.49 4.30 14.15
C HIS D 664 -7.52 3.31 14.64
N ASN D 665 -7.07 2.13 15.02
CA ASN D 665 -7.98 1.14 15.54
C ASN D 665 -8.60 1.61 16.83
N ALA D 666 -7.79 2.24 17.68
CA ALA D 666 -8.23 2.77 18.96
C ALA D 666 -9.30 3.86 18.81
N ASN D 667 -9.23 4.61 17.72
CA ASN D 667 -10.21 5.65 17.42
C ASN D 667 -10.25 5.96 15.94
N PRO D 668 -11.17 5.31 15.22
CA PRO D 668 -11.28 5.45 13.77
C PRO D 668 -11.58 6.85 13.32
N GLU D 669 -12.15 7.67 14.20
CA GLU D 669 -12.54 9.02 13.84
C GLU D 669 -11.35 9.97 13.62
N LEU D 670 -10.18 9.62 14.15
CA LEU D 670 -8.98 10.47 14.01
C LEU D 670 -8.44 10.57 12.58
N THR D 671 -8.20 11.79 12.11
CA THR D 671 -7.55 12.01 10.79
C THR D 671 -6.12 11.53 10.68
N ASP D 672 -5.78 11.10 9.46
CA ASP D 672 -4.38 10.83 9.10
C ASP D 672 -3.46 11.91 9.68
N GLY D 673 -3.88 13.16 9.57
CA GLY D 673 -3.10 14.28 10.07
C GLY D 673 -2.94 14.33 11.58
N GLN D 674 -4.05 14.19 12.30
CA GLN D 674 -3.97 14.31 13.75
C GLN D 674 -3.19 13.13 14.30
N ILE D 675 -3.28 11.98 13.64
CA ILE D 675 -2.58 10.80 14.10
C ILE D 675 -1.08 11.00 14.04
N GLN D 676 -0.60 11.50 12.91
CA GLN D 676 0.81 11.87 12.79
C GLN D 676 1.23 12.73 13.95
N ALA D 677 0.50 13.82 14.17
CA ALA D 677 0.84 14.79 15.21
C ALA D 677 0.87 14.15 16.58
N MET D 678 -0.14 13.35 16.86
CA MET D 678 -0.25 12.65 18.14
C MET D 678 0.97 11.76 18.42
N LEU D 679 1.41 11.01 17.42
CA LEU D 679 2.56 10.13 17.61
C LEU D 679 3.80 10.96 17.83
N ARG D 680 3.98 11.97 16.99
CA ARG D 680 5.16 12.83 17.11
C ARG D 680 5.21 13.49 18.48
N ARG D 681 4.06 13.92 18.97
CA ARG D 681 3.99 14.55 20.27
C ARG D 681 4.34 13.57 21.39
N TRP D 682 3.89 12.33 21.25
CA TRP D 682 4.18 11.30 22.25
C TRP D 682 5.63 10.97 22.33
N PHE D 683 6.32 11.08 21.20
CA PHE D 683 7.74 10.84 21.15
C PHE D 683 8.43 11.90 21.97
N VAL D 684 8.10 13.16 21.68
CA VAL D 684 8.73 14.28 22.36
C VAL D 684 8.43 14.24 23.86
N GLU D 685 7.21 13.84 24.22
CA GLU D 685 6.87 13.59 25.62
C GLU D 685 7.81 12.55 26.26
N VAL D 686 7.93 11.38 25.64
CA VAL D 686 8.75 10.28 26.17
C VAL D 686 10.23 10.58 26.18
N GLU D 687 10.76 11.03 25.04
CA GLU D 687 12.20 11.14 24.85
C GLU D 687 12.75 12.50 25.17
N GLY D 688 11.87 13.47 25.42
CA GLY D 688 12.30 14.80 25.81
C GLY D 688 12.34 15.79 24.66
N THR D 689 11.85 16.99 24.96
CA THR D 689 11.87 18.10 24.03
C THR D 689 13.26 18.30 23.40
N VAL D 690 14.31 18.00 24.17
CA VAL D 690 15.71 18.13 23.70
C VAL D 690 16.05 17.24 22.51
N LYS D 691 15.29 16.14 22.36
CA LYS D 691 15.55 15.11 21.36
C LYS D 691 14.67 15.20 20.11
N ALA D 692 13.89 16.26 19.98
CA ALA D 692 13.04 16.44 18.81
C ALA D 692 13.73 16.00 17.52
N TYR D 693 14.95 16.47 17.28
CA TYR D 693 15.64 16.23 16.01
C TYR D 693 15.71 14.76 15.60
N VAL D 694 15.72 13.87 16.59
CA VAL D 694 15.85 12.44 16.34
C VAL D 694 14.73 11.90 15.44
N TRP D 695 13.55 12.48 15.59
CA TRP D 695 12.40 12.12 14.78
C TRP D 695 12.68 12.16 13.31
N ASP D 696 13.55 13.07 12.88
CA ASP D 696 13.88 13.17 11.47
C ASP D 696 15.02 12.23 11.04
N ASN D 697 15.52 11.41 11.95
CA ASN D 697 16.51 10.39 11.62
C ASN D 697 15.85 9.02 11.44
N ASN D 698 15.82 8.54 10.20
CA ASN D 698 15.12 7.31 9.88
C ASN D 698 15.61 6.14 10.74
N LYS D 699 16.93 5.93 10.74
CA LYS D 699 17.48 4.76 11.40
C LYS D 699 17.12 4.79 12.88
N ASP D 700 17.38 5.93 13.51
CA ASP D 700 17.23 6.05 14.95
C ASP D 700 15.76 5.97 15.41
N LEU D 701 14.86 6.59 14.65
CA LEU D 701 13.43 6.50 14.95
C LEU D 701 12.91 5.09 14.71
N ALA D 702 13.42 4.45 13.65
CA ALA D 702 13.08 3.07 13.36
C ALA D 702 13.38 2.16 14.57
N GLU D 703 14.61 2.27 15.09
CA GLU D 703 14.99 1.52 16.29
C GLU D 703 14.08 1.82 17.48
N TRP D 704 13.69 3.08 17.63
CA TRP D 704 12.83 3.50 18.73
C TRP D 704 11.43 2.95 18.63
N LEU D 705 10.85 3.08 17.45
CA LEU D 705 9.50 2.55 17.18
C LEU D 705 9.45 1.06 17.44
N GLU D 706 10.49 0.34 17.02
CA GLU D 706 10.54 -1.09 17.21
C GLU D 706 10.58 -1.46 18.69
N LYS D 707 11.41 -0.77 19.47
CA LYS D 707 11.48 -1.01 20.91
C LYS D 707 10.09 -0.78 21.52
N GLN D 708 9.35 0.24 21.09
CA GLN D 708 8.00 0.48 21.61
C GLN D 708 7.03 -0.66 21.31
N LEU D 709 7.09 -1.18 20.10
CA LEU D 709 6.28 -2.35 19.70
C LEU D 709 6.85 -3.64 20.33
N THR D 710 6.15 -4.30 21.26
CA THR D 710 6.83 -5.38 22.06
C THR D 710 6.40 -5.29 23.55
N VAL D 718 4.03 1.53 26.57
CA VAL D 718 4.12 2.93 27.03
C VAL D 718 3.48 3.90 26.04
N ILE D 719 3.94 3.83 24.80
CA ILE D 719 3.06 4.15 23.70
C ILE D 719 1.85 3.27 23.90
N GLU D 720 2.10 1.97 24.07
CA GLU D 720 1.05 0.98 24.29
C GLU D 720 0.05 1.51 25.33
N GLU D 721 0.55 2.15 26.38
CA GLU D 721 -0.32 2.72 27.42
C GLU D 721 -1.19 3.85 26.86
N ASN D 722 -0.59 4.77 26.10
CA ASN D 722 -1.37 5.84 25.48
C ASN D 722 -2.51 5.38 24.60
N ILE D 723 -2.28 4.31 23.86
CA ILE D 723 -3.30 3.79 22.95
C ILE D 723 -4.49 3.29 23.77
N LYS D 724 -4.22 2.47 24.78
CA LYS D 724 -5.26 2.05 25.72
C LYS D 724 -6.08 3.27 26.14
N CYS D 725 -5.41 4.37 26.45
CA CYS D 725 -6.10 5.61 26.87
C CYS D 725 -6.96 6.21 25.74
N ILE D 726 -6.45 6.21 24.51
CA ILE D 726 -7.21 6.69 23.35
C ILE D 726 -8.45 5.85 23.06
N SER D 727 -8.37 4.54 23.27
CA SER D 727 -9.53 3.66 23.06
C SER D 727 -10.58 3.86 24.16
N ARG D 728 -10.14 3.94 25.42
CA ARG D 728 -11.08 4.19 26.53
C ARG D 728 -11.88 5.44 26.22
N ASP D 729 -11.18 6.52 25.88
CA ASP D 729 -11.84 7.77 25.57
C ASP D 729 -12.85 7.61 24.46
N TYR D 730 -12.45 6.95 23.37
CA TYR D 730 -13.31 6.80 22.21
C TYR D 730 -14.58 6.02 22.58
N VAL D 731 -14.38 4.89 23.25
CA VAL D 731 -15.48 4.04 23.65
C VAL D 731 -16.47 4.82 24.53
N LEU D 732 -15.95 5.70 25.39
CA LEU D 732 -16.82 6.58 26.18
C LEU D 732 -17.64 7.48 25.27
N LYS D 733 -16.95 8.29 24.46
CA LYS D 733 -17.59 9.20 23.49
C LYS D 733 -18.63 8.47 22.62
N GLN D 734 -18.39 7.20 22.37
CA GLN D 734 -19.26 6.41 21.54
C GLN D 734 -20.55 6.02 22.24
N ILE D 735 -20.43 5.58 23.50
CA ILE D 735 -21.61 5.28 24.35
C ILE D 735 -22.42 6.56 24.58
N ARG D 736 -21.74 7.68 24.83
CA ARG D 736 -22.39 8.98 24.90
C ARG D 736 -23.23 9.23 23.66
N SER D 737 -22.54 9.25 22.51
CA SER D 737 -23.17 9.57 21.23
C SER D 737 -24.42 8.72 20.93
N LEU D 738 -24.39 7.46 21.38
CA LEU D 738 -25.53 6.56 21.17
C LEU D 738 -26.73 6.99 21.99
N VAL D 739 -26.52 7.25 23.27
CA VAL D 739 -27.65 7.66 24.16
C VAL D 739 -28.17 9.06 23.78
N GLN D 740 -27.28 9.98 23.38
CA GLN D 740 -27.70 11.29 22.86
C GLN D 740 -28.77 11.07 21.80
N ALA D 741 -28.40 10.31 20.77
CA ALA D 741 -29.34 9.94 19.71
C ALA D 741 -30.55 9.05 20.16
N ASN D 742 -30.43 8.28 21.24
CA ASN D 742 -31.48 7.31 21.64
C ASN D 742 -31.84 7.30 23.15
N PRO D 743 -32.45 8.38 23.63
CA PRO D 743 -32.56 8.51 25.08
C PRO D 743 -33.53 7.55 25.80
N GLU D 744 -34.53 6.99 25.12
CA GLU D 744 -35.44 6.02 25.75
C GLU D 744 -34.68 4.80 26.31
N VAL D 745 -33.52 4.58 25.70
CA VAL D 745 -32.59 3.49 26.02
C VAL D 745 -31.83 3.68 27.34
N ALA D 746 -31.69 4.93 27.77
CA ALA D 746 -30.89 5.28 28.95
C ALA D 746 -31.20 4.38 30.14
N MET D 747 -32.46 4.38 30.60
CA MET D 747 -32.82 3.67 31.83
C MET D 747 -32.35 2.22 31.82
N ASP D 748 -32.64 1.50 30.74
CA ASP D 748 -32.39 0.07 30.69
C ASP D 748 -30.90 -0.21 30.54
N SER D 749 -30.20 0.65 29.81
CA SER D 749 -28.73 0.54 29.70
C SER D 749 -28.07 0.61 31.09
N ILE D 750 -28.59 1.45 31.98
CA ILE D 750 -28.05 1.54 33.33
C ILE D 750 -28.31 0.24 34.14
N ILE D 751 -29.55 -0.23 34.19
CA ILE D 751 -29.87 -1.50 34.87
C ILE D 751 -28.86 -2.59 34.48
N HIS D 752 -28.62 -2.74 33.18
CA HIS D 752 -27.65 -3.74 32.70
C HIS D 752 -26.23 -3.38 33.11
N MET D 753 -25.89 -2.09 33.09
CA MET D 753 -24.51 -1.63 33.41
C MET D 753 -24.09 -1.80 34.86
N THR D 754 -25.03 -1.78 35.80
CA THR D 754 -24.71 -1.76 37.24
C THR D 754 -23.93 -3.01 37.65
N GLN D 755 -23.97 -4.03 36.80
CA GLN D 755 -23.17 -5.28 36.96
C GLN D 755 -21.64 -5.15 36.61
N HIS D 756 -20.97 -4.16 37.21
CA HIS D 756 -19.56 -3.84 36.85
C HIS D 756 -18.86 -3.02 37.91
N ARG D 762 -19.07 1.22 42.95
CA ARG D 762 -20.39 1.68 43.38
C ARG D 762 -20.33 2.85 44.30
N ALA D 763 -19.28 2.91 45.10
CA ALA D 763 -19.13 3.97 46.09
C ALA D 763 -19.27 5.33 45.41
N GLU D 764 -18.60 5.54 44.28
CA GLU D 764 -18.72 6.80 43.55
C GLU D 764 -20.16 7.03 43.04
N VAL D 765 -20.74 6.02 42.39
CA VAL D 765 -22.12 6.12 41.90
C VAL D 765 -23.06 6.61 43.00
N ILE D 766 -22.97 5.98 44.18
CA ILE D 766 -23.74 6.37 45.37
C ILE D 766 -23.58 7.83 45.79
N ARG D 767 -22.40 8.42 45.56
CA ARG D 767 -22.22 9.88 45.75
C ARG D 767 -23.14 10.66 44.80
N ILE D 768 -22.92 10.45 43.50
CA ILE D 768 -23.60 11.20 42.43
C ILE D 768 -24.86 10.49 41.92
N LEU E 14 27.29 -24.65 -0.88
CA LEU E 14 27.26 -25.69 -1.99
C LEU E 14 28.09 -25.17 -3.15
N GLN E 15 27.80 -23.96 -3.61
CA GLN E 15 28.61 -23.34 -4.66
C GLN E 15 30.09 -23.48 -4.30
N SER E 16 30.45 -23.19 -3.04
CA SER E 16 31.86 -23.23 -2.60
C SER E 16 32.46 -24.61 -2.75
N LYS E 17 31.70 -25.62 -2.35
CA LYS E 17 32.18 -26.99 -2.36
C LYS E 17 32.27 -27.59 -3.75
N ARG E 18 31.36 -27.22 -4.63
CA ARG E 18 31.43 -27.71 -6.01
C ARG E 18 32.67 -27.17 -6.74
N PHE E 19 33.03 -25.92 -6.45
CA PHE E 19 34.21 -25.30 -7.04
C PHE E 19 35.46 -26.02 -6.52
N GLN E 20 35.44 -26.34 -5.24
CA GLN E 20 36.50 -27.06 -4.56
C GLN E 20 36.69 -28.46 -5.16
N ALA E 21 35.60 -29.11 -5.51
CA ALA E 21 35.67 -30.41 -6.14
C ALA E 21 36.18 -30.27 -7.56
N GLN E 22 35.59 -29.38 -8.33
CA GLN E 22 36.03 -29.16 -9.70
C GLN E 22 37.52 -28.80 -9.73
N SER E 23 37.96 -28.02 -8.76
CA SER E 23 39.37 -27.63 -8.70
C SER E 23 40.27 -28.84 -8.42
N LEU E 24 39.69 -29.89 -7.85
CA LEU E 24 40.36 -31.19 -7.70
C LEU E 24 40.06 -32.15 -8.87
N GLY E 25 39.45 -31.67 -9.95
CA GLY E 25 39.12 -32.51 -11.11
C GLY E 25 38.13 -33.62 -10.86
N THR E 26 37.18 -33.40 -9.95
CA THR E 26 36.13 -34.39 -9.68
C THR E 26 34.79 -33.70 -9.43
N THR E 27 33.78 -34.51 -9.11
CA THR E 27 32.42 -34.06 -8.94
C THR E 27 32.11 -34.06 -7.45
N TYR E 28 31.43 -33.02 -6.98
CA TYR E 28 30.95 -32.94 -5.61
C TYR E 28 30.06 -34.13 -5.31
N ILE E 29 30.25 -34.75 -4.16
CA ILE E 29 29.55 -35.99 -3.88
C ILE E 29 28.03 -35.92 -4.11
N TYR E 30 27.36 -34.91 -3.57
CA TYR E 30 25.90 -34.83 -3.70
C TYR E 30 25.39 -34.50 -5.10
N ASP E 31 26.28 -34.27 -6.04
CA ASP E 31 25.85 -34.14 -7.41
C ASP E 31 25.79 -35.49 -8.11
N ILE E 32 26.34 -36.54 -7.49
CA ILE E 32 26.37 -37.85 -8.12
C ILE E 32 25.00 -38.40 -8.47
N PRO E 33 24.05 -38.36 -7.53
CA PRO E 33 22.70 -38.86 -7.84
C PRO E 33 22.07 -38.29 -9.11
N GLU E 34 22.18 -36.98 -9.30
CA GLU E 34 21.66 -36.38 -10.52
C GLU E 34 22.49 -36.76 -11.75
N MET E 35 23.76 -37.05 -11.55
CA MET E 35 24.59 -37.56 -12.63
C MET E 35 24.09 -38.93 -13.06
N PHE E 36 23.55 -39.70 -12.11
CA PHE E 36 22.91 -40.95 -12.46
C PHE E 36 21.66 -40.70 -13.29
N ARG E 37 20.84 -39.75 -12.89
CA ARG E 37 19.62 -39.51 -13.63
C ARG E 37 19.94 -39.10 -15.05
N GLN E 38 20.93 -38.23 -15.25
CA GLN E 38 21.28 -37.77 -16.61
C GLN E 38 21.84 -38.90 -17.44
N SER E 39 22.68 -39.72 -16.83
CA SER E 39 23.26 -40.87 -17.50
C SER E 39 22.19 -41.87 -17.90
N LEU E 40 21.27 -42.12 -16.98
CA LEU E 40 20.18 -43.04 -17.22
C LEU E 40 19.35 -42.59 -18.44
N ILE E 41 19.16 -41.29 -18.60
CA ILE E 41 18.47 -40.79 -19.79
C ILE E 41 19.27 -41.17 -21.04
N LYS E 42 20.58 -40.94 -21.00
CA LYS E 42 21.43 -41.26 -22.15
C LYS E 42 21.32 -42.75 -22.46
N LEU E 43 21.16 -43.58 -21.42
CA LEU E 43 21.10 -45.04 -21.62
C LEU E 43 19.85 -45.41 -22.37
N TRP E 44 18.72 -44.88 -21.91
CA TRP E 44 17.46 -45.10 -22.61
C TRP E 44 17.53 -44.76 -24.06
N GLU E 45 18.36 -43.76 -24.38
CA GLU E 45 18.48 -43.29 -25.74
C GLU E 45 19.35 -44.25 -26.52
N SER E 46 20.53 -44.57 -26.01
CA SER E 46 21.46 -45.42 -26.72
C SER E 46 20.90 -46.82 -26.94
N MET E 47 20.23 -47.37 -25.93
CA MET E 47 19.71 -48.72 -26.03
C MET E 47 18.50 -48.85 -26.95
N SER E 48 17.80 -47.75 -27.26
CA SER E 48 16.65 -47.85 -28.17
C SER E 48 17.10 -48.20 -29.60
N THR E 49 18.34 -47.86 -29.94
CA THR E 49 19.01 -48.39 -31.14
C THR E 49 18.99 -49.90 -31.21
N GLN E 50 19.43 -50.52 -30.12
CA GLN E 50 19.70 -51.94 -30.08
C GLN E 50 18.43 -52.77 -29.89
N ALA E 51 17.50 -52.26 -29.09
CA ALA E 51 16.34 -53.05 -28.66
C ALA E 51 15.03 -52.27 -28.73
N PHE E 52 13.94 -53.03 -28.83
CA PHE E 52 12.60 -52.49 -28.77
C PHE E 52 12.31 -52.23 -27.32
N LEU E 53 12.04 -50.96 -27.00
CA LEU E 53 11.79 -50.55 -25.63
C LEU E 53 10.41 -49.91 -25.51
N PRO E 54 9.79 -49.98 -24.31
CA PRO E 54 8.63 -49.12 -24.10
C PRO E 54 9.04 -47.65 -24.15
N SER E 55 8.06 -46.76 -24.10
CA SER E 55 8.39 -45.34 -24.05
C SER E 55 9.06 -45.10 -22.70
N PRO E 56 10.09 -44.24 -22.69
CA PRO E 56 10.80 -44.01 -21.44
C PRO E 56 9.88 -43.37 -20.42
N PRO E 57 10.16 -43.54 -19.12
CA PRO E 57 9.38 -42.83 -18.15
C PRO E 57 9.86 -41.40 -18.10
N LEU E 58 9.07 -40.53 -17.48
CA LEU E 58 9.47 -39.15 -17.32
C LEU E 58 10.70 -39.15 -16.39
N PRO E 59 11.64 -38.24 -16.62
CA PRO E 59 12.87 -38.22 -15.83
C PRO E 59 12.66 -38.20 -14.32
N SER E 60 11.64 -37.50 -13.84
CA SER E 60 11.38 -37.46 -12.41
C SER E 60 11.01 -38.85 -11.87
N ASP E 61 10.36 -39.67 -12.70
CA ASP E 61 9.92 -41.00 -12.28
C ASP E 61 10.96 -42.05 -12.60
N MET E 62 12.04 -41.63 -13.23
CA MET E 62 13.07 -42.55 -13.67
C MET E 62 13.96 -43.04 -12.53
N LEU E 63 14.13 -42.20 -11.51
CA LEU E 63 15.12 -42.47 -10.46
C LEU E 63 14.65 -41.94 -9.13
N THR E 64 14.83 -42.72 -8.07
CA THR E 64 14.65 -42.25 -6.70
C THR E 64 15.82 -42.66 -5.83
N TYR E 65 16.28 -41.70 -5.02
CA TYR E 65 17.36 -41.99 -4.10
C TYR E 65 17.00 -41.59 -2.70
N THR E 66 17.63 -42.28 -1.75
CA THR E 66 17.51 -41.96 -0.34
C THR E 66 18.85 -42.10 0.34
N GLU E 67 19.27 -41.07 1.04
CA GLU E 67 20.56 -41.07 1.70
C GLU E 67 20.54 -42.03 2.88
N LEU E 68 21.62 -42.77 3.01
CA LEU E 68 21.81 -43.66 4.13
C LEU E 68 22.78 -42.94 5.09
N VAL E 69 22.44 -42.92 6.38
CA VAL E 69 23.17 -42.14 7.39
C VAL E 69 23.31 -42.94 8.68
N LEU E 70 24.46 -42.80 9.34
CA LEU E 70 24.73 -43.52 10.60
C LEU E 70 24.01 -42.91 11.81
N ASP E 71 23.26 -43.71 12.56
CA ASP E 71 22.64 -43.22 13.79
C ASP E 71 23.63 -43.23 14.97
N ASP E 72 23.09 -42.96 16.17
CA ASP E 72 23.87 -42.98 17.42
C ASP E 72 24.48 -44.33 17.74
N GLN E 73 23.74 -45.39 17.43
CA GLN E 73 24.16 -46.77 17.72
C GLN E 73 25.01 -47.34 16.55
N GLY E 74 25.52 -46.49 15.66
CA GLY E 74 26.30 -46.96 14.52
C GLY E 74 25.50 -47.84 13.56
N GLN E 75 24.19 -47.62 13.48
CA GLN E 75 23.35 -48.37 12.57
C GLN E 75 22.83 -47.48 11.46
N LEU E 76 22.61 -48.09 10.30
CA LEU E 76 22.22 -47.37 9.11
C LEU E 76 20.75 -46.95 9.21
N VAL E 77 20.46 -45.74 8.75
CA VAL E 77 19.12 -45.16 8.83
C VAL E 77 18.84 -44.40 7.53
N HIS E 78 17.66 -44.62 6.96
CA HIS E 78 17.24 -44.00 5.70
C HIS E 78 16.73 -42.65 6.01
N MET E 79 17.28 -41.64 5.34
CA MET E 79 16.98 -40.25 5.70
C MET E 79 16.77 -39.39 4.46
N ASN E 80 15.66 -38.66 4.45
CA ASN E 80 15.36 -37.75 3.33
C ASN E 80 15.72 -36.32 3.75
N ARG E 81 17.01 -35.98 3.64
CA ARG E 81 17.52 -34.65 4.05
C ARG E 81 18.15 -33.95 2.87
N LEU E 82 18.31 -32.65 3.00
CA LEU E 82 18.85 -31.82 1.95
C LEU E 82 20.33 -32.08 1.74
N PRO E 83 20.77 -32.05 0.48
CA PRO E 83 22.17 -32.29 0.17
C PRO E 83 23.10 -31.27 0.79
N GLY E 84 24.31 -31.72 1.09
CA GLY E 84 25.34 -30.90 1.72
C GLY E 84 25.43 -31.15 3.22
N GLY E 85 24.67 -32.14 3.72
CA GLY E 85 24.51 -32.32 5.16
C GLY E 85 25.54 -33.22 5.84
N ASN E 86 26.46 -33.83 5.09
CA ASN E 86 27.34 -34.83 5.69
C ASN E 86 28.19 -34.27 6.82
N GLU E 87 28.34 -35.05 7.89
CA GLU E 87 29.24 -34.71 9.01
C GLU E 87 30.43 -35.67 9.08
N ILE E 88 30.57 -36.51 8.06
CA ILE E 88 31.72 -37.40 7.91
C ILE E 88 32.08 -37.45 6.42
N GLY E 89 33.26 -37.96 6.10
CA GLY E 89 33.76 -37.95 4.71
C GLY E 89 33.28 -39.05 3.78
N MET E 90 32.11 -39.59 4.08
CA MET E 90 31.53 -40.66 3.29
C MET E 90 30.03 -40.43 3.18
N VAL E 91 29.50 -40.73 2.01
CA VAL E 91 28.08 -40.60 1.74
C VAL E 91 27.62 -41.85 1.00
N ALA E 92 26.40 -42.27 1.28
CA ALA E 92 25.87 -43.46 0.65
C ALA E 92 24.38 -43.31 0.44
N TRP E 93 23.86 -43.95 -0.59
CA TRP E 93 22.43 -43.94 -0.86
C TRP E 93 21.97 -45.27 -1.32
N LYS E 94 20.69 -45.54 -1.08
CA LYS E 94 19.99 -46.56 -1.83
C LYS E 94 19.31 -45.87 -3.00
N MET E 95 19.41 -46.48 -4.18
CA MET E 95 18.85 -45.91 -5.40
C MET E 95 17.97 -46.93 -6.09
N THR E 96 16.81 -46.46 -6.54
CA THR E 96 15.93 -47.29 -7.35
C THR E 96 15.71 -46.54 -8.63
N PHE E 97 15.86 -47.21 -9.76
CA PHE E 97 15.61 -46.56 -11.05
C PHE E 97 15.06 -47.50 -12.08
N LYS E 98 14.35 -46.91 -13.03
CA LYS E 98 13.73 -47.65 -14.11
C LYS E 98 14.71 -47.59 -15.27
N SER E 99 15.07 -48.76 -15.80
CA SER E 99 15.99 -48.83 -16.92
C SER E 99 15.45 -49.67 -18.07
N PRO E 100 16.01 -49.48 -19.27
CA PRO E 100 15.56 -50.23 -20.44
C PRO E 100 15.45 -51.75 -20.21
N GLU E 101 16.41 -52.31 -19.46
CA GLU E 101 16.45 -53.73 -19.16
C GLU E 101 15.51 -54.11 -18.00
N TYR E 102 15.28 -53.17 -17.07
CA TYR E 102 14.41 -53.37 -15.88
C TYR E 102 13.45 -52.18 -15.75
N PRO E 103 12.44 -52.12 -16.63
CA PRO E 103 11.61 -50.92 -16.69
C PRO E 103 10.69 -50.75 -15.50
N GLU E 104 10.39 -51.84 -14.82
CA GLU E 104 9.61 -51.77 -13.59
C GLU E 104 10.49 -51.34 -12.42
N GLY E 105 11.81 -51.36 -12.63
CA GLY E 105 12.76 -50.80 -11.67
C GLY E 105 13.78 -51.78 -11.14
N ARG E 106 14.92 -51.24 -10.73
CA ARG E 106 15.95 -52.04 -10.09
C ARG E 106 16.61 -51.19 -9.04
N ASP E 107 17.18 -51.85 -8.03
CA ASP E 107 17.81 -51.16 -6.90
C ASP E 107 19.34 -51.34 -6.90
N ILE E 108 20.06 -50.30 -6.48
CA ILE E 108 21.49 -50.40 -6.18
C ILE E 108 21.85 -49.62 -4.93
N ILE E 109 23.02 -49.91 -4.36
CA ILE E 109 23.58 -49.08 -3.29
C ILE E 109 24.81 -48.36 -3.81
N VAL E 110 24.85 -47.06 -3.58
CA VAL E 110 25.98 -46.24 -4.04
C VAL E 110 26.67 -45.59 -2.85
N ILE E 111 27.97 -45.81 -2.74
CA ILE E 111 28.81 -45.23 -1.68
C ILE E 111 29.87 -44.36 -2.31
N GLY E 112 30.19 -43.25 -1.67
CA GLY E 112 31.17 -42.33 -2.22
C GLY E 112 31.89 -41.54 -1.15
N ASN E 113 33.18 -41.35 -1.36
CA ASN E 113 33.97 -40.44 -0.55
C ASN E 113 33.56 -39.00 -0.84
N ASP E 114 33.68 -38.14 0.16
CA ASP E 114 33.58 -36.72 -0.11
C ASP E 114 34.97 -36.14 -0.09
N ILE E 115 35.56 -35.93 -1.25
CA ILE E 115 36.92 -35.44 -1.27
C ILE E 115 37.04 -34.07 -0.62
N THR E 116 35.94 -33.31 -0.51
CA THR E 116 35.99 -32.01 0.19
C THR E 116 36.05 -32.12 1.71
N TYR E 117 35.67 -33.25 2.28
CA TYR E 117 35.73 -33.43 3.74
C TYR E 117 37.02 -34.12 4.21
N ARG E 118 37.92 -33.31 4.77
CA ARG E 118 39.19 -33.79 5.27
C ARG E 118 39.92 -34.55 4.18
N ILE E 119 40.20 -33.82 3.10
CA ILE E 119 40.79 -34.39 1.87
C ILE E 119 40.34 -35.82 1.50
N GLY E 120 39.08 -36.12 1.75
CA GLY E 120 38.55 -37.44 1.47
C GLY E 120 39.23 -38.58 2.19
N SER E 121 39.82 -38.30 3.35
CA SER E 121 40.42 -39.34 4.16
C SER E 121 39.37 -40.30 4.72
N PHE E 122 39.89 -41.42 5.22
CA PHE E 122 39.11 -42.55 5.72
C PHE E 122 39.31 -42.62 7.22
N GLY E 123 38.42 -41.99 7.97
CA GLY E 123 38.39 -42.17 9.42
C GLY E 123 37.53 -43.36 9.82
N PRO E 124 37.43 -43.64 11.12
CA PRO E 124 36.66 -44.79 11.57
C PRO E 124 35.17 -44.65 11.27
N GLN E 125 34.63 -43.44 11.33
CA GLN E 125 33.20 -43.24 11.02
C GLN E 125 32.94 -43.39 9.53
N GLU E 126 33.88 -42.90 8.75
CA GLU E 126 33.80 -43.03 7.32
C GLU E 126 33.85 -44.53 7.00
N ASP E 127 34.77 -45.25 7.66
CA ASP E 127 34.94 -46.68 7.45
C ASP E 127 33.63 -47.40 7.82
N LEU E 128 32.94 -46.93 8.85
CA LEU E 128 31.77 -47.65 9.34
C LEU E 128 30.56 -47.48 8.41
N LEU E 129 30.36 -46.27 7.90
CA LEU E 129 29.29 -46.06 6.94
C LEU E 129 29.48 -46.99 5.76
N PHE E 130 30.70 -47.00 5.23
CA PHE E 130 31.00 -47.85 4.10
C PHE E 130 30.62 -49.29 4.44
N LEU E 131 31.07 -49.76 5.59
CA LEU E 131 30.77 -51.11 6.01
C LEU E 131 29.28 -51.38 5.98
N ARG E 132 28.51 -50.52 6.62
CA ARG E 132 27.09 -50.73 6.79
C ARG E 132 26.29 -50.62 5.50
N ALA E 133 26.73 -49.73 4.61
CA ALA E 133 26.10 -49.62 3.30
C ALA E 133 26.36 -50.90 2.53
N SER E 134 27.58 -51.41 2.62
CA SER E 134 27.97 -52.63 1.92
C SER E 134 27.16 -53.79 2.45
N GLU E 135 27.06 -53.86 3.77
CA GLU E 135 26.30 -54.90 4.43
C GLU E 135 24.86 -54.92 3.94
N LEU E 136 24.30 -53.74 3.71
CA LEU E 136 22.91 -53.63 3.27
C LEU E 136 22.79 -54.14 1.87
N ALA E 137 23.76 -53.78 1.02
CA ALA E 137 23.79 -54.27 -0.34
C ALA E 137 23.72 -55.77 -0.33
N ARG E 138 24.57 -56.39 0.49
CA ARG E 138 24.61 -57.84 0.54
C ARG E 138 23.31 -58.39 1.07
N ALA E 139 22.74 -57.72 2.06
CA ALA E 139 21.52 -58.17 2.70
C ALA E 139 20.38 -58.29 1.68
N GLU E 140 20.31 -57.36 0.73
CA GLU E 140 19.24 -57.36 -0.25
C GLU E 140 19.64 -58.04 -1.56
N GLY E 141 20.92 -58.35 -1.70
CA GLY E 141 21.41 -59.04 -2.89
C GLY E 141 21.66 -58.13 -4.07
N ILE E 142 21.59 -56.83 -3.84
CA ILE E 142 21.68 -55.85 -4.91
C ILE E 142 23.11 -55.33 -5.05
N PRO E 143 23.46 -54.73 -6.21
CA PRO E 143 24.83 -54.35 -6.47
C PRO E 143 25.33 -53.21 -5.63
N ARG E 144 26.64 -53.15 -5.43
CA ARG E 144 27.28 -52.08 -4.68
C ARG E 144 28.22 -51.28 -5.56
N ILE E 145 27.87 -50.01 -5.77
CA ILE E 145 28.68 -49.11 -6.58
C ILE E 145 29.44 -48.16 -5.67
N TYR E 146 30.76 -48.14 -5.82
CA TYR E 146 31.60 -47.28 -5.01
C TYR E 146 32.28 -46.25 -5.88
N VAL E 147 32.02 -44.97 -5.60
CA VAL E 147 32.74 -43.89 -6.23
C VAL E 147 33.89 -43.48 -5.34
N SER E 148 35.11 -43.77 -5.80
CA SER E 148 36.31 -43.54 -5.01
C SER E 148 37.02 -42.27 -5.42
N ALA E 149 37.11 -41.34 -4.48
CA ALA E 149 37.96 -40.17 -4.66
C ALA E 149 38.42 -39.75 -3.27
N ASN E 150 39.65 -40.09 -2.92
CA ASN E 150 40.05 -40.09 -1.51
C ASN E 150 41.56 -39.98 -1.31
N SER E 151 41.98 -39.98 -0.04
CA SER E 151 43.39 -39.86 0.33
C SER E 151 43.81 -40.99 1.25
N GLY E 152 43.08 -42.10 1.21
CA GLY E 152 43.36 -43.20 2.10
C GLY E 152 43.12 -42.89 3.56
N ALA E 153 43.78 -43.66 4.43
CA ALA E 153 43.49 -43.62 5.86
C ALA E 153 43.81 -42.26 6.35
N ARG E 154 43.05 -41.82 7.33
CA ARG E 154 43.30 -40.55 7.98
C ARG E 154 44.60 -40.58 8.79
N ILE E 155 45.27 -39.43 8.80
CA ILE E 155 46.54 -39.23 9.50
C ILE E 155 46.44 -38.03 10.42
N GLY E 156 47.19 -38.05 11.51
CA GLY E 156 47.31 -36.90 12.37
C GLY E 156 48.31 -37.06 13.50
N LEU E 157 48.64 -35.93 14.10
CA LEU E 157 49.48 -35.89 15.29
C LEU E 157 48.71 -35.19 16.40
N ALA E 158 48.96 -35.61 17.64
CA ALA E 158 48.27 -35.04 18.77
C ALA E 158 48.63 -33.55 18.90
N GLU E 159 47.73 -32.69 18.47
CA GLU E 159 47.94 -31.23 18.55
C GLU E 159 48.20 -30.77 19.97
N GLU E 160 47.41 -31.31 20.90
CA GLU E 160 47.49 -30.91 22.30
C GLU E 160 48.91 -31.06 22.86
N ILE E 161 49.65 -32.06 22.39
CA ILE E 161 51.01 -32.31 22.86
C ILE E 161 52.05 -31.58 22.03
N ARG E 162 51.83 -31.51 20.72
CA ARG E 162 52.80 -30.92 19.81
C ARG E 162 53.23 -29.55 20.23
N HIS E 163 52.30 -28.77 20.77
CA HIS E 163 52.63 -27.39 21.07
C HIS E 163 53.17 -27.19 22.44
N MET E 164 53.37 -28.26 23.22
CA MET E 164 53.88 -28.10 24.58
C MET E 164 55.02 -29.01 25.04
N PHE E 165 55.48 -29.92 24.18
CA PHE E 165 56.57 -30.82 24.59
C PHE E 165 57.91 -30.12 24.61
N HIS E 166 58.83 -30.64 25.42
CA HIS E 166 60.20 -30.13 25.50
C HIS E 166 61.19 -31.23 25.21
N VAL E 167 62.39 -30.81 24.81
CA VAL E 167 63.45 -31.72 24.45
C VAL E 167 64.49 -31.78 25.57
N ALA E 168 64.88 -33.00 25.98
CA ALA E 168 65.94 -33.18 26.98
C ALA E 168 67.28 -33.36 26.26
N TRP E 169 67.98 -32.26 26.03
CA TRP E 169 69.23 -32.30 25.26
C TRP E 169 70.31 -32.95 26.05
N VAL E 170 71.19 -33.65 25.34
CA VAL E 170 72.42 -34.11 25.97
C VAL E 170 73.15 -32.89 26.48
N ASP E 171 73.20 -31.84 25.66
CA ASP E 171 73.80 -30.58 26.06
C ASP E 171 73.09 -29.41 25.41
N PRO E 172 72.53 -28.48 26.21
CA PRO E 172 71.87 -27.31 25.60
C PRO E 172 72.82 -26.39 24.83
N GLU E 173 74.03 -26.15 25.36
CA GLU E 173 75.03 -25.36 24.64
C GLU E 173 75.50 -26.03 23.32
N ASP E 174 75.07 -27.28 23.06
CA ASP E 174 75.21 -27.91 21.73
C ASP E 174 74.17 -29.02 21.47
N PRO E 175 73.18 -28.73 20.61
CA PRO E 175 72.13 -29.70 20.36
C PRO E 175 72.60 -30.86 19.52
N TYR E 176 73.56 -30.62 18.64
CA TYR E 176 74.02 -31.68 17.74
C TYR E 176 74.78 -32.76 18.51
N LYS E 177 75.13 -32.50 19.77
CA LYS E 177 75.54 -33.53 20.71
C LYS E 177 74.37 -34.45 21.15
N GLY E 178 73.27 -34.46 20.38
CA GLY E 178 72.15 -35.38 20.61
C GLY E 178 71.13 -34.97 21.68
N TYR E 179 69.97 -35.60 21.64
CA TYR E 179 68.93 -35.45 22.67
C TYR E 179 68.59 -36.79 23.32
N ARG E 180 68.14 -36.75 24.58
CA ARG E 180 67.88 -37.97 25.35
C ARG E 180 66.43 -38.44 25.24
N TYR E 181 65.48 -37.53 25.41
CA TYR E 181 64.05 -37.87 25.36
C TYR E 181 63.19 -36.59 25.28
N LEU E 182 61.91 -36.78 24.96
CA LEU E 182 60.93 -35.70 24.96
C LEU E 182 60.11 -35.78 26.24
N TYR E 183 59.63 -34.62 26.73
CA TYR E 183 58.87 -34.60 27.98
C TYR E 183 57.97 -33.41 28.13
N LEU E 184 57.13 -33.46 29.16
CA LEU E 184 56.21 -32.38 29.50
C LEU E 184 56.58 -31.83 30.87
N THR E 185 56.48 -30.52 31.05
CA THR E 185 56.65 -29.94 32.37
C THR E 185 55.48 -30.42 33.25
N PRO E 186 55.67 -30.44 34.58
CA PRO E 186 54.57 -30.92 35.43
C PRO E 186 53.32 -30.04 35.28
N GLN E 187 53.55 -28.75 35.04
CA GLN E 187 52.48 -27.80 34.79
C GLN E 187 51.67 -28.26 33.58
N ASP E 188 52.38 -28.53 32.48
CA ASP E 188 51.76 -29.00 31.23
C ASP E 188 51.16 -30.38 31.33
N TYR E 189 51.77 -31.23 32.15
CA TYR E 189 51.27 -32.60 32.29
C TYR E 189 49.93 -32.57 33.01
N LYS E 190 49.83 -31.70 34.02
CA LYS E 190 48.70 -31.64 34.94
C LYS E 190 47.33 -31.38 34.29
N ARG E 191 47.28 -31.32 32.96
CA ARG E 191 46.08 -30.87 32.23
C ARG E 191 45.69 -31.86 31.16
N VAL E 192 46.64 -32.20 30.30
CA VAL E 192 46.48 -33.32 29.38
C VAL E 192 46.29 -34.67 30.11
N SER E 193 46.84 -34.79 31.32
CA SER E 193 46.82 -36.05 32.09
C SER E 193 45.40 -36.61 32.28
N ALA E 194 44.47 -35.73 32.60
CA ALA E 194 43.08 -36.09 32.80
C ALA E 194 42.41 -36.66 31.54
N LEU E 195 43.03 -36.51 30.38
CA LEU E 195 42.30 -36.61 29.12
C LEU E 195 42.72 -37.72 28.19
N ASN E 196 43.49 -38.70 28.67
CA ASN E 196 43.95 -39.80 27.80
C ASN E 196 44.77 -39.36 26.59
N SER E 197 45.67 -38.41 26.81
CA SER E 197 46.46 -37.87 25.73
C SER E 197 47.82 -38.53 25.69
N VAL E 198 48.45 -38.72 26.84
CA VAL E 198 49.78 -39.31 26.87
C VAL E 198 49.98 -40.28 28.00
N HIS E 199 51.05 -41.05 27.89
CA HIS E 199 51.59 -41.81 29.00
C HIS E 199 52.94 -41.27 29.32
N CYS E 200 53.16 -40.90 30.57
CA CYS E 200 54.48 -40.47 30.98
C CYS E 200 54.95 -41.27 32.16
N GLU E 201 56.23 -41.14 32.44
CA GLU E 201 56.81 -41.61 33.67
C GLU E 201 57.51 -40.38 34.24
N HIS E 202 57.30 -40.13 35.53
CA HIS E 202 57.94 -39.02 36.23
C HIS E 202 59.40 -39.31 36.38
N VAL E 203 60.24 -38.27 36.30
CA VAL E 203 61.69 -38.41 36.52
C VAL E 203 62.24 -37.15 37.16
N GLU E 204 63.24 -37.29 38.03
CA GLU E 204 64.02 -36.12 38.47
C GLU E 204 65.26 -36.16 37.59
N ASP E 205 65.56 -35.05 36.92
CA ASP E 205 66.70 -34.99 36.00
C ASP E 205 67.25 -33.56 35.92
N GLU E 206 68.56 -33.44 35.82
CA GLU E 206 69.21 -32.13 35.74
C GLU E 206 68.60 -31.12 36.73
N GLY E 207 68.19 -31.58 37.91
CA GLY E 207 67.56 -30.72 38.92
C GLY E 207 66.05 -30.57 38.80
N GLU E 208 65.54 -30.37 37.58
CA GLU E 208 64.10 -30.14 37.37
C GLU E 208 63.28 -31.46 37.35
N SER E 209 61.96 -31.34 37.58
CA SER E 209 61.05 -32.51 37.59
C SER E 209 60.34 -32.57 36.26
N ARG E 210 60.45 -33.69 35.57
CA ARG E 210 59.93 -33.84 34.21
C ARG E 210 59.06 -35.09 34.03
N TYR E 211 58.23 -35.07 32.99
CA TYR E 211 57.36 -36.18 32.64
C TYR E 211 57.74 -36.76 31.29
N LYS E 212 58.60 -37.79 31.32
CA LYS E 212 59.14 -38.42 30.12
C LYS E 212 57.99 -39.00 29.32
N ILE E 213 57.86 -38.59 28.06
CA ILE E 213 56.79 -39.08 27.23
C ILE E 213 57.21 -40.45 26.72
N THR E 214 56.42 -41.46 27.08
CA THR E 214 56.71 -42.84 26.70
C THR E 214 55.80 -43.28 25.55
N ASP E 215 54.54 -42.84 25.60
CA ASP E 215 53.57 -43.10 24.54
C ASP E 215 52.67 -41.89 24.35
N ILE E 216 52.37 -41.54 23.10
CA ILE E 216 51.39 -40.50 22.79
C ILE E 216 50.14 -41.16 22.28
N ILE E 217 49.02 -40.97 22.98
CA ILE E 217 47.76 -41.63 22.61
C ILE E 217 46.93 -40.70 21.74
N GLY E 218 46.84 -39.46 22.18
CA GLY E 218 46.20 -38.41 21.39
C GLY E 218 44.72 -38.40 21.64
N LYS E 219 44.26 -37.32 22.26
CA LYS E 219 42.86 -37.21 22.67
C LYS E 219 41.92 -37.18 21.47
N GLU E 220 42.39 -36.74 20.31
CA GLU E 220 41.52 -36.71 19.13
C GLU E 220 41.23 -38.11 18.60
N GLU E 221 39.97 -38.53 18.60
CA GLU E 221 39.60 -39.84 18.01
C GLU E 221 39.62 -39.75 16.47
N GLY E 222 40.15 -40.78 15.83
CA GLY E 222 40.15 -40.85 14.36
C GLY E 222 41.47 -40.54 13.68
N ILE E 223 42.50 -40.20 14.45
CA ILE E 223 43.80 -39.86 13.88
C ILE E 223 44.84 -40.93 14.25
N GLY E 224 44.39 -42.09 14.72
CA GLY E 224 45.28 -43.13 15.25
C GLY E 224 45.20 -44.50 14.58
N PRO E 225 45.83 -45.50 15.20
CA PRO E 225 45.82 -46.83 14.65
C PRO E 225 44.43 -47.49 14.57
N GLU E 226 43.42 -46.90 15.21
CA GLU E 226 42.04 -47.33 14.98
C GLU E 226 41.71 -47.27 13.50
N ASN E 227 42.32 -46.34 12.78
CA ASN E 227 42.11 -46.26 11.34
C ASN E 227 42.60 -47.49 10.59
N LEU E 228 43.59 -48.19 11.15
CA LEU E 228 44.14 -49.39 10.52
C LEU E 228 43.12 -50.51 10.61
N ARG E 229 42.52 -50.66 11.77
CA ARG E 229 41.50 -51.66 11.94
C ARG E 229 40.33 -51.35 11.03
N GLY E 230 39.88 -50.09 11.05
CA GLY E 230 38.73 -49.69 10.24
C GLY E 230 38.92 -49.96 8.76
N SER E 231 40.15 -49.75 8.29
CA SER E 231 40.47 -50.01 6.91
C SER E 231 40.40 -51.50 6.63
N GLY E 232 41.15 -52.30 7.40
CA GLY E 232 41.09 -53.75 7.28
C GLY E 232 39.66 -54.27 7.29
N MET E 233 38.89 -53.75 8.22
CA MET E 233 37.48 -54.06 8.34
C MET E 233 36.71 -53.95 7.02
N ILE E 234 36.87 -52.84 6.31
CA ILE E 234 36.17 -52.66 5.03
C ILE E 234 36.88 -53.34 3.86
N ALA E 235 38.17 -53.64 4.02
CA ALA E 235 38.88 -54.48 3.06
C ALA E 235 38.25 -55.85 3.06
N GLY E 236 38.12 -56.41 4.27
CA GLY E 236 37.46 -57.69 4.45
C GLY E 236 36.06 -57.69 3.86
N GLU E 237 35.29 -56.66 4.21
CA GLU E 237 33.91 -56.56 3.73
C GLU E 237 33.87 -56.58 2.22
N SER E 238 34.78 -55.86 1.60
CA SER E 238 34.80 -55.78 0.14
C SER E 238 35.19 -57.12 -0.48
N SER E 239 36.16 -57.81 0.11
CA SER E 239 36.49 -59.16 -0.33
C SER E 239 35.25 -60.08 -0.34
N LEU E 240 34.45 -60.00 0.71
CA LEU E 240 33.24 -60.81 0.84
C LEU E 240 32.19 -60.37 -0.18
N ALA E 241 32.00 -59.06 -0.27
CA ALA E 241 30.99 -58.50 -1.17
C ALA E 241 31.20 -59.01 -2.58
N TYR E 242 32.46 -59.05 -3.03
CA TYR E 242 32.72 -59.46 -4.40
C TYR E 242 32.20 -60.83 -4.67
N ASN E 243 32.35 -61.68 -3.66
CA ASN E 243 31.86 -63.06 -3.71
C ASN E 243 30.36 -63.24 -3.47
N GLU E 244 29.66 -62.16 -3.07
CA GLU E 244 28.25 -62.27 -2.72
C GLU E 244 27.29 -61.46 -3.62
N ILE E 245 27.75 -60.31 -4.09
CA ILE E 245 26.90 -59.42 -4.89
C ILE E 245 27.74 -58.82 -6.02
N ILE E 246 27.09 -58.04 -6.88
CA ILE E 246 27.85 -57.37 -7.93
C ILE E 246 28.54 -56.16 -7.36
N THR E 247 29.83 -56.05 -7.56
CA THR E 247 30.55 -54.88 -7.09
C THR E 247 31.11 -54.14 -8.32
N ILE E 248 30.96 -52.83 -8.34
CA ILE E 248 31.59 -51.99 -9.34
C ILE E 248 32.17 -50.75 -8.65
N SER E 249 33.25 -50.20 -9.21
CA SER E 249 33.91 -49.05 -8.63
C SER E 249 34.31 -48.05 -9.72
N LEU E 250 34.22 -46.77 -9.40
CA LEU E 250 34.64 -45.71 -10.30
C LEU E 250 35.70 -44.86 -9.62
N VAL E 251 36.85 -44.73 -10.24
CA VAL E 251 37.94 -43.94 -9.70
C VAL E 251 37.94 -42.57 -10.39
N THR E 252 37.71 -41.52 -9.61
CA THR E 252 37.39 -40.19 -10.14
C THR E 252 38.57 -39.25 -10.12
N CYS E 253 39.24 -39.17 -8.98
CA CYS E 253 40.31 -38.21 -8.84
C CYS E 253 41.58 -38.97 -8.52
N ARG E 254 41.53 -39.69 -7.41
CA ARG E 254 42.60 -40.55 -7.02
C ARG E 254 42.05 -41.46 -5.94
N ALA E 255 42.47 -42.71 -5.98
CA ALA E 255 42.22 -43.64 -4.90
C ALA E 255 43.57 -44.04 -4.35
N ILE E 256 43.77 -43.78 -3.05
CA ILE E 256 45.04 -44.01 -2.39
C ILE E 256 44.88 -45.07 -1.30
N GLY E 257 45.84 -45.99 -1.24
CA GLY E 257 45.87 -47.01 -0.19
C GLY E 257 44.58 -47.80 -0.03
N ILE E 258 43.95 -47.69 1.12
CA ILE E 258 42.77 -48.47 1.33
C ILE E 258 41.79 -48.19 0.19
N GLY E 259 41.81 -46.96 -0.31
CA GLY E 259 40.97 -46.60 -1.45
C GLY E 259 41.29 -47.46 -2.66
N ALA E 260 42.58 -47.61 -2.93
CA ALA E 260 43.02 -48.50 -4.00
C ALA E 260 42.59 -49.95 -3.80
N TYR E 261 42.74 -50.46 -2.59
CA TYR E 261 42.45 -51.86 -2.30
C TYR E 261 40.97 -52.16 -2.40
N LEU E 262 40.14 -51.22 -1.97
CA LEU E 262 38.68 -51.40 -2.04
C LEU E 262 38.21 -51.40 -3.49
N VAL E 263 38.93 -50.66 -4.33
CA VAL E 263 38.59 -50.54 -5.75
C VAL E 263 38.88 -51.85 -6.45
N ARG E 264 40.00 -52.43 -6.05
CA ARG E 264 40.48 -53.67 -6.60
C ARG E 264 39.69 -54.85 -6.06
N LEU E 265 39.45 -54.91 -4.75
CA LEU E 265 38.67 -56.02 -4.22
C LEU E 265 37.30 -56.07 -4.94
N GLY E 266 36.78 -54.90 -5.27
CA GLY E 266 35.56 -54.82 -6.05
C GLY E 266 35.72 -55.34 -7.46
N GLN E 267 36.95 -55.33 -7.96
CA GLN E 267 37.32 -56.00 -9.22
C GLN E 267 36.95 -55.26 -10.51
N ARG E 268 35.66 -55.00 -10.66
CA ARG E 268 35.14 -54.31 -11.84
C ARG E 268 35.36 -52.81 -11.64
N THR E 269 36.18 -52.22 -12.49
CA THR E 269 36.79 -50.92 -12.23
C THR E 269 36.78 -50.03 -13.46
N ILE E 270 36.20 -48.84 -13.30
CA ILE E 270 36.20 -47.80 -14.31
C ILE E 270 37.10 -46.68 -13.81
N GLN E 271 37.96 -46.16 -14.69
CA GLN E 271 38.97 -45.17 -14.28
C GLN E 271 38.94 -43.94 -15.18
N VAL E 272 38.69 -42.76 -14.61
CA VAL E 272 38.67 -41.56 -15.42
C VAL E 272 40.09 -41.18 -15.79
N GLU E 273 40.30 -40.70 -17.01
CA GLU E 273 41.63 -40.26 -17.45
C GLU E 273 42.17 -39.24 -16.49
N ASN E 274 43.48 -39.28 -16.29
CA ASN E 274 44.18 -38.41 -15.33
C ASN E 274 43.91 -38.65 -13.86
N SER E 275 43.03 -39.60 -13.56
CA SER E 275 42.95 -40.13 -12.22
C SER E 275 44.08 -41.12 -12.06
N HIS E 276 44.39 -41.43 -10.80
CA HIS E 276 45.36 -42.44 -10.51
C HIS E 276 45.05 -43.17 -9.26
N LEU E 277 45.60 -44.37 -9.20
CA LEU E 277 45.17 -45.39 -8.30
C LEU E 277 46.47 -45.91 -7.71
N ILE E 278 46.80 -45.55 -6.48
CA ILE E 278 48.17 -45.78 -6.01
C ILE E 278 48.28 -46.15 -4.54
N LEU E 279 49.45 -46.69 -4.21
CA LEU E 279 49.76 -47.08 -2.85
C LEU E 279 50.73 -46.09 -2.26
N THR E 280 51.76 -45.73 -3.04
CA THR E 280 52.75 -44.75 -2.62
C THR E 280 53.07 -43.73 -3.71
N GLY E 281 53.21 -42.49 -3.28
CA GLY E 281 53.27 -41.34 -4.17
C GLY E 281 54.65 -41.09 -4.75
N ALA E 282 54.65 -40.51 -5.94
CA ALA E 282 55.87 -40.20 -6.65
C ALA E 282 56.80 -39.42 -5.76
N GLY E 283 56.25 -38.53 -4.94
CA GLY E 283 57.09 -37.73 -4.07
C GLY E 283 57.87 -38.58 -3.11
N ALA E 284 57.14 -39.42 -2.39
CA ALA E 284 57.73 -40.30 -1.39
C ALA E 284 58.87 -41.11 -1.99
N LEU E 285 58.61 -41.69 -3.17
CA LEU E 285 59.58 -42.57 -3.82
C LEU E 285 60.78 -41.80 -4.29
N ASN E 286 60.57 -40.58 -4.80
CA ASN E 286 61.69 -39.77 -5.25
C ASN E 286 62.62 -39.46 -4.09
N LYS E 287 62.06 -39.16 -2.92
CA LYS E 287 62.90 -38.88 -1.73
C LYS E 287 63.74 -40.10 -1.40
N VAL E 288 63.10 -41.27 -1.35
CA VAL E 288 63.80 -42.54 -1.10
C VAL E 288 64.91 -42.83 -2.12
N LEU E 289 64.71 -42.45 -3.37
CA LEU E 289 65.66 -42.77 -4.45
C LEU E 289 66.68 -41.66 -4.71
N GLY E 290 66.62 -40.59 -3.92
CA GLY E 290 67.64 -39.54 -3.98
C GLY E 290 67.65 -38.64 -5.20
N ARG E 291 66.69 -38.81 -6.09
CA ARG E 291 66.56 -37.92 -7.25
C ARG E 291 65.14 -37.97 -7.80
N GLU E 292 64.83 -37.06 -8.71
CA GLU E 292 63.48 -36.98 -9.27
C GLU E 292 63.21 -38.04 -10.36
N VAL E 293 63.13 -39.30 -9.95
CA VAL E 293 62.89 -40.42 -10.87
C VAL E 293 61.53 -40.28 -11.56
N TYR E 294 60.49 -40.06 -10.75
CA TYR E 294 59.12 -39.96 -11.25
C TYR E 294 58.66 -38.52 -11.19
N THR E 295 57.84 -38.10 -12.15
CA THR E 295 57.33 -36.73 -12.24
C THR E 295 55.84 -36.59 -11.95
N SER E 296 55.10 -37.71 -12.01
CA SER E 296 53.64 -37.71 -11.88
C SER E 296 53.07 -39.04 -11.39
N ASN E 297 52.18 -39.00 -10.40
CA ASN E 297 51.52 -40.22 -9.93
C ASN E 297 50.91 -41.05 -11.04
N ASN E 298 50.53 -40.42 -12.14
CA ASN E 298 50.01 -41.21 -13.26
C ASN E 298 51.05 -42.22 -13.78
N GLN E 299 52.33 -41.93 -13.63
CA GLN E 299 53.37 -42.90 -13.97
C GLN E 299 53.19 -44.18 -13.14
N LEU E 300 52.76 -44.04 -11.90
CA LEU E 300 52.64 -45.18 -10.99
C LEU E 300 51.26 -45.82 -11.04
N GLY E 301 50.21 -44.99 -11.12
CA GLY E 301 48.85 -45.50 -11.02
C GLY E 301 47.87 -45.00 -12.07
N GLY E 302 48.38 -44.34 -13.09
CA GLY E 302 47.52 -43.77 -14.12
C GLY E 302 46.96 -44.85 -15.02
N ILE E 303 46.09 -44.47 -15.94
CA ILE E 303 45.49 -45.46 -16.81
C ILE E 303 46.57 -46.19 -17.58
N GLN E 304 47.69 -45.51 -17.86
CA GLN E 304 48.72 -46.15 -18.67
C GLN E 304 49.37 -47.33 -17.95
N ILE E 305 49.16 -47.46 -16.63
CA ILE E 305 49.60 -48.65 -15.89
C ILE E 305 48.41 -49.58 -15.72
N MET E 306 47.34 -49.06 -15.15
CA MET E 306 46.25 -49.92 -14.71
C MET E 306 45.35 -50.43 -15.81
N HIS E 307 45.24 -49.72 -16.93
CA HIS E 307 44.39 -50.19 -18.04
C HIS E 307 45.13 -51.22 -18.79
N ASN E 308 46.45 -51.01 -18.87
CA ASN E 308 47.38 -51.95 -19.50
C ASN E 308 47.72 -53.23 -18.74
N ASN E 309 47.41 -53.33 -17.44
CA ASN E 309 47.65 -54.57 -16.69
C ASN E 309 46.39 -55.25 -16.15
N GLY E 310 45.21 -54.71 -16.49
CA GLY E 310 43.93 -55.35 -16.19
C GLY E 310 43.32 -55.08 -14.82
N VAL E 311 43.94 -54.18 -14.06
CA VAL E 311 43.36 -53.73 -12.80
C VAL E 311 42.12 -52.90 -13.08
N THR E 312 42.23 -52.05 -14.11
CA THR E 312 41.14 -51.24 -14.66
C THR E 312 40.51 -51.93 -15.86
N HIS E 313 39.18 -52.01 -15.88
CA HIS E 313 38.43 -52.63 -16.98
C HIS E 313 38.17 -51.66 -18.12
N CYS E 314 37.73 -50.46 -17.79
CA CYS E 314 37.46 -49.42 -18.78
C CYS E 314 37.95 -48.08 -18.35
N THR E 315 38.26 -47.23 -19.32
CA THR E 315 38.60 -45.85 -19.04
C THR E 315 37.57 -44.95 -19.67
N VAL E 316 37.35 -43.81 -19.03
CA VAL E 316 36.35 -42.86 -19.46
C VAL E 316 36.98 -41.49 -19.41
N CYS E 317 36.44 -40.58 -20.21
CA CYS E 317 37.04 -39.27 -20.37
C CYS E 317 36.62 -38.33 -19.21
N ASP E 318 35.50 -38.61 -18.56
CA ASP E 318 35.03 -37.80 -17.41
C ASP E 318 34.12 -38.60 -16.48
N ASP E 319 33.72 -37.97 -15.38
CA ASP E 319 32.88 -38.61 -14.37
C ASP E 319 31.53 -38.99 -14.96
N PHE E 320 30.91 -38.11 -15.74
CA PHE E 320 29.62 -38.45 -16.34
C PHE E 320 29.69 -39.76 -17.14
N GLU E 321 30.71 -39.91 -17.97
CA GLU E 321 30.86 -41.10 -18.78
C GLU E 321 31.14 -42.32 -17.88
N GLY E 322 31.74 -42.06 -16.72
CA GLY E 322 31.94 -43.11 -15.72
C GLY E 322 30.61 -43.64 -15.23
N VAL E 323 29.75 -42.76 -14.77
CA VAL E 323 28.46 -43.19 -14.27
C VAL E 323 27.69 -43.91 -15.37
N PHE E 324 27.71 -43.37 -16.58
CA PHE E 324 27.06 -44.05 -17.67
C PHE E 324 27.58 -45.48 -17.82
N THR E 325 28.89 -45.64 -17.78
CA THR E 325 29.47 -46.97 -17.92
C THR E 325 28.94 -47.91 -16.83
N VAL E 326 28.84 -47.41 -15.60
CA VAL E 326 28.32 -48.22 -14.52
C VAL E 326 26.95 -48.73 -14.92
N LEU E 327 26.07 -47.81 -15.29
CA LEU E 327 24.72 -48.18 -15.71
C LEU E 327 24.71 -49.09 -16.94
N HIS E 328 25.65 -48.85 -17.85
CA HIS E 328 25.76 -49.64 -19.07
C HIS E 328 26.11 -51.06 -18.77
N TRP E 329 27.09 -51.25 -17.90
CA TRP E 329 27.43 -52.59 -17.42
C TRP E 329 26.27 -53.24 -16.75
N LEU E 330 25.66 -52.56 -15.79
CA LEU E 330 24.54 -53.14 -15.05
C LEU E 330 23.44 -53.61 -15.99
N SER E 331 23.35 -53.03 -17.20
CA SER E 331 22.26 -53.40 -18.13
C SER E 331 22.36 -54.81 -18.65
N TYR E 332 23.54 -55.43 -18.52
CA TYR E 332 23.72 -56.84 -18.81
C TYR E 332 23.52 -57.73 -17.57
N MET E 333 23.28 -57.14 -16.41
CA MET E 333 23.36 -57.89 -15.17
C MET E 333 22.02 -57.99 -14.43
N PRO E 334 21.80 -59.11 -13.73
CA PRO E 334 20.53 -59.27 -13.06
C PRO E 334 20.36 -58.34 -11.89
N LYS E 335 19.14 -57.83 -11.78
CA LYS E 335 18.75 -56.82 -10.80
C LYS E 335 19.26 -57.07 -9.40
N SER E 336 19.28 -58.35 -9.02
CA SER E 336 19.76 -58.84 -7.72
C SER E 336 20.34 -60.23 -7.92
N VAL E 337 20.90 -60.81 -6.85
CA VAL E 337 21.41 -62.20 -6.90
C VAL E 337 20.25 -63.20 -6.88
N HIS E 338 19.07 -62.77 -6.46
CA HIS E 338 17.90 -63.64 -6.49
C HIS E 338 17.27 -63.68 -7.87
N SER E 339 17.87 -63.00 -8.84
CA SER E 339 17.22 -62.75 -10.12
C SER E 339 17.96 -63.34 -11.30
N SER E 340 17.17 -63.61 -12.33
CA SER E 340 17.67 -64.12 -13.58
C SER E 340 18.21 -62.95 -14.41
N VAL E 341 19.11 -63.24 -15.35
CA VAL E 341 19.59 -62.24 -16.30
C VAL E 341 18.45 -61.53 -17.01
N PRO E 342 18.56 -60.21 -17.20
CA PRO E 342 17.51 -59.43 -17.82
C PRO E 342 17.53 -59.54 -19.33
N LEU E 343 16.39 -59.97 -19.89
CA LEU E 343 16.27 -60.18 -21.31
C LEU E 343 15.69 -58.94 -21.99
N LEU E 344 16.24 -58.58 -23.16
CA LEU E 344 15.67 -57.50 -23.97
C LEU E 344 15.01 -58.13 -25.22
N ASN E 345 14.11 -57.39 -25.86
CA ASN E 345 13.58 -57.75 -27.17
C ASN E 345 14.40 -56.97 -28.17
N SER E 346 15.42 -57.62 -28.74
CA SER E 346 16.37 -56.88 -29.56
C SER E 346 15.85 -56.72 -30.98
N LYS E 347 16.36 -55.70 -31.64
CA LYS E 347 15.99 -55.39 -33.02
C LYS E 347 16.79 -56.24 -33.99
N ASP E 348 17.82 -56.92 -33.51
CA ASP E 348 18.56 -57.86 -34.33
C ASP E 348 17.84 -59.21 -34.27
N PRO E 349 17.26 -59.65 -35.40
CA PRO E 349 16.52 -60.89 -35.32
C PRO E 349 17.39 -62.11 -35.00
N ILE E 350 16.69 -63.17 -34.66
CA ILE E 350 17.27 -64.38 -34.08
C ILE E 350 17.49 -65.37 -35.22
N ASP E 351 16.56 -65.39 -36.18
CA ASP E 351 16.62 -66.30 -37.31
C ASP E 351 17.35 -65.71 -38.51
N ARG E 352 18.42 -64.94 -38.28
CA ARG E 352 19.26 -64.48 -39.38
C ARG E 352 20.52 -65.32 -39.45
N ILE E 353 21.20 -65.24 -40.59
CA ILE E 353 22.52 -65.85 -40.73
C ILE E 353 23.62 -64.87 -40.36
N ILE E 354 24.79 -65.39 -40.01
CA ILE E 354 25.95 -64.54 -39.72
C ILE E 354 26.66 -64.32 -41.03
N GLU E 355 26.88 -63.06 -41.39
CA GLU E 355 27.48 -62.74 -42.69
C GLU E 355 28.98 -62.80 -42.62
N PHE E 356 29.56 -62.31 -41.52
CA PHE E 356 31.00 -62.38 -41.37
C PHE E 356 31.45 -63.80 -41.12
N VAL E 357 32.50 -64.21 -41.83
CA VAL E 357 33.01 -65.57 -41.73
C VAL E 357 34.47 -65.55 -41.32
N PRO E 358 34.78 -66.21 -40.20
CA PRO E 358 36.18 -66.38 -39.81
C PRO E 358 37.00 -67.11 -40.86
N THR E 359 38.27 -66.75 -40.96
CA THR E 359 39.09 -67.15 -42.08
C THR E 359 40.41 -67.78 -41.61
N LYS E 360 41.00 -68.62 -42.46
CA LYS E 360 42.35 -69.14 -42.20
C LYS E 360 43.30 -67.94 -42.06
N THR E 361 43.08 -66.91 -42.88
CA THR E 361 43.80 -65.65 -42.76
C THR E 361 43.51 -65.05 -41.40
N PRO E 362 44.51 -64.44 -40.77
CA PRO E 362 44.18 -63.88 -39.47
C PRO E 362 43.24 -62.71 -39.60
N TYR E 363 42.51 -62.45 -38.51
CA TYR E 363 41.47 -61.44 -38.49
C TYR E 363 41.17 -60.98 -37.05
N ASP E 364 40.62 -59.77 -36.94
CA ASP E 364 40.20 -59.24 -35.64
C ASP E 364 38.97 -59.99 -35.20
N PRO E 365 39.05 -60.70 -34.07
CA PRO E 365 37.90 -61.50 -33.65
C PRO E 365 36.72 -60.66 -33.20
N ARG E 366 36.91 -59.37 -33.05
CA ARG E 366 35.81 -58.50 -32.70
C ARG E 366 34.81 -58.49 -33.84
N TRP E 367 35.32 -58.62 -35.06
CA TRP E 367 34.46 -58.74 -36.23
C TRP E 367 33.56 -59.93 -36.12
N MET E 368 34.09 -61.03 -35.62
CA MET E 368 33.31 -62.26 -35.44
C MET E 368 32.16 -62.07 -34.46
N LEU E 369 32.36 -61.24 -33.45
CA LEU E 369 31.38 -61.03 -32.39
C LEU E 369 30.40 -59.92 -32.78
N ALA E 370 30.95 -58.75 -33.08
CA ALA E 370 30.16 -57.54 -33.27
C ALA E 370 29.80 -57.28 -34.72
N GLY E 371 30.52 -57.92 -35.64
CA GLY E 371 30.40 -57.61 -37.05
C GLY E 371 31.35 -56.51 -37.44
N ARG E 372 31.38 -56.18 -38.73
CA ARG E 372 32.24 -55.13 -39.23
C ARG E 372 31.60 -54.43 -40.41
N PRO E 373 32.15 -53.27 -40.80
CA PRO E 373 31.66 -52.60 -42.01
C PRO E 373 32.01 -53.37 -43.26
N HIS E 374 31.17 -53.29 -44.28
CA HIS E 374 31.42 -53.99 -45.54
C HIS E 374 32.55 -53.32 -46.29
N PRO E 375 33.58 -54.11 -46.70
CA PRO E 375 34.67 -53.66 -47.57
C PRO E 375 34.27 -52.99 -48.90
N THR E 376 33.22 -53.50 -49.57
CA THR E 376 32.77 -52.93 -50.84
C THR E 376 31.66 -51.89 -50.60
N GLN E 377 30.41 -52.25 -50.87
CA GLN E 377 29.27 -51.31 -50.76
C GLN E 377 29.02 -50.87 -49.32
N LYS E 378 29.80 -49.89 -48.85
CA LYS E 378 29.53 -49.20 -47.58
C LYS E 378 28.43 -48.17 -47.86
N GLY E 379 27.65 -47.75 -46.86
CA GLY E 379 27.72 -48.23 -45.47
C GLY E 379 26.73 -49.33 -45.13
N GLN E 380 26.92 -50.51 -45.73
CA GLN E 380 26.25 -51.73 -45.30
C GLN E 380 27.11 -52.41 -44.23
N TRP E 381 26.66 -53.55 -43.70
CA TRP E 381 27.27 -54.17 -42.51
C TRP E 381 27.34 -55.68 -42.57
N LEU E 382 28.55 -56.24 -42.48
CA LEU E 382 28.72 -57.71 -42.38
C LEU E 382 28.42 -58.09 -40.91
N SER E 383 27.27 -58.75 -40.71
CA SER E 383 26.78 -59.05 -39.37
C SER E 383 27.66 -60.05 -38.65
N GLY E 384 27.82 -59.85 -37.34
CA GLY E 384 28.56 -60.78 -36.50
C GLY E 384 27.64 -61.77 -35.84
N PHE E 385 28.19 -62.55 -34.92
CA PHE E 385 27.44 -63.55 -34.17
C PHE E 385 26.41 -62.92 -33.22
N PHE E 386 26.83 -61.93 -32.44
CA PHE E 386 25.95 -61.35 -31.41
C PHE E 386 25.12 -60.22 -31.96
N ASP E 387 24.13 -59.83 -31.16
CA ASP E 387 23.18 -58.76 -31.47
C ASP E 387 23.93 -57.50 -31.82
N TYR E 388 23.57 -56.89 -32.94
CA TYR E 388 24.18 -55.64 -33.36
C TYR E 388 24.27 -54.66 -32.21
N GLY E 389 25.48 -54.17 -31.95
CA GLY E 389 25.69 -53.13 -30.96
C GLY E 389 25.75 -53.60 -29.52
N SER E 390 25.76 -54.91 -29.30
CA SER E 390 25.65 -55.43 -27.93
C SER E 390 26.99 -55.76 -27.30
N PHE E 391 28.03 -55.92 -28.09
CA PHE E 391 29.30 -56.36 -27.53
C PHE E 391 30.05 -55.20 -26.90
N SER E 392 30.34 -55.33 -25.61
CA SER E 392 31.04 -54.29 -24.88
C SER E 392 32.26 -54.90 -24.22
N GLU E 393 33.43 -54.57 -24.76
CA GLU E 393 34.67 -55.18 -24.33
C GLU E 393 35.13 -54.63 -22.98
N ILE E 394 35.96 -55.41 -22.29
CA ILE E 394 36.71 -54.93 -21.13
C ILE E 394 38.15 -55.42 -21.15
N MET E 395 39.01 -54.70 -20.45
CA MET E 395 40.45 -54.98 -20.37
C MET E 395 41.13 -55.07 -21.76
N GLN E 396 40.73 -54.21 -22.69
CA GLN E 396 41.10 -54.42 -24.11
C GLN E 396 42.62 -54.38 -24.31
N PRO E 397 43.32 -53.42 -23.69
CA PRO E 397 44.74 -53.35 -23.99
C PRO E 397 45.65 -54.29 -23.19
N TRP E 398 45.10 -55.13 -22.32
CA TRP E 398 45.89 -56.07 -21.54
C TRP E 398 45.72 -57.47 -22.03
N ALA E 399 46.84 -58.15 -22.24
CA ALA E 399 46.82 -59.54 -22.69
C ALA E 399 45.90 -59.62 -23.87
N GLN E 400 46.34 -59.07 -24.99
CA GLN E 400 45.46 -58.81 -26.12
C GLN E 400 45.35 -60.01 -27.04
N THR E 401 45.99 -61.09 -26.61
CA THR E 401 45.86 -62.38 -27.23
C THR E 401 44.48 -62.99 -26.99
N VAL E 402 43.79 -62.49 -25.97
CA VAL E 402 42.41 -62.87 -25.71
C VAL E 402 41.57 -61.62 -25.62
N VAL E 403 40.29 -61.76 -25.98
CA VAL E 403 39.35 -60.66 -26.01
C VAL E 403 38.15 -61.04 -25.18
N VAL E 404 37.80 -60.21 -24.20
CA VAL E 404 36.68 -60.54 -23.32
C VAL E 404 35.73 -59.37 -23.19
N GLY E 405 34.49 -59.70 -22.88
CA GLY E 405 33.47 -58.68 -22.79
C GLY E 405 32.11 -59.30 -22.53
N ARG E 406 31.09 -58.47 -22.68
CA ARG E 406 29.72 -58.88 -22.49
C ARG E 406 29.00 -58.56 -23.78
N ALA E 407 27.96 -59.34 -24.09
CA ALA E 407 27.17 -59.12 -25.29
C ALA E 407 25.76 -59.61 -25.07
N ARG E 408 24.94 -59.57 -26.10
CA ARG E 408 23.59 -60.12 -26.02
C ARG E 408 23.31 -60.99 -27.23
N LEU E 409 22.70 -62.15 -26.98
CA LEU E 409 22.30 -63.10 -28.03
C LEU E 409 20.79 -63.19 -27.95
N GLY E 410 20.11 -62.67 -28.96
CA GLY E 410 18.66 -62.54 -28.91
C GLY E 410 18.18 -61.75 -27.70
N GLY E 411 19.04 -60.89 -27.18
CA GLY E 411 18.68 -60.13 -26.00
C GLY E 411 18.97 -60.85 -24.70
N ILE E 412 19.59 -62.02 -24.77
CA ILE E 412 20.08 -62.67 -23.57
C ILE E 412 21.50 -62.17 -23.36
N PRO E 413 21.76 -61.52 -22.22
CA PRO E 413 23.13 -61.10 -21.95
C PRO E 413 24.01 -62.28 -21.65
N VAL E 414 25.21 -62.28 -22.22
CA VAL E 414 26.21 -63.29 -21.93
C VAL E 414 27.57 -62.66 -21.75
N GLY E 415 28.44 -63.36 -21.05
CA GLY E 415 29.85 -63.01 -20.99
C GLY E 415 30.55 -63.78 -22.10
N VAL E 416 31.62 -63.19 -22.62
CA VAL E 416 32.20 -63.64 -23.87
C VAL E 416 33.70 -63.68 -23.82
N VAL E 417 34.27 -64.78 -24.30
CA VAL E 417 35.71 -64.93 -24.44
C VAL E 417 36.00 -65.34 -25.87
N ALA E 418 36.92 -64.63 -26.52
CA ALA E 418 37.34 -64.95 -27.89
C ALA E 418 38.84 -64.78 -28.04
N VAL E 419 39.39 -65.31 -29.12
CA VAL E 419 40.84 -65.37 -29.28
C VAL E 419 41.38 -64.58 -30.47
N GLU E 420 42.38 -63.76 -30.20
CA GLU E 420 43.03 -62.99 -31.24
C GLU E 420 43.79 -63.93 -32.13
N THR E 421 43.71 -63.72 -33.45
CA THR E 421 44.43 -64.57 -34.40
C THR E 421 45.65 -63.87 -35.01
N ARG E 422 45.67 -62.55 -34.95
CA ARG E 422 46.78 -61.78 -35.48
C ARG E 422 47.83 -61.64 -34.43
N THR E 423 49.10 -61.55 -34.83
CA THR E 423 50.19 -61.38 -33.87
C THR E 423 50.02 -60.07 -33.13
N VAL E 424 50.11 -60.11 -31.81
CA VAL E 424 50.05 -58.92 -30.98
C VAL E 424 51.45 -58.34 -30.81
N GLU E 425 51.56 -57.01 -30.86
CA GLU E 425 52.82 -56.35 -30.61
C GLU E 425 52.67 -55.61 -29.31
N LEU E 426 53.31 -56.14 -28.27
CA LEU E 426 53.18 -55.59 -26.95
C LEU E 426 54.32 -54.61 -26.70
N SER E 427 53.95 -53.42 -26.29
CA SER E 427 54.94 -52.44 -25.93
C SER E 427 55.11 -52.43 -24.42
N ILE E 428 56.33 -52.65 -23.96
CA ILE E 428 56.64 -52.60 -22.53
C ILE E 428 57.38 -51.31 -22.26
N PRO E 429 56.83 -50.46 -21.38
CA PRO E 429 57.46 -49.18 -21.10
C PRO E 429 58.75 -49.35 -20.31
N ALA E 430 59.61 -48.34 -20.35
CA ALA E 430 60.86 -48.38 -19.63
C ALA E 430 60.62 -48.08 -18.16
N ASP E 431 61.35 -48.77 -17.28
CA ASP E 431 61.33 -48.47 -15.85
C ASP E 431 62.24 -47.27 -15.60
N PRO E 432 61.66 -46.12 -15.21
CA PRO E 432 62.46 -44.92 -14.98
C PRO E 432 63.38 -45.04 -13.77
N ALA E 433 62.97 -45.86 -12.80
CA ALA E 433 63.80 -46.22 -11.65
C ALA E 433 65.18 -46.77 -12.11
N ASN E 434 65.16 -47.58 -13.15
CA ASN E 434 66.35 -48.27 -13.63
C ASN E 434 66.90 -47.62 -14.91
N LEU E 435 68.14 -47.15 -14.84
CA LEU E 435 68.77 -46.45 -15.96
C LEU E 435 69.14 -47.36 -17.13
N ASP E 436 69.18 -48.68 -16.93
CA ASP E 436 69.39 -49.65 -18.03
C ASP E 436 68.18 -49.76 -18.94
N SER E 437 67.01 -49.90 -18.33
CA SER E 437 65.73 -50.12 -19.02
C SER E 437 65.45 -49.18 -20.21
N GLU E 438 65.38 -49.76 -21.42
CA GLU E 438 64.83 -49.09 -22.61
C GLU E 438 63.50 -49.79 -22.91
N ALA E 439 62.52 -49.09 -23.49
CA ALA E 439 61.20 -49.70 -23.77
C ALA E 439 61.28 -50.83 -24.81
N LYS E 440 61.18 -52.08 -24.37
CA LYS E 440 61.23 -53.22 -25.27
C LYS E 440 59.85 -53.42 -25.98
N ILE E 441 59.86 -54.25 -27.00
CA ILE E 441 58.69 -54.47 -27.86
C ILE E 441 58.59 -55.97 -28.13
N ILE E 442 57.48 -56.59 -27.72
CA ILE E 442 57.38 -58.05 -27.65
C ILE E 442 56.34 -58.59 -28.64
N GLN E 443 56.69 -59.68 -29.31
CA GLN E 443 55.76 -60.38 -30.16
C GLN E 443 54.96 -61.33 -29.30
N GLN E 444 53.64 -61.27 -29.38
CA GLN E 444 52.81 -62.29 -28.77
C GLN E 444 52.00 -63.00 -29.86
N ALA E 445 52.37 -64.24 -30.17
CA ALA E 445 51.70 -65.01 -31.21
C ALA E 445 50.19 -65.12 -30.95
N GLY E 446 49.40 -65.13 -32.01
CA GLY E 446 47.96 -65.36 -31.88
C GLY E 446 47.64 -66.82 -31.57
N GLN E 447 46.41 -67.07 -31.13
CA GLN E 447 45.94 -68.41 -30.80
C GLN E 447 46.80 -69.11 -29.76
N VAL E 448 47.40 -68.36 -28.85
CA VAL E 448 48.15 -68.95 -27.75
C VAL E 448 47.76 -68.33 -26.42
N TRP E 449 47.81 -69.12 -25.36
CA TRP E 449 47.66 -68.57 -24.02
C TRP E 449 49.02 -68.25 -23.50
N PHE E 450 49.18 -67.02 -23.06
CA PHE E 450 50.36 -66.64 -22.33
C PHE E 450 49.94 -66.50 -20.89
N PRO E 451 50.90 -66.21 -20.01
CA PRO E 451 50.48 -65.97 -18.65
C PRO E 451 49.45 -64.86 -18.59
N ASP E 452 49.72 -63.73 -19.21
CA ASP E 452 48.72 -62.65 -19.17
C ASP E 452 47.37 -63.11 -19.73
N SER E 453 47.36 -63.71 -20.92
CA SER E 453 46.10 -64.11 -21.56
C SER E 453 45.33 -65.07 -20.68
N ALA E 454 46.04 -66.04 -20.11
CA ALA E 454 45.43 -67.06 -19.24
C ALA E 454 44.81 -66.40 -18.02
N PHE E 455 45.53 -65.42 -17.47
CA PHE E 455 45.05 -64.74 -16.29
C PHE E 455 43.81 -63.91 -16.65
N LYS E 456 43.90 -63.11 -17.71
CA LYS E 456 42.74 -62.36 -18.18
C LYS E 456 41.57 -63.29 -18.43
N THR E 457 41.81 -64.49 -18.96
CA THR E 457 40.69 -65.39 -19.24
C THR E 457 40.05 -65.86 -17.94
N TYR E 458 40.90 -66.20 -16.96
CA TYR E 458 40.44 -66.62 -15.64
C TYR E 458 39.64 -65.53 -14.96
N GLN E 459 40.13 -64.31 -15.09
CA GLN E 459 39.51 -63.17 -14.42
C GLN E 459 38.13 -62.91 -15.02
N ALA E 460 38.06 -62.93 -16.35
CA ALA E 460 36.79 -62.78 -17.04
C ALA E 460 35.83 -63.83 -16.54
N ILE E 461 36.28 -65.08 -16.50
CA ILE E 461 35.42 -66.18 -16.09
C ILE E 461 34.87 -65.93 -14.70
N LYS E 462 35.74 -65.54 -13.76
CA LYS E 462 35.31 -65.33 -12.36
C LYS E 462 34.34 -64.15 -12.26
N ASP E 463 34.68 -63.03 -12.90
CA ASP E 463 33.87 -61.81 -12.79
C ASP E 463 32.47 -62.09 -13.35
N PHE E 464 32.38 -62.58 -14.59
CA PHE E 464 31.09 -62.87 -15.22
C PHE E 464 30.27 -63.88 -14.44
N ASN E 465 30.95 -64.85 -13.86
CA ASN E 465 30.25 -65.88 -13.15
C ASN E 465 29.58 -65.29 -11.94
N ARG E 466 30.25 -64.33 -11.30
CA ARG E 466 29.69 -63.71 -10.10
C ARG E 466 28.65 -62.67 -10.44
N GLU E 467 28.57 -62.26 -11.70
CA GLU E 467 27.48 -61.39 -12.13
C GLU E 467 26.25 -62.23 -12.33
N GLY E 468 26.45 -63.50 -12.66
CA GLY E 468 25.35 -64.43 -12.87
C GLY E 468 25.06 -64.63 -14.33
N LEU E 469 26.05 -64.36 -15.17
CA LEU E 469 25.90 -64.45 -16.60
C LEU E 469 26.28 -65.84 -17.10
N PRO E 470 25.59 -66.29 -18.15
CA PRO E 470 26.09 -67.43 -18.89
C PRO E 470 27.36 -67.03 -19.64
N LEU E 471 28.12 -68.03 -20.05
CA LEU E 471 29.44 -67.86 -20.67
C LEU E 471 29.45 -68.37 -22.09
N MET E 472 30.06 -67.65 -23.00
CA MET E 472 30.29 -68.20 -24.32
C MET E 472 31.74 -68.05 -24.73
N VAL E 473 32.39 -69.19 -24.88
CA VAL E 473 33.79 -69.22 -25.22
C VAL E 473 33.95 -69.64 -26.67
N PHE E 474 34.58 -68.77 -27.45
CA PHE E 474 34.86 -69.05 -28.85
C PHE E 474 36.28 -69.54 -28.89
N ALA E 475 36.44 -70.85 -28.65
CA ALA E 475 37.75 -71.45 -28.43
C ALA E 475 38.53 -71.59 -29.74
N ASN E 476 39.77 -71.10 -29.70
CA ASN E 476 40.65 -71.14 -30.85
C ASN E 476 42.10 -71.00 -30.40
N TRP E 477 42.55 -71.98 -29.62
CA TRP E 477 43.85 -71.97 -28.99
C TRP E 477 44.65 -73.17 -29.39
N ARG E 478 45.87 -72.90 -29.84
CA ARG E 478 46.79 -73.96 -30.22
C ARG E 478 47.50 -74.55 -29.00
N GLY E 479 47.51 -73.80 -27.90
CA GLY E 479 48.25 -74.20 -26.69
C GLY E 479 48.68 -73.03 -25.83
N PHE E 480 49.29 -73.36 -24.70
CA PHE E 480 49.95 -72.37 -23.86
C PHE E 480 51.36 -72.17 -24.37
N SER E 481 51.93 -70.97 -24.26
CA SER E 481 53.34 -70.83 -24.63
C SER E 481 54.14 -71.52 -23.56
N GLY E 482 55.04 -72.39 -23.99
CA GLY E 482 55.78 -73.23 -23.07
C GLY E 482 57.27 -72.95 -23.10
N GLY E 483 57.63 -71.76 -23.54
CA GLY E 483 59.02 -71.35 -23.71
C GLY E 483 59.61 -70.91 -22.38
N MET E 484 60.93 -70.76 -22.33
CA MET E 484 61.59 -70.58 -21.04
C MET E 484 61.01 -69.43 -20.28
N LYS E 485 60.90 -68.29 -20.95
CA LYS E 485 60.46 -67.09 -20.25
C LYS E 485 59.07 -67.32 -19.68
N ASP E 486 58.15 -67.75 -20.52
CA ASP E 486 56.78 -67.85 -20.08
C ASP E 486 56.59 -68.90 -18.99
N MET E 487 57.40 -69.94 -19.01
CA MET E 487 57.29 -70.95 -17.97
C MET E 487 57.77 -70.37 -16.65
N TYR E 488 58.91 -69.69 -16.70
CA TYR E 488 59.41 -68.93 -15.55
C TYR E 488 58.36 -67.96 -15.07
N ASP E 489 57.67 -67.32 -16.01
CA ASP E 489 56.63 -66.35 -15.68
C ASP E 489 55.33 -67.03 -15.29
N GLN E 490 55.41 -68.33 -15.00
CA GLN E 490 54.36 -69.02 -14.26
C GLN E 490 53.14 -69.36 -15.09
N VAL E 491 53.32 -69.61 -16.38
CA VAL E 491 52.18 -69.88 -17.25
C VAL E 491 51.42 -71.09 -16.75
N LEU E 492 52.15 -72.00 -16.10
CA LEU E 492 51.55 -73.23 -15.60
C LEU E 492 50.52 -72.95 -14.51
N LYS E 493 50.79 -71.93 -13.70
CA LYS E 493 49.96 -71.61 -12.56
C LYS E 493 48.64 -71.10 -13.05
N PHE E 494 48.69 -70.26 -14.09
CA PHE E 494 47.49 -69.55 -14.57
C PHE E 494 46.64 -70.38 -15.50
N GLY E 495 47.25 -71.36 -16.14
CA GLY E 495 46.49 -72.32 -16.89
C GLY E 495 45.62 -73.11 -15.95
N ALA E 496 46.22 -73.61 -14.87
CA ALA E 496 45.47 -74.32 -13.84
C ALA E 496 44.29 -73.50 -13.32
N TYR E 497 44.45 -72.18 -13.20
CA TYR E 497 43.37 -71.35 -12.67
C TYR E 497 42.13 -71.45 -13.54
N ILE E 498 42.30 -71.46 -14.85
CA ILE E 498 41.16 -71.61 -15.75
C ILE E 498 40.31 -72.83 -15.36
N VAL E 499 40.95 -73.92 -14.98
CA VAL E 499 40.20 -75.10 -14.55
C VAL E 499 39.38 -74.76 -13.30
N ASP E 500 40.04 -74.21 -12.27
CA ASP E 500 39.33 -73.81 -11.05
C ASP E 500 38.16 -72.91 -11.45
N GLY E 501 38.41 -71.98 -12.36
CA GLY E 501 37.38 -70.98 -12.72
C GLY E 501 36.11 -71.58 -13.27
N LEU E 502 36.27 -72.48 -14.23
CA LEU E 502 35.13 -73.09 -14.90
C LEU E 502 34.44 -74.06 -13.99
N ARG E 503 35.20 -74.71 -13.12
CA ARG E 503 34.59 -75.68 -12.24
C ARG E 503 33.58 -75.01 -11.31
N GLU E 504 33.85 -73.76 -10.97
CA GLU E 504 32.98 -73.05 -10.07
C GLU E 504 31.77 -72.38 -10.77
N CYS E 505 31.68 -72.48 -12.09
CA CYS E 505 30.57 -71.83 -12.81
C CYS E 505 29.22 -72.43 -12.46
N CYS E 506 28.21 -71.56 -12.36
CA CYS E 506 26.87 -71.96 -11.91
C CYS E 506 25.75 -71.78 -12.92
N GLN E 507 26.08 -71.24 -14.10
CA GLN E 507 25.13 -71.01 -15.18
C GLN E 507 25.77 -71.59 -16.43
N PRO E 508 25.01 -71.69 -17.55
CA PRO E 508 25.53 -72.32 -18.75
C PRO E 508 26.86 -71.80 -19.24
N VAL E 509 27.74 -72.71 -19.62
CA VAL E 509 28.98 -72.36 -20.29
C VAL E 509 29.01 -73.08 -21.64
N LEU E 510 28.91 -72.32 -22.73
CA LEU E 510 28.89 -72.94 -24.05
C LEU E 510 30.19 -72.62 -24.78
N VAL E 511 30.93 -73.67 -25.15
CA VAL E 511 32.18 -73.52 -25.88
C VAL E 511 32.00 -73.93 -27.34
N TYR E 512 32.50 -73.10 -28.25
CA TYR E 512 32.33 -73.32 -29.68
C TYR E 512 33.63 -73.06 -30.39
N ILE E 513 34.13 -74.07 -31.08
CA ILE E 513 35.31 -73.91 -31.90
C ILE E 513 34.82 -73.43 -33.26
N PRO E 514 35.10 -72.18 -33.59
CA PRO E 514 34.58 -71.62 -34.82
C PRO E 514 35.29 -72.16 -36.05
N PRO E 515 34.71 -71.90 -37.24
CA PRO E 515 35.34 -72.34 -38.47
C PRO E 515 36.75 -71.79 -38.60
N GLN E 516 37.66 -72.63 -39.08
CA GLN E 516 39.08 -72.34 -39.17
C GLN E 516 39.74 -72.17 -37.82
N ALA E 517 39.01 -72.39 -36.73
CA ALA E 517 39.65 -72.40 -35.43
C ALA E 517 40.11 -73.82 -35.15
N GLU E 518 40.96 -73.94 -34.13
CA GLU E 518 41.46 -75.22 -33.66
C GLU E 518 41.63 -75.18 -32.16
N LEU E 519 41.58 -76.33 -31.53
CA LEU E 519 41.74 -76.43 -30.09
C LEU E 519 42.58 -77.65 -29.77
N ARG E 520 43.69 -77.44 -29.08
CA ARG E 520 44.73 -78.47 -28.96
C ARG E 520 45.23 -78.70 -27.55
N GLY E 521 45.51 -79.95 -27.25
CA GLY E 521 46.33 -80.31 -26.09
C GLY E 521 45.98 -79.60 -24.81
N GLY E 522 46.94 -78.85 -24.30
CA GLY E 522 46.77 -78.15 -23.04
C GLY E 522 45.54 -77.27 -23.01
N SER E 523 45.29 -76.57 -24.11
CA SER E 523 44.23 -75.59 -24.16
C SER E 523 42.90 -76.29 -24.08
N TRP E 524 42.78 -77.44 -24.71
CA TRP E 524 41.54 -78.19 -24.62
C TRP E 524 41.32 -78.65 -23.23
N VAL E 525 42.32 -79.32 -22.68
CA VAL E 525 42.20 -79.95 -21.38
C VAL E 525 41.65 -79.01 -20.32
N VAL E 526 42.12 -77.77 -20.28
CA VAL E 526 41.65 -76.85 -19.25
C VAL E 526 40.25 -76.29 -19.47
N ILE E 527 39.63 -76.56 -20.62
CA ILE E 527 38.24 -76.15 -20.83
C ILE E 527 37.31 -77.27 -21.27
N ASP E 528 37.68 -78.52 -21.06
CA ASP E 528 36.80 -79.62 -21.44
C ASP E 528 35.53 -79.59 -20.61
N SER E 529 34.40 -79.91 -21.25
CA SER E 529 33.09 -79.95 -20.59
C SER E 529 33.07 -80.88 -19.37
N SER E 530 33.99 -81.81 -19.36
CA SER E 530 34.13 -82.74 -18.25
C SER E 530 34.38 -82.05 -16.90
N ILE E 531 35.02 -80.89 -16.93
CA ILE E 531 35.37 -80.17 -15.71
C ILE E 531 34.13 -79.79 -14.92
N ASN E 532 33.09 -79.36 -15.64
CA ASN E 532 31.83 -78.95 -15.02
C ASN E 532 30.68 -79.42 -15.89
N PRO E 533 30.43 -80.74 -15.86
CA PRO E 533 29.48 -81.36 -16.78
C PRO E 533 28.07 -80.87 -16.55
N ARG E 534 27.74 -80.55 -15.29
CA ARG E 534 26.44 -80.01 -14.99
C ARG E 534 26.11 -78.83 -15.90
N HIS E 535 27.11 -78.02 -16.24
CA HIS E 535 26.85 -76.74 -16.91
C HIS E 535 27.56 -76.51 -18.21
N MET E 536 28.59 -77.28 -18.50
CA MET E 536 29.41 -76.96 -19.67
C MET E 536 28.97 -77.77 -20.85
N GLU E 537 29.10 -77.18 -22.03
CA GLU E 537 28.81 -77.83 -23.27
C GLU E 537 29.80 -77.41 -24.34
N MET E 538 30.13 -78.33 -25.21
CA MET E 538 31.19 -78.11 -26.17
C MET E 538 30.70 -78.40 -27.57
N TYR E 539 31.02 -77.50 -28.50
CA TYR E 539 30.57 -77.62 -29.89
C TYR E 539 31.72 -77.33 -30.86
N ALA E 540 31.72 -77.99 -32.01
CA ALA E 540 32.75 -77.77 -33.05
C ALA E 540 32.09 -77.45 -34.38
N ASP E 541 32.59 -76.42 -35.07
CA ASP E 541 32.11 -76.09 -36.42
C ASP E 541 32.62 -77.15 -37.39
N ARG E 542 31.95 -77.44 -38.51
CA ARG E 542 32.53 -78.44 -39.43
C ARG E 542 33.96 -78.11 -39.73
N GLU E 543 34.24 -76.81 -39.88
CA GLU E 543 35.53 -76.38 -40.38
C GLU E 543 36.50 -76.13 -39.24
N SER E 544 36.36 -76.90 -38.17
CA SER E 544 37.23 -76.75 -37.02
C SER E 544 38.04 -78.02 -36.90
N ARG E 545 38.97 -78.02 -35.97
CA ARG E 545 39.91 -79.11 -35.78
C ARG E 545 40.34 -79.21 -34.32
N GLY E 546 40.67 -80.41 -33.85
CA GLY E 546 41.14 -80.56 -32.47
C GLY E 546 41.80 -81.88 -32.14
N SER E 547 42.89 -81.78 -31.36
CA SER E 547 43.68 -82.94 -30.99
C SER E 547 44.44 -82.70 -29.72
N VAL E 548 45.01 -83.76 -29.19
CA VAL E 548 46.04 -83.63 -28.18
C VAL E 548 47.22 -82.91 -28.80
N LEU E 549 47.50 -83.23 -30.06
CA LEU E 549 48.66 -82.69 -30.72
C LEU E 549 48.38 -82.38 -32.20
N GLU E 550 48.87 -81.23 -32.65
CA GLU E 550 48.69 -80.83 -34.04
C GLU E 550 49.35 -81.80 -35.03
N PRO E 551 48.86 -81.84 -36.28
CA PRO E 551 49.36 -82.79 -37.24
C PRO E 551 50.86 -82.74 -37.44
N GLU E 552 51.45 -81.57 -37.61
CA GLU E 552 52.88 -81.54 -37.92
C GLU E 552 53.69 -82.22 -36.80
N GLY E 553 53.25 -82.04 -35.56
CA GLY E 553 53.96 -82.58 -34.41
C GLY E 553 53.66 -84.05 -34.19
N THR E 554 52.45 -84.45 -34.56
CA THR E 554 52.07 -85.84 -34.55
C THR E 554 52.90 -86.64 -35.58
N VAL E 555 53.01 -86.12 -36.79
CA VAL E 555 53.79 -86.81 -37.82
C VAL E 555 55.22 -86.95 -37.35
N GLU E 556 55.79 -85.87 -36.85
CA GLU E 556 57.13 -85.90 -36.30
C GLU E 556 57.37 -87.11 -35.38
N ILE E 557 56.41 -87.42 -34.53
CA ILE E 557 56.55 -88.51 -33.57
C ILE E 557 56.12 -89.85 -34.14
N LYS E 558 55.03 -89.87 -34.90
CA LYS E 558 54.39 -91.14 -35.28
C LYS E 558 54.24 -91.38 -36.78
N PHE E 559 55.05 -90.72 -37.59
CA PHE E 559 55.08 -90.98 -39.02
C PHE E 559 56.44 -90.51 -39.50
N ARG E 560 57.44 -91.20 -38.96
CA ARG E 560 58.83 -90.83 -39.15
C ARG E 560 59.31 -91.48 -40.44
N ARG E 561 60.59 -91.30 -40.75
CA ARG E 561 61.11 -91.66 -42.06
C ARG E 561 60.75 -93.10 -42.45
N LYS E 562 61.09 -94.06 -41.59
CA LYS E 562 60.80 -95.46 -41.88
C LYS E 562 59.43 -95.55 -42.51
N ASP E 563 58.44 -94.98 -41.82
CA ASP E 563 57.05 -95.04 -42.26
C ASP E 563 56.76 -94.27 -43.56
N LEU E 564 57.46 -93.18 -43.80
CA LEU E 564 57.30 -92.46 -45.05
C LEU E 564 57.76 -93.34 -46.19
N VAL E 565 58.94 -93.91 -46.03
CA VAL E 565 59.51 -94.78 -47.04
C VAL E 565 58.61 -96.01 -47.26
N LYS E 566 58.15 -96.66 -46.19
CA LYS E 566 57.12 -97.71 -46.31
C LYS E 566 55.97 -97.31 -47.24
N THR E 567 55.53 -96.06 -47.13
CA THR E 567 54.42 -95.56 -47.94
C THR E 567 54.82 -95.40 -49.38
N MET E 568 56.02 -94.89 -49.62
CA MET E 568 56.58 -94.84 -50.96
C MET E 568 56.64 -96.23 -51.60
N ARG E 569 57.16 -97.23 -50.86
CA ARG E 569 57.27 -98.58 -51.37
C ARG E 569 55.93 -99.13 -51.81
N ARG E 570 54.85 -98.61 -51.23
CA ARG E 570 53.52 -99.07 -51.55
C ARG E 570 52.89 -98.32 -52.71
N VAL E 571 53.19 -97.03 -52.82
CA VAL E 571 52.44 -96.11 -53.67
C VAL E 571 53.25 -95.55 -54.85
N ASP E 572 54.52 -95.18 -54.63
CA ASP E 572 55.30 -94.59 -55.71
C ASP E 572 55.72 -95.63 -56.72
N PRO E 573 55.34 -95.44 -57.98
CA PRO E 573 55.59 -96.46 -58.98
C PRO E 573 57.08 -96.63 -59.29
N VAL E 574 57.80 -95.52 -59.38
CA VAL E 574 59.24 -95.55 -59.66
C VAL E 574 59.96 -96.34 -58.57
N TYR E 575 59.66 -96.03 -57.31
CA TYR E 575 60.27 -96.70 -56.17
C TYR E 575 59.90 -98.16 -56.24
N ILE E 576 58.62 -98.44 -56.47
CA ILE E 576 58.18 -99.83 -56.57
C ILE E 576 59.01 -100.56 -57.62
N HIS E 577 59.11 -99.96 -58.81
CA HIS E 577 59.85 -100.56 -59.91
C HIS E 577 61.25 -100.87 -59.53
N LEU E 578 61.97 -99.87 -59.04
CA LEU E 578 63.32 -100.07 -58.57
C LEU E 578 63.42 -101.19 -57.55
N ALA E 579 62.57 -101.17 -56.53
CA ALA E 579 62.61 -102.20 -55.48
C ALA E 579 62.40 -103.59 -56.05
N GLU E 580 61.55 -103.65 -57.06
CA GLU E 580 61.22 -104.90 -57.72
C GLU E 580 62.49 -105.47 -58.36
N ARG E 581 63.34 -104.58 -58.83
CA ARG E 581 64.53 -104.98 -59.53
C ARG E 581 65.63 -105.42 -58.61
N LEU E 582 65.88 -104.63 -57.57
CA LEU E 582 66.88 -105.02 -56.55
C LEU E 582 66.61 -106.47 -56.12
N GLY E 583 65.47 -107.02 -56.49
CA GLY E 583 65.23 -108.46 -56.36
C GLY E 583 65.54 -109.37 -57.55
N THR E 584 66.36 -108.90 -58.50
CA THR E 584 66.66 -109.69 -59.72
C THR E 584 67.93 -110.51 -59.47
N PRO E 585 67.94 -111.77 -59.87
CA PRO E 585 69.12 -112.55 -59.55
C PRO E 585 70.31 -112.33 -60.47
N GLU E 586 71.49 -112.73 -60.01
CA GLU E 586 72.73 -112.64 -60.77
C GLU E 586 72.96 -111.26 -61.36
N LEU E 587 73.16 -110.29 -60.49
CA LEU E 587 73.45 -108.93 -60.90
C LEU E 587 74.90 -108.65 -60.56
N SER E 588 75.56 -107.78 -61.33
CA SER E 588 76.92 -107.36 -60.99
C SER E 588 76.82 -106.49 -59.77
N THR E 589 77.76 -106.61 -58.84
CA THR E 589 77.71 -105.75 -57.64
C THR E 589 77.72 -104.28 -58.09
N ALA E 590 78.24 -104.03 -59.28
CA ALA E 590 78.09 -102.73 -59.95
C ALA E 590 76.63 -102.33 -60.19
N GLU E 591 75.90 -103.12 -60.99
CA GLU E 591 74.47 -102.88 -61.32
C GLU E 591 73.67 -102.69 -60.05
N ARG E 592 73.96 -103.52 -59.06
CA ARG E 592 73.30 -103.40 -57.80
C ARG E 592 73.48 -102.03 -57.13
N LYS E 593 74.73 -101.67 -56.84
CA LYS E 593 75.01 -100.39 -56.26
C LYS E 593 74.31 -99.29 -57.03
N GLU E 594 74.30 -99.36 -58.36
CA GLU E 594 73.62 -98.36 -59.19
C GLU E 594 72.14 -98.27 -58.81
N LEU E 595 71.48 -99.41 -58.72
CA LEU E 595 70.08 -99.46 -58.35
C LEU E 595 69.86 -98.92 -56.94
N GLU E 596 70.66 -99.38 -55.99
CA GLU E 596 70.52 -98.92 -54.61
C GLU E 596 70.62 -97.40 -54.52
N ASN E 597 71.54 -96.80 -55.27
CA ASN E 597 71.69 -95.36 -55.29
C ASN E 597 70.47 -94.71 -55.88
N LYS E 598 70.01 -95.22 -57.01
CA LYS E 598 68.80 -94.68 -57.65
C LYS E 598 67.60 -94.68 -56.69
N LEU E 599 67.53 -95.71 -55.85
CA LEU E 599 66.50 -95.82 -54.81
C LEU E 599 66.65 -94.72 -53.74
N LYS E 600 67.85 -94.61 -53.16
CA LYS E 600 68.12 -93.61 -52.13
C LYS E 600 67.90 -92.18 -52.67
N GLU E 601 68.24 -91.94 -53.94
CA GLU E 601 68.02 -90.65 -54.59
C GLU E 601 66.51 -90.38 -54.72
N ARG E 602 65.78 -91.40 -55.14
CA ARG E 602 64.33 -91.32 -55.28
C ARG E 602 63.66 -91.02 -53.96
N GLU E 603 64.07 -91.77 -52.95
CA GLU E 603 63.57 -91.58 -51.61
C GLU E 603 63.71 -90.13 -51.21
N GLU E 604 64.94 -89.62 -51.33
CA GLU E 604 65.24 -88.25 -50.89
C GLU E 604 64.43 -87.23 -51.67
N PHE E 605 64.35 -87.42 -52.98
CA PHE E 605 63.48 -86.59 -53.82
C PHE E 605 62.03 -86.59 -53.38
N LEU E 606 61.53 -87.74 -52.94
CA LEU E 606 60.11 -87.87 -52.59
C LEU E 606 59.76 -87.44 -51.17
N ILE E 607 60.74 -87.28 -50.29
CA ILE E 607 60.42 -87.08 -48.88
C ILE E 607 59.53 -85.87 -48.56
N PRO E 608 59.89 -84.67 -49.06
CA PRO E 608 59.05 -83.51 -48.77
C PRO E 608 57.58 -83.72 -49.15
N ILE E 609 57.31 -84.11 -50.38
CA ILE E 609 55.92 -84.32 -50.78
C ILE E 609 55.23 -85.38 -49.91
N TYR E 610 55.93 -86.45 -49.56
CA TYR E 610 55.31 -87.53 -48.78
C TYR E 610 55.10 -87.13 -47.31
N HIS E 611 55.94 -86.22 -46.81
CA HIS E 611 55.71 -85.62 -45.50
C HIS E 611 54.42 -84.86 -45.48
N GLN E 612 54.14 -84.12 -46.56
CA GLN E 612 52.86 -83.42 -46.68
C GLN E 612 51.71 -84.41 -46.64
N VAL E 613 51.87 -85.53 -47.31
CA VAL E 613 50.84 -86.55 -47.30
C VAL E 613 50.62 -87.00 -45.86
N ALA E 614 51.70 -87.17 -45.12
CA ALA E 614 51.62 -87.64 -43.73
C ALA E 614 50.83 -86.68 -42.88
N VAL E 615 51.11 -85.38 -42.99
CA VAL E 615 50.37 -84.42 -42.19
C VAL E 615 48.89 -84.51 -42.52
N GLN E 616 48.55 -84.65 -43.79
CA GLN E 616 47.16 -84.78 -44.19
C GLN E 616 46.50 -85.94 -43.49
N PHE E 617 47.18 -87.08 -43.55
CA PHE E 617 46.72 -88.29 -42.90
C PHE E 617 46.45 -88.00 -41.43
N ALA E 618 47.41 -87.36 -40.76
CA ALA E 618 47.23 -87.04 -39.36
C ALA E 618 46.01 -86.14 -39.22
N ASP E 619 45.90 -85.12 -40.06
CA ASP E 619 44.81 -84.15 -39.97
C ASP E 619 43.43 -84.80 -40.03
N LEU E 620 43.31 -85.86 -40.80
CA LEU E 620 42.03 -86.55 -40.92
C LEU E 620 41.59 -87.20 -39.60
N HIS E 621 42.53 -87.31 -38.66
CA HIS E 621 42.23 -87.80 -37.32
C HIS E 621 41.65 -86.74 -36.42
N ASP E 622 41.76 -85.48 -36.81
CA ASP E 622 41.50 -84.35 -35.93
C ASP E 622 40.14 -83.69 -36.21
N THR E 623 39.25 -84.40 -36.90
CA THR E 623 38.02 -83.78 -37.39
C THR E 623 36.92 -83.79 -36.35
N PRO E 624 35.88 -82.95 -36.55
CA PRO E 624 34.68 -82.93 -35.73
C PRO E 624 33.93 -84.24 -35.79
N GLY E 625 33.95 -84.86 -36.97
CA GLY E 625 33.30 -86.15 -37.15
C GLY E 625 33.73 -87.11 -36.06
N ARG E 626 35.03 -87.22 -35.89
CA ARG E 626 35.60 -88.11 -34.89
C ARG E 626 35.22 -87.65 -33.47
N MET E 627 35.37 -86.36 -33.22
CA MET E 627 35.05 -85.76 -31.92
C MET E 627 33.66 -86.13 -31.42
N GLN E 628 32.68 -85.98 -32.30
CA GLN E 628 31.31 -86.29 -31.94
C GLN E 628 31.15 -87.77 -31.68
N GLU E 629 31.66 -88.55 -32.63
CA GLU E 629 31.59 -90.00 -32.56
C GLU E 629 32.14 -90.52 -31.24
N LYS E 630 33.27 -89.97 -30.80
CA LYS E 630 33.93 -90.40 -29.56
C LYS E 630 33.31 -89.77 -28.32
N GLY E 631 32.32 -88.89 -28.51
CA GLY E 631 31.53 -88.35 -27.40
C GLY E 631 32.11 -87.16 -26.66
N VAL E 632 33.06 -86.46 -27.26
CA VAL E 632 33.69 -85.32 -26.58
C VAL E 632 33.05 -83.95 -26.91
N ILE E 633 32.19 -83.90 -27.93
CA ILE E 633 31.42 -82.69 -28.26
C ILE E 633 29.94 -83.04 -28.40
N SER E 634 29.06 -82.06 -28.21
CA SER E 634 27.62 -82.34 -28.23
C SER E 634 27.06 -82.30 -29.64
N ASP E 635 27.65 -81.50 -30.51
CA ASP E 635 27.18 -81.43 -31.87
C ASP E 635 28.19 -80.77 -32.79
N ILE E 636 28.08 -81.03 -34.08
CA ILE E 636 28.84 -80.31 -35.08
C ILE E 636 27.93 -79.23 -35.59
N LEU E 637 28.38 -77.99 -35.52
CA LEU E 637 27.56 -76.87 -35.97
C LEU E 637 28.07 -76.30 -37.28
N ASP E 638 27.26 -75.42 -37.84
CA ASP E 638 27.56 -74.68 -39.05
C ASP E 638 27.40 -73.21 -38.77
N TRP E 639 28.49 -72.48 -39.00
CA TRP E 639 28.66 -71.11 -38.56
C TRP E 639 27.54 -70.20 -38.94
N LYS E 640 27.14 -70.23 -40.22
CA LYS E 640 26.10 -69.33 -40.73
C LYS E 640 24.87 -69.34 -39.83
N THR E 641 24.51 -70.51 -39.35
CA THR E 641 23.30 -70.68 -38.55
C THR E 641 23.56 -70.89 -37.06
N SER E 642 24.79 -70.66 -36.62
CA SER E 642 25.16 -70.94 -35.24
C SER E 642 24.47 -70.00 -34.28
N ARG E 643 24.25 -68.76 -34.71
CA ARG E 643 23.53 -67.78 -33.91
C ARG E 643 22.15 -68.32 -33.54
N THR E 644 21.38 -68.70 -34.55
CA THR E 644 20.03 -69.24 -34.31
C THR E 644 20.10 -70.40 -33.37
N PHE E 645 21.00 -71.33 -33.66
CA PHE E 645 21.15 -72.50 -32.84
C PHE E 645 21.34 -72.15 -31.39
N PHE E 646 22.32 -71.31 -31.14
CA PHE E 646 22.73 -71.04 -29.78
C PHE E 646 21.70 -70.25 -29.04
N TYR E 647 20.95 -69.40 -29.74
CA TYR E 647 19.92 -68.65 -29.04
C TYR E 647 19.01 -69.64 -28.36
N TRP E 648 18.44 -70.53 -29.16
CA TRP E 648 17.47 -71.45 -28.62
C TRP E 648 18.06 -72.38 -27.60
N ARG E 649 19.26 -72.84 -27.84
CA ARG E 649 19.91 -73.75 -26.91
C ARG E 649 20.09 -73.09 -25.55
N LEU E 650 20.67 -71.90 -25.56
CA LEU E 650 20.90 -71.14 -24.34
C LEU E 650 19.59 -70.85 -23.64
N ARG E 651 18.60 -70.53 -24.45
CA ARG E 651 17.30 -70.16 -23.99
C ARG E 651 16.69 -71.30 -23.17
N ARG E 652 16.82 -72.54 -23.61
CA ARG E 652 16.24 -73.63 -22.82
C ARG E 652 17.15 -74.08 -21.70
N LEU E 653 18.44 -74.05 -21.94
CA LEU E 653 19.37 -74.38 -20.88
C LEU E 653 18.99 -73.50 -19.68
N LEU E 654 18.69 -72.23 -19.95
CA LEU E 654 18.30 -71.30 -18.89
C LEU E 654 16.96 -71.66 -18.25
N LEU E 655 15.98 -72.02 -19.08
CA LEU E 655 14.65 -72.38 -18.59
C LEU E 655 14.69 -73.72 -17.84
N GLU E 656 15.33 -74.72 -18.44
CA GLU E 656 15.52 -76.00 -17.79
C GLU E 656 16.18 -75.80 -16.43
N ASP E 657 17.26 -75.02 -16.40
CA ASP E 657 17.94 -74.76 -15.14
C ASP E 657 16.97 -74.18 -14.12
N LEU E 658 16.12 -73.26 -14.57
CA LEU E 658 15.21 -72.53 -13.68
C LEU E 658 14.28 -73.52 -12.99
N VAL E 659 13.76 -74.47 -13.75
CA VAL E 659 12.87 -75.50 -13.20
C VAL E 659 13.62 -76.45 -12.28
N LYS E 660 14.79 -76.90 -12.73
CA LYS E 660 15.59 -77.81 -11.92
C LYS E 660 15.92 -77.16 -10.57
N LYS E 661 16.20 -75.84 -10.56
CA LYS E 661 16.47 -75.12 -9.33
C LYS E 661 15.27 -75.22 -8.38
N LYS E 662 14.07 -75.19 -8.94
CA LYS E 662 12.85 -75.30 -8.14
C LYS E 662 12.75 -76.71 -7.54
N ILE E 663 13.14 -77.72 -8.31
CA ILE E 663 13.14 -79.12 -7.85
C ILE E 663 14.12 -79.34 -6.71
N HIS E 664 15.33 -78.83 -6.91
CA HIS E 664 16.39 -78.96 -5.92
C HIS E 664 15.98 -78.32 -4.61
N ASN E 665 15.24 -77.21 -4.68
CA ASN E 665 14.74 -76.57 -3.47
C ASN E 665 13.73 -77.48 -2.75
N ALA E 666 12.88 -78.16 -3.51
CA ALA E 666 11.88 -79.09 -2.96
C ALA E 666 12.52 -80.29 -2.26
N ASN E 667 13.69 -80.71 -2.73
CA ASN E 667 14.42 -81.79 -2.10
C ASN E 667 15.92 -81.71 -2.42
N PRO E 668 16.69 -81.08 -1.51
CA PRO E 668 18.13 -80.89 -1.68
C PRO E 668 18.92 -82.18 -1.81
N GLU E 669 18.39 -83.29 -1.31
CA GLU E 669 19.09 -84.57 -1.37
C GLU E 669 19.23 -85.15 -2.80
N LEU E 670 18.38 -84.72 -3.73
CA LEU E 670 18.39 -85.25 -5.11
C LEU E 670 19.64 -84.82 -5.92
N THR E 671 20.32 -85.77 -6.57
CA THR E 671 21.47 -85.47 -7.47
C THR E 671 21.11 -84.71 -8.72
N ASP E 672 22.06 -83.91 -9.19
CA ASP E 672 21.99 -83.30 -10.52
C ASP E 672 21.48 -84.32 -11.55
N GLY E 673 21.97 -85.55 -11.49
CA GLY E 673 21.57 -86.61 -12.40
C GLY E 673 20.12 -87.05 -12.27
N GLN E 674 19.69 -87.32 -11.05
CA GLN E 674 18.32 -87.81 -10.87
C GLN E 674 17.33 -86.69 -11.20
N ILE E 675 17.73 -85.45 -10.94
CA ILE E 675 16.85 -84.30 -11.25
C ILE E 675 16.58 -84.21 -12.74
N GLN E 676 17.63 -84.30 -13.56
CA GLN E 676 17.48 -84.33 -15.03
C GLN E 676 16.47 -85.42 -15.42
N ALA E 677 16.67 -86.64 -14.93
CA ALA E 677 15.79 -87.77 -15.24
C ALA E 677 14.34 -87.50 -14.82
N MET E 678 14.16 -86.99 -13.60
CA MET E 678 12.83 -86.66 -13.06
C MET E 678 12.06 -85.70 -13.94
N LEU E 679 12.71 -84.62 -14.37
CA LEU E 679 12.05 -83.64 -15.22
C LEU E 679 11.72 -84.26 -16.58
N ARG E 680 12.69 -84.98 -17.17
CA ARG E 680 12.46 -85.64 -18.46
C ARG E 680 11.30 -86.64 -18.37
N ARG E 681 11.23 -87.40 -17.27
CA ARG E 681 10.17 -88.37 -17.09
C ARG E 681 8.80 -87.68 -16.96
N TRP E 682 8.77 -86.54 -16.26
CA TRP E 682 7.53 -85.76 -16.07
C TRP E 682 7.02 -85.18 -17.37
N PHE E 683 7.92 -84.89 -18.30
CA PHE E 683 7.56 -84.41 -19.63
C PHE E 683 6.86 -85.53 -20.39
N VAL E 684 7.50 -86.70 -20.45
CA VAL E 684 6.94 -87.85 -21.17
C VAL E 684 5.59 -88.24 -20.55
N GLU E 685 5.47 -88.16 -19.24
CA GLU E 685 4.18 -88.38 -18.56
C GLU E 685 3.11 -87.41 -19.07
N VAL E 686 3.39 -86.10 -19.03
CA VAL E 686 2.42 -85.06 -19.42
C VAL E 686 2.11 -85.04 -20.92
N GLU E 687 3.16 -85.09 -21.76
CA GLU E 687 3.00 -84.93 -23.21
C GLU E 687 2.91 -86.21 -24.02
N GLY E 688 3.13 -87.35 -23.36
CA GLY E 688 2.94 -88.65 -23.98
C GLY E 688 4.24 -89.28 -24.46
N THR E 689 4.36 -90.58 -24.23
CA THR E 689 5.49 -91.38 -24.70
C THR E 689 5.76 -91.19 -26.20
N VAL E 690 4.70 -90.95 -26.98
CA VAL E 690 4.80 -90.69 -28.42
C VAL E 690 5.62 -89.42 -28.77
N LYS E 691 5.69 -88.47 -27.83
CA LYS E 691 6.31 -87.17 -28.04
C LYS E 691 7.75 -87.03 -27.46
N ALA E 692 8.33 -88.14 -27.00
CA ALA E 692 9.70 -88.13 -26.47
C ALA E 692 10.64 -87.24 -27.28
N TYR E 693 10.67 -87.41 -28.59
CA TYR E 693 11.61 -86.68 -29.47
C TYR E 693 11.64 -85.16 -29.29
N VAL E 694 10.49 -84.58 -28.91
CA VAL E 694 10.36 -83.11 -28.74
C VAL E 694 11.38 -82.57 -27.72
N TRP E 695 11.65 -83.37 -26.69
CA TRP E 695 12.63 -83.02 -25.67
C TRP E 695 13.95 -82.58 -26.23
N ASP E 696 14.35 -83.16 -27.37
CA ASP E 696 15.62 -82.81 -27.99
C ASP E 696 15.52 -81.59 -28.91
N ASN E 697 14.34 -80.99 -29.01
CA ASN E 697 14.18 -79.75 -29.77
C ASN E 697 14.21 -78.54 -28.85
N ASN E 698 15.26 -77.73 -28.96
CA ASN E 698 15.45 -76.60 -28.07
C ASN E 698 14.26 -75.63 -28.07
N LYS E 699 13.87 -75.16 -29.26
CA LYS E 699 12.80 -74.17 -29.37
C LYS E 699 11.53 -74.70 -28.74
N ASP E 700 11.16 -75.91 -29.15
CA ASP E 700 9.88 -76.45 -28.76
C ASP E 700 9.81 -76.76 -27.26
N LEU E 701 10.90 -77.31 -26.71
CA LEU E 701 10.95 -77.57 -25.27
C LEU E 701 10.98 -76.25 -24.48
N ALA E 702 11.68 -75.26 -25.02
CA ALA E 702 11.70 -73.93 -24.42
C ALA E 702 10.29 -73.40 -24.23
N GLU E 703 9.51 -73.41 -25.31
CA GLU E 703 8.12 -72.95 -25.26
C GLU E 703 7.32 -73.74 -24.23
N TRP E 704 7.58 -75.04 -24.14
CA TRP E 704 6.86 -75.91 -23.21
C TRP E 704 7.18 -75.61 -21.78
N LEU E 705 8.47 -75.50 -21.50
CA LEU E 705 8.95 -75.16 -20.16
C LEU E 705 8.38 -73.83 -19.69
N GLU E 706 8.36 -72.86 -20.58
CA GLU E 706 7.84 -71.55 -20.24
C GLU E 706 6.36 -71.60 -19.88
N LYS E 707 5.58 -72.31 -20.69
CA LYS E 707 4.16 -72.47 -20.40
C LYS E 707 3.96 -73.12 -19.04
N GLN E 708 4.77 -74.13 -18.70
CA GLN E 708 4.66 -74.78 -17.39
C GLN E 708 4.91 -73.75 -16.28
N LEU E 709 5.84 -72.82 -16.54
CA LEU E 709 5.95 -71.54 -15.83
C LEU E 709 5.04 -70.42 -16.39
N SER E 717 1.44 -75.62 -13.85
CA SER E 717 0.22 -76.28 -13.32
C SER E 717 0.39 -77.80 -13.20
N VAL E 718 0.90 -78.41 -14.27
CA VAL E 718 1.20 -79.84 -14.26
C VAL E 718 2.56 -80.02 -13.56
N ILE E 719 3.60 -79.31 -14.02
CA ILE E 719 4.92 -79.37 -13.40
C ILE E 719 4.82 -78.81 -11.97
N GLU E 720 4.26 -77.60 -11.86
CA GLU E 720 4.02 -76.96 -10.56
C GLU E 720 3.39 -77.94 -9.55
N GLU E 721 2.45 -78.76 -10.01
CA GLU E 721 1.82 -79.78 -9.15
C GLU E 721 2.83 -80.84 -8.70
N ASN E 722 3.65 -81.34 -9.63
CA ASN E 722 4.67 -82.34 -9.31
C ASN E 722 5.67 -81.86 -8.26
N ILE E 723 6.03 -80.58 -8.30
CA ILE E 723 6.97 -80.02 -7.33
C ILE E 723 6.35 -80.05 -5.93
N LYS E 724 5.12 -79.56 -5.81
CA LYS E 724 4.36 -79.71 -4.55
C LYS E 724 4.49 -81.13 -4.01
N CYS E 725 4.32 -82.11 -4.90
CA CYS E 725 4.45 -83.52 -4.52
C CYS E 725 5.86 -83.85 -4.01
N ILE E 726 6.89 -83.36 -4.70
CA ILE E 726 8.29 -83.60 -4.31
C ILE E 726 8.62 -83.01 -2.94
N SER E 727 8.01 -81.86 -2.62
CA SER E 727 8.20 -81.23 -1.32
C SER E 727 7.50 -81.99 -0.20
N ARG E 728 6.24 -82.37 -0.43
CA ARG E 728 5.49 -83.16 0.55
C ARG E 728 6.29 -84.41 0.91
N ASP E 729 6.72 -85.15 -0.11
CA ASP E 729 7.51 -86.36 0.11
C ASP E 729 8.79 -86.06 0.90
N TYR E 730 9.51 -84.99 0.54
CA TYR E 730 10.77 -84.63 1.22
C TYR E 730 10.53 -84.31 2.70
N VAL E 731 9.54 -83.46 2.97
CA VAL E 731 9.18 -83.09 4.35
C VAL E 731 8.85 -84.33 5.20
N LEU E 732 8.13 -85.28 4.61
CA LEU E 732 7.85 -86.55 5.28
C LEU E 732 9.15 -87.30 5.61
N LYS E 733 9.94 -87.61 4.57
CA LYS E 733 11.24 -88.30 4.72
C LYS E 733 12.18 -87.58 5.71
N GLN E 734 12.04 -86.26 5.82
CA GLN E 734 12.87 -85.45 6.71
C GLN E 734 12.47 -85.63 8.17
N ILE E 735 11.15 -85.62 8.44
CA ILE E 735 10.65 -85.91 9.79
C ILE E 735 10.97 -87.34 10.21
N ARG E 736 10.77 -88.30 9.30
CA ARG E 736 11.18 -89.69 9.54
C ARG E 736 12.65 -89.74 9.96
N SER E 737 13.54 -89.24 9.09
CA SER E 737 15.00 -89.25 9.32
C SER E 737 15.41 -88.67 10.68
N LEU E 738 14.70 -87.64 11.12
CA LEU E 738 14.99 -86.99 12.40
C LEU E 738 14.66 -87.91 13.58
N VAL E 739 13.48 -88.51 13.58
CA VAL E 739 13.08 -89.42 14.63
C VAL E 739 13.97 -90.65 14.67
N GLN E 740 14.34 -91.17 13.50
CA GLN E 740 15.34 -92.25 13.46
C GLN E 740 16.49 -92.00 14.46
N ALA E 741 17.16 -90.85 14.32
CA ALA E 741 18.24 -90.47 15.22
C ALA E 741 17.96 -89.13 15.88
N LEU F 14 59.89 -108.67 -14.36
CA LEU F 14 60.19 -107.68 -13.28
C LEU F 14 61.62 -107.15 -13.39
N GLN F 15 62.61 -108.04 -13.36
CA GLN F 15 64.00 -107.64 -13.55
C GLN F 15 64.09 -106.71 -14.78
N SER F 16 63.43 -107.11 -15.88
CA SER F 16 63.49 -106.36 -17.13
C SER F 16 62.92 -104.95 -16.98
N LYS F 17 61.80 -104.85 -16.29
CA LYS F 17 61.11 -103.57 -16.12
C LYS F 17 61.83 -102.61 -15.15
N ARG F 18 62.45 -103.14 -14.12
CA ARG F 18 63.18 -102.31 -13.17
C ARG F 18 64.38 -101.67 -13.84
N PHE F 19 65.03 -102.42 -14.73
CA PHE F 19 66.18 -101.91 -15.47
C PHE F 19 65.73 -100.80 -16.41
N GLN F 20 64.57 -101.03 -17.03
CA GLN F 20 63.95 -100.08 -17.94
C GLN F 20 63.61 -98.78 -17.23
N ALA F 21 63.14 -98.87 -15.99
CA ALA F 21 62.83 -97.69 -15.20
C ALA F 21 64.11 -96.98 -14.79
N GLN F 22 65.05 -97.73 -14.21
CA GLN F 22 66.33 -97.14 -13.82
C GLN F 22 67.00 -96.47 -15.02
N SER F 23 66.91 -97.08 -16.19
CA SER F 23 67.51 -96.50 -17.38
C SER F 23 66.84 -95.18 -17.76
N LEU F 24 65.61 -94.98 -17.31
CA LEU F 24 64.91 -93.69 -17.44
C LEU F 24 65.10 -92.79 -16.22
N GLY F 25 66.00 -93.14 -15.31
CA GLY F 25 66.24 -92.35 -14.11
C GLY F 25 65.07 -92.24 -13.14
N THR F 26 64.27 -93.30 -13.05
CA THR F 26 63.16 -93.33 -12.09
C THR F 26 63.04 -94.72 -11.47
N THR F 27 62.02 -94.89 -10.64
CA THR F 27 61.76 -96.10 -9.92
C THR F 27 60.59 -96.83 -10.55
N TYR F 28 60.70 -98.15 -10.67
CA TYR F 28 59.59 -98.98 -11.15
C TYR F 28 58.41 -98.80 -10.23
N ILE F 29 57.22 -98.64 -10.79
CA ILE F 29 56.07 -98.28 -9.98
C ILE F 29 55.87 -99.19 -8.75
N TYR F 30 55.92 -100.50 -8.94
CA TYR F 30 55.66 -101.41 -7.81
C TYR F 30 56.76 -101.45 -6.75
N ASP F 31 57.84 -100.73 -6.97
CA ASP F 31 58.83 -100.59 -5.91
C ASP F 31 58.50 -99.42 -4.99
N ILE F 32 57.55 -98.57 -5.37
CA ILE F 32 57.23 -97.38 -4.57
C ILE F 32 56.77 -97.73 -3.14
N PRO F 33 55.84 -98.69 -3.00
CA PRO F 33 55.39 -99.06 -1.64
C PRO F 33 56.51 -99.41 -0.66
N GLU F 34 57.50 -100.19 -1.10
CA GLU F 34 58.62 -100.51 -0.23
C GLU F 34 59.53 -99.31 0.00
N MET F 35 59.55 -98.39 -0.95
CA MET F 35 60.27 -97.14 -0.75
C MET F 35 59.59 -96.33 0.35
N PHE F 36 58.28 -96.44 0.49
CA PHE F 36 57.59 -95.84 1.61
C PHE F 36 58.02 -96.48 2.92
N ARG F 37 58.07 -97.81 2.96
CA ARG F 37 58.45 -98.49 4.18
C ARG F 37 59.85 -98.10 4.63
N GLN F 38 60.80 -98.04 3.69
CA GLN F 38 62.18 -97.69 4.05
C GLN F 38 62.27 -96.20 4.48
N SER F 39 61.53 -95.31 3.81
CA SER F 39 61.48 -93.89 4.18
C SER F 39 60.85 -93.69 5.55
N LEU F 40 59.77 -94.41 5.80
CA LEU F 40 59.10 -94.36 7.09
C LEU F 40 60.03 -94.76 8.24
N ILE F 41 60.89 -95.75 8.01
CA ILE F 41 61.89 -96.14 9.01
C ILE F 41 62.83 -94.94 9.26
N LYS F 42 63.30 -94.30 8.20
CA LYS F 42 64.16 -93.13 8.35
C LYS F 42 63.45 -92.01 9.12
N LEU F 43 62.14 -91.88 8.93
CA LEU F 43 61.37 -90.83 9.60
C LEU F 43 61.35 -91.07 11.11
N TRP F 44 61.03 -92.29 11.50
CA TRP F 44 61.05 -92.66 12.91
C TRP F 44 62.36 -92.35 13.56
N GLU F 45 63.43 -92.42 12.78
CA GLU F 45 64.77 -92.20 13.29
C GLU F 45 65.01 -90.71 13.44
N SER F 46 64.76 -89.97 12.37
CA SER F 46 65.03 -88.53 12.40
C SER F 46 64.17 -87.80 13.44
N MET F 47 62.90 -88.19 13.56
CA MET F 47 62.00 -87.50 14.50
C MET F 47 62.28 -87.81 15.96
N SER F 48 62.98 -88.91 16.27
CA SER F 48 63.29 -89.22 17.67
C SER F 48 64.24 -88.16 18.26
N THR F 49 65.02 -87.51 17.41
CA THR F 49 65.79 -86.31 17.77
C THR F 49 64.90 -85.22 18.37
N GLN F 50 63.84 -84.90 17.66
CA GLN F 50 63.02 -83.75 17.95
C GLN F 50 62.04 -84.01 19.08
N ALA F 51 61.49 -85.22 19.14
CA ALA F 51 60.39 -85.52 20.07
C ALA F 51 60.56 -86.86 20.79
N PHE F 52 59.90 -86.95 21.95
CA PHE F 52 59.82 -88.17 22.73
C PHE F 52 58.81 -89.07 22.03
N LEU F 53 59.25 -90.22 21.55
CA LEU F 53 58.42 -91.13 20.77
C LEU F 53 58.40 -92.52 21.44
N PRO F 54 57.32 -93.30 21.25
CA PRO F 54 57.36 -94.69 21.70
C PRO F 54 58.39 -95.48 20.92
N SER F 55 58.64 -96.72 21.31
CA SER F 55 59.54 -97.57 20.54
C SER F 55 58.87 -97.80 19.18
N PRO F 56 59.66 -97.76 18.10
CA PRO F 56 59.06 -97.93 16.79
C PRO F 56 58.44 -99.32 16.67
N PRO F 57 57.44 -99.48 15.79
CA PRO F 57 56.95 -100.82 15.54
C PRO F 57 57.93 -101.56 14.65
N LEU F 58 57.79 -102.88 14.57
CA LEU F 58 58.62 -103.66 13.67
C LEU F 58 58.26 -103.23 12.22
N PRO F 59 59.25 -103.24 11.33
CA PRO F 59 59.01 -102.76 9.97
C PRO F 59 57.85 -103.43 9.23
N SER F 60 57.64 -104.72 9.45
CA SER F 60 56.52 -105.41 8.84
C SER F 60 55.16 -104.84 9.30
N ASP F 61 55.10 -104.37 10.55
CA ASP F 61 53.85 -103.86 11.11
C ASP F 61 53.74 -102.37 10.92
N MET F 62 54.77 -101.77 10.34
CA MET F 62 54.81 -100.33 10.16
C MET F 62 53.91 -99.84 9.02
N LEU F 63 53.71 -100.66 8.01
CA LEU F 63 53.03 -100.25 6.78
C LEU F 63 52.25 -101.39 6.19
N THR F 64 51.02 -101.11 5.73
CA THR F 64 50.25 -102.04 4.92
C THR F 64 49.68 -101.34 3.70
N TYR F 65 49.80 -102.00 2.55
CA TYR F 65 49.24 -101.46 1.33
C TYR F 65 48.33 -102.47 0.66
N THR F 66 47.37 -101.94 -0.10
CA THR F 66 46.49 -102.75 -0.91
C THR F 66 46.29 -102.09 -2.25
N GLU F 67 46.54 -102.83 -3.32
CA GLU F 67 46.41 -102.29 -4.66
C GLU F 67 44.95 -102.08 -4.98
N LEU F 68 44.68 -100.94 -5.60
CA LEU F 68 43.36 -100.62 -6.08
C LEU F 68 43.36 -100.87 -7.59
N VAL F 69 42.33 -101.55 -8.09
CA VAL F 69 42.25 -101.99 -9.48
C VAL F 69 40.83 -101.83 -10.04
N LEU F 70 40.73 -101.42 -11.31
CA LEU F 70 39.44 -101.18 -11.95
C LEU F 70 38.73 -102.46 -12.36
N ASP F 71 37.48 -102.63 -11.92
CA ASP F 71 36.70 -103.79 -12.36
C ASP F 71 36.08 -103.60 -13.76
N ASP F 72 35.20 -104.54 -14.15
CA ASP F 72 34.47 -104.48 -15.42
C ASP F 72 33.59 -103.25 -15.56
N GLN F 73 32.99 -102.83 -14.44
CA GLN F 73 32.06 -101.71 -14.39
C GLN F 73 32.77 -100.38 -14.20
N GLY F 74 34.09 -100.36 -14.37
CA GLY F 74 34.86 -99.16 -14.09
C GLY F 74 34.82 -98.71 -12.64
N GLN F 75 34.65 -99.64 -11.72
CA GLN F 75 34.62 -99.33 -10.28
C GLN F 75 35.84 -99.90 -9.58
N LEU F 76 36.28 -99.18 -8.56
CA LEU F 76 37.51 -99.51 -7.85
C LEU F 76 37.29 -100.75 -6.97
N VAL F 77 38.29 -101.62 -6.95
CA VAL F 77 38.22 -102.88 -6.23
C VAL F 77 39.58 -103.18 -5.59
N HIS F 78 39.56 -103.61 -4.34
CA HIS F 78 40.77 -103.89 -3.57
C HIS F 78 41.27 -105.25 -3.91
N MET F 79 42.54 -105.35 -4.27
CA MET F 79 43.13 -106.64 -4.68
C MET F 79 44.50 -106.87 -4.04
N ASN F 80 44.68 -108.05 -3.43
CA ASN F 80 45.99 -108.47 -2.93
C ASN F 80 46.62 -109.37 -3.98
N ARG F 81 47.22 -108.76 -5.01
CA ARG F 81 47.85 -109.53 -6.09
C ARG F 81 49.33 -109.23 -6.15
N LEU F 82 50.06 -110.11 -6.85
CA LEU F 82 51.51 -110.00 -6.96
C LEU F 82 51.87 -108.78 -7.82
N PRO F 83 52.94 -108.06 -7.43
CA PRO F 83 53.38 -106.88 -8.18
C PRO F 83 53.79 -107.22 -9.60
N GLY F 84 53.60 -106.25 -10.50
CA GLY F 84 53.89 -106.41 -11.91
C GLY F 84 52.66 -106.71 -12.74
N GLY F 85 51.48 -106.68 -12.10
CA GLY F 85 50.27 -107.18 -12.73
C GLY F 85 49.48 -106.17 -13.54
N ASN F 86 49.90 -104.91 -13.57
CA ASN F 86 49.08 -103.88 -14.20
C ASN F 86 48.81 -104.16 -15.69
N GLU F 87 47.58 -103.90 -16.13
CA GLU F 87 47.21 -103.99 -17.53
C GLU F 87 46.89 -102.61 -18.11
N ILE F 88 47.17 -101.56 -17.33
CA ILE F 88 47.04 -100.18 -17.78
C ILE F 88 48.23 -99.39 -17.19
N GLY F 89 48.49 -98.19 -17.71
CA GLY F 89 49.66 -97.39 -17.30
C GLY F 89 49.53 -96.58 -16.02
N MET F 90 48.66 -97.03 -15.12
CA MET F 90 48.42 -96.35 -13.85
C MET F 90 48.24 -97.40 -12.76
N VAL F 91 48.79 -97.10 -11.59
CA VAL F 91 48.71 -97.96 -10.42
C VAL F 91 48.33 -97.10 -9.21
N ALA F 92 47.55 -97.66 -8.32
CA ALA F 92 47.10 -96.94 -7.16
C ALA F 92 46.97 -97.90 -5.98
N TRP F 93 47.21 -97.38 -4.79
CA TRP F 93 47.03 -98.16 -3.58
C TRP F 93 46.43 -97.35 -2.49
N LYS F 94 45.72 -98.01 -1.59
CA LYS F 94 45.46 -97.46 -0.27
C LYS F 94 46.57 -97.94 0.65
N MET F 95 47.09 -97.04 1.46
CA MET F 95 48.18 -97.34 2.37
C MET F 95 47.83 -96.93 3.79
N THR F 96 48.13 -97.81 4.74
CA THR F 96 47.98 -97.49 6.15
C THR F 96 49.33 -97.71 6.78
N PHE F 97 49.79 -96.73 7.56
CA PHE F 97 51.08 -96.89 8.24
C PHE F 97 51.11 -96.21 9.59
N LYS F 98 51.98 -96.72 10.45
CA LYS F 98 52.19 -96.20 11.78
C LYS F 98 53.35 -95.20 11.68
N SER F 99 53.12 -93.98 12.12
CA SER F 99 54.16 -92.94 12.09
C SER F 99 54.34 -92.26 13.44
N PRO F 100 55.49 -91.58 13.64
CA PRO F 100 55.80 -90.95 14.91
C PRO F 100 54.67 -90.05 15.41
N GLU F 101 54.03 -89.34 14.47
CA GLU F 101 52.96 -88.41 14.80
C GLU F 101 51.61 -89.15 14.99
N TYR F 102 51.45 -90.29 14.30
CA TYR F 102 50.21 -91.10 14.33
C TYR F 102 50.58 -92.56 14.54
N PRO F 103 51.01 -92.92 15.76
CA PRO F 103 51.54 -94.26 16.00
C PRO F 103 50.51 -95.36 15.96
N GLU F 104 49.24 -95.02 16.19
CA GLU F 104 48.16 -95.98 16.04
C GLU F 104 47.79 -96.15 14.56
N GLY F 105 48.29 -95.26 13.69
CA GLY F 105 48.19 -95.43 12.24
C GLY F 105 47.47 -94.30 11.52
N ARG F 106 47.80 -94.12 10.25
CA ARG F 106 47.14 -93.13 9.39
C ARG F 106 47.06 -93.71 8.00
N ASP F 107 46.05 -93.27 7.23
CA ASP F 107 45.80 -93.78 5.88
C ASP F 107 46.07 -92.72 4.82
N ILE F 108 46.58 -93.16 3.67
CA ILE F 108 46.71 -92.31 2.48
C ILE F 108 46.36 -93.09 1.22
N ILE F 109 46.08 -92.37 0.13
CA ILE F 109 45.95 -92.97 -1.20
C ILE F 109 47.11 -92.54 -2.06
N VAL F 110 47.75 -93.51 -2.69
CA VAL F 110 48.89 -93.24 -3.56
C VAL F 110 48.60 -93.68 -4.99
N ILE F 111 48.75 -92.75 -5.93
CA ILE F 111 48.56 -93.03 -7.35
C ILE F 111 49.85 -92.77 -8.09
N GLY F 112 50.13 -93.58 -9.10
CA GLY F 112 51.37 -93.43 -9.85
C GLY F 112 51.26 -93.91 -11.27
N ASN F 113 51.90 -93.17 -12.17
CA ASN F 113 52.08 -93.61 -13.53
C ASN F 113 53.07 -94.77 -13.59
N ASP F 114 52.88 -95.66 -14.56
CA ASP F 114 53.92 -96.63 -14.84
C ASP F 114 54.64 -96.17 -16.09
N ILE F 115 55.78 -95.53 -15.93
CA ILE F 115 56.48 -95.04 -17.10
C ILE F 115 56.87 -96.16 -18.06
N THR F 116 56.96 -97.41 -17.59
CA THR F 116 57.26 -98.53 -18.48
C THR F 116 56.08 -98.95 -19.38
N TYR F 117 54.84 -98.61 -19.01
CA TYR F 117 53.69 -99.00 -19.82
C TYR F 117 53.28 -97.88 -20.79
N ARG F 118 53.60 -98.09 -22.06
CA ARG F 118 53.28 -97.15 -23.12
C ARG F 118 53.82 -95.78 -22.75
N ILE F 119 55.14 -95.72 -22.60
CA ILE F 119 55.87 -94.54 -22.13
C ILE F 119 55.15 -93.69 -21.07
N GLY F 120 54.41 -94.35 -20.17
CA GLY F 120 53.66 -93.63 -19.14
C GLY F 120 52.59 -92.67 -19.67
N SER F 121 52.07 -92.93 -20.87
CA SER F 121 50.99 -92.11 -21.40
C SER F 121 49.71 -92.26 -20.58
N PHE F 122 48.79 -91.34 -20.85
CA PHE F 122 47.52 -91.22 -20.16
C PHE F 122 46.41 -91.57 -21.13
N GLY F 123 46.00 -92.82 -21.12
CA GLY F 123 44.81 -93.24 -21.87
C GLY F 123 43.56 -93.09 -21.02
N PRO F 124 42.40 -93.42 -21.58
CA PRO F 124 41.14 -93.27 -20.86
C PRO F 124 41.03 -94.17 -19.63
N GLN F 125 41.56 -95.38 -19.71
CA GLN F 125 41.55 -96.27 -18.54
C GLN F 125 42.49 -95.78 -17.46
N GLU F 126 43.64 -95.28 -17.88
CA GLU F 126 44.61 -94.74 -16.97
C GLU F 126 43.94 -93.53 -16.28
N ASP F 127 43.25 -92.71 -17.07
CA ASP F 127 42.56 -91.52 -16.58
C ASP F 127 41.49 -91.95 -15.56
N LEU F 128 40.84 -93.08 -15.79
CA LEU F 128 39.73 -93.47 -14.94
C LEU F 128 40.19 -94.00 -13.59
N LEU F 129 41.27 -94.78 -13.58
CA LEU F 129 41.81 -95.25 -12.31
C LEU F 129 42.18 -94.06 -11.45
N PHE F 130 42.90 -93.12 -12.04
CA PHE F 130 43.28 -91.92 -11.32
C PHE F 130 42.04 -91.29 -10.72
N LEU F 131 41.01 -91.09 -11.54
CA LEU F 131 39.79 -90.45 -11.06
C LEU F 131 39.27 -91.18 -9.84
N ARG F 132 39.13 -92.49 -9.94
CA ARG F 132 38.45 -93.27 -8.90
C ARG F 132 39.26 -93.36 -7.64
N ALA F 133 40.59 -93.38 -7.77
CA ALA F 133 41.45 -93.37 -6.61
C ALA F 133 41.29 -92.05 -5.90
N SER F 134 41.25 -90.99 -6.69
CA SER F 134 41.12 -89.65 -6.13
C SER F 134 39.78 -89.51 -5.41
N GLU F 135 38.74 -89.98 -6.07
CA GLU F 135 37.40 -89.97 -5.52
C GLU F 135 37.35 -90.67 -4.18
N LEU F 136 38.10 -91.77 -4.05
CA LEU F 136 38.11 -92.54 -2.83
C LEU F 136 38.81 -91.76 -1.75
N ALA F 137 39.92 -91.11 -2.11
CA ALA F 137 40.64 -90.25 -1.18
C ALA F 137 39.69 -89.24 -0.58
N ARG F 138 38.93 -88.58 -1.45
CA ARG F 138 38.00 -87.57 -0.98
C ARG F 138 36.91 -88.15 -0.14
N ALA F 139 36.44 -89.33 -0.52
CA ALA F 139 35.38 -90.00 0.20
C ALA F 139 35.75 -90.24 1.67
N GLU F 140 37.00 -90.62 1.91
CA GLU F 140 37.44 -90.94 3.26
C GLU F 140 38.10 -89.77 3.95
N GLY F 141 38.36 -88.70 3.21
CA GLY F 141 38.95 -87.49 3.78
C GLY F 141 40.45 -87.59 3.96
N ILE F 142 41.07 -88.63 3.42
CA ILE F 142 42.49 -88.89 3.59
C ILE F 142 43.29 -88.28 2.41
N PRO F 143 44.61 -88.06 2.61
CA PRO F 143 45.42 -87.37 1.60
C PRO F 143 45.63 -88.16 0.33
N ARG F 144 45.86 -87.46 -0.77
CA ARG F 144 46.14 -88.10 -2.05
C ARG F 144 47.55 -87.76 -2.54
N ILE F 145 48.38 -88.79 -2.62
CA ILE F 145 49.75 -88.63 -3.08
C ILE F 145 49.87 -89.14 -4.50
N TYR F 146 50.35 -88.29 -5.40
CA TYR F 146 50.51 -88.67 -6.80
C TYR F 146 51.98 -88.68 -7.17
N VAL F 147 52.47 -89.83 -7.59
CA VAL F 147 53.80 -89.92 -8.14
C VAL F 147 53.72 -89.82 -9.66
N SER F 148 54.20 -88.71 -10.20
CA SER F 148 54.09 -88.40 -11.61
C SER F 148 55.37 -88.70 -12.38
N ALA F 149 55.26 -89.63 -13.32
CA ALA F 149 56.34 -89.89 -14.27
C ALA F 149 55.68 -90.39 -15.53
N ASN F 150 55.55 -89.52 -16.52
CA ASN F 150 54.63 -89.77 -17.62
C ASN F 150 54.96 -89.00 -18.89
N SER F 151 54.14 -89.20 -19.93
CA SER F 151 54.33 -88.55 -21.22
C SER F 151 53.06 -87.84 -21.65
N GLY F 152 52.21 -87.49 -20.70
CA GLY F 152 50.96 -86.85 -21.02
C GLY F 152 50.02 -87.74 -21.80
N ALA F 153 49.08 -87.11 -22.49
CA ALA F 153 47.98 -87.83 -23.09
C ALA F 153 48.51 -88.75 -24.10
N ARG F 154 47.83 -89.87 -24.25
CA ARG F 154 48.19 -90.85 -25.26
C ARG F 154 47.92 -90.33 -26.68
N ILE F 155 48.82 -90.71 -27.59
CA ILE F 155 48.73 -90.31 -28.98
C ILE F 155 48.76 -91.54 -29.86
N GLY F 156 48.12 -91.45 -31.01
CA GLY F 156 48.21 -92.51 -31.99
C GLY F 156 47.56 -92.20 -33.32
N LEU F 157 47.87 -93.04 -34.29
CA LEU F 157 47.23 -93.02 -35.59
C LEU F 157 46.60 -94.40 -35.88
N ALA F 158 45.49 -94.40 -36.60
CA ALA F 158 44.81 -95.63 -36.92
C ALA F 158 45.69 -96.52 -37.81
N GLU F 159 46.30 -97.54 -37.19
CA GLU F 159 47.19 -98.46 -37.90
C GLU F 159 46.50 -99.15 -39.06
N GLU F 160 45.26 -99.57 -38.81
CA GLU F 160 44.49 -100.31 -39.80
C GLU F 160 44.36 -99.54 -41.12
N ILE F 161 44.29 -98.22 -41.04
CA ILE F 161 44.19 -97.39 -42.24
C ILE F 161 45.53 -96.94 -42.80
N ARG F 162 46.48 -96.66 -41.92
CA ARG F 162 47.80 -96.19 -42.35
C ARG F 162 48.44 -97.07 -43.39
N HIS F 163 48.27 -98.38 -43.28
CA HIS F 163 48.99 -99.28 -44.15
C HIS F 163 48.24 -99.59 -45.40
N MET F 164 47.07 -98.99 -45.61
CA MET F 164 46.30 -99.30 -46.83
C MET F 164 45.73 -98.12 -47.62
N PHE F 165 45.95 -96.89 -47.16
CA PHE F 165 45.41 -95.74 -47.89
C PHE F 165 46.21 -95.46 -49.15
N HIS F 166 45.57 -94.83 -50.12
CA HIS F 166 46.23 -94.40 -51.35
C HIS F 166 46.06 -92.92 -51.55
N VAL F 167 46.95 -92.35 -52.35
CA VAL F 167 46.97 -90.92 -52.62
C VAL F 167 46.42 -90.66 -54.02
N ALA F 168 45.50 -89.70 -54.13
CA ALA F 168 44.95 -89.30 -55.42
C ALA F 168 45.76 -88.14 -55.97
N TRP F 169 46.79 -88.44 -56.75
CA TRP F 169 47.69 -87.41 -57.27
C TRP F 169 47.04 -86.61 -58.34
N VAL F 170 47.37 -85.32 -58.40
CA VAL F 170 46.98 -84.51 -59.54
C VAL F 170 47.56 -85.18 -60.77
N ASP F 171 48.81 -85.59 -60.68
CA ASP F 171 49.46 -86.30 -61.77
C ASP F 171 50.47 -87.32 -61.23
N PRO F 172 50.28 -88.62 -61.53
CA PRO F 172 51.27 -89.60 -61.06
C PRO F 172 52.67 -89.41 -61.65
N GLU F 173 52.77 -89.08 -62.94
CA GLU F 173 54.06 -88.81 -63.56
C GLU F 173 54.76 -87.55 -62.96
N ASP F 174 54.06 -86.81 -62.10
CA ASP F 174 54.70 -85.77 -61.27
C ASP F 174 53.92 -85.49 -59.97
N PRO F 175 54.44 -85.94 -58.82
CA PRO F 175 53.73 -85.76 -57.56
C PRO F 175 53.76 -84.32 -57.09
N TYR F 176 54.83 -83.60 -57.41
CA TYR F 176 54.96 -82.24 -56.92
C TYR F 176 53.93 -81.31 -57.57
N LYS F 177 53.27 -81.80 -58.63
CA LYS F 177 52.05 -81.17 -59.14
C LYS F 177 50.84 -81.34 -58.18
N GLY F 178 51.09 -81.68 -56.92
CA GLY F 178 50.05 -81.75 -55.89
C GLY F 178 49.24 -83.03 -55.86
N TYR F 179 48.55 -83.24 -54.73
CA TYR F 179 47.58 -84.34 -54.57
C TYR F 179 46.19 -83.81 -54.25
N ARG F 180 45.16 -84.57 -54.63
CA ARG F 180 43.77 -84.15 -54.48
C ARG F 180 43.15 -84.62 -53.13
N TYR F 181 43.30 -85.90 -52.79
CA TYR F 181 42.73 -86.48 -51.56
C TYR F 181 43.31 -87.87 -51.30
N LEU F 182 43.07 -88.39 -50.09
CA LEU F 182 43.43 -89.76 -49.72
C LEU F 182 42.21 -90.66 -49.78
N TYR F 183 42.41 -91.94 -50.09
CA TYR F 183 41.28 -92.85 -50.24
C TYR F 183 41.64 -94.29 -50.03
N LEU F 184 40.60 -95.13 -49.96
CA LEU F 184 40.74 -96.58 -49.85
C LEU F 184 40.17 -97.24 -51.10
N THR F 185 40.81 -98.31 -51.58
CA THR F 185 40.22 -99.09 -52.67
C THR F 185 38.93 -99.77 -52.14
N PRO F 186 37.98 -100.09 -53.04
CA PRO F 186 36.74 -100.71 -52.54
C PRO F 186 37.02 -102.04 -51.83
N GLN F 187 38.04 -102.75 -52.31
CA GLN F 187 38.49 -103.98 -51.68
C GLN F 187 38.88 -103.70 -50.22
N ASP F 188 39.75 -102.70 -50.03
CA ASP F 188 40.21 -102.30 -48.70
C ASP F 188 39.13 -101.70 -47.84
N TYR F 189 38.19 -101.00 -48.45
CA TYR F 189 37.12 -100.37 -47.70
C TYR F 189 36.19 -101.45 -47.13
N LYS F 190 35.94 -102.47 -47.94
CA LYS F 190 34.94 -103.52 -47.64
C LYS F 190 35.19 -104.30 -46.35
N ARG F 191 36.20 -103.93 -45.58
CA ARG F 191 36.65 -104.71 -44.42
C ARG F 191 36.73 -103.86 -43.17
N VAL F 192 37.45 -102.74 -43.28
CA VAL F 192 37.41 -101.70 -42.25
C VAL F 192 36.02 -101.10 -42.04
N SER F 193 35.20 -101.11 -43.11
CA SER F 193 33.86 -100.47 -43.09
C SER F 193 32.96 -100.97 -41.96
N ALA F 194 32.97 -102.28 -41.77
CA ALA F 194 32.19 -102.90 -40.71
C ALA F 194 32.61 -102.47 -39.29
N LEU F 195 33.75 -101.82 -39.13
CA LEU F 195 34.43 -101.78 -37.84
C LEU F 195 34.58 -100.40 -37.22
N ASN F 196 33.86 -99.40 -37.70
CA ASN F 196 33.98 -98.04 -37.14
C ASN F 196 35.40 -97.46 -37.24
N SER F 197 36.05 -97.66 -38.37
CA SER F 197 37.42 -97.19 -38.56
C SER F 197 37.45 -95.87 -39.31
N VAL F 198 36.67 -95.76 -40.37
CA VAL F 198 36.68 -94.54 -41.17
C VAL F 198 35.31 -94.13 -41.64
N HIS F 199 35.23 -92.89 -42.11
CA HIS F 199 34.10 -92.42 -42.90
C HIS F 199 34.58 -92.09 -44.27
N CYS F 200 33.93 -92.66 -45.27
CA CYS F 200 34.26 -92.33 -46.65
C CYS F 200 33.02 -91.91 -47.41
N GLU F 201 33.25 -91.32 -48.57
CA GLU F 201 32.22 -91.09 -49.54
C GLU F 201 32.76 -91.74 -50.81
N HIS F 202 31.90 -92.52 -51.48
CA HIS F 202 32.25 -93.20 -52.73
C HIS F 202 32.37 -92.17 -53.83
N VAL F 203 33.29 -92.38 -54.77
CA VAL F 203 33.44 -91.49 -55.93
C VAL F 203 33.92 -92.29 -57.14
N GLU F 204 33.50 -91.90 -58.34
CA GLU F 204 34.11 -92.41 -59.56
C GLU F 204 35.11 -91.33 -59.96
N ASP F 205 36.37 -91.72 -60.19
CA ASP F 205 37.42 -90.76 -60.55
C ASP F 205 38.52 -91.43 -61.38
N GLU F 206 39.05 -90.71 -62.35
CA GLU F 206 40.09 -91.24 -63.25
C GLU F 206 39.79 -92.69 -63.69
N GLY F 207 38.51 -93.01 -63.90
CA GLY F 207 38.10 -94.37 -64.31
C GLY F 207 37.82 -95.32 -63.14
N GLU F 208 38.69 -95.34 -62.14
CA GLU F 208 38.57 -96.29 -61.02
C GLU F 208 37.53 -95.82 -59.97
N SER F 209 37.05 -96.76 -59.16
CA SER F 209 36.09 -96.47 -58.10
C SER F 209 36.83 -96.38 -56.76
N ARG F 210 36.67 -95.25 -56.07
CA ARG F 210 37.44 -94.97 -54.85
C ARG F 210 36.58 -94.53 -53.68
N TYR F 211 37.12 -94.68 -52.47
CA TYR F 211 36.44 -94.28 -51.24
C TYR F 211 37.20 -93.14 -50.55
N LYS F 212 36.79 -91.91 -50.85
CA LYS F 212 37.47 -90.70 -50.36
C LYS F 212 37.37 -90.69 -48.85
N ILE F 213 38.53 -90.61 -48.18
CA ILE F 213 38.53 -90.61 -46.73
C ILE F 213 38.22 -89.21 -46.27
N THR F 214 37.12 -89.08 -45.53
CA THR F 214 36.65 -87.79 -45.04
C THR F 214 36.98 -87.61 -43.57
N ASP F 215 36.84 -88.69 -42.79
CA ASP F 215 37.20 -88.70 -41.37
C ASP F 215 37.81 -90.05 -41.00
N ILE F 216 38.86 -90.03 -40.17
CA ILE F 216 39.41 -91.26 -39.63
C ILE F 216 39.02 -91.37 -38.17
N ILE F 217 38.32 -92.44 -37.81
CA ILE F 217 37.82 -92.63 -36.43
C ILE F 217 38.80 -93.49 -35.64
N GLY F 218 39.21 -94.60 -36.25
CA GLY F 218 40.25 -95.45 -35.70
C GLY F 218 39.67 -96.47 -34.74
N LYS F 219 39.73 -97.73 -35.14
CA LYS F 219 39.13 -98.82 -34.37
C LYS F 219 39.79 -98.98 -33.00
N GLU F 220 41.05 -98.59 -32.86
CA GLU F 220 41.74 -98.71 -31.58
C GLU F 220 41.24 -97.70 -30.56
N GLU F 221 40.68 -98.18 -29.45
CA GLU F 221 40.23 -97.26 -28.39
C GLU F 221 41.43 -96.75 -27.59
N GLY F 222 41.42 -95.46 -27.28
CA GLY F 222 42.44 -94.87 -26.44
C GLY F 222 43.49 -94.02 -27.14
N ILE F 223 43.41 -93.89 -28.45
CA ILE F 223 44.37 -93.06 -29.17
C ILE F 223 43.74 -91.82 -29.80
N GLY F 224 42.54 -91.49 -29.33
CA GLY F 224 41.75 -90.43 -29.94
C GLY F 224 41.39 -89.28 -29.01
N PRO F 225 40.48 -88.41 -29.46
CA PRO F 225 40.06 -87.29 -28.66
C PRO F 225 39.35 -87.67 -27.35
N GLU F 226 38.97 -88.93 -27.17
CA GLU F 226 38.52 -89.40 -25.87
C GLU F 226 39.56 -89.10 -24.79
N ASN F 227 40.83 -89.12 -25.16
CA ASN F 227 41.91 -88.80 -24.24
C ASN F 227 41.83 -87.37 -23.74
N LEU F 228 41.26 -86.46 -24.54
CA LEU F 228 41.15 -85.05 -24.16
C LEU F 228 40.13 -84.92 -23.07
N ARG F 229 39.00 -85.60 -23.23
CA ARG F 229 37.98 -85.59 -22.21
C ARG F 229 38.53 -86.19 -20.93
N GLY F 230 39.16 -87.35 -21.05
CA GLY F 230 39.70 -88.05 -19.89
C GLY F 230 40.66 -87.21 -19.10
N SER F 231 41.46 -86.43 -19.81
CA SER F 231 42.44 -85.57 -19.17
C SER F 231 41.71 -84.45 -18.43
N GLY F 232 40.86 -83.73 -19.13
CA GLY F 232 40.03 -82.71 -18.50
C GLY F 232 39.35 -83.25 -17.26
N MET F 233 38.79 -84.44 -17.41
CA MET F 233 38.10 -85.13 -16.33
C MET F 233 38.90 -85.20 -15.04
N ILE F 234 40.17 -85.61 -15.15
CA ILE F 234 41.03 -85.71 -13.96
C ILE F 234 41.66 -84.37 -13.58
N ALA F 235 41.69 -83.42 -14.52
CA ALA F 235 42.08 -82.04 -14.19
C ALA F 235 41.06 -81.48 -13.23
N GLY F 236 39.79 -81.60 -13.61
CA GLY F 236 38.68 -81.16 -12.77
C GLY F 236 38.74 -81.82 -11.42
N GLU F 237 38.90 -83.14 -11.41
CA GLU F 237 38.95 -83.88 -10.16
C GLU F 237 40.05 -83.34 -9.25
N SER F 238 41.20 -83.03 -9.84
CA SER F 238 42.33 -82.58 -9.06
C SER F 238 42.09 -81.19 -8.50
N SER F 239 41.48 -80.32 -9.31
CA SER F 239 41.07 -79.01 -8.81
C SER F 239 40.16 -79.12 -7.57
N LEU F 240 39.23 -80.05 -7.59
CA LEU F 240 38.32 -80.27 -6.48
C LEU F 240 39.05 -80.87 -5.28
N ALA F 241 39.87 -81.88 -5.55
CA ALA F 241 40.62 -82.57 -4.51
C ALA F 241 41.42 -81.58 -3.68
N TYR F 242 42.06 -80.62 -4.33
CA TYR F 242 42.88 -79.66 -3.60
C TYR F 242 42.09 -78.91 -2.56
N ASN F 243 40.86 -78.57 -2.94
CA ASN F 243 39.91 -77.90 -2.06
C ASN F 243 39.22 -78.79 -1.03
N GLU F 244 39.41 -80.11 -1.10
CA GLU F 244 38.69 -81.04 -0.22
C GLU F 244 39.60 -81.87 0.71
N ILE F 245 40.80 -82.21 0.25
CA ILE F 245 41.70 -83.07 1.02
C ILE F 245 43.13 -82.58 0.82
N ILE F 246 44.08 -83.24 1.49
CA ILE F 246 45.48 -82.88 1.29
C ILE F 246 45.98 -83.51 0.00
N THR F 247 46.54 -82.71 -0.89
CA THR F 247 47.10 -83.26 -2.11
C THR F 247 48.59 -82.99 -2.12
N ILE F 248 49.38 -84.00 -2.48
CA ILE F 248 50.82 -83.85 -2.66
C ILE F 248 51.24 -84.61 -3.92
N SER F 249 52.27 -84.12 -4.59
CA SER F 249 52.73 -84.73 -5.84
C SER F 249 54.25 -84.78 -5.87
N LEU F 250 54.78 -85.85 -6.44
CA LEU F 250 56.21 -86.04 -6.61
C LEU F 250 56.53 -86.23 -8.09
N VAL F 251 57.39 -85.39 -8.63
CA VAL F 251 57.78 -85.47 -10.04
C VAL F 251 59.12 -86.19 -10.14
N THR F 252 59.12 -87.37 -10.79
CA THR F 252 60.24 -88.31 -10.72
C THR F 252 61.13 -88.26 -11.94
N CYS F 253 60.53 -88.32 -13.12
CA CYS F 253 61.31 -88.38 -14.33
C CYS F 253 60.94 -87.20 -15.19
N ARG F 254 59.68 -87.11 -15.51
CA ARG F 254 59.13 -85.98 -16.22
C ARG F 254 57.63 -86.06 -16.11
N ALA F 255 56.99 -84.91 -15.95
CA ALA F 255 55.56 -84.81 -16.06
C ALA F 255 55.28 -83.89 -17.23
N ILE F 256 54.53 -84.41 -18.21
CA ILE F 256 54.18 -83.66 -19.42
C ILE F 256 52.70 -83.39 -19.53
N GLY F 257 52.36 -82.18 -19.96
CA GLY F 257 50.97 -81.82 -20.22
C GLY F 257 50.02 -82.10 -19.08
N ILE F 258 49.07 -83.00 -19.30
CA ILE F 258 48.13 -83.26 -18.26
C ILE F 258 48.87 -83.66 -16.98
N GLY F 259 50.00 -84.33 -17.15
CA GLY F 259 50.84 -84.68 -16.01
C GLY F 259 51.27 -83.45 -15.24
N ALA F 260 51.72 -82.44 -15.99
CA ALA F 260 52.10 -81.17 -15.40
C ALA F 260 50.95 -80.50 -14.66
N TYR F 261 49.78 -80.48 -15.28
CA TYR F 261 48.65 -79.78 -14.73
C TYR F 261 48.12 -80.44 -13.48
N LEU F 262 48.15 -81.76 -13.45
CA LEU F 262 47.70 -82.48 -12.27
C LEU F 262 48.62 -82.23 -11.09
N VAL F 263 49.90 -82.01 -11.41
CA VAL F 263 50.92 -81.83 -10.38
C VAL F 263 50.71 -80.48 -9.72
N ARG F 264 50.36 -79.53 -10.57
CA ARG F 264 50.15 -78.16 -10.16
C ARG F 264 48.83 -78.01 -9.46
N LEU F 265 47.76 -78.59 -10.01
CA LEU F 265 46.47 -78.48 -9.35
C LEU F 265 46.59 -79.03 -7.92
N GLY F 266 47.43 -80.05 -7.75
CA GLY F 266 47.71 -80.58 -6.44
C GLY F 266 48.48 -79.62 -5.57
N GLN F 267 49.20 -78.69 -6.19
CA GLN F 267 49.82 -77.54 -5.51
C GLN F 267 51.12 -77.84 -4.78
N ARG F 268 51.04 -78.76 -3.85
CA ARG F 268 52.19 -79.13 -3.05
C ARG F 268 53.01 -80.12 -3.86
N THR F 269 54.24 -79.72 -4.18
CA THR F 269 55.02 -80.37 -5.22
C THR F 269 56.49 -80.56 -4.84
N ILE F 270 56.93 -81.80 -4.92
CA ILE F 270 58.32 -82.17 -4.71
C ILE F 270 58.87 -82.58 -6.08
N GLN F 271 60.08 -82.12 -6.40
CA GLN F 271 60.66 -82.34 -7.72
C GLN F 271 62.08 -82.90 -7.63
N VAL F 272 62.31 -84.07 -8.18
CA VAL F 272 63.64 -84.64 -8.14
C VAL F 272 64.53 -83.88 -9.12
N GLU F 273 65.79 -83.65 -8.75
CA GLU F 273 66.75 -83.01 -9.65
C GLU F 273 66.81 -83.75 -10.97
N ASN F 274 67.02 -83.00 -12.05
CA ASN F 274 67.05 -83.54 -13.41
C ASN F 274 65.71 -84.04 -13.96
N SER F 275 64.67 -84.02 -13.13
CA SER F 275 63.32 -84.20 -13.64
C SER F 275 62.90 -82.88 -14.22
N HIS F 276 61.86 -82.92 -15.03
CA HIS F 276 61.29 -81.70 -15.56
C HIS F 276 59.83 -81.83 -15.77
N LEU F 277 59.20 -80.67 -15.79
CA LEU F 277 57.78 -80.53 -15.63
C LEU F 277 57.39 -79.59 -16.75
N ILE F 278 56.79 -80.09 -17.82
CA ILE F 278 56.67 -79.28 -19.03
C ILE F 278 55.39 -79.46 -19.82
N LEU F 279 55.13 -78.46 -20.65
CA LEU F 279 53.97 -78.44 -21.49
C LEU F 279 54.42 -78.73 -22.91
N THR F 280 55.51 -78.06 -23.33
CA THR F 280 56.08 -78.25 -24.65
C THR F 280 57.59 -78.44 -24.62
N GLY F 281 58.05 -79.39 -25.43
CA GLY F 281 59.42 -79.85 -25.41
C GLY F 281 60.38 -78.99 -26.19
N ALA F 282 61.63 -79.00 -25.74
CA ALA F 282 62.68 -78.23 -26.34
C ALA F 282 62.73 -78.50 -27.82
N GLY F 283 62.50 -79.75 -28.20
CA GLY F 283 62.57 -80.11 -29.60
C GLY F 283 61.54 -79.36 -30.43
N ALA F 284 60.30 -79.44 -29.99
CA ALA F 284 59.19 -78.80 -30.67
C ALA F 284 59.48 -77.32 -30.88
N LEU F 285 59.94 -76.66 -29.82
CA LEU F 285 60.18 -75.22 -29.85
C LEU F 285 61.35 -74.87 -30.74
N ASN F 286 62.40 -75.68 -30.73
CA ASN F 286 63.53 -75.45 -31.60
C ASN F 286 63.11 -75.51 -33.05
N LYS F 287 62.27 -76.49 -33.40
CA LYS F 287 61.76 -76.60 -34.79
C LYS F 287 61.01 -75.31 -35.18
N VAL F 288 60.10 -74.86 -34.32
CA VAL F 288 59.37 -73.60 -34.52
C VAL F 288 60.27 -72.37 -34.68
N LEU F 289 61.38 -72.34 -33.96
CA LEU F 289 62.26 -71.16 -33.96
C LEU F 289 63.39 -71.27 -34.98
N GLY F 290 63.43 -72.35 -35.75
CA GLY F 290 64.39 -72.49 -36.85
C GLY F 290 65.85 -72.71 -36.47
N ARG F 291 66.15 -72.88 -35.18
CA ARG F 291 67.52 -73.19 -34.74
C ARG F 291 67.50 -73.82 -33.37
N GLU F 292 68.64 -74.35 -32.93
CA GLU F 292 68.73 -75.05 -31.63
C GLU F 292 68.83 -74.04 -30.44
N VAL F 293 67.74 -73.30 -30.19
CA VAL F 293 67.69 -72.30 -29.10
C VAL F 293 67.86 -72.96 -27.73
N TYR F 294 67.10 -74.03 -27.48
CA TYR F 294 67.16 -74.76 -26.22
C TYR F 294 67.84 -76.11 -26.41
N THR F 295 68.58 -76.55 -25.41
CA THR F 295 69.33 -77.79 -25.49
C THR F 295 68.78 -78.91 -24.62
N SER F 296 67.93 -78.56 -23.65
CA SER F 296 67.44 -79.48 -22.64
C SER F 296 66.10 -79.06 -22.02
N ASN F 297 65.15 -79.99 -21.94
CA ASN F 297 63.89 -79.70 -21.28
C ASN F 297 64.04 -79.10 -19.89
N ASN F 298 65.13 -79.39 -19.19
CA ASN F 298 65.35 -78.74 -17.88
C ASN F 298 65.42 -77.22 -18.00
N GLN F 299 65.85 -76.69 -19.14
CA GLN F 299 65.79 -75.25 -19.36
C GLN F 299 64.34 -74.73 -19.26
N LEU F 300 63.37 -75.54 -19.70
CA LEU F 300 61.98 -75.14 -19.73
C LEU F 300 61.26 -75.51 -18.41
N GLY F 301 61.52 -76.70 -17.90
CA GLY F 301 60.76 -77.23 -16.77
C GLY F 301 61.56 -77.78 -15.62
N GLY F 302 62.87 -77.57 -15.64
CA GLY F 302 63.74 -78.16 -14.64
C GLY F 302 63.60 -77.43 -13.34
N ILE F 303 64.27 -77.92 -12.30
CA ILE F 303 64.13 -77.27 -11.01
C ILE F 303 64.60 -75.82 -11.09
N GLN F 304 65.53 -75.52 -11.99
CA GLN F 304 66.02 -74.16 -12.07
C GLN F 304 64.94 -73.17 -12.56
N ILE F 305 63.84 -73.68 -13.11
CA ILE F 305 62.68 -72.82 -13.41
C ILE F 305 61.65 -72.95 -12.28
N MET F 306 61.22 -74.18 -12.02
CA MET F 306 60.06 -74.39 -11.17
C MET F 306 60.31 -74.20 -9.69
N HIS F 307 61.54 -74.39 -9.22
CA HIS F 307 61.83 -74.17 -7.81
C HIS F 307 61.94 -72.70 -7.58
N ASN F 308 62.50 -72.01 -8.58
CA ASN F 308 62.66 -70.57 -8.55
C ASN F 308 61.40 -69.73 -8.75
N ASN F 309 60.30 -70.32 -9.23
CA ASN F 309 59.06 -69.56 -9.41
C ASN F 309 57.89 -70.03 -8.56
N GLY F 310 58.15 -71.01 -7.69
CA GLY F 310 57.19 -71.44 -6.69
C GLY F 310 56.18 -72.50 -7.11
N VAL F 311 56.33 -73.04 -8.31
CA VAL F 311 55.52 -74.16 -8.78
C VAL F 311 55.89 -75.41 -7.98
N THR F 312 57.20 -75.58 -7.79
CA THR F 312 57.79 -76.60 -6.96
C THR F 312 58.12 -76.08 -5.55
N HIS F 313 57.72 -76.83 -4.54
CA HIS F 313 57.97 -76.45 -3.14
C HIS F 313 59.33 -76.89 -2.65
N CYS F 314 59.69 -78.14 -2.94
CA CYS F 314 60.98 -78.68 -2.54
C CYS F 314 61.61 -79.45 -3.65
N THR F 315 62.94 -79.52 -3.63
CA THR F 315 63.66 -80.40 -4.53
C THR F 315 64.39 -81.48 -3.71
N VAL F 316 64.57 -82.65 -4.32
CA VAL F 316 65.23 -83.78 -3.70
C VAL F 316 66.21 -84.37 -4.69
N CYS F 317 67.22 -85.07 -4.18
CA CYS F 317 68.28 -85.60 -5.05
C CYS F 317 67.86 -86.87 -5.73
N ASP F 318 66.92 -87.60 -5.14
CA ASP F 318 66.46 -88.86 -5.71
C ASP F 318 65.04 -89.20 -5.27
N ASP F 319 64.50 -90.27 -5.84
CA ASP F 319 63.14 -90.70 -5.53
C ASP F 319 62.97 -91.05 -4.05
N PHE F 320 63.91 -91.78 -3.47
CA PHE F 320 63.83 -92.11 -2.04
C PHE F 320 63.63 -90.85 -1.18
N GLU F 321 64.44 -89.82 -1.40
CA GLU F 321 64.35 -88.59 -0.63
C GLU F 321 63.03 -87.87 -0.92
N GLY F 322 62.48 -88.10 -2.11
CA GLY F 322 61.16 -87.61 -2.44
C GLY F 322 60.10 -88.22 -1.52
N VAL F 323 60.07 -89.54 -1.46
CA VAL F 323 59.06 -90.21 -0.65
C VAL F 323 59.23 -89.81 0.80
N PHE F 324 60.46 -89.74 1.27
CA PHE F 324 60.70 -89.25 2.62
C PHE F 324 60.06 -87.87 2.82
N THR F 325 60.28 -86.95 1.89
CA THR F 325 59.73 -85.62 2.02
C THR F 325 58.20 -85.64 2.11
N VAL F 326 57.58 -86.48 1.30
CA VAL F 326 56.13 -86.64 1.36
C VAL F 326 55.74 -87.00 2.79
N LEU F 327 56.34 -88.06 3.33
CA LEU F 327 56.06 -88.48 4.70
C LEU F 327 56.41 -87.40 5.75
N HIS F 328 57.48 -86.67 5.48
CA HIS F 328 57.92 -85.61 6.37
C HIS F 328 56.90 -84.51 6.44
N TRP F 329 56.42 -84.08 5.29
CA TRP F 329 55.34 -83.09 5.26
C TRP F 329 54.13 -83.59 5.98
N LEU F 330 53.68 -84.79 5.64
CA LEU F 330 52.48 -85.33 6.24
C LEU F 330 52.58 -85.35 7.77
N SER F 331 53.80 -85.37 8.31
CA SER F 331 53.96 -85.45 9.77
C SER F 331 53.51 -84.21 10.50
N TYR F 332 53.34 -83.11 9.77
CA TYR F 332 52.73 -81.88 10.32
C TYR F 332 51.22 -81.84 10.10
N MET F 333 50.65 -82.82 9.40
CA MET F 333 49.30 -82.69 8.90
C MET F 333 48.34 -83.69 9.50
N PRO F 334 47.07 -83.30 9.68
CA PRO F 334 46.12 -84.21 10.29
C PRO F 334 45.79 -85.39 9.42
N LYS F 335 45.71 -86.53 10.08
CA LYS F 335 45.46 -87.86 9.51
C LYS F 335 44.39 -87.90 8.39
N SER F 336 43.32 -87.13 8.63
CA SER F 336 42.19 -86.95 7.69
C SER F 336 41.63 -85.54 7.88
N VAL F 337 40.64 -85.18 7.08
CA VAL F 337 39.95 -83.90 7.25
C VAL F 337 39.04 -83.90 8.45
N HIS F 338 38.67 -85.07 8.93
CA HIS F 338 37.84 -85.18 10.12
C HIS F 338 38.68 -85.04 11.35
N SER F 339 39.97 -84.77 11.19
CA SER F 339 40.91 -84.88 12.32
C SER F 339 41.62 -83.58 12.66
N SER F 340 42.00 -83.50 13.93
CA SER F 340 42.74 -82.37 14.44
C SER F 340 44.22 -82.57 14.08
N VAL F 341 44.97 -81.47 14.06
CA VAL F 341 46.43 -81.52 13.90
C VAL F 341 47.09 -82.49 14.89
N PRO F 342 48.06 -83.30 14.43
CA PRO F 342 48.75 -84.26 15.30
C PRO F 342 49.80 -83.63 16.18
N LEU F 343 49.65 -83.81 17.48
CA LEU F 343 50.54 -83.20 18.46
C LEU F 343 51.67 -84.17 18.84
N LEU F 344 52.89 -83.65 18.98
CA LEU F 344 54.02 -84.45 19.44
C LEU F 344 54.36 -83.99 20.88
N ASN F 345 55.03 -84.85 21.64
CA ASN F 345 55.64 -84.46 22.92
C ASN F 345 57.07 -84.14 22.60
N SER F 346 57.37 -82.87 22.40
CA SER F 346 58.70 -82.51 21.90
C SER F 346 59.70 -82.43 23.04
N LYS F 347 60.97 -82.61 22.67
CA LYS F 347 62.07 -82.58 23.63
C LYS F 347 62.46 -81.12 23.90
N ASP F 348 61.94 -80.18 23.11
CA ASP F 348 62.18 -78.76 23.35
C ASP F 348 61.11 -78.27 24.32
N PRO F 349 61.52 -77.89 25.54
CA PRO F 349 60.50 -77.50 26.48
C PRO F 349 59.76 -76.24 26.11
N ILE F 350 58.66 -76.04 26.82
CA ILE F 350 57.64 -75.07 26.49
C ILE F 350 57.92 -73.81 27.32
N ASP F 351 58.37 -74.02 28.57
CA ASP F 351 58.66 -72.91 29.49
C ASP F 351 60.10 -72.43 29.43
N ARG F 352 60.69 -72.41 28.24
CA ARG F 352 62.02 -71.84 28.07
C ARG F 352 61.90 -70.45 27.49
N ILE F 353 62.98 -69.69 27.61
CA ILE F 353 63.05 -68.40 26.92
C ILE F 353 63.70 -68.55 25.53
N ILE F 354 63.42 -67.60 24.65
CA ILE F 354 64.05 -67.59 23.32
C ILE F 354 65.35 -66.83 23.47
N GLU F 355 66.45 -67.45 23.07
CA GLU F 355 67.76 -66.84 23.26
C GLU F 355 68.09 -65.91 22.12
N PHE F 356 67.75 -66.29 20.90
CA PHE F 356 67.99 -65.41 19.76
C PHE F 356 67.04 -64.22 19.82
N VAL F 357 67.60 -63.03 19.60
CA VAL F 357 66.82 -61.79 19.66
C VAL F 357 66.94 -61.07 18.31
N PRO F 358 65.79 -60.83 17.67
CA PRO F 358 65.79 -59.99 16.48
C PRO F 358 66.34 -58.60 16.73
N THR F 359 66.99 -58.02 15.72
CA THR F 359 67.79 -56.83 15.87
C THR F 359 67.41 -55.76 14.86
N LYS F 360 67.68 -54.50 15.19
CA LYS F 360 67.53 -53.41 14.23
C LYS F 360 68.44 -53.71 13.03
N THR F 361 69.63 -54.27 13.29
CA THR F 361 70.50 -54.76 12.23
C THR F 361 69.81 -55.86 11.46
N PRO F 362 70.00 -55.90 10.14
CA PRO F 362 69.27 -56.94 9.44
C PRO F 362 69.82 -58.31 9.80
N TYR F 363 68.99 -59.33 9.60
CA TYR F 363 69.30 -60.68 10.01
C TYR F 363 68.45 -61.69 9.24
N ASP F 364 68.94 -62.93 9.13
CA ASP F 364 68.19 -64.02 8.53
C ASP F 364 67.06 -64.40 9.48
N PRO F 365 65.81 -64.26 9.03
CA PRO F 365 64.70 -64.56 9.93
C PRO F 365 64.56 -66.04 10.24
N ARG F 366 65.28 -66.88 9.53
CA ARG F 366 65.27 -68.29 9.86
C ARG F 366 65.86 -68.49 11.25
N TRP F 367 66.81 -67.65 11.63
CA TRP F 367 67.38 -67.68 12.96
C TRP F 367 66.31 -67.45 13.99
N MET F 368 65.40 -66.54 13.69
CA MET F 368 64.31 -66.22 14.60
C MET F 368 63.40 -67.40 14.83
N LEU F 369 63.22 -68.22 13.80
CA LEU F 369 62.32 -69.35 13.87
C LEU F 369 63.02 -70.60 14.43
N ALA F 370 64.11 -70.97 13.78
CA ALA F 370 64.77 -72.26 14.05
C ALA F 370 65.90 -72.13 15.05
N GLY F 371 66.37 -70.91 15.26
CA GLY F 371 67.58 -70.70 16.05
C GLY F 371 68.81 -70.75 15.16
N ARG F 372 69.96 -70.49 15.75
CA ARG F 372 71.22 -70.49 15.02
C ARG F 372 72.34 -70.95 15.91
N PRO F 373 73.50 -71.28 15.32
CA PRO F 373 74.67 -71.62 16.12
C PRO F 373 75.23 -70.41 16.86
N HIS F 374 75.80 -70.62 18.05
CA HIS F 374 76.36 -69.54 18.84
C HIS F 374 77.62 -69.02 18.19
N PRO F 375 77.70 -67.69 17.96
CA PRO F 375 78.92 -67.02 17.49
C PRO F 375 80.21 -67.25 18.31
N THR F 376 80.12 -67.30 19.63
CA THR F 376 81.30 -67.53 20.48
C THR F 376 81.46 -69.03 20.77
N GLN F 377 81.09 -69.48 21.97
CA GLN F 377 81.28 -70.87 22.38
C GLN F 377 80.41 -71.85 21.59
N LYS F 378 80.87 -72.21 20.39
CA LYS F 378 80.29 -73.31 19.61
C LYS F 378 80.83 -74.61 20.20
N GLY F 379 80.15 -75.76 20.07
CA GLY F 379 78.83 -75.89 19.42
C GLY F 379 77.65 -75.85 20.38
N GLN F 380 77.43 -74.70 21.01
CA GLN F 380 76.17 -74.39 21.70
C GLN F 380 75.19 -73.75 20.70
N TRP F 381 73.97 -73.43 21.15
CA TRP F 381 72.87 -73.05 20.25
C TRP F 381 72.01 -71.93 20.77
N LEU F 382 71.91 -70.83 20.02
CA LEU F 382 70.97 -69.76 20.35
C LEU F 382 69.58 -70.19 19.89
N SER F 383 68.71 -70.50 20.85
CA SER F 383 67.40 -71.07 20.56
C SER F 383 66.51 -70.08 19.85
N GLY F 384 65.71 -70.59 18.92
CA GLY F 384 64.71 -69.79 18.21
C GLY F 384 63.35 -69.90 18.88
N PHE F 385 62.35 -69.34 18.21
CA PHE F 385 60.97 -69.37 18.70
C PHE F 385 60.38 -70.78 18.69
N PHE F 386 60.53 -71.50 17.58
CA PHE F 386 59.89 -72.81 17.44
C PHE F 386 60.78 -73.93 17.96
N ASP F 387 60.15 -75.09 18.12
CA ASP F 387 60.77 -76.31 18.59
C ASP F 387 62.03 -76.60 17.80
N TYR F 388 63.13 -76.85 18.50
CA TYR F 388 64.37 -77.22 17.84
C TYR F 388 64.16 -78.28 16.77
N GLY F 389 64.62 -77.97 15.56
CA GLY F 389 64.58 -78.91 14.46
C GLY F 389 63.23 -79.05 13.76
N SER F 390 62.27 -78.20 14.09
CA SER F 390 60.91 -78.39 13.59
C SER F 390 60.59 -77.57 12.35
N PHE F 391 61.38 -76.55 12.08
CA PHE F 391 61.04 -75.66 10.97
C PHE F 391 61.47 -76.26 9.64
N SER F 392 60.51 -76.43 8.74
CA SER F 392 60.79 -77.00 7.43
C SER F 392 60.26 -76.06 6.37
N GLU F 393 61.19 -75.38 5.70
CA GLU F 393 60.83 -74.34 4.74
C GLU F 393 60.30 -74.94 3.43
N ILE F 394 59.53 -74.12 2.70
CA ILE F 394 59.17 -74.41 1.34
C ILE F 394 59.27 -73.16 0.45
N MET F 395 59.40 -73.40 -0.85
CA MET F 395 59.56 -72.34 -1.85
C MET F 395 60.70 -71.37 -1.51
N GLN F 396 61.80 -71.90 -1.00
CA GLN F 396 62.83 -71.05 -0.42
C GLN F 396 63.42 -70.06 -1.45
N PRO F 397 63.71 -70.51 -2.67
CA PRO F 397 64.40 -69.59 -3.57
C PRO F 397 63.50 -68.65 -4.36
N TRP F 398 62.19 -68.71 -4.13
CA TRP F 398 61.25 -67.83 -4.84
C TRP F 398 60.71 -66.77 -3.94
N ALA F 399 60.77 -65.52 -4.42
CA ALA F 399 60.24 -64.39 -3.67
C ALA F 399 60.81 -64.49 -2.27
N GLN F 400 62.10 -64.23 -2.16
CA GLN F 400 62.85 -64.54 -0.95
C GLN F 400 62.75 -63.43 0.09
N THR F 401 61.96 -62.44 -0.24
CA THR F 401 61.57 -61.38 0.66
C THR F 401 60.65 -61.88 1.76
N VAL F 402 60.01 -63.00 1.50
CA VAL F 402 59.20 -63.67 2.51
C VAL F 402 59.67 -65.11 2.64
N VAL F 403 59.51 -65.66 3.84
CA VAL F 403 59.96 -67.00 4.18
C VAL F 403 58.75 -67.76 4.70
N VAL F 404 58.46 -68.91 4.11
CA VAL F 404 57.31 -69.69 4.56
C VAL F 404 57.67 -71.15 4.79
N GLY F 405 56.92 -71.80 5.67
CA GLY F 405 57.21 -73.17 6.02
C GLY F 405 56.27 -73.67 7.09
N ARG F 406 56.61 -74.83 7.62
CA ARG F 406 55.85 -75.45 8.69
C ARG F 406 56.81 -75.65 9.83
N ALA F 407 56.28 -75.63 11.06
CA ALA F 407 57.09 -75.84 12.25
C ALA F 407 56.23 -76.44 13.34
N ARG F 408 56.81 -76.61 14.53
CA ARG F 408 56.03 -77.06 15.68
C ARG F 408 56.32 -76.19 16.89
N LEU F 409 55.26 -75.82 17.60
CA LEU F 409 55.32 -75.05 18.84
C LEU F 409 54.79 -75.95 19.94
N GLY F 410 55.68 -76.37 20.83
CA GLY F 410 55.33 -77.35 21.84
C GLY F 410 54.81 -78.65 21.22
N GLY F 411 55.19 -78.92 19.98
CA GLY F 411 54.67 -80.09 19.30
C GLY F 411 53.35 -79.85 18.60
N ILE F 412 52.84 -78.62 18.60
CA ILE F 412 51.68 -78.27 17.81
C ILE F 412 52.22 -77.84 16.46
N PRO F 413 51.87 -78.57 15.39
CA PRO F 413 52.29 -78.11 14.08
C PRO F 413 51.59 -76.84 13.70
N VAL F 414 52.33 -75.90 13.12
CA VAL F 414 51.75 -74.69 12.56
C VAL F 414 52.39 -74.36 11.22
N GLY F 415 51.67 -73.59 10.41
CA GLY F 415 52.23 -72.99 9.22
C GLY F 415 52.78 -71.64 9.61
N VAL F 416 53.81 -71.21 8.91
CA VAL F 416 54.61 -70.08 9.34
C VAL F 416 54.95 -69.14 8.21
N VAL F 417 54.76 -67.85 8.44
CA VAL F 417 55.16 -66.81 7.51
C VAL F 417 56.04 -65.83 8.26
N ALA F 418 57.21 -65.51 7.70
CA ALA F 418 58.14 -64.54 8.28
C ALA F 418 58.78 -63.69 7.19
N VAL F 419 59.43 -62.61 7.59
CA VAL F 419 59.89 -61.62 6.63
C VAL F 419 61.41 -61.45 6.62
N GLU F 420 61.99 -61.49 5.43
CA GLU F 420 63.41 -61.25 5.26
C GLU F 420 63.73 -59.79 5.52
N THR F 421 64.81 -59.51 6.24
CA THR F 421 65.17 -58.13 6.58
C THR F 421 66.38 -57.65 5.80
N ARG F 422 67.17 -58.60 5.29
CA ARG F 422 68.34 -58.27 4.49
C ARG F 422 67.93 -58.10 3.05
N THR F 423 68.62 -57.24 2.31
CA THR F 423 68.31 -57.06 0.89
C THR F 423 68.53 -58.36 0.15
N VAL F 424 67.53 -58.76 -0.65
CA VAL F 424 67.65 -59.92 -1.51
C VAL F 424 68.28 -59.51 -2.82
N GLU F 425 69.17 -60.34 -3.34
CA GLU F 425 69.74 -60.14 -4.67
C GLU F 425 69.19 -61.23 -5.56
N LEU F 426 68.27 -60.84 -6.43
CA LEU F 426 67.60 -61.78 -7.29
C LEU F 426 68.35 -61.86 -8.60
N SER F 427 68.68 -63.08 -8.99
CA SER F 427 69.30 -63.32 -10.27
C SER F 427 68.23 -63.77 -11.26
N ILE F 428 68.09 -63.03 -12.36
CA ILE F 428 67.17 -63.40 -13.42
C ILE F 428 67.97 -63.95 -14.58
N PRO F 429 67.66 -65.19 -14.98
CA PRO F 429 68.43 -65.81 -16.06
C PRO F 429 68.12 -65.18 -17.41
N ALA F 430 69.02 -65.37 -18.36
CA ALA F 430 68.84 -64.82 -19.70
C ALA F 430 67.87 -65.70 -20.49
N ASP F 431 67.04 -65.07 -21.31
CA ASP F 431 66.14 -65.77 -22.21
C ASP F 431 66.93 -66.16 -23.45
N PRO F 432 67.17 -67.48 -23.65
CA PRO F 432 67.94 -67.92 -24.82
C PRO F 432 67.22 -67.69 -26.15
N ALA F 433 65.88 -67.65 -26.09
CA ALA F 433 65.04 -67.27 -27.22
C ALA F 433 65.43 -65.91 -27.80
N ASN F 434 65.73 -64.99 -26.90
CA ASN F 434 66.04 -63.62 -27.25
C ASN F 434 67.55 -63.32 -27.16
N LEU F 435 68.15 -62.95 -28.28
CA LEU F 435 69.59 -62.71 -28.36
C LEU F 435 70.03 -61.44 -27.61
N ASP F 436 69.10 -60.53 -27.29
CA ASP F 436 69.42 -59.32 -26.50
C ASP F 436 69.67 -59.63 -25.04
N SER F 437 68.78 -60.44 -24.47
CA SER F 437 68.80 -60.81 -23.06
C SER F 437 70.16 -61.23 -22.49
N GLU F 438 70.67 -60.45 -21.53
CA GLU F 438 71.75 -60.87 -20.65
C GLU F 438 71.15 -61.05 -19.24
N ALA F 439 71.71 -61.92 -18.42
CA ALA F 439 71.17 -62.20 -17.07
C ALA F 439 71.21 -60.98 -16.14
N LYS F 440 70.06 -60.35 -15.92
CA LYS F 440 69.97 -59.18 -15.02
C LYS F 440 70.04 -59.61 -13.55
N ILE F 441 70.28 -58.63 -12.69
CA ILE F 441 70.46 -58.87 -11.26
C ILE F 441 69.70 -57.77 -10.49
N ILE F 442 68.74 -58.16 -9.67
CA ILE F 442 67.75 -57.23 -9.12
C ILE F 442 67.85 -57.13 -7.60
N GLN F 443 67.76 -55.91 -7.09
CA GLN F 443 67.69 -55.66 -5.66
C GLN F 443 66.25 -55.79 -5.22
N GLN F 444 65.99 -56.61 -4.22
CA GLN F 444 64.67 -56.63 -3.60
C GLN F 444 64.84 -56.26 -2.13
N ALA F 445 64.42 -55.04 -1.78
CA ALA F 445 64.55 -54.53 -0.43
C ALA F 445 63.86 -55.45 0.57
N GLY F 446 64.41 -55.54 1.77
CA GLY F 446 63.78 -56.32 2.83
C GLY F 446 62.56 -55.61 3.40
N GLN F 447 61.74 -56.36 4.14
CA GLN F 447 60.55 -55.82 4.79
C GLN F 447 59.58 -55.17 3.84
N VAL F 448 59.53 -55.67 2.60
CA VAL F 448 58.57 -55.17 1.62
C VAL F 448 57.86 -56.32 0.91
N TRP F 449 56.60 -56.10 0.56
CA TRP F 449 55.91 -57.06 -0.28
C TRP F 449 56.07 -56.65 -1.69
N PHE F 450 56.56 -57.57 -2.50
CA PHE F 450 56.60 -57.36 -3.92
C PHE F 450 55.50 -58.22 -4.49
N PRO F 451 55.29 -58.13 -5.80
CA PRO F 451 54.33 -59.06 -6.35
C PRO F 451 54.66 -60.51 -6.01
N ASP F 452 55.88 -60.95 -6.27
CA ASP F 452 56.24 -62.32 -5.96
C ASP F 452 56.00 -62.62 -4.48
N SER F 453 56.51 -61.79 -3.57
CA SER F 453 56.39 -62.05 -2.13
C SER F 453 54.94 -62.14 -1.70
N ALA F 454 54.11 -61.24 -2.24
CA ALA F 454 52.69 -61.21 -1.91
C ALA F 454 52.03 -62.47 -2.36
N PHE F 455 52.39 -62.92 -3.56
CA PHE F 455 51.81 -64.11 -4.11
C PHE F 455 52.24 -65.34 -3.29
N LYS F 456 53.53 -65.48 -3.04
CA LYS F 456 54.04 -66.54 -2.19
C LYS F 456 53.30 -66.51 -0.84
N THR F 457 53.03 -65.33 -0.30
CA THR F 457 52.39 -65.26 1.01
C THR F 457 50.96 -65.77 0.93
N TYR F 458 50.26 -65.37 -0.12
CA TYR F 458 48.91 -65.85 -0.38
C TYR F 458 48.86 -67.34 -0.56
N GLN F 459 49.85 -67.88 -1.28
CA GLN F 459 49.87 -69.29 -1.63
C GLN F 459 50.11 -70.10 -0.36
N ALA F 460 51.06 -69.65 0.45
CA ALA F 460 51.33 -70.30 1.72
C ALA F 460 50.05 -70.33 2.53
N ILE F 461 49.38 -69.18 2.63
CA ILE F 461 48.16 -69.08 3.45
C ILE F 461 47.12 -70.07 2.97
N LYS F 462 46.91 -70.16 1.67
CA LYS F 462 45.91 -71.09 1.13
C LYS F 462 46.29 -72.54 1.39
N ASP F 463 47.53 -72.88 1.07
CA ASP F 463 47.96 -74.28 1.16
C ASP F 463 47.81 -74.74 2.61
N PHE F 464 48.40 -74.00 3.55
CA PHE F 464 48.36 -74.38 4.96
C PHE F 464 46.94 -74.45 5.47
N ASN F 465 46.11 -73.56 4.99
CA ASN F 465 44.75 -73.52 5.48
C ASN F 465 44.01 -74.77 5.07
N ARG F 466 44.31 -75.26 3.87
CA ARG F 466 43.67 -76.47 3.39
C ARG F 466 44.28 -77.74 3.98
N GLU F 467 45.44 -77.64 4.60
CA GLU F 467 46.00 -78.76 5.35
C GLU F 467 45.28 -78.86 6.67
N GLY F 468 44.81 -77.72 7.17
CA GLY F 468 44.09 -77.67 8.44
C GLY F 468 44.96 -77.15 9.56
N LEU F 469 46.02 -76.45 9.20
CA LEU F 469 46.99 -75.96 10.17
C LEU F 469 46.60 -74.59 10.67
N PRO F 470 46.90 -74.32 11.95
CA PRO F 470 46.92 -72.94 12.38
C PRO F 470 48.08 -72.19 11.74
N LEU F 471 47.98 -70.86 11.76
CA LEU F 471 48.89 -69.97 11.08
C LEU F 471 49.61 -69.10 12.06
N MET F 472 50.92 -68.89 11.86
CA MET F 472 51.60 -67.89 12.63
C MET F 472 52.37 -66.96 11.73
N VAL F 473 51.97 -65.70 11.75
CA VAL F 473 52.59 -64.69 10.92
C VAL F 473 53.45 -63.79 11.79
N PHE F 474 54.74 -63.72 11.45
CA PHE F 474 55.67 -62.85 12.13
C PHE F 474 55.80 -61.61 11.29
N ALA F 475 54.86 -60.68 11.50
CA ALA F 475 54.67 -59.54 10.61
C ALA F 475 55.76 -58.49 10.81
N ASN F 476 56.38 -58.08 9.70
CA ASN F 476 57.45 -57.11 9.72
C ASN F 476 57.60 -56.49 8.33
N TRP F 477 56.55 -55.80 7.92
CA TRP F 477 56.46 -55.22 6.60
C TRP F 477 56.24 -53.75 6.67
N ARG F 478 57.07 -53.03 5.92
CA ARG F 478 56.96 -51.59 5.82
C ARG F 478 55.92 -51.16 4.81
N GLY F 479 55.55 -52.07 3.90
CA GLY F 479 54.63 -51.75 2.83
C GLY F 479 54.80 -52.62 1.60
N PHE F 480 53.93 -52.43 0.62
CA PHE F 480 54.10 -53.02 -0.70
C PHE F 480 54.99 -52.12 -1.53
N SER F 481 55.79 -52.66 -2.44
CA SER F 481 56.56 -51.76 -3.31
C SER F 481 55.55 -51.15 -4.25
N GLY F 482 55.60 -49.83 -4.37
CA GLY F 482 54.60 -49.11 -5.14
C GLY F 482 55.20 -48.38 -6.29
N GLY F 483 56.37 -48.85 -6.74
CA GLY F 483 57.10 -48.22 -7.82
C GLY F 483 56.55 -48.62 -9.16
N MET F 484 56.95 -47.92 -10.22
CA MET F 484 56.32 -48.11 -11.51
C MET F 484 56.32 -49.57 -11.93
N LYS F 485 57.47 -50.21 -11.87
CA LYS F 485 57.57 -51.56 -12.37
C LYS F 485 56.63 -52.44 -11.60
N ASP F 486 56.72 -52.41 -10.28
CA ASP F 486 55.96 -53.35 -9.50
C ASP F 486 54.45 -53.12 -9.60
N MET F 487 54.04 -51.88 -9.80
CA MET F 487 52.62 -51.58 -9.98
C MET F 487 52.14 -52.15 -11.29
N TYR F 488 52.90 -51.92 -12.35
CA TYR F 488 52.68 -52.56 -13.65
C TYR F 488 52.63 -54.06 -13.49
N ASP F 489 53.52 -54.60 -12.67
CA ASP F 489 53.58 -56.04 -12.43
C ASP F 489 52.54 -56.49 -11.42
N GLN F 490 51.54 -55.64 -11.19
CA GLN F 490 50.27 -56.07 -10.62
C GLN F 490 50.34 -56.31 -9.14
N VAL F 491 51.20 -55.56 -8.45
CA VAL F 491 51.34 -55.77 -7.01
C VAL F 491 50.02 -55.54 -6.29
N LEU F 492 49.17 -54.68 -6.87
CA LEU F 492 47.87 -54.35 -6.29
C LEU F 492 46.97 -55.57 -6.26
N LYS F 493 47.08 -56.40 -7.28
CA LYS F 493 46.21 -57.55 -7.43
C LYS F 493 46.52 -58.56 -6.35
N PHE F 494 47.81 -58.77 -6.08
CA PHE F 494 48.26 -59.83 -5.19
C PHE F 494 48.19 -59.44 -3.73
N GLY F 495 48.23 -58.14 -3.48
CA GLY F 495 48.00 -57.66 -2.14
C GLY F 495 46.58 -57.99 -1.76
N ALA F 496 45.63 -57.65 -2.64
CA ALA F 496 44.22 -57.99 -2.41
C ALA F 496 44.03 -59.48 -2.13
N TYR F 497 44.79 -60.35 -2.78
CA TYR F 497 44.62 -61.77 -2.58
C TYR F 497 44.86 -62.15 -1.13
N ILE F 498 45.88 -61.57 -0.50
CA ILE F 498 46.15 -61.85 0.91
C ILE F 498 44.88 -61.67 1.76
N VAL F 499 44.11 -60.63 1.47
CA VAL F 499 42.85 -60.43 2.20
C VAL F 499 41.93 -61.62 1.96
N ASP F 500 41.68 -61.95 0.70
CA ASP F 500 40.83 -63.10 0.38
C ASP F 500 41.36 -64.32 1.14
N GLY F 501 42.67 -64.50 1.16
CA GLY F 501 43.25 -65.70 1.75
C GLY F 501 42.95 -65.86 3.22
N LEU F 502 43.16 -64.80 3.97
CA LEU F 502 42.97 -64.84 5.42
C LEU F 502 41.50 -64.89 5.74
N ARG F 503 40.68 -64.29 4.91
CA ARG F 503 39.25 -64.33 5.18
C ARG F 503 38.71 -65.76 5.14
N GLU F 504 39.28 -66.61 4.29
CA GLU F 504 38.82 -68.00 4.18
C GLU F 504 39.43 -68.92 5.26
N CYS F 505 40.31 -68.42 6.12
CA CYS F 505 40.93 -69.30 7.15
C CYS F 505 39.95 -69.83 8.18
N CYS F 506 40.13 -71.08 8.56
CA CYS F 506 39.19 -71.79 9.44
C CYS F 506 39.75 -72.25 10.78
N GLN F 507 41.04 -72.00 11.00
CA GLN F 507 41.71 -72.36 12.25
C GLN F 507 42.46 -71.12 12.69
N PRO F 508 43.01 -71.10 13.92
CA PRO F 508 43.65 -69.90 14.45
C PRO F 508 44.70 -69.28 13.56
N VAL F 509 44.66 -67.97 13.46
CA VAL F 509 45.72 -67.20 12.81
C VAL F 509 46.27 -66.21 13.84
N LEU F 510 47.51 -66.42 14.27
CA LEU F 510 48.10 -65.56 15.28
C LEU F 510 49.20 -64.70 14.61
N VAL F 511 49.02 -63.37 14.63
CA VAL F 511 49.97 -62.44 14.03
C VAL F 511 50.76 -61.73 15.12
N TYR F 512 52.08 -61.68 14.97
CA TYR F 512 52.96 -61.10 16.00
C TYR F 512 53.99 -60.24 15.34
N ILE F 513 54.03 -58.98 15.74
CA ILE F 513 55.05 -58.07 15.27
C ILE F 513 56.21 -58.23 16.23
N PRO F 514 57.30 -58.84 15.77
CA PRO F 514 58.43 -59.08 16.66
C PRO F 514 59.19 -57.83 17.04
N PRO F 515 60.06 -57.93 18.06
CA PRO F 515 60.88 -56.80 18.44
C PRO F 515 61.72 -56.28 17.26
N GLN F 516 61.80 -54.95 17.17
CA GLN F 516 62.45 -54.25 16.06
C GLN F 516 61.74 -54.45 14.73
N ALA F 517 60.59 -55.12 14.73
CA ALA F 517 59.80 -55.21 13.53
C ALA F 517 58.85 -54.02 13.52
N GLU F 518 58.27 -53.76 12.36
CA GLU F 518 57.27 -52.74 12.18
C GLU F 518 56.23 -53.21 11.18
N LEU F 519 55.04 -52.64 11.27
CA LEU F 519 53.94 -52.99 10.36
C LEU F 519 53.19 -51.71 9.99
N ARG F 520 53.11 -51.42 8.71
CA ARG F 520 52.69 -50.11 8.24
C ARG F 520 51.63 -50.14 7.14
N GLY F 521 50.71 -49.19 7.22
CA GLY F 521 49.87 -48.84 6.08
C GLY F 521 49.28 -50.02 5.36
N GLY F 522 49.63 -50.13 4.08
CA GLY F 522 49.08 -51.18 3.23
C GLY F 522 49.26 -52.56 3.81
N SER F 523 50.43 -52.81 4.37
CA SER F 523 50.76 -54.13 4.84
C SER F 523 49.91 -54.48 6.03
N TRP F 524 49.63 -53.51 6.89
CA TRP F 524 48.77 -53.78 8.03
C TRP F 524 47.40 -54.10 7.57
N VAL F 525 46.84 -53.21 6.75
CA VAL F 525 45.45 -53.33 6.35
C VAL F 525 45.12 -54.72 5.80
N VAL F 526 45.99 -55.30 4.98
CA VAL F 526 45.68 -56.62 4.42
C VAL F 526 45.82 -57.79 5.40
N ILE F 527 46.36 -57.56 6.60
CA ILE F 527 46.49 -58.61 7.61
C ILE F 527 45.81 -58.26 8.94
N ASP F 528 44.96 -57.24 8.97
CA ASP F 528 44.28 -56.89 10.24
C ASP F 528 43.35 -58.02 10.69
N SER F 529 43.31 -58.26 12.00
CA SER F 529 42.41 -59.26 12.60
C SER F 529 40.93 -59.05 12.24
N SER F 530 40.60 -57.83 11.89
CA SER F 530 39.25 -57.49 11.49
C SER F 530 38.74 -58.30 10.30
N ILE F 531 39.65 -58.73 9.43
CA ILE F 531 39.29 -59.44 8.19
C ILE F 531 38.60 -60.75 8.53
N ASN F 532 39.11 -61.44 9.55
CA ASN F 532 38.56 -62.70 9.99
C ASN F 532 38.59 -62.76 11.52
N PRO F 533 37.69 -62.03 12.16
CA PRO F 533 37.72 -61.85 13.61
C PRO F 533 37.44 -63.16 14.33
N ARG F 534 36.63 -64.02 13.73
CA ARG F 534 36.37 -65.34 14.29
C ARG F 534 37.67 -66.06 14.64
N HIS F 535 38.71 -65.87 13.84
CA HIS F 535 39.93 -66.66 13.98
C HIS F 535 41.23 -65.92 14.12
N MET F 536 41.26 -64.64 13.79
CA MET F 536 42.54 -63.94 13.74
C MET F 536 42.80 -63.22 15.05
N GLU F 537 44.07 -63.13 15.41
CA GLU F 537 44.50 -62.41 16.58
C GLU F 537 45.81 -61.71 16.32
N MET F 538 45.99 -60.53 16.89
CA MET F 538 47.12 -59.69 16.57
C MET F 538 47.84 -59.26 17.82
N TYR F 539 49.16 -59.37 17.81
CA TYR F 539 50.00 -59.07 18.96
C TYR F 539 51.20 -58.23 18.54
N ALA F 540 51.65 -57.35 19.43
CA ALA F 540 52.84 -56.52 19.19
C ALA F 540 53.85 -56.67 20.33
N ASP F 541 55.13 -56.83 19.98
CA ASP F 541 56.20 -56.87 20.99
C ASP F 541 56.39 -55.47 21.53
N ARG F 542 56.86 -55.28 22.77
CA ARG F 542 57.08 -53.89 23.24
C ARG F 542 57.91 -53.15 22.22
N GLU F 543 58.89 -53.83 21.64
CA GLU F 543 59.87 -53.16 20.81
C GLU F 543 59.46 -53.16 19.35
N SER F 544 58.15 -53.09 19.12
CA SER F 544 57.62 -53.07 17.77
C SER F 544 56.98 -51.72 17.55
N ARG F 545 56.54 -51.49 16.33
CA ARG F 545 56.01 -50.20 15.91
C ARG F 545 54.98 -50.39 14.81
N GLY F 546 53.99 -49.50 14.73
CA GLY F 546 53.02 -49.59 13.64
C GLY F 546 52.15 -48.37 13.44
N SER F 547 51.94 -48.04 12.16
CA SER F 547 51.17 -46.87 11.77
C SER F 547 50.58 -47.01 10.39
N VAL F 548 49.70 -46.10 10.03
CA VAL F 548 49.31 -45.90 8.66
C VAL F 548 50.54 -45.48 7.88
N LEU F 549 51.37 -44.65 8.52
CA LEU F 549 52.51 -44.10 7.85
C LEU F 549 53.71 -43.99 8.79
N GLU F 550 54.88 -44.34 8.27
CA GLU F 550 56.13 -44.23 9.04
C GLU F 550 56.48 -42.79 9.44
N PRO F 551 57.26 -42.63 10.52
CA PRO F 551 57.52 -41.30 11.07
C PRO F 551 58.13 -40.33 10.07
N GLU F 552 59.14 -40.75 9.33
CA GLU F 552 59.78 -39.80 8.43
C GLU F 552 58.77 -39.22 7.43
N GLY F 553 57.84 -40.05 6.97
CA GLY F 553 56.87 -39.62 5.97
C GLY F 553 55.73 -38.84 6.58
N THR F 554 55.40 -39.17 7.83
CA THR F 554 54.43 -38.41 8.58
C THR F 554 54.94 -37.00 8.86
N VAL F 555 56.18 -36.87 9.31
CA VAL F 555 56.74 -35.55 9.56
C VAL F 555 56.75 -34.73 8.28
N GLU F 556 57.20 -35.32 7.19
CA GLU F 556 57.16 -34.66 5.88
C GLU F 556 55.80 -33.98 5.59
N ILE F 557 54.70 -34.66 5.92
CA ILE F 557 53.37 -34.12 5.64
C ILE F 557 52.85 -33.22 6.76
N LYS F 558 53.08 -33.60 8.01
CA LYS F 558 52.40 -32.98 9.15
C LYS F 558 53.32 -32.38 10.20
N PHE F 559 54.56 -32.06 9.83
CA PHE F 559 55.48 -31.36 10.73
C PHE F 559 56.51 -30.71 9.82
N ARG F 560 55.97 -29.78 9.03
CA ARG F 560 56.72 -29.14 7.99
C ARG F 560 57.42 -27.94 8.58
N ARG F 561 58.11 -27.17 7.73
CA ARG F 561 59.03 -26.12 8.20
C ARG F 561 58.37 -25.20 9.23
N LYS F 562 57.23 -24.61 8.84
CA LYS F 562 56.55 -23.66 9.74
C LYS F 562 56.59 -24.23 11.16
N ASP F 563 56.15 -25.48 11.30
CA ASP F 563 56.07 -26.13 12.60
C ASP F 563 57.41 -26.43 13.27
N LEU F 564 58.44 -26.70 12.48
CA LEU F 564 59.76 -26.89 13.06
C LEU F 564 60.22 -25.57 13.66
N VAL F 565 60.11 -24.51 12.89
CA VAL F 565 60.54 -23.20 13.34
C VAL F 565 59.72 -22.80 14.59
N LYS F 566 58.39 -22.98 14.56
CA LYS F 566 57.56 -22.80 15.78
C LYS F 566 58.19 -23.46 16.99
N THR F 567 58.73 -24.65 16.82
CA THR F 567 59.33 -25.41 17.92
C THR F 567 60.62 -24.75 18.37
N MET F 568 61.43 -24.32 17.42
CA MET F 568 62.65 -23.56 17.73
C MET F 568 62.31 -22.30 18.54
N ARG F 569 61.31 -21.52 18.08
CA ARG F 569 60.91 -20.27 18.77
C ARG F 569 60.52 -20.54 20.21
N ARG F 570 60.09 -21.77 20.50
CA ARG F 570 59.72 -22.15 21.85
C ARG F 570 60.88 -22.67 22.71
N VAL F 571 61.80 -23.39 22.08
CA VAL F 571 62.75 -24.22 22.79
C VAL F 571 64.21 -23.75 22.65
N ASP F 572 64.63 -23.34 21.45
CA ASP F 572 66.03 -22.94 21.26
C ASP F 572 66.28 -21.59 21.89
N PRO F 573 67.23 -21.53 22.84
CA PRO F 573 67.45 -20.29 23.58
C PRO F 573 68.02 -19.18 22.70
N VAL F 574 68.95 -19.51 21.81
CA VAL F 574 69.54 -18.52 20.92
C VAL F 574 68.47 -17.89 20.04
N TYR F 575 67.62 -18.73 19.44
CA TYR F 575 66.53 -18.26 18.58
C TYR F 575 65.63 -17.40 19.44
N ILE F 576 65.29 -17.89 20.63
CA ILE F 576 64.41 -17.11 21.51
C ILE F 576 65.00 -15.72 21.76
N HIS F 577 66.28 -15.70 22.14
CA HIS F 577 66.99 -14.47 22.42
CA HIS F 577 66.98 -14.44 22.41
C HIS F 577 66.87 -13.51 21.25
N LEU F 578 67.27 -13.98 20.07
CA LEU F 578 67.17 -13.17 18.85
C LEU F 578 65.76 -12.66 18.59
N ALA F 579 64.77 -13.55 18.65
CA ALA F 579 63.39 -13.13 18.40
C ALA F 579 62.93 -12.07 19.39
N GLU F 580 63.41 -12.18 20.62
CA GLU F 580 63.09 -11.24 21.67
C GLU F 580 63.57 -9.85 21.28
N ARG F 581 64.69 -9.82 20.59
CA ARG F 581 65.32 -8.57 20.23
C ARG F 581 64.69 -7.91 19.03
N LEU F 582 64.45 -8.68 17.98
CA LEU F 582 63.76 -8.15 16.82
C LEU F 582 62.49 -7.41 17.29
N GLY F 583 62.11 -7.58 18.55
CA GLY F 583 61.06 -6.72 19.14
C GLY F 583 61.46 -5.45 19.87
N THR F 584 62.68 -4.97 19.63
CA THR F 584 63.20 -3.82 20.34
C THR F 584 62.84 -2.56 19.58
N PRO F 585 62.43 -1.52 20.26
CA PRO F 585 62.13 -0.30 19.52
C PRO F 585 63.34 0.52 19.12
N GLU F 586 63.13 1.37 18.12
CA GLU F 586 64.14 2.29 17.62
C GLU F 586 65.46 1.61 17.30
N LEU F 587 65.41 0.75 16.28
CA LEU F 587 66.58 0.06 15.81
C LEU F 587 66.91 0.67 14.45
N SER F 588 68.20 0.73 14.11
CA SER F 588 68.59 1.11 12.75
C SER F 588 68.16 0.01 11.81
N THR F 589 67.67 0.36 10.64
CA THR F 589 67.27 -0.68 9.67
C THR F 589 68.48 -1.60 9.42
N ALA F 590 69.69 -1.08 9.63
CA ALA F 590 70.92 -1.91 9.65
C ALA F 590 70.91 -3.00 10.72
N GLU F 591 70.80 -2.61 12.00
CA GLU F 591 70.75 -3.56 13.14
C GLU F 591 69.65 -4.60 12.94
N ARG F 592 68.50 -4.17 12.41
CA ARG F 592 67.40 -5.08 12.09
C ARG F 592 67.81 -6.17 11.14
N LYS F 593 68.19 -5.74 9.94
CA LYS F 593 68.60 -6.68 8.90
C LYS F 593 69.66 -7.64 9.46
N GLU F 594 70.60 -7.15 10.27
CA GLU F 594 71.59 -8.04 10.87
C GLU F 594 70.93 -9.13 11.72
N LEU F 595 70.00 -8.73 12.57
CA LEU F 595 69.30 -9.67 13.44
C LEU F 595 68.54 -10.67 12.60
N GLU F 596 67.78 -10.17 11.64
CA GLU F 596 66.98 -11.06 10.80
C GLU F 596 67.85 -12.12 10.14
N ASN F 597 69.03 -11.72 9.68
CA ASN F 597 69.95 -12.68 9.06
C ASN F 597 70.43 -13.69 10.06
N LYS F 598 70.85 -13.23 11.23
CA LYS F 598 71.30 -14.12 12.30
C LYS F 598 70.23 -15.15 12.67
N LEU F 599 68.97 -14.74 12.61
CA LEU F 599 67.84 -15.64 12.82
C LEU F 599 67.73 -16.70 11.71
N LYS F 600 67.71 -16.25 10.44
CA LYS F 600 67.59 -17.20 9.31
C LYS F 600 68.74 -18.18 9.29
N GLU F 601 69.94 -17.73 9.67
CA GLU F 601 71.10 -18.61 9.71
C GLU F 601 70.91 -19.64 10.80
N ARG F 602 70.44 -19.17 11.95
CA ARG F 602 70.20 -20.03 13.10
C ARG F 602 69.19 -21.11 12.76
N GLU F 603 68.10 -20.66 12.15
CA GLU F 603 67.05 -21.55 11.73
C GLU F 603 67.65 -22.65 10.88
N GLU F 604 68.38 -22.25 9.84
CA GLU F 604 68.92 -23.21 8.90
C GLU F 604 69.87 -24.16 9.59
N PHE F 605 70.74 -23.63 10.44
CA PHE F 605 71.64 -24.46 11.24
C PHE F 605 70.89 -25.49 12.08
N LEU F 606 69.74 -25.10 12.61
CA LEU F 606 69.00 -25.97 13.54
C LEU F 606 68.10 -26.98 12.87
N ILE F 607 67.82 -26.82 11.58
CA ILE F 607 66.77 -27.62 10.98
C ILE F 607 67.00 -29.13 11.07
N PRO F 608 68.20 -29.61 10.69
CA PRO F 608 68.43 -31.06 10.69
C PRO F 608 68.16 -31.66 12.06
N ILE F 609 68.78 -31.12 13.09
CA ILE F 609 68.54 -31.66 14.41
C ILE F 609 67.04 -31.60 14.80
N TYR F 610 66.36 -30.52 14.45
CA TYR F 610 64.95 -30.36 14.86
C TYR F 610 64.01 -31.27 14.07
N HIS F 611 64.41 -31.59 12.84
CA HIS F 611 63.73 -32.60 12.07
C HIS F 611 63.79 -33.95 12.76
N GLN F 612 64.96 -34.28 13.31
CA GLN F 612 65.10 -35.50 14.08
C GLN F 612 64.14 -35.50 15.25
N VAL F 613 64.03 -34.36 15.91
CA VAL F 613 63.13 -34.24 17.04
C VAL F 613 61.70 -34.54 16.56
N ALA F 614 61.36 -34.01 15.41
CA ALA F 614 60.02 -34.20 14.86
C ALA F 614 59.73 -35.67 14.61
N VAL F 615 60.67 -36.38 14.00
CA VAL F 615 60.43 -37.81 13.73
C VAL F 615 60.21 -38.54 15.05
N GLN F 616 60.98 -38.20 16.07
CA GLN F 616 60.80 -38.81 17.37
C GLN F 616 59.39 -38.62 17.87
N PHE F 617 58.93 -37.37 17.82
CA PHE F 617 57.58 -37.02 18.20
C PHE F 617 56.57 -37.88 17.45
N ALA F 618 56.74 -38.00 16.14
CA ALA F 618 55.85 -38.86 15.35
C ALA F 618 55.96 -40.28 15.85
N ASP F 619 57.18 -40.76 16.07
CA ASP F 619 57.39 -42.16 16.49
C ASP F 619 56.66 -42.52 17.76
N LEU F 620 56.56 -41.56 18.69
CA LEU F 620 55.85 -41.82 19.93
C LEU F 620 54.36 -42.08 19.73
N HIS F 621 53.85 -41.76 18.54
CA HIS F 621 52.47 -42.08 18.17
C HIS F 621 52.31 -43.49 17.69
N ASP F 622 53.40 -44.17 17.39
CA ASP F 622 53.38 -45.45 16.69
C ASP F 622 53.60 -46.64 17.63
N THR F 623 53.45 -46.44 18.93
CA THR F 623 53.83 -47.46 19.91
C THR F 623 52.74 -48.51 20.15
N PRO F 624 53.12 -49.67 20.70
CA PRO F 624 52.19 -50.72 21.12
C PRO F 624 51.23 -50.25 22.18
N GLY F 625 51.72 -49.38 23.06
CA GLY F 625 50.89 -48.80 24.10
C GLY F 625 49.62 -48.24 23.50
N ARG F 626 49.79 -47.41 22.48
CA ARG F 626 48.66 -46.79 21.80
C ARG F 626 47.79 -47.87 21.12
N MET F 627 48.43 -48.77 20.40
CA MET F 627 47.73 -49.84 19.68
C MET F 627 46.74 -50.59 20.58
N GLN F 628 47.22 -50.98 21.75
CA GLN F 628 46.40 -51.75 22.67
C GLN F 628 45.26 -50.89 23.16
N GLU F 629 45.62 -49.69 23.58
CA GLU F 629 44.67 -48.72 24.10
C GLU F 629 43.52 -48.49 23.12
N LYS F 630 43.84 -48.36 21.84
CA LYS F 630 42.85 -48.10 20.80
C LYS F 630 42.14 -49.37 20.34
N GLY F 631 42.55 -50.52 20.87
CA GLY F 631 41.84 -51.78 20.65
C GLY F 631 42.17 -52.54 19.38
N VAL F 632 43.31 -52.24 18.76
CA VAL F 632 43.68 -52.93 17.51
C VAL F 632 44.60 -54.16 17.69
N ILE F 633 45.12 -54.36 18.90
CA ILE F 633 45.91 -55.56 19.22
C ILE F 633 45.39 -56.17 20.51
N SER F 634 45.62 -57.47 20.70
CA SER F 634 45.08 -58.15 21.87
C SER F 634 45.97 -58.01 23.09
N ASP F 635 47.28 -57.91 22.86
CA ASP F 635 48.19 -57.77 23.97
C ASP F 635 49.55 -57.29 23.50
N ILE F 636 50.31 -56.70 24.42
CA ILE F 636 51.71 -56.38 24.15
C ILE F 636 52.51 -57.52 24.74
N LEU F 637 53.35 -58.15 23.92
CA LEU F 637 54.14 -59.28 24.37
C LEU F 637 55.60 -58.89 24.53
N ASP F 638 56.32 -59.80 25.15
CA ASP F 638 57.75 -59.70 25.35
C ASP F 638 58.39 -60.94 24.77
N TRP F 639 59.32 -60.69 23.85
CA TRP F 639 59.89 -61.71 22.99
C TRP F 639 60.43 -62.91 23.71
N LYS F 640 61.25 -62.67 24.74
CA LYS F 640 61.91 -63.77 25.50
C LYS F 640 60.89 -64.83 25.91
N THR F 641 59.71 -64.40 26.31
CA THR F 641 58.69 -65.32 26.80
C THR F 641 57.52 -65.53 25.84
N SER F 642 57.67 -65.10 24.59
CA SER F 642 56.59 -65.17 23.62
C SER F 642 56.28 -66.61 23.24
N ARG F 643 57.29 -67.47 23.21
CA ARG F 643 57.09 -68.89 22.94
C ARG F 643 56.11 -69.47 23.94
N THR F 644 56.42 -69.31 25.24
CA THR F 644 55.55 -69.84 26.28
C THR F 644 54.15 -69.33 26.11
N PHE F 645 54.04 -68.03 25.93
CA PHE F 645 52.74 -67.39 25.78
C PHE F 645 51.94 -68.04 24.69
N PHE F 646 52.54 -68.11 23.51
CA PHE F 646 51.82 -68.56 22.35
C PHE F 646 51.49 -70.03 22.42
N TYR F 647 52.33 -70.83 23.06
CA TYR F 647 52.00 -72.23 23.16
C TYR F 647 50.63 -72.33 23.80
N TRP F 648 50.51 -71.79 25.00
CA TRP F 648 49.27 -71.95 25.74
C TRP F 648 48.11 -71.30 25.05
N ARG F 649 48.35 -70.14 24.46
CA ARG F 649 47.27 -69.44 23.77
C ARG F 649 46.73 -70.27 22.64
N LEU F 650 47.63 -70.77 21.81
CA LEU F 650 47.26 -71.59 20.66
C LEU F 650 46.56 -72.83 21.12
N ARG F 651 47.08 -73.36 22.21
CA ARG F 651 46.62 -74.61 22.76
C ARG F 651 45.15 -74.50 23.15
N ARG F 652 44.73 -73.39 23.75
CA ARG F 652 43.31 -73.27 24.10
C ARG F 652 42.47 -72.80 22.94
N LEU F 653 43.03 -71.94 22.11
CA LEU F 653 42.29 -71.52 20.93
C LEU F 653 41.86 -72.80 20.21
N LEU F 654 42.75 -73.78 20.14
CA LEU F 654 42.44 -75.05 19.49
C LEU F 654 41.38 -75.84 20.23
N LEU F 655 41.49 -75.87 21.55
CA LEU F 655 40.55 -76.63 22.37
C LEU F 655 39.19 -75.95 22.39
N GLU F 656 39.18 -74.65 22.61
CA GLU F 656 37.96 -73.87 22.57
C GLU F 656 37.26 -74.10 21.23
N ASP F 657 38.03 -73.99 20.13
CA ASP F 657 37.45 -74.18 18.79
C ASP F 657 36.81 -75.57 18.70
N LEU F 658 37.48 -76.57 19.26
CA LEU F 658 37.01 -77.95 19.20
C LEU F 658 35.64 -78.09 19.86
N VAL F 659 35.47 -77.46 21.02
CA VAL F 659 34.19 -77.48 21.75
C VAL F 659 33.14 -76.68 21.00
N LYS F 660 33.51 -75.50 20.52
CA LYS F 660 32.59 -74.65 19.76
C LYS F 660 32.06 -75.39 18.52
N LYS F 661 32.93 -76.14 17.85
CA LYS F 661 32.51 -76.94 16.71
C LYS F 661 31.43 -77.94 17.11
N LYS F 662 31.56 -78.51 18.31
CA LYS F 662 30.56 -79.45 18.81
C LYS F 662 29.23 -78.75 19.06
N ILE F 663 29.30 -77.50 19.56
CA ILE F 663 28.10 -76.69 19.82
C ILE F 663 27.37 -76.35 18.53
N HIS F 664 28.13 -75.91 17.55
CA HIS F 664 27.58 -75.54 16.27
C HIS F 664 26.88 -76.72 15.63
N ASN F 665 27.41 -77.92 15.82
CA ASN F 665 26.76 -79.13 15.31
C ASN F 665 25.42 -79.36 15.98
N ALA F 666 25.37 -79.12 17.29
CA ALA F 666 24.16 -79.29 18.08
C ALA F 666 23.05 -78.32 17.67
N ASN F 667 23.43 -77.13 17.19
CA ASN F 667 22.47 -76.13 16.71
C ASN F 667 23.13 -75.17 15.71
N PRO F 668 23.04 -75.50 14.42
CA PRO F 668 23.65 -74.72 13.34
C PRO F 668 23.18 -73.27 13.29
N GLU F 669 22.01 -72.99 13.86
CA GLU F 669 21.44 -71.65 13.81
C GLU F 669 22.22 -70.62 14.66
N LEU F 670 22.97 -71.09 15.64
CA LEU F 670 23.71 -70.20 16.56
C LEU F 670 24.89 -69.46 15.89
N THR F 671 24.97 -68.14 16.07
CA THR F 671 26.13 -67.34 15.62
C THR F 671 27.43 -67.64 16.33
N ASP F 672 28.53 -67.47 15.62
CA ASP F 672 29.87 -67.45 16.22
C ASP F 672 29.86 -66.68 17.54
N GLY F 673 29.19 -65.53 17.55
CA GLY F 673 29.10 -64.68 18.74
C GLY F 673 28.32 -65.30 19.89
N GLN F 674 27.14 -65.82 19.60
CA GLN F 674 26.31 -66.38 20.67
C GLN F 674 26.97 -67.64 21.22
N ILE F 675 27.68 -68.37 20.36
CA ILE F 675 28.36 -69.60 20.79
C ILE F 675 29.44 -69.28 21.81
N GLN F 676 30.26 -68.28 21.53
CA GLN F 676 31.25 -67.78 22.50
C GLN F 676 30.60 -67.52 23.85
N ALA F 677 29.56 -66.68 23.84
CA ALA F 677 28.85 -66.28 25.06
C ALA F 677 28.28 -67.50 25.81
N MET F 678 27.65 -68.43 25.07
CA MET F 678 27.08 -69.66 25.65
C MET F 678 28.13 -70.49 26.39
N LEU F 679 29.29 -70.69 25.77
CA LEU F 679 30.36 -71.48 26.41
C LEU F 679 30.89 -70.76 27.64
N ARG F 680 31.15 -69.45 27.51
CA ARG F 680 31.64 -68.65 28.64
C ARG F 680 30.64 -68.67 29.81
N ARG F 681 29.34 -68.57 29.50
CA ARG F 681 28.31 -68.60 30.54
C ARG F 681 28.26 -69.95 31.23
N TRP F 682 28.43 -71.04 30.47
CA TRP F 682 28.44 -72.40 31.04
C TRP F 682 29.60 -72.65 31.96
N PHE F 683 30.72 -72.01 31.67
CA PHE F 683 31.89 -72.11 32.52
C PHE F 683 31.58 -71.48 33.87
N VAL F 684 31.09 -70.24 33.84
CA VAL F 684 30.76 -69.51 35.06
C VAL F 684 29.69 -70.26 35.86
N GLU F 685 28.71 -70.84 35.17
CA GLU F 685 27.72 -71.69 35.82
C GLU F 685 28.39 -72.85 36.57
N VAL F 686 29.23 -73.61 35.88
CA VAL F 686 29.87 -74.81 36.46
C VAL F 686 30.91 -74.48 37.54
N GLU F 687 31.80 -73.53 37.25
CA GLU F 687 32.95 -73.26 38.12
C GLU F 687 32.72 -72.13 39.11
N GLY F 688 31.60 -71.42 38.97
CA GLY F 688 31.24 -70.38 39.92
C GLY F 688 31.59 -68.98 39.47
N THR F 689 30.66 -68.06 39.72
CA THR F 689 30.86 -66.63 39.46
C THR F 689 32.18 -66.10 40.05
N VAL F 690 32.59 -66.67 41.19
CA VAL F 690 33.86 -66.31 41.85
C VAL F 690 35.10 -66.59 40.99
N LYS F 691 34.99 -67.52 40.04
CA LYS F 691 36.11 -68.00 39.23
C LYS F 691 36.16 -67.41 37.79
N ALA F 692 35.30 -66.42 37.50
CA ALA F 692 35.29 -65.77 36.18
C ALA F 692 36.69 -65.54 35.63
N TYR F 693 37.59 -64.95 36.42
CA TYR F 693 38.94 -64.58 35.97
C TYR F 693 39.74 -65.73 35.30
N VAL F 694 39.48 -66.97 35.71
CA VAL F 694 40.19 -68.15 35.18
C VAL F 694 40.06 -68.26 33.67
N TRP F 695 38.89 -67.87 33.15
CA TRP F 695 38.62 -67.86 31.71
C TRP F 695 39.68 -67.17 30.91
N ASP F 696 40.27 -66.12 31.47
CA ASP F 696 41.32 -65.37 30.78
C ASP F 696 42.73 -65.98 30.98
N ASN F 697 42.82 -67.12 31.68
CA ASN F 697 44.10 -67.82 31.83
C ASN F 697 44.18 -68.98 30.84
N ASN F 698 45.05 -68.84 29.84
CA ASN F 698 45.13 -69.84 28.77
C ASN F 698 45.38 -71.24 29.32
N LYS F 699 46.43 -71.39 30.13
CA LYS F 699 46.82 -72.71 30.63
C LYS F 699 45.69 -73.34 31.39
N ASP F 700 45.13 -72.59 32.32
CA ASP F 700 44.14 -73.13 33.24
C ASP F 700 42.84 -73.48 32.51
N LEU F 701 42.41 -72.62 31.57
CA LEU F 701 41.21 -72.90 30.79
C LEU F 701 41.42 -74.09 29.86
N ALA F 702 42.63 -74.17 29.29
CA ALA F 702 43.01 -75.30 28.44
C ALA F 702 42.81 -76.60 29.18
N GLU F 703 43.38 -76.69 30.39
CA GLU F 703 43.24 -77.89 31.22
C GLU F 703 41.76 -78.19 31.52
N TRP F 704 40.98 -77.15 31.74
CA TRP F 704 39.55 -77.31 32.06
C TRP F 704 38.76 -77.83 30.89
N LEU F 705 38.97 -77.20 29.73
CA LEU F 705 38.31 -77.59 28.49
C LEU F 705 38.63 -79.06 28.15
N GLU F 706 39.88 -79.45 28.33
CA GLU F 706 40.28 -80.83 28.06
C GLU F 706 39.57 -81.81 28.98
N LYS F 707 39.53 -81.49 30.27
CA LYS F 707 38.84 -82.33 31.23
C LYS F 707 37.37 -82.50 30.84
N GLN F 708 36.72 -81.42 30.40
CA GLN F 708 35.32 -81.49 29.97
C GLN F 708 35.19 -82.48 28.80
N LEU F 709 36.19 -82.50 27.92
CA LEU F 709 36.48 -83.64 27.02
C LEU F 709 37.28 -84.76 27.73
N ILE F 719 29.59 -79.94 31.14
CA ILE F 719 29.77 -79.42 29.77
C ILE F 719 29.07 -80.35 28.79
N GLU F 720 29.57 -81.58 28.71
CA GLU F 720 28.94 -82.63 27.92
C GLU F 720 27.41 -82.64 28.13
N GLU F 721 26.97 -82.44 29.38
CA GLU F 721 25.55 -82.37 29.70
C GLU F 721 24.87 -81.17 29.02
N ASN F 722 25.48 -79.99 29.11
CA ASN F 722 24.92 -78.79 28.48
C ASN F 722 24.75 -78.91 26.95
N ILE F 723 25.68 -79.60 26.29
CA ILE F 723 25.60 -79.77 24.84
C ILE F 723 24.40 -80.64 24.49
N LYS F 724 24.25 -81.79 25.16
CA LYS F 724 23.06 -82.62 25.03
C LYS F 724 21.80 -81.74 25.11
N CYS F 725 21.75 -80.82 26.07
CA CYS F 725 20.61 -79.89 26.22
C CYS F 725 20.43 -78.99 24.99
N ILE F 726 21.53 -78.44 24.47
CA ILE F 726 21.49 -77.56 23.29
C ILE F 726 20.99 -78.28 22.03
N SER F 727 21.35 -79.57 21.89
CA SER F 727 20.90 -80.38 20.74
C SER F 727 19.43 -80.75 20.87
N ARG F 728 19.00 -81.17 22.05
CA ARG F 728 17.59 -81.49 22.29
C ARG F 728 16.73 -80.30 21.89
N ASP F 729 17.06 -79.12 22.42
CA ASP F 729 16.31 -77.90 22.12
C ASP F 729 16.26 -77.65 20.60
N TYR F 730 17.42 -77.76 19.93
CA TYR F 730 17.49 -77.51 18.49
C TYR F 730 16.63 -78.49 17.70
N VAL F 731 16.77 -79.78 18.00
CA VAL F 731 15.99 -80.82 17.32
C VAL F 731 14.49 -80.57 17.48
N LEU F 732 14.06 -80.14 18.66
CA LEU F 732 12.65 -79.77 18.88
C LEU F 732 12.24 -78.62 17.95
N LYS F 733 12.92 -77.47 18.07
CA LYS F 733 12.65 -76.29 17.24
C LYS F 733 12.71 -76.60 15.73
N GLN F 734 13.53 -77.59 15.36
CA GLN F 734 13.70 -77.98 13.96
C GLN F 734 12.49 -78.76 13.44
N ILE F 735 11.99 -79.70 14.25
CA ILE F 735 10.76 -80.45 13.91
C ILE F 735 9.54 -79.52 13.88
N ARG F 736 9.44 -78.61 14.87
CA ARG F 736 8.42 -77.57 14.85
C ARG F 736 8.45 -76.80 13.53
N SER F 737 9.60 -76.17 13.24
CA SER F 737 9.78 -75.35 12.03
C SER F 737 9.40 -76.08 10.73
N LEU F 738 9.67 -77.38 10.67
CA LEU F 738 9.35 -78.18 9.48
C LEU F 738 7.83 -78.34 9.29
N VAL F 739 7.11 -78.68 10.36
CA VAL F 739 5.65 -78.82 10.31
C VAL F 739 4.95 -77.48 10.00
N GLN F 740 5.43 -76.40 10.62
CA GLN F 740 4.91 -75.04 10.34
C GLN F 740 5.42 -74.53 8.99
#